data_9VIY
#
_entry.id   9VIY
#
_cell.length_a   1.00
_cell.length_b   1.00
_cell.length_c   1.00
_cell.angle_alpha   90.00
_cell.angle_beta   90.00
_cell.angle_gamma   90.00
#
_symmetry.space_group_name_H-M   'P 1'
#
loop_
_entity.id
_entity.type
_entity.pdbx_description
1 polymer 'Sodium/potassium-transporting ATPase subunit alpha'
2 polymer 'Na+,K+-ATPase beta subunit'
3 polymer 'FXYD domain-containing ion transport regulator'
4 branched alpha-D-mannopyranose-(1-3)-[alpha-D-mannopyranose-(1-6)]beta-D-mannopyranose-(1-4)-2-acetamido-2-deoxy-beta-D-glucopyranose-(1-4)-[alpha-L-fucopyranose-(1-6)]2-acetamido-2-deoxy-beta-D-glucopyranose
5 branched 2-acetamido-2-deoxy-beta-D-glucopyranose-(1-2)-alpha-D-mannopyranose-(1-3)-[alpha-D-mannopyranose-(1-6)]beta-D-mannopyranose-(1-4)-2-acetamido-2-deoxy-beta-D-glucopyranose-(1-4)-2-acetamido-2-deoxy-beta-D-glucopyranose
6 branched alpha-D-mannopyranose-(1-3)-beta-D-mannopyranose-(1-4)-2-acetamido-2-deoxy-beta-D-glucopyranose-(1-4)-[alpha-L-fucopyranose-(1-6)]2-acetamido-2-deoxy-beta-D-glucopyranose
7 branched 2-acetamido-2-deoxy-beta-D-glucopyranose-(1-4)-2-acetamido-2-deoxy-beta-D-glucopyranose
8 non-polymer CHOLESTEROL
9 non-polymer 1,2-DIOLEOYL-SN-GLYCERO-3-PHOSPHOCHOLINE
10 non-polymer 'MAGNESIUM ION'
11 non-polymer palytoxin
#
loop_
_entity_poly.entity_id
_entity_poly.type
_entity_poly.pdbx_seq_one_letter_code
_entity_poly.pdbx_strand_id
1 'polypeptide(L)'
;MGKGTASDKYEPAATSENATKSKKKGKKDKIDKKRDLDELKKEVSMDDHKLSLDELHNKYGTDLTRGLTNARAKEILARD
GPNSLTPPPTTPEWIKFCRQLFGGFSILLWIGAILCFLAYGIQAATEDEPANDNLYLGVVLSTVVIVTGCFSYYQEAKSS
RIMDSFKNMVPQQALVIRDGEKSTINAEFVVAGDLVEVKGGDRIPADLRIISAHGCKVDNSSLTGESEPQTRSPEFSSEN
PLETRNIAFFSTNCVEGTARGVVVYTGDRTVMGRIATLASGLEVGRTPIAIEIEHFIHIITGVAVFLGVSFFILSLILGY
SWLEAVIFLIGIIVANVPEGLLATVTVCLTLTAKRMARKNCLVKNLEAVETLGSTSTICS(PHD)KTGTLTQNRMTVAHM
WFDNQIHEADTTENQSGAAFDKTSATWSALSRIAALCNRAVFQAGQDNVPILKRSVAGDASESALLKCIELCCGSVQGMR
DRNPKIVEIPFNSTNKYQLSIHENEKSSESRYLLVMKGAPERILDRCSTILLNGAEEPLKEDMKEAFQNAYLELGGLGER
VLGFCHFALPEDKYNEGYPFDADEPNFPTTDLCFVGLMAMIDPPRAAVPDAVGKCRSAGIKVIMVTGDHPITAKAIAKGV
GIISEGNETIEDIAARLNIPIGQVNPRDAKACVVHGSDLKDLSTEVLDDILHYHTEIVFARTSPQQKLIIVEGCQRQGAI
VAVTGDGVNDSPALKKADIGVAMGISGSDVSKQAADMILLDDNFASIVTGVEEGRLIFDNLKKSIAYTLTSNIPEITPFL
VFIIGNVPLPLGTVTILCIDLGTDMVPAISLAYEQAESDIMKRQPRNPKTDKLVNERLISMAYGQIGMIQALGGFFSYFV
ILAENGFLPMDLIGKRVRWDDRWISDVEDSFGQQWTYEQRKIVEFTCHTSFFISIVVVQWADLIICKTRRNSIFQQGMKN
KILIFGLFEETALAAFLSYCPGTDVALRMYPLKPSWWFCAFPYSLIIFLYDEMRRFIIRRSPGGWVEQETYY
;
A,C
2 'polypeptide(L)'
;MARGKSKETDGGWKKFLWDSEKKEFLGRTGSSWFKIFLFYLIFYGCLAGIFIGTIQVLLLTLSDFEPKYQDRVAPPGLSH
APYAIKTEISFSISNPKSYESFVKSMHKLMDLYNESSQAGNSPFEDCSDTPADYIKRGDLDDSQGQKKACRFSRMWLKNC
SGLDDTTYGYAEGKPCVVAKLNRIIGFYPKPLKNTTDLPEELQANYNQYVLPLRCAAKREEDREKIGSIEYFGLGGYAGF
PLQYYPYYGKRLQKKYLQPLLAIQFTNLTQNMELRIECKVYGENIDYSEKDRFRGRFEVKIEVKS
;
B,D
3 'polypeptide(L)'
;MLGAATGLMVLVAVTQGVWAMDPEGPDNDERFTYDYYRLRVVGLIVAAVLCVIGIIILLAGKCRCKFNQNKRTRSNSGTA
TAQHLLQPGEATEC
;
G,E
#
loop_
_chem_comp.id
_chem_comp.type
_chem_comp.name
_chem_comp.formula
A1MA6 non-polymer palytoxin 'C129 H223 N3 O54'
BMA D-saccharide, beta linking beta-D-mannopyranose 'C6 H12 O6'
CLR non-polymer CHOLESTEROL 'C27 H46 O'
FUC L-saccharide, alpha linking alpha-L-fucopyranose 'C6 H12 O5'
MAN D-saccharide, alpha linking alpha-D-mannopyranose 'C6 H12 O6'
MG non-polymer 'MAGNESIUM ION' 'Mg 2'
NAG D-saccharide, beta linking 2-acetamido-2-deoxy-beta-D-glucopyranose 'C8 H15 N O6'
PCW non-polymer 1,2-DIOLEOYL-SN-GLYCERO-3-PHOSPHOCHOLINE 'C44 H85 N O8 P 1'
#
# COMPACT_ATOMS: atom_id res chain seq x y z
N ASP A 36 -12.52 -56.13 -46.46
CA ASP A 36 -13.55 -55.47 -45.67
C ASP A 36 -14.18 -54.35 -46.51
N LEU A 37 -14.95 -54.75 -47.53
CA LEU A 37 -15.60 -53.78 -48.39
C LEU A 37 -16.62 -52.99 -47.57
N ASP A 38 -16.38 -51.69 -47.42
CA ASP A 38 -17.30 -50.87 -46.65
C ASP A 38 -18.58 -50.56 -47.40
N GLU A 39 -18.52 -50.31 -48.71
CA GLU A 39 -19.75 -50.02 -49.44
C GLU A 39 -20.73 -51.18 -49.39
N LEU A 40 -20.24 -52.42 -49.27
CA LEU A 40 -21.16 -53.54 -49.21
C LEU A 40 -21.64 -53.75 -47.79
N LYS A 41 -21.04 -53.03 -46.84
CA LYS A 41 -21.40 -53.10 -45.44
C LYS A 41 -22.22 -51.88 -45.05
N LYS A 42 -22.15 -50.83 -45.88
CA LYS A 42 -22.90 -49.61 -45.64
C LYS A 42 -24.33 -49.80 -46.14
N GLU A 43 -24.50 -50.69 -47.10
CA GLU A 43 -25.79 -51.01 -47.69
C GLU A 43 -26.72 -51.60 -46.63
N VAL A 44 -28.02 -51.47 -46.88
CA VAL A 44 -28.99 -52.00 -45.92
C VAL A 44 -29.12 -53.50 -46.15
N SER A 45 -29.33 -54.22 -45.05
CA SER A 45 -29.47 -55.68 -45.07
C SER A 45 -30.49 -56.19 -46.07
N MET A 46 -30.14 -57.32 -46.70
CA MET A 46 -30.92 -58.04 -47.68
C MET A 46 -31.11 -59.44 -47.10
N ASP A 47 -31.97 -60.26 -47.69
CA ASP A 47 -32.16 -61.60 -47.12
C ASP A 47 -32.92 -62.51 -48.07
N ASP A 48 -33.13 -63.74 -47.61
CA ASP A 48 -33.83 -64.80 -48.33
C ASP A 48 -35.08 -65.23 -47.57
N HIS A 49 -35.62 -64.33 -46.74
CA HIS A 49 -36.80 -64.62 -45.95
C HIS A 49 -38.00 -65.05 -46.80
N LYS A 50 -38.34 -64.26 -47.83
CA LYS A 50 -39.47 -64.57 -48.70
C LYS A 50 -39.19 -65.83 -49.51
N LEU A 51 -39.32 -66.97 -48.85
CA LEU A 51 -39.10 -68.27 -49.46
C LEU A 51 -40.07 -69.25 -48.82
N SER A 52 -39.76 -70.53 -48.89
CA SER A 52 -40.60 -71.57 -48.33
C SER A 52 -39.74 -72.45 -47.44
N LEU A 53 -40.37 -73.43 -46.80
CA LEU A 53 -39.58 -74.31 -45.96
C LEU A 53 -38.83 -75.31 -46.82
N ASP A 54 -39.41 -75.61 -47.99
CA ASP A 54 -38.78 -76.53 -48.91
C ASP A 54 -37.64 -75.84 -49.62
N GLU A 55 -37.85 -74.59 -50.05
CA GLU A 55 -36.79 -73.85 -50.73
C GLU A 55 -35.63 -73.60 -49.77
N LEU A 56 -35.93 -73.33 -48.50
CA LEU A 56 -34.89 -73.09 -47.51
C LEU A 56 -34.08 -74.35 -47.28
N HIS A 57 -34.77 -75.47 -47.03
CA HIS A 57 -34.08 -76.73 -46.80
C HIS A 57 -33.32 -77.16 -48.05
N ASN A 58 -33.80 -76.74 -49.23
CA ASN A 58 -33.15 -77.09 -50.48
C ASN A 58 -31.96 -76.18 -50.78
N LYS A 59 -31.89 -75.01 -50.14
CA LYS A 59 -30.76 -74.15 -50.41
C LYS A 59 -29.62 -74.42 -49.44
N TYR A 60 -29.90 -74.58 -48.14
CA TYR A 60 -28.76 -74.86 -47.28
C TYR A 60 -28.54 -76.36 -47.05
N GLY A 61 -29.56 -77.18 -47.26
CA GLY A 61 -29.47 -78.62 -47.09
C GLY A 61 -29.86 -79.01 -45.69
N THR A 62 -31.08 -79.49 -45.45
CA THR A 62 -31.41 -79.84 -44.08
C THR A 62 -32.76 -80.49 -43.92
N ASP A 63 -32.81 -81.52 -43.07
CA ASP A 63 -34.01 -82.28 -42.75
C ASP A 63 -34.83 -81.46 -41.76
N LEU A 64 -36.08 -81.16 -42.11
CA LEU A 64 -36.92 -80.38 -41.22
C LEU A 64 -37.29 -81.16 -39.96
N THR A 65 -37.31 -82.49 -40.04
CA THR A 65 -37.67 -83.32 -38.90
C THR A 65 -36.53 -84.13 -38.31
N ARG A 66 -35.37 -84.18 -38.97
CA ARG A 66 -34.24 -84.94 -38.45
C ARG A 66 -32.99 -84.11 -38.33
N GLY A 67 -32.95 -82.91 -38.91
CA GLY A 67 -31.79 -82.08 -38.83
C GLY A 67 -30.64 -82.65 -39.65
N LEU A 68 -29.44 -82.20 -39.30
CA LEU A 68 -28.23 -82.64 -39.97
C LEU A 68 -27.64 -83.86 -39.28
N THR A 69 -26.62 -84.41 -39.91
CA THR A 69 -25.91 -85.58 -39.40
C THR A 69 -24.67 -85.03 -38.70
N ASN A 70 -24.17 -85.76 -37.71
CA ASN A 70 -23.00 -85.27 -37.00
C ASN A 70 -21.79 -85.13 -37.92
N ALA A 71 -21.57 -86.10 -38.81
CA ALA A 71 -20.43 -86.00 -39.72
C ALA A 71 -20.57 -84.79 -40.62
N ARG A 72 -21.78 -84.55 -41.12
CA ARG A 72 -22.02 -83.39 -41.99
C ARG A 72 -21.87 -82.10 -41.20
N ALA A 73 -22.32 -82.11 -39.95
CA ALA A 73 -22.22 -80.93 -39.10
C ALA A 73 -20.76 -80.56 -38.91
N LYS A 74 -19.91 -81.55 -38.62
CA LYS A 74 -18.50 -81.25 -38.43
C LYS A 74 -17.85 -80.85 -39.74
N GLU A 75 -18.34 -81.40 -40.86
CA GLU A 75 -17.77 -81.03 -42.15
C GLU A 75 -18.00 -79.55 -42.42
N ILE A 76 -19.15 -79.03 -41.97
CA ILE A 76 -19.42 -77.61 -42.21
C ILE A 76 -18.72 -76.77 -41.14
N LEU A 77 -18.68 -77.27 -39.90
CA LEU A 77 -18.03 -76.55 -38.82
C LEU A 77 -16.59 -76.25 -39.20
N ALA A 78 -15.92 -77.22 -39.81
CA ALA A 78 -14.54 -77.03 -40.23
C ALA A 78 -14.49 -76.30 -41.56
N ARG A 79 -15.57 -76.34 -42.35
CA ARG A 79 -15.60 -75.67 -43.64
C ARG A 79 -15.69 -74.15 -43.55
N ASP A 80 -16.44 -73.58 -42.59
CA ASP A 80 -16.50 -72.11 -42.59
C ASP A 80 -16.18 -71.36 -41.29
N GLY A 81 -16.08 -72.00 -40.14
CA GLY A 81 -15.77 -71.24 -38.95
C GLY A 81 -16.85 -71.24 -37.88
N PRO A 82 -16.41 -71.19 -36.61
CA PRO A 82 -17.37 -71.19 -35.50
C PRO A 82 -18.28 -69.97 -35.48
N ASN A 83 -19.45 -70.16 -34.87
CA ASN A 83 -20.49 -69.13 -34.73
C ASN A 83 -20.15 -68.13 -33.62
N SER A 84 -18.98 -67.50 -33.74
CA SER A 84 -18.55 -66.53 -32.75
C SER A 84 -17.91 -65.31 -33.41
N LEU A 85 -18.31 -64.11 -32.95
CA LEU A 85 -17.78 -62.88 -33.50
C LEU A 85 -16.28 -62.76 -33.28
N THR A 86 -15.61 -62.15 -34.25
CA THR A 86 -14.17 -61.97 -34.18
C THR A 86 -13.77 -61.04 -33.03
N PRO A 87 -12.64 -61.31 -32.37
CA PRO A 87 -12.22 -60.45 -31.27
C PRO A 87 -11.73 -59.13 -31.84
N PRO A 88 -11.74 -58.06 -31.05
CA PRO A 88 -11.29 -56.76 -31.57
C PRO A 88 -9.80 -56.77 -31.87
N PRO A 89 -9.31 -55.80 -32.64
CA PRO A 89 -7.88 -55.74 -32.94
C PRO A 89 -7.20 -55.24 -31.67
N THR A 90 -6.33 -56.05 -31.09
CA THR A 90 -5.66 -55.67 -29.85
C THR A 90 -4.44 -54.78 -30.11
N THR A 91 -3.83 -54.32 -29.00
CA THR A 91 -2.65 -53.45 -29.07
C THR A 91 -1.83 -53.52 -27.79
N PRO A 92 -0.50 -53.53 -27.88
CA PRO A 92 0.36 -53.58 -26.68
C PRO A 92 0.44 -52.23 -25.99
N GLU A 93 0.94 -52.26 -24.74
CA GLU A 93 1.06 -51.02 -23.96
C GLU A 93 2.23 -50.11 -24.38
N TRP A 94 3.31 -50.66 -24.93
CA TRP A 94 4.40 -49.76 -25.32
C TRP A 94 3.96 -48.98 -26.54
N ILE A 95 3.06 -49.55 -27.33
CA ILE A 95 2.56 -48.88 -28.51
C ILE A 95 1.74 -47.67 -28.07
N LYS A 96 0.76 -47.89 -27.17
CA LYS A 96 -0.04 -46.77 -26.70
C LYS A 96 0.84 -45.77 -25.94
N PHE A 97 2.13 -46.06 -25.73
CA PHE A 97 2.93 -45.05 -25.03
C PHE A 97 3.73 -44.26 -26.07
N CYS A 98 3.97 -44.88 -27.23
CA CYS A 98 4.70 -44.17 -28.26
C CYS A 98 3.74 -43.16 -28.88
N ARG A 99 2.47 -43.53 -28.99
CA ARG A 99 1.49 -42.60 -29.55
C ARG A 99 1.48 -41.29 -28.75
N GLN A 100 1.42 -41.41 -27.43
CA GLN A 100 1.39 -40.24 -26.56
C GLN A 100 2.71 -39.49 -26.60
N LEU A 101 3.85 -40.17 -26.84
CA LEU A 101 5.11 -39.42 -26.88
C LEU A 101 5.20 -38.52 -28.11
N PHE A 102 4.73 -38.98 -29.28
CA PHE A 102 4.75 -38.14 -30.50
C PHE A 102 3.38 -37.48 -30.68
N GLY A 103 2.96 -36.64 -29.74
CA GLY A 103 1.66 -36.00 -29.84
C GLY A 103 1.58 -34.60 -29.24
N GLY A 104 0.35 -34.04 -29.27
CA GLY A 104 0.10 -32.69 -28.78
C GLY A 104 1.18 -31.82 -29.37
N PHE A 105 1.90 -31.04 -28.56
CA PHE A 105 2.96 -30.27 -29.20
C PHE A 105 4.30 -30.86 -28.81
N SER A 106 4.33 -32.15 -28.49
CA SER A 106 5.59 -32.79 -28.13
C SER A 106 6.55 -32.71 -29.31
N ILE A 107 6.08 -32.22 -30.47
CA ILE A 107 6.98 -32.14 -31.62
C ILE A 107 7.80 -30.87 -31.50
N LEU A 108 7.15 -29.76 -31.15
CA LEU A 108 7.85 -28.50 -30.96
C LEU A 108 9.02 -28.74 -30.01
N LEU A 109 8.72 -29.42 -28.89
CA LEU A 109 9.71 -29.73 -27.86
C LEU A 109 10.69 -30.83 -28.25
N TRP A 110 10.31 -31.78 -29.12
CA TRP A 110 11.26 -32.81 -29.49
C TRP A 110 12.38 -32.15 -30.26
N ILE A 111 12.02 -31.29 -31.21
CA ILE A 111 13.07 -30.61 -31.96
C ILE A 111 13.86 -29.71 -31.01
N GLY A 112 13.17 -28.98 -30.12
CA GLY A 112 13.92 -28.13 -29.20
C GLY A 112 15.01 -28.93 -28.50
N ALA A 113 14.66 -30.15 -28.04
CA ALA A 113 15.61 -31.02 -27.36
C ALA A 113 16.73 -31.45 -28.29
N ILE A 114 16.38 -31.90 -29.51
CA ILE A 114 17.38 -32.35 -30.48
C ILE A 114 18.34 -31.22 -30.82
N LEU A 115 17.80 -30.03 -31.05
CA LEU A 115 18.62 -28.86 -31.37
C LEU A 115 19.55 -28.56 -30.22
N CYS A 116 19.03 -28.64 -28.99
CA CYS A 116 19.85 -28.38 -27.81
C CYS A 116 21.02 -29.36 -27.73
N PHE A 117 20.76 -30.66 -27.93
CA PHE A 117 21.89 -31.58 -27.84
C PHE A 117 22.81 -31.47 -29.04
N LEU A 118 22.32 -30.97 -30.18
CA LEU A 118 23.21 -30.83 -31.32
C LEU A 118 24.20 -29.73 -31.00
N ALA A 119 23.69 -28.63 -30.44
CA ALA A 119 24.57 -27.53 -30.08
C ALA A 119 25.52 -27.95 -28.99
N TYR A 120 25.14 -28.90 -28.12
CA TYR A 120 26.11 -29.26 -27.10
C TYR A 120 27.20 -30.12 -27.72
N GLY A 121 26.83 -30.94 -28.70
CA GLY A 121 27.79 -31.79 -29.38
C GLY A 121 28.86 -30.94 -30.06
N ILE A 122 28.40 -30.09 -30.99
CA ILE A 122 29.31 -29.20 -31.71
C ILE A 122 30.15 -28.36 -30.76
N GLN A 123 29.51 -27.77 -29.75
CA GLN A 123 30.24 -26.93 -28.80
C GLN A 123 31.25 -27.74 -27.99
N ALA A 124 30.97 -29.02 -27.75
CA ALA A 124 31.87 -29.87 -26.99
C ALA A 124 33.08 -30.31 -27.78
N ALA A 125 32.89 -30.73 -29.03
CA ALA A 125 34.02 -31.17 -29.84
C ALA A 125 34.80 -30.01 -30.39
N THR A 126 34.27 -28.80 -30.31
CA THR A 126 35.05 -27.70 -30.84
C THR A 126 35.99 -27.11 -29.80
N GLU A 127 35.52 -26.98 -28.57
CA GLU A 127 36.33 -26.43 -27.51
C GLU A 127 36.12 -27.25 -26.25
N ASP A 128 37.15 -27.28 -25.43
CA ASP A 128 37.10 -28.04 -24.19
C ASP A 128 36.46 -27.22 -23.07
N GLU A 129 36.15 -25.95 -23.33
CA GLU A 129 35.53 -25.07 -22.35
C GLU A 129 34.27 -24.38 -22.89
N PRO A 130 33.23 -25.15 -23.25
CA PRO A 130 32.00 -24.53 -23.75
C PRO A 130 30.94 -24.35 -22.69
N ALA A 131 30.03 -23.39 -22.86
CA ALA A 131 28.99 -23.22 -21.85
C ALA A 131 28.02 -24.39 -21.98
N ASN A 132 27.35 -24.71 -20.89
CA ASN A 132 26.41 -25.83 -20.89
C ASN A 132 24.94 -25.43 -20.90
N ASP A 133 24.61 -24.21 -21.29
CA ASP A 133 23.20 -23.80 -21.31
C ASP A 133 22.36 -24.74 -22.16
N ASN A 134 23.02 -25.63 -22.89
CA ASN A 134 22.36 -26.57 -23.79
C ASN A 134 22.23 -27.96 -23.20
N LEU A 135 23.20 -28.48 -22.43
CA LEU A 135 22.94 -29.82 -21.92
C LEU A 135 21.82 -29.75 -20.89
N TYR A 136 21.66 -28.60 -20.22
CA TYR A 136 20.59 -28.49 -19.26
C TYR A 136 19.31 -28.23 -20.03
N LEU A 137 19.31 -27.17 -20.85
CA LEU A 137 18.11 -26.86 -21.62
C LEU A 137 17.54 -28.10 -22.32
N GLY A 138 18.39 -29.01 -22.78
CA GLY A 138 17.88 -30.18 -23.46
C GLY A 138 17.40 -31.27 -22.54
N VAL A 139 18.11 -31.57 -21.44
CA VAL A 139 17.53 -32.62 -20.61
C VAL A 139 16.23 -32.13 -19.99
N VAL A 140 16.12 -30.83 -19.72
CA VAL A 140 14.88 -30.30 -19.12
C VAL A 140 13.74 -30.42 -20.13
N LEU A 141 13.88 -29.80 -21.31
CA LEU A 141 12.85 -29.89 -22.34
C LEU A 141 12.36 -31.35 -22.51
N SER A 142 13.33 -32.26 -22.63
CA SER A 142 12.97 -33.68 -22.82
C SER A 142 12.14 -34.18 -21.65
N THR A 143 12.50 -33.79 -20.43
CA THR A 143 11.73 -34.24 -19.28
C THR A 143 10.31 -33.71 -19.35
N VAL A 144 10.12 -32.47 -19.84
CA VAL A 144 8.76 -31.97 -19.90
C VAL A 144 7.93 -32.80 -20.88
N VAL A 145 8.59 -33.50 -21.79
CA VAL A 145 7.80 -34.30 -22.72
C VAL A 145 7.55 -35.69 -22.16
N ILE A 146 8.58 -36.30 -21.58
CA ILE A 146 8.42 -37.64 -21.02
C ILE A 146 7.40 -37.61 -19.86
N VAL A 147 7.51 -36.62 -18.98
CA VAL A 147 6.59 -36.52 -17.86
C VAL A 147 5.16 -36.28 -18.33
N THR A 148 4.97 -35.38 -19.33
CA THR A 148 3.60 -35.18 -19.80
C THR A 148 3.01 -36.47 -20.35
N GLY A 149 3.82 -37.23 -21.09
CA GLY A 149 3.33 -38.47 -21.65
C GLY A 149 2.94 -39.47 -20.58
N CYS A 150 3.72 -39.54 -19.51
CA CYS A 150 3.40 -40.49 -18.44
C CYS A 150 2.08 -40.15 -17.77
N PHE A 151 1.83 -38.86 -17.52
CA PHE A 151 0.58 -38.48 -16.87
C PHE A 151 -0.63 -38.80 -17.75
N SER A 152 -0.61 -38.31 -19.01
CA SER A 152 -1.72 -38.58 -19.92
C SER A 152 -1.97 -40.09 -20.06
N TYR A 153 -0.88 -40.86 -20.09
CA TYR A 153 -0.98 -42.31 -20.22
C TYR A 153 -1.72 -42.90 -19.04
N TYR A 154 -1.17 -42.69 -17.84
CA TYR A 154 -1.77 -43.20 -16.61
C TYR A 154 -3.27 -42.98 -16.64
N GLN A 155 -3.69 -41.81 -17.13
CA GLN A 155 -5.12 -41.53 -17.21
C GLN A 155 -5.84 -42.52 -18.14
N GLU A 156 -5.34 -42.63 -19.38
CA GLU A 156 -5.97 -43.55 -20.33
C GLU A 156 -5.94 -45.01 -19.90
N ALA A 157 -5.12 -45.37 -18.92
CA ALA A 157 -5.09 -46.76 -18.47
C ALA A 157 -6.08 -46.96 -17.33
N LYS A 158 -6.20 -45.91 -16.50
CA LYS A 158 -7.12 -45.94 -15.39
C LYS A 158 -8.52 -46.22 -15.92
N SER A 159 -8.91 -45.48 -16.97
CA SER A 159 -10.25 -45.70 -17.54
C SER A 159 -10.44 -47.10 -18.15
N SER A 160 -9.39 -47.67 -18.74
CA SER A 160 -9.53 -48.99 -19.35
C SER A 160 -9.75 -50.10 -18.33
N ARG A 161 -9.15 -50.01 -17.15
CA ARG A 161 -9.38 -51.09 -16.19
C ARG A 161 -10.83 -51.13 -15.75
N ILE A 162 -11.41 -49.98 -15.39
CA ILE A 162 -12.81 -49.97 -14.98
C ILE A 162 -13.68 -50.36 -16.16
N MET A 163 -13.14 -50.24 -17.39
CA MET A 163 -13.94 -50.63 -18.53
C MET A 163 -13.94 -52.15 -18.67
N ASP A 164 -12.83 -52.78 -18.29
CA ASP A 164 -12.71 -54.23 -18.35
C ASP A 164 -13.54 -54.92 -17.27
N SER A 165 -13.56 -54.36 -16.05
CA SER A 165 -14.32 -54.99 -14.97
C SER A 165 -15.82 -55.08 -15.27
N PHE A 166 -16.23 -54.66 -16.47
CA PHE A 166 -17.62 -54.72 -16.88
C PHE A 166 -17.84 -55.74 -17.97
N LYS A 167 -16.83 -56.00 -18.79
CA LYS A 167 -16.97 -56.98 -19.85
C LYS A 167 -17.00 -58.35 -19.19
N ASN A 168 -18.19 -58.87 -18.92
CA ASN A 168 -18.35 -60.17 -18.31
C ASN A 168 -18.85 -61.10 -19.39
N MET A 169 -18.54 -62.39 -19.25
CA MET A 169 -18.98 -63.33 -20.28
C MET A 169 -19.12 -64.70 -19.63
N VAL A 170 -20.36 -65.10 -19.39
CA VAL A 170 -20.69 -66.39 -18.80
C VAL A 170 -20.94 -67.26 -20.01
N PRO A 171 -20.27 -68.41 -20.14
CA PRO A 171 -20.49 -69.26 -21.31
C PRO A 171 -21.95 -69.64 -21.47
N GLN A 172 -22.34 -69.85 -22.73
CA GLN A 172 -23.70 -70.21 -23.11
C GLN A 172 -23.68 -71.40 -24.05
N GLN A 173 -24.78 -72.16 -24.08
CA GLN A 173 -24.90 -73.34 -24.94
C GLN A 173 -26.30 -73.43 -25.54
N ALA A 174 -26.36 -73.76 -26.83
CA ALA A 174 -27.61 -73.90 -27.57
C ALA A 174 -28.08 -75.35 -27.67
N LEU A 175 -29.36 -75.51 -28.02
CA LEU A 175 -30.01 -76.81 -28.18
C LEU A 175 -30.22 -77.07 -29.67
N VAL A 176 -29.45 -78.01 -30.20
CA VAL A 176 -29.47 -78.41 -31.61
C VAL A 176 -29.96 -79.85 -31.74
N ILE A 177 -30.66 -80.12 -32.83
CA ILE A 177 -31.21 -81.45 -33.11
C ILE A 177 -30.47 -82.05 -34.30
N ARG A 178 -29.70 -83.11 -34.05
CA ARG A 178 -28.93 -83.80 -35.08
C ARG A 178 -29.27 -85.28 -35.05
N ASP A 179 -29.46 -85.85 -36.25
CA ASP A 179 -29.79 -87.26 -36.42
C ASP A 179 -31.09 -87.60 -35.71
N GLY A 180 -31.91 -86.58 -35.45
CA GLY A 180 -33.17 -86.75 -34.77
C GLY A 180 -33.11 -86.68 -33.26
N GLU A 181 -31.95 -86.32 -32.69
CA GLU A 181 -31.81 -86.23 -31.24
C GLU A 181 -31.44 -84.81 -30.80
N LYS A 182 -31.90 -84.48 -29.59
CA LYS A 182 -31.67 -83.18 -28.97
C LYS A 182 -30.38 -83.19 -28.16
N SER A 183 -29.51 -82.20 -28.40
CA SER A 183 -28.25 -82.10 -27.70
C SER A 183 -27.92 -80.62 -27.46
N THR A 184 -27.30 -80.34 -26.33
CA THR A 184 -26.92 -78.98 -25.96
C THR A 184 -25.42 -78.84 -26.15
N ILE A 185 -25.02 -78.04 -27.14
CA ILE A 185 -23.61 -77.83 -27.45
C ILE A 185 -23.26 -76.35 -27.35
N ASN A 186 -21.99 -76.09 -27.07
CA ASN A 186 -21.47 -74.74 -26.94
C ASN A 186 -21.95 -73.88 -28.11
N ALA A 187 -22.13 -72.59 -27.85
CA ALA A 187 -22.60 -71.68 -28.90
C ALA A 187 -21.61 -71.61 -30.06
N GLU A 188 -20.33 -71.88 -29.80
CA GLU A 188 -19.28 -71.85 -30.81
C GLU A 188 -19.29 -73.05 -31.75
N PHE A 189 -20.17 -74.04 -31.55
CA PHE A 189 -20.20 -75.21 -32.42
C PHE A 189 -21.43 -75.29 -33.32
N VAL A 190 -22.25 -74.26 -33.37
CA VAL A 190 -23.44 -74.28 -34.22
C VAL A 190 -23.04 -73.90 -35.64
N VAL A 191 -23.61 -74.60 -36.62
CA VAL A 191 -23.28 -74.33 -38.02
C VAL A 191 -24.54 -73.98 -38.78
N ALA A 192 -24.37 -73.67 -40.07
CA ALA A 192 -25.49 -73.33 -40.92
C ALA A 192 -26.16 -74.61 -41.41
N GLY A 193 -27.47 -74.72 -41.20
CA GLY A 193 -28.21 -75.89 -41.64
C GLY A 193 -28.81 -76.76 -40.54
N ASP A 194 -28.17 -76.86 -39.39
CA ASP A 194 -28.77 -77.74 -38.39
C ASP A 194 -30.04 -77.13 -37.81
N LEU A 195 -30.80 -77.97 -37.11
CA LEU A 195 -32.05 -77.59 -36.49
C LEU A 195 -31.74 -77.07 -35.10
N VAL A 196 -32.37 -75.96 -34.71
CA VAL A 196 -32.13 -75.38 -33.41
C VAL A 196 -33.46 -75.07 -32.76
N GLU A 197 -33.60 -75.46 -31.49
CA GLU A 197 -34.79 -75.24 -30.72
C GLU A 197 -34.48 -74.21 -29.64
N VAL A 198 -35.44 -73.33 -29.37
CA VAL A 198 -35.27 -72.31 -28.36
C VAL A 198 -36.45 -72.41 -27.41
N LYS A 199 -36.26 -71.85 -26.22
CA LYS A 199 -37.22 -71.86 -25.14
C LYS A 199 -37.18 -70.54 -24.39
N GLY A 200 -38.34 -70.05 -23.98
CA GLY A 200 -38.45 -68.79 -23.27
C GLY A 200 -37.45 -68.65 -22.14
N GLY A 201 -36.47 -67.76 -22.34
CA GLY A 201 -35.45 -67.52 -21.35
C GLY A 201 -34.06 -67.70 -21.94
N ASP A 202 -33.99 -68.37 -23.08
CA ASP A 202 -32.71 -68.61 -23.74
C ASP A 202 -32.45 -67.55 -24.81
N ARG A 203 -31.23 -67.55 -25.32
CA ARG A 203 -30.79 -66.62 -26.34
C ARG A 203 -30.69 -67.27 -27.71
N ILE A 204 -31.14 -66.55 -28.74
CA ILE A 204 -31.11 -67.05 -30.12
C ILE A 204 -29.62 -67.14 -30.47
N PRO A 205 -29.10 -68.33 -30.77
CA PRO A 205 -27.67 -68.48 -31.09
C PRO A 205 -27.16 -67.84 -32.37
N ALA A 206 -27.84 -68.07 -33.50
CA ALA A 206 -27.44 -67.52 -34.78
C ALA A 206 -28.69 -67.02 -35.49
N ASP A 207 -28.53 -66.55 -36.72
CA ASP A 207 -29.71 -66.07 -37.44
C ASP A 207 -30.46 -67.29 -37.95
N LEU A 208 -31.62 -67.54 -37.34
CA LEU A 208 -32.52 -68.64 -37.62
C LEU A 208 -33.68 -68.25 -38.52
N ARG A 209 -34.30 -69.28 -39.09
CA ARG A 209 -35.45 -69.18 -39.99
C ARG A 209 -36.45 -70.08 -39.28
N ILE A 210 -37.39 -69.47 -38.57
CA ILE A 210 -38.41 -70.21 -37.83
C ILE A 210 -39.20 -71.14 -38.73
N ILE A 211 -39.34 -72.39 -38.29
CA ILE A 211 -40.08 -73.41 -39.02
C ILE A 211 -41.34 -73.82 -38.28
N SER A 212 -41.36 -73.72 -36.95
CA SER A 212 -42.52 -74.10 -36.14
C SER A 212 -42.41 -73.36 -34.81
N ALA A 213 -43.45 -72.63 -34.44
CA ALA A 213 -43.45 -71.89 -33.19
C ALA A 213 -44.68 -72.22 -32.36
N HIS A 214 -44.59 -71.93 -31.04
CA HIS A 214 -45.68 -72.18 -30.10
C HIS A 214 -45.79 -70.96 -29.19
N GLY A 215 -46.47 -69.91 -29.68
CA GLY A 215 -46.63 -68.68 -28.93
C GLY A 215 -45.30 -68.12 -28.48
N CYS A 216 -44.34 -68.08 -29.40
CA CYS A 216 -43.00 -67.59 -29.12
C CYS A 216 -42.84 -66.09 -29.38
N LYS A 217 -42.27 -65.39 -28.39
CA LYS A 217 -42.03 -63.95 -28.45
C LYS A 217 -40.54 -63.70 -28.23
N VAL A 218 -40.01 -62.67 -28.90
CA VAL A 218 -38.60 -62.33 -28.79
C VAL A 218 -38.43 -60.84 -28.52
N ASP A 219 -37.31 -60.47 -27.88
CA ASP A 219 -36.97 -59.09 -27.53
C ASP A 219 -36.00 -58.54 -28.57
N ASN A 220 -36.51 -57.78 -29.53
CA ASN A 220 -35.72 -57.17 -30.60
C ASN A 220 -35.35 -55.72 -30.28
N SER A 221 -35.06 -55.42 -29.01
CA SER A 221 -34.72 -54.06 -28.61
C SER A 221 -33.29 -53.65 -28.97
N SER A 222 -32.30 -54.51 -28.71
CA SER A 222 -30.92 -54.15 -29.02
C SER A 222 -30.66 -54.02 -30.52
N LEU A 223 -31.06 -55.01 -31.30
CA LEU A 223 -30.81 -54.93 -32.74
C LEU A 223 -31.75 -53.99 -33.49
N THR A 224 -33.05 -54.27 -33.48
CA THR A 224 -33.99 -53.42 -34.20
C THR A 224 -34.58 -52.27 -33.42
N GLY A 225 -34.57 -52.30 -32.09
CA GLY A 225 -35.13 -51.18 -31.34
C GLY A 225 -36.62 -51.24 -31.07
N GLU A 226 -37.22 -52.43 -31.00
CA GLU A 226 -38.65 -52.58 -30.73
C GLU A 226 -38.86 -52.84 -29.25
N SER A 227 -39.46 -51.86 -28.56
CA SER A 227 -39.71 -51.94 -27.12
C SER A 227 -40.58 -53.11 -26.69
N GLU A 228 -41.50 -53.58 -27.51
CA GLU A 228 -42.31 -54.71 -27.03
C GLU A 228 -41.91 -56.02 -27.70
N PRO A 229 -42.27 -57.15 -27.10
CA PRO A 229 -41.92 -58.45 -27.68
C PRO A 229 -42.70 -58.84 -28.92
N GLN A 230 -42.01 -58.87 -30.06
CA GLN A 230 -42.62 -59.23 -31.32
C GLN A 230 -42.71 -60.75 -31.42
N THR A 231 -43.90 -61.26 -31.74
CA THR A 231 -44.10 -62.70 -31.84
C THR A 231 -43.46 -63.25 -33.12
N ARG A 232 -42.75 -64.36 -32.98
CA ARG A 232 -42.09 -65.00 -34.11
C ARG A 232 -42.98 -66.11 -34.63
N SER A 233 -43.48 -65.97 -35.85
CA SER A 233 -44.35 -66.95 -36.47
C SER A 233 -43.66 -67.55 -37.69
N PRO A 234 -43.94 -68.82 -38.00
CA PRO A 234 -43.29 -69.43 -39.18
C PRO A 234 -43.70 -68.79 -40.49
N GLU A 235 -44.84 -68.11 -40.54
CA GLU A 235 -45.30 -67.47 -41.76
C GLU A 235 -44.56 -66.15 -41.96
N PHE A 236 -44.56 -65.67 -43.20
CA PHE A 236 -43.92 -64.41 -43.57
C PHE A 236 -44.92 -63.27 -43.54
N SER A 237 -44.45 -62.06 -43.19
CA SER A 237 -45.40 -60.95 -43.14
C SER A 237 -44.95 -59.66 -43.81
N SER A 238 -43.68 -59.26 -43.68
CA SER A 238 -43.23 -58.01 -44.30
C SER A 238 -42.00 -58.20 -45.18
N GLU A 239 -41.94 -57.36 -46.22
CA GLU A 239 -40.83 -57.38 -47.17
C GLU A 239 -39.49 -57.06 -46.52
N ASN A 240 -39.51 -56.36 -45.39
CA ASN A 240 -38.29 -55.99 -44.67
C ASN A 240 -37.93 -57.14 -43.73
N PRO A 241 -36.73 -57.72 -43.83
CA PRO A 241 -36.39 -58.83 -42.93
C PRO A 241 -36.44 -58.48 -41.45
N LEU A 242 -36.19 -57.23 -41.08
CA LEU A 242 -36.24 -56.88 -39.67
C LEU A 242 -37.67 -56.85 -39.13
N GLU A 243 -38.67 -56.72 -40.00
CA GLU A 243 -40.06 -56.67 -39.58
C GLU A 243 -40.77 -58.02 -39.64
N THR A 244 -40.31 -58.95 -40.47
CA THR A 244 -40.98 -60.25 -40.54
C THR A 244 -40.78 -61.05 -39.26
N ARG A 245 -41.66 -62.02 -39.05
CA ARG A 245 -41.65 -62.87 -37.87
C ARG A 245 -41.05 -64.26 -38.10
N ASN A 246 -40.63 -64.61 -39.32
CA ASN A 246 -40.06 -65.92 -39.57
C ASN A 246 -38.54 -65.95 -39.42
N ILE A 247 -37.95 -64.93 -38.79
CA ILE A 247 -36.49 -64.88 -38.62
C ILE A 247 -36.13 -64.47 -37.21
N ALA A 248 -35.30 -65.28 -36.56
CA ALA A 248 -34.81 -65.03 -35.22
C ALA A 248 -33.47 -64.35 -35.41
N PHE A 249 -33.06 -63.49 -34.48
CA PHE A 249 -31.78 -62.84 -34.69
C PHE A 249 -30.75 -63.08 -33.58
N PHE A 250 -29.50 -62.79 -33.96
CA PHE A 250 -28.36 -62.94 -33.07
C PHE A 250 -28.44 -61.94 -31.93
N SER A 251 -28.13 -62.40 -30.72
CA SER A 251 -28.12 -61.65 -29.46
C SER A 251 -29.51 -61.34 -28.95
N THR A 252 -30.56 -61.86 -29.58
CA THR A 252 -31.90 -61.59 -29.10
C THR A 252 -32.27 -62.68 -28.10
N ASN A 253 -33.35 -62.46 -27.35
CA ASN A 253 -33.77 -63.44 -26.37
C ASN A 253 -35.25 -63.77 -26.52
N CYS A 254 -35.58 -65.04 -26.29
CA CYS A 254 -36.95 -65.52 -26.40
C CYS A 254 -37.61 -65.30 -25.04
N VAL A 255 -38.52 -64.34 -24.98
CA VAL A 255 -39.20 -64.01 -23.73
C VAL A 255 -40.12 -65.15 -23.29
N GLU A 256 -41.15 -65.46 -24.08
CA GLU A 256 -42.08 -66.52 -23.73
C GLU A 256 -42.42 -67.38 -24.95
N GLY A 257 -42.44 -68.68 -24.73
CA GLY A 257 -42.74 -69.65 -25.77
C GLY A 257 -41.51 -70.43 -26.19
N THR A 258 -41.75 -71.38 -27.12
CA THR A 258 -40.72 -72.23 -27.65
C THR A 258 -40.82 -72.23 -29.17
N ALA A 259 -39.68 -72.43 -29.83
CA ALA A 259 -39.70 -72.44 -31.29
C ALA A 259 -38.56 -73.26 -31.86
N ARG A 260 -38.67 -73.55 -33.16
CA ARG A 260 -37.71 -74.32 -33.93
C ARG A 260 -37.27 -73.48 -35.12
N GLY A 261 -36.10 -73.81 -35.67
CA GLY A 261 -35.64 -73.04 -36.81
C GLY A 261 -34.34 -73.56 -37.39
N VAL A 262 -34.14 -73.24 -38.67
CA VAL A 262 -32.96 -73.64 -39.42
C VAL A 262 -32.01 -72.46 -39.42
N VAL A 263 -30.75 -72.70 -39.05
CA VAL A 263 -29.75 -71.65 -39.00
C VAL A 263 -29.45 -71.17 -40.41
N VAL A 264 -29.82 -69.92 -40.71
CA VAL A 264 -29.56 -69.35 -42.03
C VAL A 264 -28.23 -68.64 -42.06
N TYR A 265 -27.96 -67.80 -41.06
CA TYR A 265 -26.71 -67.06 -40.99
C TYR A 265 -25.95 -67.45 -39.74
N THR A 266 -24.63 -67.57 -39.86
CA THR A 266 -23.75 -67.95 -38.76
C THR A 266 -22.48 -67.10 -38.78
N GLY A 267 -21.87 -66.99 -37.60
CA GLY A 267 -20.64 -66.25 -37.36
C GLY A 267 -20.74 -64.77 -37.65
N ASP A 268 -19.59 -64.19 -37.99
CA ASP A 268 -19.51 -62.76 -38.29
C ASP A 268 -20.45 -62.35 -39.42
N ARG A 269 -20.84 -63.29 -40.29
CA ARG A 269 -21.74 -62.97 -41.39
C ARG A 269 -23.14 -62.62 -40.92
N THR A 270 -23.41 -62.64 -39.61
CA THR A 270 -24.72 -62.31 -39.08
C THR A 270 -24.98 -60.81 -39.20
N VAL A 271 -26.22 -60.43 -38.86
CA VAL A 271 -26.62 -59.01 -38.92
C VAL A 271 -25.76 -58.17 -37.99
N MET A 272 -25.79 -58.49 -36.69
CA MET A 272 -24.99 -57.72 -35.75
C MET A 272 -23.50 -57.94 -35.98
N GLY A 273 -23.13 -58.93 -36.79
CA GLY A 273 -21.73 -59.18 -37.06
C GLY A 273 -21.32 -58.16 -38.10
N ARG A 274 -22.15 -57.95 -39.11
CA ARG A 274 -21.80 -56.96 -40.13
C ARG A 274 -21.82 -55.58 -39.51
N ILE A 275 -22.72 -55.34 -38.54
CA ILE A 275 -22.79 -54.04 -37.89
C ILE A 275 -21.55 -53.80 -37.05
N ALA A 276 -21.12 -54.80 -36.26
CA ALA A 276 -19.93 -54.59 -35.44
C ALA A 276 -18.72 -54.42 -36.35
N THR A 277 -18.74 -55.07 -37.50
CA THR A 277 -17.64 -54.95 -38.43
C THR A 277 -17.61 -53.54 -39.00
N LEU A 278 -18.80 -52.92 -39.17
CA LEU A 278 -18.85 -51.56 -39.68
C LEU A 278 -18.29 -50.61 -38.63
N ALA A 279 -18.63 -50.85 -37.36
CA ALA A 279 -18.14 -50.01 -36.29
C ALA A 279 -16.62 -50.03 -36.25
N SER A 280 -16.03 -51.24 -36.34
CA SER A 280 -14.59 -51.36 -36.32
C SER A 280 -13.93 -50.72 -37.55
N GLY A 281 -14.59 -50.76 -38.70
CA GLY A 281 -13.99 -50.19 -39.90
C GLY A 281 -14.40 -48.78 -40.28
N LEU A 282 -14.46 -47.90 -39.27
CA LEU A 282 -14.81 -46.50 -39.45
C LEU A 282 -13.66 -45.68 -38.85
N GLU A 283 -13.72 -44.36 -38.95
CA GLU A 283 -12.66 -43.53 -38.41
C GLU A 283 -13.11 -42.95 -37.07
N VAL A 284 -12.23 -42.18 -36.44
CA VAL A 284 -12.55 -41.59 -35.15
C VAL A 284 -13.09 -40.20 -35.36
N GLY A 285 -12.29 -39.37 -36.01
CA GLY A 285 -12.65 -38.01 -36.28
C GLY A 285 -11.50 -37.20 -35.79
N ARG A 286 -11.73 -35.91 -35.62
CA ARG A 286 -10.67 -35.06 -35.11
C ARG A 286 -11.42 -34.12 -34.20
N THR A 287 -11.14 -34.26 -32.92
CA THR A 287 -11.71 -33.54 -31.80
C THR A 287 -11.59 -32.04 -32.03
N PRO A 288 -12.53 -31.24 -31.52
CA PRO A 288 -12.42 -29.79 -31.73
C PRO A 288 -11.25 -29.19 -30.99
N ILE A 289 -11.06 -29.61 -29.74
CA ILE A 289 -9.95 -29.11 -28.92
C ILE A 289 -8.61 -29.32 -29.62
N ALA A 290 -8.48 -30.43 -30.35
CA ALA A 290 -7.22 -30.68 -31.04
C ALA A 290 -7.03 -29.71 -32.19
N ILE A 291 -8.12 -29.14 -32.70
CA ILE A 291 -7.99 -28.21 -33.80
C ILE A 291 -7.64 -26.84 -33.25
N GLU A 292 -8.14 -26.53 -32.05
CA GLU A 292 -7.79 -25.23 -31.50
C GLU A 292 -6.30 -25.22 -31.14
N ILE A 293 -5.80 -26.33 -30.57
CA ILE A 293 -4.39 -26.38 -30.23
C ILE A 293 -3.53 -26.31 -31.48
N GLU A 294 -3.99 -26.95 -32.57
CA GLU A 294 -3.20 -26.89 -33.80
C GLU A 294 -3.13 -25.46 -34.31
N HIS A 295 -4.23 -24.71 -34.21
CA HIS A 295 -4.23 -23.33 -34.67
C HIS A 295 -3.32 -22.47 -33.79
N PHE A 296 -3.15 -22.90 -32.54
CA PHE A 296 -2.29 -22.18 -31.62
C PHE A 296 -0.84 -22.32 -32.07
N ILE A 297 -0.45 -23.55 -32.40
CA ILE A 297 0.93 -23.75 -32.86
C ILE A 297 1.15 -22.99 -34.16
N HIS A 298 0.10 -22.87 -34.98
CA HIS A 298 0.22 -22.14 -36.24
C HIS A 298 0.63 -20.69 -36.00
N ILE A 299 -0.10 -20.01 -35.12
CA ILE A 299 0.23 -18.60 -34.84
C ILE A 299 1.59 -18.46 -34.16
N ILE A 300 1.89 -19.31 -33.18
CA ILE A 300 3.17 -19.23 -32.49
C ILE A 300 4.34 -19.34 -33.48
N THR A 301 4.20 -20.21 -34.49
CA THR A 301 5.32 -20.29 -35.41
C THR A 301 5.33 -19.09 -36.35
N GLY A 302 4.16 -18.55 -36.69
CA GLY A 302 4.08 -17.37 -37.52
C GLY A 302 4.98 -16.28 -36.97
N VAL A 303 4.73 -15.96 -35.70
CA VAL A 303 5.52 -14.91 -35.04
C VAL A 303 6.98 -15.31 -34.88
N ALA A 304 7.30 -16.60 -34.89
CA ALA A 304 8.71 -16.95 -34.72
C ALA A 304 9.49 -16.62 -35.99
N VAL A 305 8.96 -17.01 -37.16
CA VAL A 305 9.74 -16.66 -38.35
C VAL A 305 9.69 -15.17 -38.63
N PHE A 306 8.69 -14.46 -38.09
CA PHE A 306 8.67 -13.02 -38.35
C PHE A 306 9.78 -12.33 -37.56
N LEU A 307 9.89 -12.65 -36.26
CA LEU A 307 10.95 -12.00 -35.49
C LEU A 307 12.32 -12.40 -36.00
N GLY A 308 12.43 -13.59 -36.58
CA GLY A 308 13.76 -13.91 -37.05
C GLY A 308 14.19 -13.28 -38.36
N VAL A 309 13.32 -13.31 -39.38
CA VAL A 309 13.76 -12.69 -40.63
C VAL A 309 13.94 -11.19 -40.43
N SER A 310 13.20 -10.62 -39.48
CA SER A 310 13.36 -9.19 -39.27
C SER A 310 14.65 -8.90 -38.53
N PHE A 311 14.94 -9.66 -37.45
CA PHE A 311 16.19 -9.31 -36.82
C PHE A 311 17.39 -9.77 -37.63
N PHE A 312 17.13 -10.38 -38.78
CA PHE A 312 18.19 -10.84 -39.68
C PHE A 312 18.55 -9.67 -40.56
N ILE A 313 17.53 -9.00 -41.11
CA ILE A 313 17.85 -7.85 -41.94
C ILE A 313 18.42 -6.75 -41.06
N LEU A 314 17.91 -6.61 -39.83
CA LEU A 314 18.42 -5.58 -38.93
C LEU A 314 19.88 -5.85 -38.55
N SER A 315 20.24 -7.13 -38.30
CA SER A 315 21.62 -7.38 -37.95
C SER A 315 22.52 -7.14 -39.15
N LEU A 316 22.03 -7.42 -40.37
CA LEU A 316 22.89 -7.16 -41.52
C LEU A 316 23.07 -5.66 -41.69
N ILE A 317 22.06 -4.88 -41.28
CA ILE A 317 22.17 -3.44 -41.41
C ILE A 317 23.19 -2.94 -40.38
N LEU A 318 23.48 -3.73 -39.35
CA LEU A 318 24.45 -3.27 -38.35
C LEU A 318 25.90 -3.69 -38.61
N GLY A 319 26.21 -4.40 -39.70
CA GLY A 319 27.60 -4.80 -39.92
C GLY A 319 28.06 -6.21 -39.61
N TYR A 320 27.16 -7.11 -39.23
CA TYR A 320 27.58 -8.48 -38.91
C TYR A 320 27.67 -9.32 -40.18
N SER A 321 28.34 -10.47 -40.06
CA SER A 321 28.51 -11.37 -41.19
C SER A 321 27.32 -12.31 -41.31
N TRP A 322 27.29 -13.07 -42.42
CA TRP A 322 26.18 -13.99 -42.63
C TRP A 322 26.18 -15.24 -41.76
N LEU A 323 27.31 -15.63 -41.15
CA LEU A 323 27.28 -16.83 -40.33
C LEU A 323 26.74 -16.51 -38.95
N GLU A 324 27.24 -15.44 -38.36
CA GLU A 324 26.78 -15.06 -37.04
C GLU A 324 25.31 -14.63 -37.12
N ALA A 325 24.96 -13.86 -38.15
CA ALA A 325 23.56 -13.42 -38.30
C ALA A 325 22.63 -14.62 -38.47
N VAL A 326 23.10 -15.66 -39.18
CA VAL A 326 22.23 -16.82 -39.34
C VAL A 326 22.00 -17.47 -37.97
N ILE A 327 23.06 -17.55 -37.14
CA ILE A 327 22.87 -18.15 -35.84
C ILE A 327 21.91 -17.32 -34.96
N PHE A 328 21.81 -16.02 -35.24
CA PHE A 328 20.89 -15.20 -34.44
C PHE A 328 19.46 -15.55 -34.79
N LEU A 329 19.22 -15.86 -36.08
CA LEU A 329 17.86 -16.22 -36.43
C LEU A 329 17.48 -17.53 -35.74
N ILE A 330 18.46 -18.41 -35.52
CA ILE A 330 18.10 -19.66 -34.83
C ILE A 330 17.71 -19.41 -33.36
N GLY A 331 18.52 -18.63 -32.64
CA GLY A 331 18.18 -18.39 -31.24
C GLY A 331 16.84 -17.71 -30.96
N ILE A 332 16.39 -16.85 -31.86
CA ILE A 332 15.12 -16.17 -31.57
C ILE A 332 13.93 -17.11 -31.76
N ILE A 333 14.00 -17.99 -32.74
CA ILE A 333 12.91 -18.92 -32.98
C ILE A 333 12.81 -19.90 -31.82
N VAL A 334 13.94 -20.36 -31.30
CA VAL A 334 13.85 -21.31 -30.18
C VAL A 334 13.23 -20.65 -28.94
N ALA A 335 13.50 -19.37 -28.70
CA ALA A 335 12.92 -18.74 -27.50
C ALA A 335 11.38 -18.69 -27.50
N ASN A 336 10.73 -18.65 -28.67
CA ASN A 336 9.28 -18.59 -28.76
C ASN A 336 8.62 -19.97 -28.61
N VAL A 337 8.95 -20.69 -27.54
CA VAL A 337 8.42 -22.03 -27.29
C VAL A 337 7.89 -22.14 -25.85
N PRO A 338 6.57 -22.20 -25.65
CA PRO A 338 6.02 -22.32 -24.30
C PRO A 338 6.14 -23.76 -23.81
N GLU A 339 7.06 -24.02 -22.87
CA GLU A 339 7.17 -25.40 -22.41
C GLU A 339 6.22 -25.72 -21.27
N GLY A 340 5.80 -24.72 -20.51
CA GLY A 340 4.90 -25.05 -19.43
C GLY A 340 3.50 -25.02 -19.93
N LEU A 341 3.34 -24.54 -21.16
CA LEU A 341 2.02 -24.49 -21.74
C LEU A 341 1.53 -25.91 -21.97
N LEU A 342 2.47 -26.82 -22.25
CA LEU A 342 2.10 -28.22 -22.46
C LEU A 342 1.69 -28.85 -21.13
N ALA A 343 2.55 -28.73 -20.11
CA ALA A 343 2.22 -29.31 -18.82
C ALA A 343 1.02 -28.60 -18.19
N THR A 344 0.92 -27.28 -18.37
CA THR A 344 -0.20 -26.54 -17.80
C THR A 344 -1.49 -26.95 -18.47
N VAL A 345 -1.49 -27.07 -19.81
CA VAL A 345 -2.70 -27.46 -20.51
C VAL A 345 -3.10 -28.87 -20.13
N THR A 346 -2.12 -29.78 -19.99
CA THR A 346 -2.42 -31.15 -19.62
C THR A 346 -3.06 -31.20 -18.24
N VAL A 347 -2.47 -30.49 -17.26
CA VAL A 347 -3.04 -30.49 -15.91
C VAL A 347 -4.42 -29.84 -15.92
N CYS A 348 -4.59 -28.81 -16.76
CA CYS A 348 -5.88 -28.13 -16.85
C CYS A 348 -6.95 -29.11 -17.27
N LEU A 349 -6.71 -29.83 -18.36
CA LEU A 349 -7.67 -30.81 -18.85
C LEU A 349 -7.90 -31.91 -17.83
N THR A 350 -6.83 -32.35 -17.16
CA THR A 350 -6.95 -33.41 -16.16
C THR A 350 -7.81 -33.03 -14.96
N LEU A 351 -7.77 -31.76 -14.55
CA LEU A 351 -8.58 -31.36 -13.39
C LEU A 351 -10.08 -31.50 -13.61
N THR A 352 -10.61 -31.08 -14.77
CA THR A 352 -12.06 -31.17 -15.03
C THR A 352 -12.56 -32.62 -15.14
N ALA A 353 -11.71 -33.54 -15.58
CA ALA A 353 -12.16 -34.91 -15.72
C ALA A 353 -12.44 -35.54 -14.37
N LYS A 354 -11.78 -35.07 -13.30
CA LYS A 354 -12.03 -35.66 -11.99
C LYS A 354 -13.39 -35.22 -11.47
N ARG A 355 -13.75 -33.95 -11.73
CA ARG A 355 -15.06 -33.47 -11.30
C ARG A 355 -16.11 -34.33 -11.98
N MET A 356 -15.84 -34.73 -13.22
CA MET A 356 -16.81 -35.56 -13.92
C MET A 356 -16.86 -36.95 -13.31
N ALA A 357 -15.70 -37.53 -12.96
CA ALA A 357 -15.68 -38.86 -12.37
C ALA A 357 -16.29 -38.89 -10.97
N ARG A 358 -16.44 -37.74 -10.33
CA ARG A 358 -17.04 -37.75 -9.00
C ARG A 358 -18.55 -37.95 -9.08
N LYS A 359 -19.15 -37.57 -10.22
CA LYS A 359 -20.58 -37.70 -10.44
C LYS A 359 -20.92 -38.89 -11.33
N ASN A 360 -19.95 -39.80 -11.57
CA ASN A 360 -20.08 -41.02 -12.38
C ASN A 360 -20.10 -40.86 -13.89
N CYS A 361 -19.30 -39.96 -14.44
CA CYS A 361 -19.21 -39.71 -15.88
C CYS A 361 -17.76 -39.99 -16.26
N LEU A 362 -17.48 -41.16 -16.86
CA LEU A 362 -16.10 -41.48 -17.23
C LEU A 362 -15.76 -41.32 -18.71
N VAL A 363 -14.63 -40.67 -18.97
CA VAL A 363 -14.12 -40.41 -20.32
C VAL A 363 -12.91 -41.30 -20.56
N LYS A 364 -12.86 -41.93 -21.75
CA LYS A 364 -11.73 -42.81 -22.05
C LYS A 364 -10.51 -42.01 -22.50
N ASN A 365 -10.72 -41.01 -23.35
CA ASN A 365 -9.63 -40.18 -23.83
C ASN A 365 -9.52 -39.02 -22.86
N LEU A 366 -8.69 -38.02 -23.16
CA LEU A 366 -8.57 -36.89 -22.25
C LEU A 366 -9.19 -35.61 -22.79
N GLU A 367 -9.20 -35.43 -24.10
CA GLU A 367 -9.78 -34.23 -24.68
C GLU A 367 -11.28 -34.33 -24.89
N ALA A 368 -11.87 -35.52 -24.77
CA ALA A 368 -13.31 -35.68 -24.94
C ALA A 368 -14.11 -34.96 -23.86
N VAL A 369 -13.42 -34.30 -22.93
CA VAL A 369 -14.05 -33.58 -21.84
C VAL A 369 -14.56 -32.22 -22.30
N GLU A 370 -13.98 -31.65 -23.35
CA GLU A 370 -14.37 -30.36 -23.89
C GLU A 370 -15.42 -30.42 -25.00
N THR A 371 -15.47 -31.52 -25.75
CA THR A 371 -16.43 -31.64 -26.85
C THR A 371 -17.89 -31.44 -26.42
N LEU A 372 -18.26 -31.83 -25.20
CA LEU A 372 -19.66 -31.65 -24.79
C LEU A 372 -20.05 -30.18 -24.76
N GLY A 373 -19.18 -29.31 -24.26
CA GLY A 373 -19.50 -27.89 -24.21
C GLY A 373 -19.65 -27.25 -25.56
N SER A 374 -18.92 -27.73 -26.55
CA SER A 374 -18.98 -27.18 -27.90
C SER A 374 -20.08 -27.79 -28.76
N THR A 375 -20.79 -28.79 -28.26
CA THR A 375 -21.85 -29.42 -29.04
C THR A 375 -23.01 -28.45 -29.26
N SER A 376 -23.63 -28.56 -30.44
CA SER A 376 -24.76 -27.72 -30.79
C SER A 376 -25.91 -28.50 -31.40
N THR A 377 -25.81 -29.83 -31.46
CA THR A 377 -26.86 -30.68 -32.03
C THR A 377 -26.67 -32.06 -31.43
N ILE A 378 -27.59 -32.47 -30.56
CA ILE A 378 -27.52 -33.77 -29.91
C ILE A 378 -28.51 -34.73 -30.56
N CYS A 379 -27.99 -35.82 -31.11
CA CYS A 379 -28.79 -36.85 -31.76
C CYS A 379 -28.95 -37.94 -30.71
N SER A 380 -30.17 -38.15 -30.24
CA SER A 380 -30.40 -39.17 -29.23
C SER A 380 -31.17 -40.39 -29.68
N PHD A 381 -31.08 -41.44 -28.88
CA PHD A 381 -31.75 -42.69 -29.15
C PHD A 381 -32.96 -42.75 -28.17
O PHD A 381 -32.89 -42.15 -27.06
CB PHD A 381 -30.85 -43.90 -28.98
CG PHD A 381 -31.51 -45.25 -29.06
OD1 PHD A 381 -31.88 -45.72 -30.23
OD2 PHD A 381 -31.72 -45.93 -28.06
P PHD A 381 -32.96 -46.78 -30.31
OP1 PHD A 381 -34.28 -46.16 -29.94
OP2 PHD A 381 -33.03 -47.27 -31.73
OP3 PHD A 381 -32.65 -47.94 -29.40
N LYS A 382 -34.01 -43.46 -28.55
CA LYS A 382 -35.20 -43.57 -27.71
C LYS A 382 -35.17 -44.76 -26.74
N THR A 383 -35.20 -45.96 -27.28
CA THR A 383 -35.18 -47.18 -26.48
C THR A 383 -33.85 -47.36 -25.76
N GLY A 384 -33.88 -47.39 -24.44
CA GLY A 384 -32.69 -47.56 -23.62
C GLY A 384 -31.94 -46.29 -23.28
N THR A 385 -32.15 -45.21 -24.03
CA THR A 385 -31.48 -43.94 -23.76
C THR A 385 -32.49 -42.91 -23.28
N LEU A 386 -33.44 -42.57 -24.14
CA LEU A 386 -34.47 -41.61 -23.76
C LEU A 386 -35.47 -42.23 -22.80
N THR A 387 -35.67 -43.54 -22.89
CA THR A 387 -36.61 -44.30 -22.06
C THR A 387 -35.90 -45.31 -21.14
N GLN A 388 -36.71 -46.12 -20.45
CA GLN A 388 -36.26 -47.16 -19.52
C GLN A 388 -36.37 -48.59 -20.04
N ASN A 389 -36.96 -48.79 -21.22
CA ASN A 389 -37.14 -50.11 -21.83
C ASN A 389 -37.88 -51.11 -20.91
N ARG A 390 -38.71 -50.60 -19.99
CA ARG A 390 -39.49 -51.42 -19.06
C ARG A 390 -40.91 -50.84 -19.01
N MET A 391 -41.93 -51.71 -19.06
CA MET A 391 -43.34 -51.30 -19.01
C MET A 391 -43.83 -50.90 -17.62
N THR A 392 -44.58 -49.79 -17.55
CA THR A 392 -45.11 -49.29 -16.28
C THR A 392 -46.54 -48.74 -16.39
N VAL A 393 -47.36 -49.02 -15.36
CA VAL A 393 -48.75 -48.57 -15.26
C VAL A 393 -48.77 -47.05 -15.21
N ALA A 394 -49.27 -46.40 -16.25
CA ALA A 394 -49.31 -44.93 -16.31
C ALA A 394 -50.60 -44.25 -15.81
N HIS A 395 -51.74 -44.55 -16.43
CA HIS A 395 -53.02 -43.94 -16.06
C HIS A 395 -54.07 -45.00 -15.72
N MET A 396 -55.00 -44.63 -14.83
CA MET A 396 -56.07 -45.51 -14.39
C MET A 396 -57.44 -44.81 -14.43
N TRP A 397 -58.47 -45.55 -14.82
CA TRP A 397 -59.84 -45.03 -14.88
C TRP A 397 -60.69 -45.66 -13.80
N PHE A 398 -61.40 -44.83 -13.04
CA PHE A 398 -62.29 -45.26 -11.96
C PHE A 398 -63.04 -44.04 -11.42
N ASP A 399 -64.32 -44.24 -11.09
CA ASP A 399 -65.20 -43.19 -10.58
C ASP A 399 -65.24 -42.03 -11.57
N ASN A 400 -65.50 -42.35 -12.84
CA ASN A 400 -65.58 -41.37 -13.93
C ASN A 400 -64.48 -40.32 -13.74
N GLN A 401 -63.25 -40.79 -13.56
CA GLN A 401 -62.15 -39.85 -13.37
C GLN A 401 -60.80 -40.48 -13.68
N ILE A 402 -60.00 -39.78 -14.46
CA ILE A 402 -58.67 -40.24 -14.83
C ILE A 402 -57.72 -39.95 -13.69
N HIS A 403 -56.94 -40.95 -13.29
CA HIS A 403 -55.97 -40.85 -12.21
C HIS A 403 -54.60 -41.15 -12.79
N GLU A 404 -53.59 -40.41 -12.34
CA GLU A 404 -52.23 -40.62 -12.83
C GLU A 404 -51.39 -41.25 -11.73
N ALA A 405 -50.52 -42.18 -12.14
CA ALA A 405 -49.65 -42.89 -11.23
C ALA A 405 -48.20 -42.47 -11.47
N ASP A 406 -47.38 -42.65 -10.44
CA ASP A 406 -45.98 -42.28 -10.55
C ASP A 406 -45.24 -43.34 -11.37
N THR A 407 -44.64 -42.89 -12.47
CA THR A 407 -43.90 -43.75 -13.37
C THR A 407 -42.42 -43.35 -13.42
N THR A 408 -41.81 -43.10 -12.27
CA THR A 408 -40.41 -42.70 -12.20
C THR A 408 -39.59 -43.67 -11.35
N GLU A 409 -38.41 -44.01 -11.85
CA GLU A 409 -37.45 -44.92 -11.24
C GLU A 409 -37.34 -44.89 -9.72
N ASN A 410 -37.00 -43.73 -9.15
CA ASN A 410 -36.85 -43.60 -7.71
C ASN A 410 -38.15 -43.29 -6.97
N GLN A 411 -39.29 -43.27 -7.65
CA GLN A 411 -40.58 -43.00 -7.03
C GLN A 411 -40.57 -41.66 -6.27
N SER A 412 -40.42 -40.59 -7.05
CA SER A 412 -40.39 -39.23 -6.50
C SER A 412 -41.49 -38.44 -7.20
N GLY A 413 -42.73 -38.59 -6.72
CA GLY A 413 -43.83 -37.88 -7.32
C GLY A 413 -45.10 -37.73 -6.53
N ALA A 414 -46.24 -37.86 -7.20
CA ALA A 414 -47.55 -37.73 -6.59
C ALA A 414 -48.33 -39.04 -6.51
N ALA A 415 -48.90 -39.31 -5.34
CA ALA A 415 -49.70 -40.52 -5.15
C ALA A 415 -51.03 -40.30 -5.88
N PHE A 416 -51.86 -41.34 -5.97
CA PHE A 416 -53.12 -41.15 -6.68
C PHE A 416 -54.38 -41.20 -5.82
N ASP A 417 -54.35 -40.79 -4.54
CA ASP A 417 -55.56 -40.82 -3.72
C ASP A 417 -56.10 -42.23 -3.44
N LYS A 418 -55.40 -43.00 -2.62
CA LYS A 418 -55.79 -44.37 -2.28
C LYS A 418 -56.82 -44.43 -1.13
N THR A 419 -57.92 -43.67 -1.23
CA THR A 419 -58.92 -43.68 -0.17
C THR A 419 -60.31 -44.17 -0.57
N SER A 420 -60.55 -44.52 -1.83
CA SER A 420 -61.87 -44.98 -2.21
C SER A 420 -61.93 -46.50 -2.23
N ALA A 421 -63.14 -47.04 -2.12
CA ALA A 421 -63.30 -48.49 -2.14
C ALA A 421 -63.08 -49.03 -3.54
N THR A 422 -63.40 -48.20 -4.54
CA THR A 422 -63.20 -48.59 -5.93
C THR A 422 -61.77 -49.03 -6.17
N TRP A 423 -60.81 -48.24 -5.69
CA TRP A 423 -59.40 -48.58 -5.86
C TRP A 423 -59.09 -49.93 -5.22
N SER A 424 -59.66 -50.21 -4.05
CA SER A 424 -59.40 -51.48 -3.39
C SER A 424 -59.91 -52.63 -4.26
N ALA A 425 -61.13 -52.50 -4.78
CA ALA A 425 -61.66 -53.55 -5.65
C ALA A 425 -60.78 -53.72 -6.86
N LEU A 426 -60.24 -52.61 -7.38
CA LEU A 426 -59.36 -52.68 -8.54
C LEU A 426 -58.09 -53.44 -8.20
N SER A 427 -57.55 -53.18 -7.01
CA SER A 427 -56.34 -53.88 -6.59
C SER A 427 -56.62 -55.37 -6.47
N ARG A 428 -57.82 -55.73 -6.03
CA ARG A 428 -58.12 -57.15 -5.91
C ARG A 428 -58.26 -57.79 -7.29
N ILE A 429 -58.86 -57.07 -8.23
CA ILE A 429 -59.03 -57.61 -9.58
C ILE A 429 -57.67 -57.86 -10.23
N ALA A 430 -56.85 -56.81 -10.31
CA ALA A 430 -55.53 -56.94 -10.92
C ALA A 430 -54.61 -57.89 -10.16
N ALA A 431 -54.54 -57.78 -8.83
CA ALA A 431 -53.66 -58.64 -8.05
C ALA A 431 -54.07 -60.11 -8.08
N LEU A 432 -55.36 -60.40 -8.31
CA LEU A 432 -55.77 -61.80 -8.33
C LEU A 432 -55.72 -62.36 -9.75
N CYS A 433 -56.43 -61.73 -10.69
CA CYS A 433 -56.46 -62.19 -12.08
C CYS A 433 -55.14 -61.78 -12.75
N ASN A 434 -54.07 -62.46 -12.32
CA ASN A 434 -52.70 -62.25 -12.82
C ASN A 434 -51.90 -63.46 -12.34
N ARG A 435 -51.17 -64.09 -13.26
CA ARG A 435 -50.37 -65.27 -12.97
C ARG A 435 -48.86 -65.06 -12.78
N ALA A 436 -48.33 -63.85 -12.96
CA ALA A 436 -46.90 -63.66 -12.78
C ALA A 436 -46.53 -63.46 -11.31
N VAL A 437 -45.28 -63.81 -10.98
CA VAL A 437 -44.77 -63.69 -9.61
C VAL A 437 -43.29 -63.33 -9.65
N PHE A 438 -42.87 -62.50 -8.69
CA PHE A 438 -41.47 -62.09 -8.59
C PHE A 438 -40.57 -63.32 -8.56
N GLN A 439 -39.38 -63.18 -9.13
CA GLN A 439 -38.43 -64.29 -9.16
C GLN A 439 -37.86 -64.52 -7.78
N ALA A 440 -37.77 -65.78 -7.38
CA ALA A 440 -37.23 -66.13 -6.07
C ALA A 440 -35.95 -65.35 -5.77
N GLY A 441 -35.73 -64.99 -4.52
CA GLY A 441 -34.54 -64.24 -4.15
C GLY A 441 -34.35 -62.81 -4.62
N GLN A 442 -35.39 -61.98 -4.55
CA GLN A 442 -35.31 -60.57 -4.96
C GLN A 442 -35.62 -59.68 -3.77
N ASP A 443 -35.70 -60.27 -2.58
CA ASP A 443 -35.97 -59.64 -1.30
C ASP A 443 -35.10 -58.42 -1.03
N ASN A 444 -34.07 -58.21 -1.84
CA ASN A 444 -33.14 -57.10 -1.67
C ASN A 444 -33.33 -55.94 -2.65
N VAL A 445 -33.51 -56.20 -3.94
CA VAL A 445 -33.69 -55.11 -4.92
C VAL A 445 -34.95 -54.29 -4.63
N PRO A 446 -35.15 -53.17 -5.31
CA PRO A 446 -36.35 -52.36 -5.08
C PRO A 446 -37.55 -52.98 -5.80
N ILE A 447 -38.72 -52.43 -5.51
CA ILE A 447 -39.96 -52.94 -6.12
C ILE A 447 -40.01 -52.79 -7.63
N LEU A 448 -39.33 -51.79 -8.20
CA LEU A 448 -39.42 -51.69 -9.66
C LEU A 448 -38.33 -52.43 -10.42
N LYS A 449 -37.10 -52.46 -9.91
CA LYS A 449 -36.02 -53.15 -10.61
C LYS A 449 -35.95 -54.67 -10.40
N ARG A 450 -36.91 -55.31 -9.74
CA ARG A 450 -36.75 -56.76 -9.58
C ARG A 450 -37.27 -57.53 -10.80
N SER A 451 -36.80 -58.77 -10.90
CA SER A 451 -37.15 -59.68 -11.98
C SER A 451 -38.51 -60.32 -11.76
N VAL A 452 -39.37 -60.29 -12.78
CA VAL A 452 -40.70 -60.87 -12.72
C VAL A 452 -40.89 -61.80 -13.91
N ALA A 453 -41.28 -63.05 -13.62
CA ALA A 453 -41.51 -64.07 -14.65
C ALA A 453 -42.91 -63.96 -15.21
N GLY A 454 -43.04 -63.53 -16.45
CA GLY A 454 -44.35 -63.40 -17.07
C GLY A 454 -44.34 -62.35 -18.16
N ASP A 455 -45.54 -62.05 -18.65
CA ASP A 455 -45.71 -61.06 -19.70
C ASP A 455 -45.39 -59.68 -19.13
N ALA A 456 -45.21 -58.70 -20.01
CA ALA A 456 -44.90 -57.37 -19.50
C ALA A 456 -46.12 -56.66 -18.92
N SER A 457 -47.32 -57.09 -19.28
CA SER A 457 -48.52 -56.44 -18.76
C SER A 457 -48.80 -56.93 -17.35
N GLU A 458 -48.77 -58.25 -17.15
CA GLU A 458 -49.02 -58.76 -15.80
C GLU A 458 -47.91 -58.30 -14.88
N SER A 459 -46.70 -58.12 -15.41
CA SER A 459 -45.59 -57.67 -14.58
C SER A 459 -45.81 -56.22 -14.16
N ALA A 460 -46.24 -55.37 -15.09
CA ALA A 460 -46.47 -53.97 -14.73
C ALA A 460 -47.59 -53.87 -13.69
N LEU A 461 -48.65 -54.67 -13.87
CA LEU A 461 -49.76 -54.63 -12.93
C LEU A 461 -49.32 -55.14 -11.56
N LEU A 462 -48.55 -56.23 -11.54
CA LEU A 462 -48.07 -56.78 -10.29
C LEU A 462 -47.21 -55.78 -9.55
N LYS A 463 -46.36 -55.06 -10.28
CA LYS A 463 -45.51 -54.07 -9.63
C LYS A 463 -46.31 -52.91 -9.06
N CYS A 464 -47.34 -52.45 -9.79
CA CYS A 464 -48.11 -51.32 -9.26
C CYS A 464 -48.89 -51.74 -8.00
N ILE A 465 -49.43 -52.96 -7.99
CA ILE A 465 -50.18 -53.41 -6.83
C ILE A 465 -49.22 -53.65 -5.67
N GLU A 466 -48.06 -54.24 -5.94
CA GLU A 466 -47.09 -54.47 -4.88
C GLU A 466 -46.51 -53.16 -4.39
N LEU A 467 -46.65 -52.10 -5.18
CA LEU A 467 -46.12 -50.80 -4.82
C LEU A 467 -47.00 -50.05 -3.84
N CYS A 468 -48.30 -49.89 -4.15
CA CYS A 468 -49.12 -49.15 -3.20
C CYS A 468 -50.21 -49.99 -2.52
N CYS A 469 -50.03 -51.31 -2.46
CA CYS A 469 -51.01 -52.18 -1.83
C CYS A 469 -50.33 -53.26 -1.02
N GLY A 470 -49.02 -53.16 -0.80
CA GLY A 470 -48.28 -54.14 -0.05
C GLY A 470 -48.15 -55.47 -0.79
N SER A 471 -47.52 -56.42 -0.10
CA SER A 471 -47.24 -57.76 -0.58
C SER A 471 -48.38 -58.48 -1.29
N VAL A 472 -48.21 -58.74 -2.59
CA VAL A 472 -49.21 -59.44 -3.36
C VAL A 472 -49.25 -60.92 -2.97
N GLN A 473 -48.12 -61.48 -2.53
CA GLN A 473 -48.09 -62.89 -2.16
C GLN A 473 -49.08 -63.21 -1.01
N GLY A 474 -49.38 -62.24 -0.18
CA GLY A 474 -50.30 -62.51 0.91
C GLY A 474 -51.67 -62.14 0.40
N MET A 475 -51.72 -61.15 -0.49
CA MET A 475 -53.01 -60.75 -1.04
C MET A 475 -53.58 -61.91 -1.84
N ARG A 476 -52.68 -62.71 -2.44
CA ARG A 476 -53.04 -63.86 -3.24
C ARG A 476 -53.32 -65.07 -2.36
N ASP A 477 -52.60 -65.23 -1.25
CA ASP A 477 -52.94 -66.38 -0.44
C ASP A 477 -54.16 -66.10 0.43
N ARG A 478 -54.53 -64.84 0.55
CA ARG A 478 -55.69 -64.42 1.33
C ARG A 478 -56.99 -64.81 0.63
N ASN A 479 -56.94 -65.08 -0.68
CA ASN A 479 -58.08 -65.46 -1.52
C ASN A 479 -57.66 -66.61 -2.43
N PRO A 480 -58.10 -67.84 -2.14
CA PRO A 480 -57.73 -69.01 -2.95
C PRO A 480 -58.43 -69.10 -4.30
N LYS A 481 -57.63 -69.19 -5.37
CA LYS A 481 -58.15 -69.30 -6.74
C LYS A 481 -58.75 -70.69 -6.99
N ILE A 482 -60.04 -70.74 -7.31
CA ILE A 482 -60.71 -72.02 -7.55
C ILE A 482 -60.52 -72.49 -9.00
N VAL A 483 -60.99 -71.69 -9.97
CA VAL A 483 -60.88 -72.09 -11.38
C VAL A 483 -60.57 -70.90 -12.28
N GLU A 484 -59.64 -71.09 -13.21
CA GLU A 484 -59.21 -70.07 -14.15
C GLU A 484 -59.31 -70.53 -15.60
N ILE A 485 -59.82 -69.66 -16.47
CA ILE A 485 -59.91 -70.00 -17.89
C ILE A 485 -58.89 -69.12 -18.59
N PRO A 486 -57.74 -69.66 -19.02
CA PRO A 486 -56.71 -68.85 -19.68
C PRO A 486 -57.18 -67.98 -20.84
N PHE A 487 -56.40 -66.94 -21.12
CA PHE A 487 -56.69 -66.02 -22.20
C PHE A 487 -56.90 -66.80 -23.48
N ASN A 488 -57.98 -66.49 -24.18
CA ASN A 488 -58.30 -67.16 -25.43
C ASN A 488 -58.28 -66.19 -26.59
N SER A 489 -57.91 -66.71 -27.76
CA SER A 489 -57.85 -65.87 -28.96
C SER A 489 -59.24 -65.46 -29.40
N THR A 490 -60.26 -66.21 -29.00
CA THR A 490 -61.65 -65.93 -29.34
C THR A 490 -62.35 -65.16 -28.24
N ASN A 491 -62.14 -65.58 -26.97
CA ASN A 491 -62.76 -64.90 -25.84
C ASN A 491 -62.18 -63.51 -25.65
N LYS A 492 -60.89 -63.33 -25.95
CA LYS A 492 -60.22 -62.04 -25.80
C LYS A 492 -60.31 -61.53 -24.36
N TYR A 493 -60.20 -62.44 -23.40
CA TYR A 493 -60.29 -62.09 -21.99
C TYR A 493 -59.62 -63.17 -21.13
N GLN A 494 -59.35 -62.79 -19.88
CA GLN A 494 -58.72 -63.67 -18.89
C GLN A 494 -59.55 -63.59 -17.62
N LEU A 495 -60.15 -64.71 -17.21
CA LEU A 495 -60.97 -64.73 -16.01
C LEU A 495 -60.61 -65.86 -15.06
N SER A 496 -61.08 -65.71 -13.83
CA SER A 496 -60.84 -66.69 -12.78
C SER A 496 -61.70 -66.40 -11.55
N ILE A 497 -62.06 -67.47 -10.85
CA ILE A 497 -62.86 -67.41 -9.63
C ILE A 497 -62.03 -67.88 -8.46
N HIS A 498 -62.22 -67.18 -7.34
CA HIS A 498 -61.54 -67.38 -6.09
C HIS A 498 -62.52 -67.22 -4.95
N GLU A 499 -62.12 -67.71 -3.78
CA GLU A 499 -62.96 -67.60 -2.60
C GLU A 499 -62.88 -66.17 -2.09
N ASN A 500 -63.86 -65.77 -1.28
CA ASN A 500 -63.90 -64.41 -0.74
C ASN A 500 -63.39 -64.47 0.69
N GLU A 501 -62.35 -63.69 0.99
CA GLU A 501 -61.79 -63.67 2.33
C GLU A 501 -62.67 -62.98 3.35
N LYS A 502 -63.85 -62.52 2.99
CA LYS A 502 -64.69 -61.87 3.99
C LYS A 502 -65.11 -62.94 4.98
N SER A 503 -64.79 -62.76 6.26
CA SER A 503 -65.19 -63.79 7.20
C SER A 503 -66.69 -63.79 7.44
N SER A 504 -67.41 -62.80 6.91
CA SER A 504 -68.85 -62.70 7.07
C SER A 504 -69.57 -63.08 5.78
N GLU A 505 -68.83 -63.23 4.68
CA GLU A 505 -69.40 -63.60 3.39
C GLU A 505 -68.56 -64.76 2.84
N SER A 506 -69.18 -65.91 2.69
CA SER A 506 -68.53 -67.11 2.19
C SER A 506 -68.79 -67.32 0.70
N ARG A 507 -69.34 -66.31 0.02
CA ARG A 507 -69.64 -66.41 -1.41
C ARG A 507 -68.38 -66.57 -2.26
N TYR A 508 -68.56 -66.59 -3.57
CA TYR A 508 -67.46 -66.73 -4.52
C TYR A 508 -67.29 -65.47 -5.33
N LEU A 509 -66.03 -65.10 -5.55
CA LEU A 509 -65.67 -63.92 -6.31
C LEU A 509 -65.20 -64.33 -7.69
N LEU A 510 -65.62 -63.57 -8.71
CA LEU A 510 -65.24 -63.82 -10.10
C LEU A 510 -64.63 -62.55 -10.63
N VAL A 511 -63.48 -62.66 -11.27
CA VAL A 511 -62.80 -61.49 -11.82
C VAL A 511 -62.39 -61.80 -13.24
N MET A 512 -62.35 -60.75 -14.06
CA MET A 512 -61.96 -60.92 -15.45
C MET A 512 -61.41 -59.60 -15.97
N LYS A 513 -60.41 -59.71 -16.84
CA LYS A 513 -59.76 -58.58 -17.46
C LYS A 513 -59.71 -58.83 -18.96
N GLY A 514 -59.55 -57.75 -19.72
CA GLY A 514 -59.50 -57.90 -21.16
C GLY A 514 -59.61 -56.56 -21.85
N ALA A 515 -59.71 -56.63 -23.18
CA ALA A 515 -59.83 -55.40 -23.97
C ALA A 515 -61.04 -54.60 -23.48
N PRO A 516 -60.93 -53.29 -23.36
CA PRO A 516 -62.08 -52.50 -22.89
C PRO A 516 -63.34 -52.62 -23.72
N GLU A 517 -63.24 -52.85 -25.03
CA GLU A 517 -64.46 -52.99 -25.82
C GLU A 517 -65.19 -54.28 -25.49
N ARG A 518 -64.46 -55.40 -25.47
CA ARG A 518 -65.07 -56.69 -25.16
C ARG A 518 -65.66 -56.67 -23.75
N ILE A 519 -64.93 -56.14 -22.78
CA ILE A 519 -65.43 -56.10 -21.41
C ILE A 519 -66.61 -55.13 -21.30
N LEU A 520 -66.61 -54.05 -22.09
CA LEU A 520 -67.73 -53.12 -22.02
C LEU A 520 -69.00 -53.81 -22.50
N ASP A 521 -68.86 -54.70 -23.48
CA ASP A 521 -70.03 -55.41 -23.96
C ASP A 521 -70.51 -56.49 -22.98
N ARG A 522 -69.83 -56.66 -21.84
CA ARG A 522 -70.20 -57.66 -20.86
C ARG A 522 -70.58 -57.08 -19.50
N CYS A 523 -70.95 -55.81 -19.42
CA CYS A 523 -71.32 -55.26 -18.13
C CYS A 523 -72.67 -54.58 -18.22
N SER A 524 -73.20 -54.26 -17.05
CA SER A 524 -74.49 -53.60 -16.94
C SER A 524 -74.55 -52.76 -15.68
N THR A 525 -73.48 -52.74 -14.89
CA THR A 525 -73.39 -51.99 -13.66
C THR A 525 -72.02 -51.33 -13.63
N ILE A 526 -71.87 -50.39 -12.71
CA ILE A 526 -70.62 -49.65 -12.55
C ILE A 526 -70.45 -49.36 -11.07
N LEU A 527 -69.27 -49.68 -10.55
CA LEU A 527 -68.94 -49.46 -9.15
C LEU A 527 -68.51 -48.01 -9.02
N LEU A 528 -69.44 -47.15 -8.65
CA LEU A 528 -69.16 -45.72 -8.48
C LEU A 528 -69.00 -45.39 -7.01
N ASN A 529 -67.80 -44.91 -6.67
CA ASN A 529 -67.42 -44.51 -5.31
C ASN A 529 -67.71 -45.61 -4.29
N GLY A 530 -67.94 -46.82 -4.75
CA GLY A 530 -68.23 -47.94 -3.88
C GLY A 530 -69.58 -48.56 -4.20
N ALA A 531 -70.63 -47.74 -4.19
CA ALA A 531 -71.95 -48.28 -4.49
C ALA A 531 -72.01 -48.70 -5.96
N GLU A 532 -73.13 -49.31 -6.35
CA GLU A 532 -73.27 -49.72 -7.74
C GLU A 532 -74.32 -48.86 -8.41
N GLU A 533 -74.24 -48.79 -9.72
CA GLU A 533 -75.18 -47.99 -10.50
C GLU A 533 -75.35 -48.63 -11.87
N PRO A 534 -76.40 -48.28 -12.61
CA PRO A 534 -76.60 -48.86 -13.94
C PRO A 534 -75.57 -48.33 -14.93
N LEU A 535 -75.57 -48.93 -16.12
CA LEU A 535 -74.64 -48.55 -17.19
C LEU A 535 -75.29 -47.67 -18.24
N LYS A 536 -76.07 -46.66 -17.85
CA LYS A 536 -76.70 -45.78 -18.83
C LYS A 536 -75.65 -45.18 -19.77
N GLU A 537 -76.14 -44.74 -20.95
CA GLU A 537 -75.27 -44.17 -21.98
C GLU A 537 -74.43 -42.98 -21.50
N ASP A 538 -74.78 -42.33 -20.40
CA ASP A 538 -73.96 -41.21 -19.95
C ASP A 538 -72.57 -41.71 -19.57
N MET A 539 -72.52 -42.75 -18.74
CA MET A 539 -71.23 -43.27 -18.36
C MET A 539 -70.62 -44.09 -19.48
N LYS A 540 -71.44 -44.58 -20.42
CA LYS A 540 -70.89 -45.35 -21.53
C LYS A 540 -70.12 -44.40 -22.44
N GLU A 541 -70.58 -43.16 -22.54
CA GLU A 541 -69.89 -42.19 -23.36
C GLU A 541 -68.70 -41.65 -22.60
N ALA A 542 -68.80 -41.59 -21.26
CA ALA A 542 -67.65 -41.13 -20.51
C ALA A 542 -66.55 -42.18 -20.60
N PHE A 543 -66.95 -43.44 -20.79
CA PHE A 543 -66.00 -44.53 -20.92
C PHE A 543 -65.38 -44.51 -22.30
N GLN A 544 -66.13 -44.03 -23.30
CA GLN A 544 -65.57 -43.98 -24.64
C GLN A 544 -64.56 -42.85 -24.72
N ASN A 545 -64.88 -41.70 -24.11
CA ASN A 545 -63.93 -40.60 -24.15
C ASN A 545 -62.69 -40.96 -23.33
N ALA A 546 -62.87 -41.74 -22.25
CA ALA A 546 -61.71 -42.12 -21.47
C ALA A 546 -60.84 -43.09 -22.27
N TYR A 547 -61.47 -43.97 -23.04
CA TYR A 547 -60.73 -44.91 -23.85
C TYR A 547 -59.90 -44.17 -24.89
N LEU A 548 -60.50 -43.17 -25.54
CA LEU A 548 -59.73 -42.42 -26.53
C LEU A 548 -58.69 -41.52 -25.89
N GLU A 549 -58.89 -41.15 -24.62
CA GLU A 549 -57.92 -40.29 -23.95
C GLU A 549 -56.67 -41.10 -23.65
N LEU A 550 -56.85 -42.28 -23.06
CA LEU A 550 -55.70 -43.11 -22.75
C LEU A 550 -55.07 -43.67 -24.02
N GLY A 551 -55.88 -43.89 -25.07
CA GLY A 551 -55.34 -44.41 -26.32
C GLY A 551 -54.51 -43.37 -27.05
N GLY A 552 -55.01 -42.13 -27.12
CA GLY A 552 -54.28 -41.07 -27.80
C GLY A 552 -52.95 -40.76 -27.14
N LEU A 553 -52.80 -41.12 -25.87
CA LEU A 553 -51.58 -40.90 -25.13
C LEU A 553 -50.51 -41.92 -25.47
N GLY A 554 -50.75 -42.75 -26.48
CA GLY A 554 -49.79 -43.76 -26.89
C GLY A 554 -49.72 -44.94 -25.94
N GLU A 555 -50.65 -45.02 -25.00
CA GLU A 555 -50.71 -46.09 -24.02
C GLU A 555 -51.67 -47.20 -24.42
N ARG A 556 -51.48 -48.36 -23.80
CA ARG A 556 -52.29 -49.56 -24.02
C ARG A 556 -53.21 -49.67 -22.82
N VAL A 557 -54.52 -49.72 -23.07
CA VAL A 557 -55.50 -49.80 -21.99
C VAL A 557 -56.15 -51.18 -21.91
N LEU A 558 -56.49 -51.56 -20.67
CA LEU A 558 -57.14 -52.81 -20.32
C LEU A 558 -58.31 -52.50 -19.41
N GLY A 559 -59.32 -53.36 -19.43
CA GLY A 559 -60.52 -53.20 -18.61
C GLY A 559 -60.60 -54.33 -17.59
N PHE A 560 -61.00 -53.97 -16.37
CA PHE A 560 -61.13 -54.91 -15.27
C PHE A 560 -62.54 -54.88 -14.69
N CYS A 561 -63.12 -56.06 -14.50
CA CYS A 561 -64.46 -56.14 -13.93
C CYS A 561 -64.54 -57.38 -13.06
N HIS A 562 -65.55 -57.40 -12.20
CA HIS A 562 -65.72 -58.53 -11.29
C HIS A 562 -67.21 -58.66 -10.95
N PHE A 563 -67.53 -59.77 -10.29
CA PHE A 563 -68.91 -60.03 -9.91
C PHE A 563 -68.95 -61.04 -8.78
N ALA A 564 -69.93 -60.85 -7.89
CA ALA A 564 -70.13 -61.72 -6.75
C ALA A 564 -71.10 -62.82 -7.17
N LEU A 565 -70.61 -64.04 -7.24
CA LEU A 565 -71.47 -65.15 -7.65
C LEU A 565 -72.42 -65.48 -6.51
N PRO A 566 -73.72 -65.62 -6.78
CA PRO A 566 -74.68 -65.94 -5.71
C PRO A 566 -74.41 -67.32 -5.15
N GLU A 567 -74.13 -67.37 -3.84
CA GLU A 567 -73.86 -68.66 -3.21
C GLU A 567 -75.08 -69.55 -3.14
N ASP A 568 -76.25 -69.07 -3.55
CA ASP A 568 -77.46 -69.87 -3.52
C ASP A 568 -77.59 -70.72 -4.77
N LYS A 569 -77.08 -70.23 -5.90
CA LYS A 569 -77.14 -70.95 -7.16
C LYS A 569 -75.84 -71.70 -7.42
N TYR A 570 -74.77 -71.33 -6.69
CA TYR A 570 -73.44 -71.93 -6.80
C TYR A 570 -72.93 -71.98 -5.35
N ASN A 571 -73.25 -73.05 -4.63
CA ASN A 571 -72.83 -73.21 -3.25
C ASN A 571 -71.30 -73.34 -3.14
N GLU A 572 -70.83 -73.34 -1.88
CA GLU A 572 -69.40 -73.46 -1.61
C GLU A 572 -68.84 -74.82 -1.99
N GLY A 573 -69.70 -75.81 -2.20
CA GLY A 573 -69.24 -77.13 -2.55
C GLY A 573 -69.26 -77.42 -4.04
N TYR A 574 -70.05 -76.67 -4.79
CA TYR A 574 -70.15 -76.90 -6.23
C TYR A 574 -68.84 -76.57 -6.95
N PRO A 575 -68.34 -77.47 -7.81
CA PRO A 575 -67.10 -77.20 -8.53
C PRO A 575 -67.40 -76.70 -9.94
N PHE A 576 -66.92 -75.52 -10.30
CA PHE A 576 -67.16 -74.96 -11.62
C PHE A 576 -66.07 -75.37 -12.60
N ASP A 577 -66.16 -76.61 -13.10
CA ASP A 577 -65.17 -77.08 -14.05
C ASP A 577 -65.22 -76.22 -15.31
N ALA A 578 -64.04 -75.88 -15.85
CA ALA A 578 -63.96 -75.05 -17.05
C ALA A 578 -64.35 -75.81 -18.31
N ASP A 579 -65.66 -75.99 -18.48
CA ASP A 579 -66.16 -76.70 -19.66
C ASP A 579 -67.37 -76.02 -20.31
N GLU A 580 -68.40 -75.74 -19.52
CA GLU A 580 -69.64 -75.11 -19.96
C GLU A 580 -69.87 -73.73 -19.32
N PRO A 581 -71.01 -73.04 -19.62
CA PRO A 581 -71.23 -71.72 -19.00
C PRO A 581 -71.62 -71.79 -17.54
N ASN A 582 -70.61 -71.84 -16.68
CA ASN A 582 -70.84 -71.90 -15.24
C ASN A 582 -70.82 -70.52 -14.63
N PHE A 583 -70.36 -69.50 -15.36
CA PHE A 583 -70.32 -68.16 -14.85
C PHE A 583 -71.04 -67.22 -15.80
N PRO A 584 -71.76 -66.24 -15.28
CA PRO A 584 -72.47 -65.31 -16.18
C PRO A 584 -71.48 -64.42 -16.91
N THR A 585 -71.34 -64.64 -18.22
CA THR A 585 -70.41 -63.83 -19.00
C THR A 585 -70.82 -62.36 -18.96
N THR A 586 -72.11 -62.09 -19.10
CA THR A 586 -72.63 -60.73 -19.08
C THR A 586 -73.06 -60.38 -17.66
N ASP A 587 -73.69 -59.22 -17.49
CA ASP A 587 -74.18 -58.73 -16.21
C ASP A 587 -73.08 -58.57 -15.17
N LEU A 588 -71.83 -58.38 -15.58
CA LEU A 588 -70.72 -58.22 -14.65
C LEU A 588 -70.69 -56.77 -14.15
N CYS A 589 -69.76 -56.47 -13.23
CA CYS A 589 -69.62 -55.14 -12.67
C CYS A 589 -68.26 -54.59 -13.09
N PHE A 590 -68.27 -53.62 -14.02
CA PHE A 590 -67.05 -53.01 -14.50
C PHE A 590 -66.53 -52.05 -13.43
N VAL A 591 -65.26 -52.16 -13.07
CA VAL A 591 -64.71 -51.27 -12.05
C VAL A 591 -63.89 -50.14 -12.67
N GLY A 592 -63.06 -50.45 -13.68
CA GLY A 592 -62.27 -49.40 -14.27
C GLY A 592 -61.15 -49.83 -15.19
N LEU A 593 -60.73 -48.92 -16.07
CA LEU A 593 -59.66 -49.18 -17.02
C LEU A 593 -58.29 -48.99 -16.37
N MET A 594 -57.29 -49.62 -16.97
CA MET A 594 -55.91 -49.54 -16.49
C MET A 594 -54.97 -49.48 -17.69
N ALA A 595 -54.35 -48.33 -17.92
CA ALA A 595 -53.42 -48.14 -19.02
C ALA A 595 -51.99 -48.41 -18.57
N MET A 596 -51.08 -48.46 -19.54
CA MET A 596 -49.67 -48.71 -19.25
C MET A 596 -48.82 -48.38 -20.46
N ILE A 597 -47.58 -47.94 -20.20
CA ILE A 597 -46.63 -47.58 -21.26
C ILE A 597 -45.25 -47.43 -20.65
N ASP A 598 -44.21 -47.45 -21.50
CA ASP A 598 -42.83 -47.30 -21.02
C ASP A 598 -42.62 -45.81 -20.78
N PRO A 599 -42.43 -45.39 -19.54
CA PRO A 599 -42.23 -43.98 -19.26
C PRO A 599 -40.80 -43.54 -19.47
N PRO A 600 -40.56 -42.23 -19.56
CA PRO A 600 -39.20 -41.72 -19.75
C PRO A 600 -38.49 -41.61 -18.40
N ARG A 601 -37.17 -41.49 -18.48
CA ARG A 601 -36.39 -41.36 -17.25
C ARG A 601 -36.71 -40.03 -16.58
N ALA A 602 -36.55 -40.02 -15.24
CA ALA A 602 -36.82 -38.87 -14.39
C ALA A 602 -36.40 -37.50 -14.91
N ALA A 603 -35.09 -37.27 -15.08
CA ALA A 603 -34.60 -35.98 -15.56
C ALA A 603 -34.58 -35.84 -17.08
N VAL A 604 -35.42 -36.57 -17.81
CA VAL A 604 -35.41 -36.45 -19.27
C VAL A 604 -36.07 -35.14 -19.72
N PRO A 605 -37.31 -34.83 -19.30
CA PRO A 605 -37.91 -33.56 -19.77
C PRO A 605 -37.12 -32.34 -19.36
N ASP A 606 -36.71 -32.27 -18.09
CA ASP A 606 -35.95 -31.12 -17.61
C ASP A 606 -34.64 -30.97 -18.38
N ALA A 607 -33.93 -32.07 -18.62
CA ALA A 607 -32.67 -31.99 -19.35
C ALA A 607 -32.90 -31.54 -20.79
N VAL A 608 -33.93 -32.05 -21.44
CA VAL A 608 -34.18 -31.64 -22.82
C VAL A 608 -34.50 -30.16 -22.85
N GLY A 609 -35.26 -29.68 -21.86
CA GLY A 609 -35.58 -28.27 -21.81
C GLY A 609 -34.35 -27.43 -21.58
N LYS A 610 -33.43 -27.92 -20.74
CA LYS A 610 -32.20 -27.19 -20.46
C LYS A 610 -31.35 -27.10 -21.72
N CYS A 611 -31.30 -28.19 -22.50
CA CYS A 611 -30.52 -28.17 -23.73
C CYS A 611 -31.13 -27.21 -24.74
N ARG A 612 -32.46 -27.22 -24.86
CA ARG A 612 -33.11 -26.30 -25.80
C ARG A 612 -32.90 -24.86 -25.36
N SER A 613 -32.84 -24.62 -24.05
CA SER A 613 -32.63 -23.26 -23.55
C SER A 613 -31.27 -22.74 -23.96
N ALA A 614 -30.28 -23.62 -24.00
CA ALA A 614 -28.92 -23.27 -24.38
C ALA A 614 -28.74 -23.18 -25.89
N GLY A 615 -29.83 -23.24 -26.65
CA GLY A 615 -29.75 -23.17 -28.10
C GLY A 615 -29.31 -24.43 -28.78
N ILE A 616 -29.47 -25.59 -28.15
CA ILE A 616 -29.08 -26.87 -28.73
C ILE A 616 -30.29 -27.50 -29.41
N LYS A 617 -30.17 -27.80 -30.69
CA LYS A 617 -31.26 -28.41 -31.44
C LYS A 617 -31.36 -29.88 -31.08
N VAL A 618 -32.52 -30.29 -30.57
CA VAL A 618 -32.76 -31.67 -30.18
C VAL A 618 -33.53 -32.34 -31.31
N ILE A 619 -32.95 -33.39 -31.89
CA ILE A 619 -33.56 -34.13 -32.99
C ILE A 619 -33.66 -35.58 -32.58
N MET A 620 -34.88 -36.13 -32.61
CA MET A 620 -35.04 -37.52 -32.22
C MET A 620 -34.75 -38.44 -33.39
N VAL A 621 -33.97 -39.49 -33.15
CA VAL A 621 -33.60 -40.46 -34.18
C VAL A 621 -33.80 -41.84 -33.56
N THR A 622 -34.84 -42.55 -33.97
CA THR A 622 -35.08 -43.86 -33.41
C THR A 622 -35.72 -44.80 -34.43
N GLY A 623 -35.48 -46.09 -34.24
CA GLY A 623 -36.00 -47.13 -35.10
C GLY A 623 -37.31 -47.70 -34.60
N ASP A 624 -38.08 -46.89 -33.87
CA ASP A 624 -39.35 -47.31 -33.32
C ASP A 624 -40.53 -46.81 -34.16
N HIS A 625 -41.71 -47.33 -33.82
CA HIS A 625 -42.95 -46.97 -34.51
C HIS A 625 -43.21 -45.46 -34.39
N PRO A 626 -43.52 -44.77 -35.48
CA PRO A 626 -43.75 -43.32 -35.39
C PRO A 626 -44.89 -42.89 -34.48
N ILE A 627 -45.95 -43.71 -34.34
CA ILE A 627 -47.07 -43.33 -33.48
C ILE A 627 -46.61 -43.19 -32.03
N THR A 628 -45.58 -43.93 -31.64
CA THR A 628 -45.07 -43.85 -30.28
C THR A 628 -43.95 -42.83 -30.18
N ALA A 629 -43.14 -42.71 -31.24
CA ALA A 629 -42.05 -41.76 -31.25
C ALA A 629 -42.57 -40.33 -31.15
N LYS A 630 -43.64 -40.02 -31.87
CA LYS A 630 -44.20 -38.67 -31.82
C LYS A 630 -44.72 -38.35 -30.41
N ALA A 631 -45.35 -39.34 -29.77
CA ALA A 631 -45.88 -39.11 -28.43
C ALA A 631 -44.75 -38.88 -27.44
N ILE A 632 -43.69 -39.69 -27.52
CA ILE A 632 -42.58 -39.50 -26.58
C ILE A 632 -41.89 -38.17 -26.87
N ALA A 633 -41.84 -37.76 -28.15
CA ALA A 633 -41.21 -36.50 -28.50
C ALA A 633 -41.97 -35.35 -27.84
N LYS A 634 -43.30 -35.37 -27.97
CA LYS A 634 -44.10 -34.31 -27.36
C LYS A 634 -44.02 -34.37 -25.85
N GLY A 635 -43.84 -35.56 -25.28
CA GLY A 635 -43.75 -35.71 -23.84
C GLY A 635 -42.43 -35.29 -23.24
N VAL A 636 -41.34 -35.31 -24.02
CA VAL A 636 -40.04 -34.92 -23.50
C VAL A 636 -39.63 -33.51 -23.90
N GLY A 637 -40.32 -32.88 -24.84
CA GLY A 637 -40.00 -31.54 -25.27
C GLY A 637 -39.43 -31.40 -26.67
N ILE A 638 -39.21 -32.50 -27.40
CA ILE A 638 -38.67 -32.35 -28.75
C ILE A 638 -39.68 -31.65 -29.65
N ILE A 639 -40.95 -32.02 -29.53
CA ILE A 639 -42.01 -31.40 -30.32
C ILE A 639 -42.79 -30.55 -29.33
N SER A 640 -42.41 -29.28 -29.21
CA SER A 640 -43.07 -28.38 -28.28
C SER A 640 -44.58 -28.41 -28.48
N GLU A 641 -45.30 -28.36 -27.36
CA GLU A 641 -46.76 -28.38 -27.42
C GLU A 641 -47.22 -27.14 -28.17
N GLY A 642 -48.00 -27.35 -29.22
CA GLY A 642 -48.53 -26.29 -30.05
C GLY A 642 -48.05 -26.37 -31.49
N ASN A 643 -46.83 -26.85 -31.70
CA ASN A 643 -46.29 -26.97 -33.05
C ASN A 643 -47.10 -28.05 -33.78
N GLU A 644 -47.08 -28.02 -35.11
CA GLU A 644 -47.86 -29.01 -35.83
C GLU A 644 -47.20 -29.51 -37.11
N THR A 645 -47.53 -30.76 -37.45
CA THR A 645 -47.07 -31.50 -38.62
C THR A 645 -48.09 -31.30 -39.75
N ILE A 646 -47.66 -31.61 -40.98
CA ILE A 646 -48.54 -31.44 -42.14
C ILE A 646 -49.78 -32.34 -42.03
N GLU A 647 -49.65 -33.54 -41.47
CA GLU A 647 -50.82 -34.39 -41.36
C GLU A 647 -51.78 -33.85 -40.33
N ASP A 648 -51.26 -33.23 -39.27
CA ASP A 648 -52.13 -32.66 -38.26
C ASP A 648 -52.98 -31.54 -38.84
N ILE A 649 -52.38 -30.74 -39.73
CA ILE A 649 -53.12 -29.64 -40.34
C ILE A 649 -54.18 -30.21 -41.28
N ALA A 650 -53.82 -31.25 -42.04
CA ALA A 650 -54.81 -31.83 -42.95
C ALA A 650 -55.96 -32.46 -42.18
N ALA A 651 -55.69 -32.93 -40.95
CA ALA A 651 -56.74 -33.53 -40.16
C ALA A 651 -57.60 -32.46 -39.48
N ARG A 652 -56.99 -31.34 -39.10
CA ARG A 652 -57.74 -30.27 -38.44
C ARG A 652 -58.63 -29.54 -39.44
N LEU A 653 -58.26 -29.54 -40.72
CA LEU A 653 -59.05 -28.87 -41.75
C LEU A 653 -59.97 -29.80 -42.53
N ASN A 654 -59.62 -31.08 -42.64
CA ASN A 654 -60.39 -32.11 -43.35
C ASN A 654 -60.16 -31.99 -44.85
N ILE A 655 -58.90 -31.78 -45.23
CA ILE A 655 -58.52 -31.64 -46.63
C ILE A 655 -57.34 -32.56 -46.90
N PRO A 656 -57.07 -32.90 -48.16
CA PRO A 656 -55.95 -33.79 -48.47
C PRO A 656 -54.63 -33.17 -48.00
N ILE A 657 -53.62 -34.02 -47.87
CA ILE A 657 -52.31 -33.54 -47.42
C ILE A 657 -51.49 -32.90 -48.54
N GLY A 658 -51.76 -33.23 -49.80
CA GLY A 658 -51.00 -32.64 -50.90
C GLY A 658 -51.30 -31.18 -51.16
N GLN A 659 -52.29 -30.60 -50.49
CA GLN A 659 -52.65 -29.20 -50.68
C GLN A 659 -51.92 -28.23 -49.76
N VAL A 660 -51.74 -28.58 -48.48
CA VAL A 660 -51.07 -27.71 -47.54
C VAL A 660 -49.61 -27.45 -47.92
N ASN A 661 -49.11 -26.26 -47.52
CA ASN A 661 -47.74 -25.83 -47.78
C ASN A 661 -46.86 -26.33 -46.64
N PRO A 662 -45.73 -26.97 -46.91
CA PRO A 662 -44.86 -27.48 -45.83
C PRO A 662 -44.11 -26.40 -45.05
N ARG A 663 -44.22 -25.12 -45.42
CA ARG A 663 -43.50 -24.11 -44.67
C ARG A 663 -44.23 -23.70 -43.40
N ASP A 664 -45.54 -23.95 -43.33
CA ASP A 664 -46.34 -23.61 -42.18
C ASP A 664 -46.23 -24.65 -41.06
N ALA A 665 -45.43 -25.69 -41.24
CA ALA A 665 -45.24 -26.76 -40.26
C ALA A 665 -43.82 -26.69 -39.70
N LYS A 666 -43.72 -26.38 -38.41
CA LYS A 666 -42.43 -26.28 -37.74
C LYS A 666 -41.80 -27.64 -37.45
N ALA A 667 -42.59 -28.62 -37.00
CA ALA A 667 -42.11 -29.95 -36.67
C ALA A 667 -42.50 -30.98 -37.71
N CYS A 668 -41.59 -31.93 -37.97
CA CYS A 668 -41.85 -32.97 -38.96
C CYS A 668 -41.39 -34.35 -38.51
N VAL A 669 -42.20 -35.36 -38.86
CA VAL A 669 -41.96 -36.77 -38.56
C VAL A 669 -41.55 -37.43 -39.86
N VAL A 670 -40.27 -37.78 -39.99
CA VAL A 670 -39.75 -38.42 -41.20
C VAL A 670 -39.68 -39.92 -40.99
N HIS A 671 -40.41 -40.67 -41.82
CA HIS A 671 -40.43 -42.12 -41.73
C HIS A 671 -39.20 -42.72 -42.41
N GLY A 672 -38.72 -43.84 -41.86
CA GLY A 672 -37.55 -44.48 -42.43
C GLY A 672 -37.75 -44.96 -43.86
N SER A 673 -38.90 -45.58 -44.14
CA SER A 673 -39.19 -46.06 -45.48
C SER A 673 -39.05 -44.93 -46.48
N ASP A 674 -39.49 -43.74 -46.09
CA ASP A 674 -39.39 -42.58 -46.97
C ASP A 674 -37.98 -42.04 -46.98
N LEU A 675 -37.24 -42.21 -45.88
CA LEU A 675 -35.87 -41.74 -45.79
C LEU A 675 -34.97 -42.50 -46.76
N LYS A 676 -35.31 -43.75 -47.05
CA LYS A 676 -34.51 -44.55 -47.96
C LYS A 676 -34.45 -43.96 -49.36
N ASP A 677 -35.52 -43.30 -49.81
CA ASP A 677 -35.63 -42.69 -51.13
C ASP A 677 -35.39 -41.18 -51.12
N LEU A 678 -34.43 -40.64 -50.39
CA LEU A 678 -34.25 -39.18 -50.40
C LEU A 678 -32.84 -38.75 -50.77
N SER A 679 -32.78 -37.71 -51.60
CA SER A 679 -31.54 -37.11 -52.09
C SER A 679 -30.81 -36.36 -50.97
N THR A 680 -29.58 -35.95 -51.27
CA THR A 680 -28.78 -35.21 -50.29
C THR A 680 -29.38 -33.84 -49.98
N GLU A 681 -29.79 -33.11 -51.02
CA GLU A 681 -30.37 -31.80 -50.83
C GLU A 681 -31.65 -31.88 -50.02
N VAL A 682 -32.47 -32.91 -50.26
CA VAL A 682 -33.72 -33.03 -49.51
C VAL A 682 -33.43 -33.13 -48.02
N LEU A 683 -32.44 -33.93 -47.63
CA LEU A 683 -32.14 -34.04 -46.20
C LEU A 683 -31.64 -32.70 -45.68
N ASP A 684 -30.86 -31.99 -46.49
CA ASP A 684 -30.37 -30.68 -46.05
C ASP A 684 -31.54 -29.76 -45.79
N ASP A 685 -32.54 -29.78 -46.68
CA ASP A 685 -33.72 -28.94 -46.52
C ASP A 685 -34.56 -29.38 -45.33
N ILE A 686 -34.60 -30.69 -45.06
CA ILE A 686 -35.38 -31.18 -43.93
C ILE A 686 -34.81 -30.61 -42.64
N LEU A 687 -33.48 -30.57 -42.53
CA LEU A 687 -32.87 -30.02 -41.33
C LEU A 687 -32.83 -28.50 -41.35
N HIS A 688 -32.87 -27.90 -42.53
CA HIS A 688 -32.83 -26.45 -42.72
C HIS A 688 -34.18 -25.75 -42.52
N TYR A 689 -35.30 -26.45 -42.68
CA TYR A 689 -36.60 -25.82 -42.52
C TYR A 689 -37.42 -26.28 -41.33
N HIS A 690 -37.15 -27.47 -40.79
CA HIS A 690 -37.88 -27.98 -39.65
C HIS A 690 -37.05 -27.86 -38.39
N THR A 691 -37.61 -27.22 -37.37
CA THR A 691 -36.92 -27.02 -36.10
C THR A 691 -37.08 -28.19 -35.13
N GLU A 692 -38.19 -28.92 -35.20
CA GLU A 692 -38.45 -30.06 -34.32
C GLU A 692 -38.62 -31.27 -35.24
N ILE A 693 -37.51 -31.98 -35.47
CA ILE A 693 -37.49 -33.15 -36.34
C ILE A 693 -37.43 -34.45 -35.55
N VAL A 694 -38.17 -35.44 -36.05
CA VAL A 694 -38.23 -36.77 -35.43
C VAL A 694 -38.14 -37.80 -36.55
N PHE A 695 -37.04 -38.56 -36.58
CA PHE A 695 -36.79 -39.59 -37.57
C PHE A 695 -37.25 -40.91 -36.95
N ALA A 696 -38.28 -41.51 -37.51
CA ALA A 696 -38.82 -42.77 -37.00
C ALA A 696 -38.62 -43.91 -38.00
N ARG A 697 -38.57 -45.14 -37.45
CA ARG A 697 -38.39 -46.37 -38.23
C ARG A 697 -37.11 -46.34 -39.06
N THR A 698 -36.04 -45.79 -38.50
CA THR A 698 -34.76 -45.72 -39.20
C THR A 698 -33.83 -46.84 -38.77
N SER A 699 -33.21 -47.49 -39.75
CA SER A 699 -32.28 -48.59 -39.51
C SER A 699 -30.94 -48.03 -39.00
N PRO A 700 -30.08 -48.87 -38.39
CA PRO A 700 -28.80 -48.33 -37.90
C PRO A 700 -27.98 -47.61 -38.97
N GLN A 701 -28.00 -48.19 -40.17
CA GLN A 701 -27.26 -47.61 -41.27
C GLN A 701 -27.81 -46.23 -41.57
N GLN A 702 -29.14 -46.06 -41.46
CA GLN A 702 -29.75 -44.76 -41.71
C GLN A 702 -29.38 -43.74 -40.61
N LYS A 703 -29.22 -44.23 -39.36
CA LYS A 703 -28.87 -43.35 -38.26
C LYS A 703 -27.54 -42.66 -38.57
N LEU A 704 -26.64 -43.40 -39.24
CA LEU A 704 -25.36 -42.78 -39.56
C LEU A 704 -25.52 -41.69 -40.61
N ILE A 705 -26.39 -41.92 -41.59
CA ILE A 705 -26.64 -40.95 -42.65
C ILE A 705 -27.19 -39.66 -42.06
N ILE A 706 -28.02 -39.77 -41.04
CA ILE A 706 -28.59 -38.57 -40.42
C ILE A 706 -27.49 -37.78 -39.73
N VAL A 707 -26.61 -38.46 -38.99
CA VAL A 707 -25.54 -37.72 -38.32
C VAL A 707 -24.69 -36.99 -39.35
N GLU A 708 -24.37 -37.66 -40.45
CA GLU A 708 -23.57 -37.03 -41.50
C GLU A 708 -24.30 -35.85 -42.10
N GLY A 709 -25.63 -35.96 -42.26
CA GLY A 709 -26.39 -34.85 -42.82
C GLY A 709 -26.30 -33.64 -41.93
N CYS A 710 -26.06 -33.87 -40.63
CA CYS A 710 -25.95 -32.72 -39.74
C CYS A 710 -24.56 -32.12 -39.86
N GLN A 711 -23.53 -32.96 -40.03
CA GLN A 711 -22.15 -32.47 -40.14
C GLN A 711 -21.77 -31.84 -41.49
N ARG A 712 -22.40 -32.24 -42.60
CA ARG A 712 -22.05 -31.66 -43.89
C ARG A 712 -22.17 -30.14 -43.89
N GLN A 713 -22.99 -29.59 -43.00
CA GLN A 713 -23.20 -28.15 -42.93
C GLN A 713 -22.30 -27.39 -41.96
N GLY A 714 -21.42 -28.03 -41.17
CA GLY A 714 -20.61 -27.22 -40.29
C GLY A 714 -20.73 -27.27 -38.74
N ALA A 715 -21.32 -28.30 -38.12
CA ALA A 715 -21.42 -28.22 -36.67
C ALA A 715 -21.08 -29.53 -35.96
N ILE A 716 -20.82 -29.40 -34.62
CA ILE A 716 -20.46 -30.50 -33.74
C ILE A 716 -21.68 -31.35 -33.41
N VAL A 717 -21.48 -32.66 -33.26
CA VAL A 717 -22.55 -33.59 -32.95
C VAL A 717 -22.19 -34.56 -31.83
N ALA A 718 -23.17 -34.83 -30.98
CA ALA A 718 -23.06 -35.74 -29.84
C ALA A 718 -24.18 -36.75 -29.96
N VAL A 719 -23.85 -38.01 -30.07
CA VAL A 719 -24.85 -39.08 -30.19
C VAL A 719 -24.91 -39.82 -28.87
N THR A 720 -26.11 -39.95 -28.31
CA THR A 720 -26.33 -40.64 -27.03
C THR A 720 -27.14 -41.91 -27.26
N GLY A 721 -26.52 -43.08 -27.03
CA GLY A 721 -27.22 -44.35 -27.22
C GLY A 721 -26.88 -45.49 -26.27
N ASP A 722 -27.45 -46.67 -26.55
CA ASP A 722 -27.20 -47.83 -25.72
C ASP A 722 -27.01 -49.20 -26.38
N GLY A 723 -27.78 -49.51 -27.43
CA GLY A 723 -27.69 -50.79 -28.09
C GLY A 723 -26.67 -50.92 -29.21
N VAL A 724 -26.78 -52.04 -29.92
CA VAL A 724 -25.87 -52.31 -31.04
C VAL A 724 -26.24 -51.47 -32.25
N ASN A 725 -27.53 -51.12 -32.39
CA ASN A 725 -27.92 -50.30 -33.53
C ASN A 725 -27.32 -48.91 -33.44
N ASP A 726 -26.85 -48.54 -32.26
CA ASP A 726 -26.24 -47.25 -32.01
C ASP A 726 -24.73 -47.27 -32.20
N SER A 727 -24.11 -48.44 -32.39
CA SER A 727 -22.66 -48.48 -32.57
C SER A 727 -22.13 -47.62 -33.70
N PRO A 728 -22.64 -47.69 -34.94
CA PRO A 728 -22.08 -46.83 -36.01
C PRO A 728 -22.38 -45.35 -35.87
N ALA A 729 -23.33 -44.96 -35.03
CA ALA A 729 -23.67 -43.54 -34.86
C ALA A 729 -22.77 -42.89 -33.82
N LEU A 730 -22.42 -43.64 -32.78
CA LEU A 730 -21.56 -43.11 -31.73
C LEU A 730 -20.13 -42.94 -32.21
N LYS A 731 -19.70 -43.81 -33.13
CA LYS A 731 -18.35 -43.73 -33.66
C LYS A 731 -18.14 -42.51 -34.54
N LYS A 732 -19.03 -42.27 -35.50
CA LYS A 732 -18.89 -41.13 -36.39
C LYS A 732 -19.25 -39.80 -35.74
N ALA A 733 -19.99 -39.81 -34.64
CA ALA A 733 -20.34 -38.55 -34.00
C ALA A 733 -19.11 -37.94 -33.35
N ASP A 734 -19.14 -36.61 -33.19
CA ASP A 734 -18.02 -35.94 -32.55
C ASP A 734 -17.81 -36.48 -31.16
N ILE A 735 -18.88 -36.94 -30.51
CA ILE A 735 -18.73 -37.49 -29.18
C ILE A 735 -19.87 -38.46 -28.93
N GLY A 736 -19.52 -39.70 -28.62
CA GLY A 736 -20.50 -40.73 -28.35
C GLY A 736 -20.67 -40.86 -26.84
N VAL A 737 -21.90 -41.06 -26.43
CA VAL A 737 -22.27 -41.20 -25.04
C VAL A 737 -23.01 -42.52 -24.95
N ALA A 738 -22.41 -43.49 -24.28
CA ALA A 738 -23.05 -44.77 -24.15
C ALA A 738 -23.55 -44.97 -22.74
N MET A 739 -24.64 -45.72 -22.65
CA MET A 739 -25.19 -45.97 -21.33
C MET A 739 -24.30 -47.03 -20.70
N GLY A 740 -24.17 -46.99 -19.38
CA GLY A 740 -23.32 -47.96 -18.73
C GLY A 740 -23.97 -49.26 -18.30
N ILE A 741 -25.14 -49.20 -17.70
CA ILE A 741 -25.82 -50.40 -17.25
C ILE A 741 -26.66 -51.02 -18.35
N SER A 742 -27.45 -50.21 -19.06
CA SER A 742 -28.31 -50.70 -20.13
C SER A 742 -27.65 -50.69 -21.50
N GLY A 743 -26.36 -50.40 -21.59
CA GLY A 743 -25.72 -50.39 -22.89
C GLY A 743 -25.10 -51.71 -23.31
N SER A 744 -24.86 -51.83 -24.62
CA SER A 744 -24.27 -53.02 -25.21
C SER A 744 -22.75 -52.89 -25.17
N ASP A 745 -22.09 -54.05 -25.19
CA ASP A 745 -20.63 -54.05 -25.14
C ASP A 745 -20.00 -53.42 -26.38
N VAL A 746 -20.59 -53.64 -27.56
CA VAL A 746 -20.02 -53.06 -28.78
C VAL A 746 -20.12 -51.54 -28.76
N SER A 747 -21.31 -51.01 -28.46
CA SER A 747 -21.46 -49.57 -28.42
C SER A 747 -20.69 -48.97 -27.26
N LYS A 748 -20.44 -49.76 -26.22
CA LYS A 748 -19.70 -49.26 -25.07
C LYS A 748 -18.22 -49.16 -25.42
N GLN A 749 -17.71 -50.09 -26.24
CA GLN A 749 -16.31 -50.06 -26.63
C GLN A 749 -16.06 -49.06 -27.75
N ALA A 750 -17.09 -48.70 -28.51
CA ALA A 750 -16.94 -47.76 -29.60
C ALA A 750 -17.30 -46.32 -29.21
N ALA A 751 -17.76 -46.10 -27.99
CA ALA A 751 -18.13 -44.76 -27.54
C ALA A 751 -16.93 -44.03 -26.94
N ASP A 752 -17.19 -42.83 -26.42
CA ASP A 752 -16.16 -42.00 -25.82
C ASP A 752 -16.47 -41.59 -24.39
N MET A 753 -17.75 -41.58 -23.99
CA MET A 753 -18.12 -41.21 -22.63
C MET A 753 -19.11 -42.25 -22.15
N ILE A 754 -18.95 -42.70 -20.90
CA ILE A 754 -19.83 -43.71 -20.33
C ILE A 754 -20.55 -43.16 -19.11
N LEU A 755 -21.84 -43.49 -19.01
CA LEU A 755 -22.71 -43.08 -17.91
C LEU A 755 -22.93 -44.33 -17.05
N LEU A 756 -22.03 -44.53 -16.08
CA LEU A 756 -22.10 -45.69 -15.19
C LEU A 756 -23.34 -45.73 -14.31
N ASP A 757 -24.04 -44.61 -14.10
CA ASP A 757 -25.22 -44.60 -13.26
C ASP A 757 -26.51 -44.50 -14.07
N ASP A 758 -26.41 -44.39 -15.39
CA ASP A 758 -27.54 -44.27 -16.30
C ASP A 758 -28.39 -43.04 -15.99
N ASN A 759 -27.75 -42.02 -15.43
CA ASN A 759 -28.45 -40.76 -15.11
C ASN A 759 -28.27 -39.90 -16.34
N PHE A 760 -29.32 -39.18 -16.73
CA PHE A 760 -29.22 -38.36 -17.92
C PHE A 760 -28.85 -36.91 -17.64
N ALA A 761 -28.94 -36.44 -16.39
CA ALA A 761 -28.59 -35.06 -16.09
C ALA A 761 -27.09 -34.82 -16.28
N SER A 762 -26.30 -35.90 -16.32
CA SER A 762 -24.88 -35.77 -16.51
C SER A 762 -24.58 -35.10 -17.84
N ILE A 763 -25.50 -35.19 -18.81
CA ILE A 763 -25.28 -34.56 -20.10
C ILE A 763 -25.29 -33.05 -19.92
N VAL A 764 -26.19 -32.55 -19.07
CA VAL A 764 -26.27 -31.12 -18.81
C VAL A 764 -25.00 -30.68 -18.10
N THR A 765 -24.57 -31.48 -17.12
CA THR A 765 -23.35 -31.13 -16.40
C THR A 765 -22.17 -31.06 -17.37
N GLY A 766 -22.11 -32.01 -18.31
CA GLY A 766 -21.02 -32.01 -19.28
C GLY A 766 -21.01 -30.81 -20.19
N VAL A 767 -22.19 -30.42 -20.70
CA VAL A 767 -22.19 -29.26 -21.59
C VAL A 767 -21.80 -28.00 -20.81
N GLU A 768 -22.02 -27.99 -19.50
CA GLU A 768 -21.63 -26.80 -18.73
C GLU A 768 -20.12 -26.77 -18.50
N GLU A 769 -19.57 -27.92 -18.06
CA GLU A 769 -18.13 -28.01 -17.81
C GLU A 769 -17.31 -27.76 -19.06
N GLY A 770 -17.82 -28.20 -20.22
CA GLY A 770 -17.08 -28.01 -21.46
C GLY A 770 -16.82 -26.56 -21.79
N ARG A 771 -17.72 -25.67 -21.37
CA ARG A 771 -17.57 -24.24 -21.62
C ARG A 771 -16.66 -23.63 -20.56
N LEU A 772 -17.01 -23.88 -19.29
CA LEU A 772 -16.24 -23.38 -18.17
C LEU A 772 -14.74 -23.62 -18.36
N ILE A 773 -14.35 -24.86 -18.70
CA ILE A 773 -12.92 -25.18 -18.88
C ILE A 773 -12.33 -24.56 -20.15
N PHE A 774 -13.16 -23.90 -20.96
CA PHE A 774 -12.66 -23.29 -22.18
C PHE A 774 -12.21 -21.86 -21.92
N ASP A 775 -13.08 -21.10 -21.25
CA ASP A 775 -12.70 -19.71 -20.95
C ASP A 775 -11.46 -19.66 -20.05
N ASN A 776 -11.26 -20.71 -19.25
CA ASN A 776 -10.11 -20.74 -18.37
C ASN A 776 -8.86 -21.04 -19.15
N LEU A 777 -8.95 -21.87 -20.19
CA LEU A 777 -7.76 -22.15 -20.97
C LEU A 777 -7.31 -20.85 -21.61
N LYS A 778 -8.29 -20.02 -22.00
CA LYS A 778 -7.93 -18.73 -22.60
C LYS A 778 -7.12 -17.91 -21.61
N LYS A 779 -7.61 -17.85 -20.36
CA LYS A 779 -6.89 -17.08 -19.35
C LYS A 779 -5.47 -17.60 -19.11
N SER A 780 -5.34 -18.92 -18.92
CA SER A 780 -4.02 -19.50 -18.67
C SER A 780 -3.07 -19.31 -19.85
N ILE A 781 -3.59 -19.30 -21.07
CA ILE A 781 -2.71 -19.12 -22.22
C ILE A 781 -2.22 -17.69 -22.27
N ALA A 782 -3.11 -16.72 -22.01
CA ALA A 782 -2.66 -15.34 -22.04
C ALA A 782 -1.64 -15.11 -20.92
N TYR A 783 -1.79 -15.83 -19.80
CA TYR A 783 -0.85 -15.68 -18.70
C TYR A 783 0.52 -16.22 -19.09
N THR A 784 0.59 -17.47 -19.54
CA THR A 784 1.87 -18.05 -19.91
C THR A 784 2.47 -17.39 -21.14
N LEU A 785 1.70 -16.59 -21.89
CA LEU A 785 2.25 -15.93 -23.06
C LEU A 785 2.72 -14.53 -22.73
N THR A 786 2.20 -13.93 -21.66
CA THR A 786 2.63 -12.60 -21.28
C THR A 786 4.09 -12.59 -20.86
N SER A 787 4.52 -13.60 -20.09
CA SER A 787 5.91 -13.69 -19.64
C SER A 787 6.93 -13.84 -20.77
N ASN A 788 6.50 -14.11 -22.00
CA ASN A 788 7.43 -14.27 -23.12
C ASN A 788 8.31 -13.05 -23.39
N ILE A 789 7.74 -11.92 -23.79
CA ILE A 789 8.46 -10.67 -24.10
C ILE A 789 9.61 -10.36 -23.15
N PRO A 790 9.38 -10.27 -21.83
CA PRO A 790 10.50 -9.96 -20.93
C PRO A 790 11.57 -11.05 -20.90
N GLU A 791 11.39 -12.11 -21.68
CA GLU A 791 12.33 -13.21 -21.76
C GLU A 791 13.18 -13.16 -23.03
N ILE A 792 12.76 -12.46 -24.08
CA ILE A 792 13.52 -12.38 -25.32
C ILE A 792 14.13 -11.00 -25.52
N THR A 793 13.45 -9.93 -25.13
CA THR A 793 14.01 -8.59 -25.33
C THR A 793 15.44 -8.40 -24.84
N PRO A 794 15.86 -8.92 -23.67
CA PRO A 794 17.25 -8.72 -23.24
C PRO A 794 18.28 -9.11 -24.28
N PHE A 795 18.10 -10.28 -24.92
CA PHE A 795 19.04 -10.74 -25.93
C PHE A 795 19.01 -9.86 -27.18
N LEU A 796 17.83 -9.34 -27.52
CA LEU A 796 17.74 -8.50 -28.71
C LEU A 796 18.51 -7.21 -28.48
N VAL A 797 18.38 -6.62 -27.28
CA VAL A 797 19.10 -5.39 -27.01
C VAL A 797 20.57 -5.74 -26.82
N PHE A 798 20.87 -6.99 -26.49
CA PHE A 798 22.25 -7.41 -26.32
C PHE A 798 22.98 -7.38 -27.66
N ILE A 799 22.42 -8.07 -28.65
CA ILE A 799 23.05 -8.10 -29.98
C ILE A 799 22.98 -6.74 -30.68
N ILE A 800 21.86 -6.03 -30.61
CA ILE A 800 21.77 -4.74 -31.30
C ILE A 800 22.48 -3.61 -30.55
N GLY A 801 22.23 -3.46 -29.26
CA GLY A 801 22.82 -2.39 -28.47
C GLY A 801 24.14 -2.63 -27.79
N ASN A 802 24.62 -3.87 -27.73
CA ASN A 802 25.91 -4.23 -27.11
C ASN A 802 26.00 -3.88 -25.61
N VAL A 803 25.20 -4.56 -24.80
CA VAL A 803 25.20 -4.34 -23.36
C VAL A 803 25.33 -5.71 -22.69
N PRO A 804 25.71 -5.77 -21.41
CA PRO A 804 25.84 -7.07 -20.75
C PRO A 804 24.49 -7.78 -20.70
N LEU A 805 24.51 -9.12 -20.88
CA LEU A 805 23.33 -9.98 -20.88
C LEU A 805 22.41 -9.82 -19.66
N PRO A 806 21.21 -9.27 -19.88
CA PRO A 806 20.26 -9.07 -18.77
C PRO A 806 19.58 -10.32 -18.19
N LEU A 807 19.11 -11.27 -19.00
CA LEU A 807 18.43 -12.46 -18.48
C LEU A 807 19.07 -13.79 -18.90
N GLY A 808 19.71 -14.46 -17.94
CA GLY A 808 20.35 -15.75 -18.16
C GLY A 808 19.37 -16.87 -18.49
N THR A 809 19.93 -17.99 -18.96
CA THR A 809 19.13 -19.16 -19.32
C THR A 809 18.64 -19.98 -18.12
N VAL A 810 19.44 -20.11 -17.07
CA VAL A 810 18.96 -20.91 -15.93
C VAL A 810 17.91 -20.16 -15.13
N THR A 811 17.70 -18.89 -15.44
CA THR A 811 16.71 -18.10 -14.74
C THR A 811 15.43 -18.18 -15.50
N ILE A 812 15.53 -18.18 -16.83
CA ILE A 812 14.33 -18.32 -17.64
C ILE A 812 13.75 -19.67 -17.30
N LEU A 813 14.62 -20.69 -17.19
CA LEU A 813 14.11 -22.02 -16.84
C LEU A 813 13.41 -21.95 -15.49
N CYS A 814 13.98 -21.19 -14.52
CA CYS A 814 13.32 -21.11 -13.22
C CYS A 814 11.94 -20.45 -13.28
N ILE A 815 11.73 -19.50 -14.22
CA ILE A 815 10.41 -18.86 -14.31
C ILE A 815 9.44 -19.70 -15.14
N ASP A 816 9.96 -20.25 -16.23
CA ASP A 816 9.23 -21.07 -17.18
C ASP A 816 8.62 -22.32 -16.57
N LEU A 817 9.29 -22.92 -15.59
CA LEU A 817 8.81 -24.13 -14.95
C LEU A 817 8.62 -24.00 -13.45
N GLY A 818 8.83 -22.82 -12.90
CA GLY A 818 8.67 -22.62 -11.49
C GLY A 818 7.50 -21.75 -11.10
N THR A 819 7.72 -20.45 -11.23
CA THR A 819 6.72 -19.45 -10.89
C THR A 819 5.44 -19.59 -11.70
N ASP A 820 5.56 -19.56 -13.03
CA ASP A 820 4.39 -19.65 -13.91
C ASP A 820 3.42 -20.82 -13.67
N MET A 821 3.93 -22.05 -13.59
CA MET A 821 3.06 -23.22 -13.41
C MET A 821 1.95 -23.23 -12.36
N VAL A 822 2.25 -23.26 -11.05
CA VAL A 822 1.16 -23.27 -10.05
C VAL A 822 0.08 -22.23 -10.35
N PRO A 823 0.42 -20.97 -10.64
CA PRO A 823 -0.64 -19.99 -10.94
C PRO A 823 -1.43 -20.37 -12.18
N ALA A 824 -0.74 -20.78 -13.24
CA ALA A 824 -1.42 -21.17 -14.47
C ALA A 824 -2.35 -22.34 -14.21
N ILE A 825 -1.96 -23.25 -13.32
CA ILE A 825 -2.80 -24.39 -13.01
C ILE A 825 -4.01 -23.92 -12.22
N SER A 826 -3.81 -22.94 -11.34
CA SER A 826 -4.90 -22.41 -10.52
C SER A 826 -5.94 -21.68 -11.36
N LEU A 827 -5.53 -21.05 -12.45
CA LEU A 827 -6.52 -20.33 -13.28
C LEU A 827 -7.66 -21.22 -13.77
N ALA A 828 -7.57 -22.53 -13.59
CA ALA A 828 -8.64 -23.42 -14.04
C ALA A 828 -9.83 -23.43 -13.09
N TYR A 829 -9.58 -23.27 -11.79
CA TYR A 829 -10.58 -23.26 -10.73
C TYR A 829 -11.44 -22.01 -10.73
N GLU A 830 -11.41 -21.18 -11.77
CA GLU A 830 -12.22 -19.98 -11.82
C GLU A 830 -13.67 -20.27 -12.17
N GLN A 831 -14.58 -19.69 -11.40
CA GLN A 831 -16.00 -19.84 -11.59
C GLN A 831 -16.49 -18.96 -12.73
N ALA A 832 -17.76 -19.13 -13.08
CA ALA A 832 -18.34 -18.35 -14.17
C ALA A 832 -18.49 -16.89 -13.77
N GLU A 833 -18.61 -16.04 -14.79
CA GLU A 833 -18.78 -14.60 -14.65
C GLU A 833 -20.23 -14.22 -14.88
N SER A 834 -20.82 -14.79 -15.92
CA SER A 834 -22.19 -14.60 -16.35
C SER A 834 -22.78 -15.99 -16.46
N ASP A 835 -24.05 -16.10 -16.82
CA ASP A 835 -24.62 -17.44 -16.93
C ASP A 835 -24.04 -18.10 -18.19
N ILE A 836 -23.38 -19.25 -18.01
CA ILE A 836 -22.80 -19.93 -19.17
C ILE A 836 -23.86 -20.74 -19.88
N MET A 837 -24.85 -21.23 -19.14
CA MET A 837 -25.92 -22.03 -19.70
C MET A 837 -26.96 -21.18 -20.41
N LYS A 838 -26.59 -19.95 -20.76
CA LYS A 838 -27.48 -19.01 -21.43
C LYS A 838 -26.98 -18.55 -22.79
N ARG A 839 -25.69 -18.69 -23.10
CA ARG A 839 -25.16 -18.24 -24.38
C ARG A 839 -25.25 -19.34 -25.44
N GLN A 840 -25.27 -18.91 -26.70
CA GLN A 840 -25.36 -19.80 -27.85
C GLN A 840 -24.04 -20.54 -28.05
N PRO A 841 -24.08 -21.69 -28.74
CA PRO A 841 -22.84 -22.45 -28.97
C PRO A 841 -21.84 -21.64 -29.80
N ARG A 842 -20.56 -21.81 -29.46
CA ARG A 842 -19.50 -21.10 -30.15
C ARG A 842 -19.40 -21.50 -31.62
N ASN A 843 -19.16 -20.51 -32.47
CA ASN A 843 -19.04 -20.80 -33.89
C ASN A 843 -17.63 -21.34 -34.13
N PRO A 844 -17.47 -22.47 -34.81
CA PRO A 844 -16.12 -22.98 -35.04
C PRO A 844 -15.33 -22.20 -36.06
N LYS A 845 -16.00 -21.69 -37.11
CA LYS A 845 -15.28 -20.95 -38.14
C LYS A 845 -14.91 -19.52 -37.73
N THR A 846 -15.39 -19.00 -36.60
CA THR A 846 -15.00 -17.63 -36.25
C THR A 846 -14.43 -17.45 -34.85
N ASP A 847 -15.08 -17.97 -33.81
CA ASP A 847 -14.54 -17.80 -32.46
C ASP A 847 -13.57 -18.94 -32.19
N LYS A 848 -12.30 -18.60 -32.20
CA LYS A 848 -11.23 -19.54 -31.96
C LYS A 848 -10.87 -19.51 -30.48
N LEU A 849 -9.76 -20.14 -30.16
CA LEU A 849 -9.25 -20.21 -28.80
C LEU A 849 -8.18 -19.16 -28.59
N VAL A 850 -7.36 -18.93 -29.62
CA VAL A 850 -6.27 -17.96 -29.59
C VAL A 850 -6.41 -17.07 -30.82
N ASN A 851 -6.93 -15.85 -30.64
CA ASN A 851 -7.11 -14.90 -31.72
C ASN A 851 -6.04 -13.83 -31.64
N GLU A 852 -6.14 -12.82 -32.50
CA GLU A 852 -5.15 -11.74 -32.48
C GLU A 852 -5.39 -10.78 -31.34
N ARG A 853 -6.58 -10.82 -30.74
CA ARG A 853 -6.89 -9.93 -29.63
C ARG A 853 -6.09 -10.33 -28.40
N LEU A 854 -5.72 -11.61 -28.29
CA LEU A 854 -4.93 -12.08 -27.16
C LEU A 854 -3.48 -11.67 -27.37
N ILE A 855 -2.95 -11.95 -28.56
CA ILE A 855 -1.58 -11.60 -28.91
C ILE A 855 -1.35 -10.11 -28.69
N SER A 856 -2.36 -9.30 -29.00
CA SER A 856 -2.19 -7.85 -28.82
C SER A 856 -2.06 -7.48 -27.35
N MET A 857 -2.56 -8.31 -26.45
CA MET A 857 -2.49 -8.05 -25.01
C MET A 857 -1.21 -8.61 -24.39
N ALA A 858 -1.02 -9.92 -24.49
CA ALA A 858 0.17 -10.54 -23.91
C ALA A 858 1.45 -10.04 -24.56
N TYR A 859 1.59 -10.25 -25.86
CA TYR A 859 2.79 -9.82 -26.58
C TYR A 859 2.89 -8.31 -26.74
N GLY A 860 1.77 -7.63 -26.89
CA GLY A 860 1.78 -6.20 -27.07
C GLY A 860 1.70 -5.18 -25.95
N GLN A 861 0.83 -5.39 -24.97
CA GLN A 861 0.70 -4.43 -23.89
C GLN A 861 1.20 -4.84 -22.51
N ILE A 862 0.81 -6.00 -21.98
CA ILE A 862 1.28 -6.39 -20.65
C ILE A 862 2.74 -6.83 -20.67
N GLY A 863 3.11 -7.71 -21.61
CA GLY A 863 4.48 -8.16 -21.67
C GLY A 863 5.47 -7.04 -21.85
N MET A 864 5.06 -5.99 -22.55
CA MET A 864 5.95 -4.85 -22.78
C MET A 864 6.27 -4.15 -21.46
N ILE A 865 5.24 -3.93 -20.63
CA ILE A 865 5.44 -3.27 -19.35
C ILE A 865 6.32 -4.15 -18.46
N GLN A 866 6.10 -5.46 -18.49
CA GLN A 866 6.92 -6.34 -17.66
C GLN A 866 8.39 -6.27 -18.08
N ALA A 867 8.64 -6.17 -19.39
CA ALA A 867 10.01 -6.09 -19.87
C ALA A 867 10.66 -4.79 -19.41
N LEU A 868 9.90 -3.69 -19.45
CA LEU A 868 10.47 -2.42 -19.02
C LEU A 868 10.84 -2.46 -17.53
N GLY A 869 9.99 -3.09 -16.71
CA GLY A 869 10.30 -3.17 -15.30
C GLY A 869 11.58 -3.96 -15.05
N GLY A 870 11.75 -5.04 -15.80
CA GLY A 870 12.97 -5.83 -15.64
C GLY A 870 14.21 -5.02 -15.99
N PHE A 871 14.16 -4.30 -17.12
CA PHE A 871 15.33 -3.50 -17.49
C PHE A 871 15.61 -2.40 -16.48
N PHE A 872 14.61 -2.09 -15.65
CA PHE A 872 14.82 -1.05 -14.66
C PHE A 872 15.62 -1.61 -13.50
N SER A 873 15.20 -2.77 -12.97
CA SER A 873 15.98 -3.34 -11.87
C SER A 873 17.41 -3.59 -12.31
N TYR A 874 17.59 -3.98 -13.58
CA TYR A 874 18.92 -4.24 -14.12
C TYR A 874 19.81 -3.01 -14.00
N PHE A 875 19.42 -1.93 -14.69
CA PHE A 875 20.22 -0.70 -14.63
C PHE A 875 20.47 -0.24 -13.20
N VAL A 876 19.53 -0.47 -12.28
CA VAL A 876 19.76 -0.05 -10.90
C VAL A 876 20.91 -0.82 -10.28
N ILE A 877 20.93 -2.14 -10.45
CA ILE A 877 22.01 -2.93 -9.88
C ILE A 877 23.36 -2.51 -10.43
N LEU A 878 23.43 -2.29 -11.75
CA LEU A 878 24.73 -1.88 -12.30
C LEU A 878 25.12 -0.45 -11.97
N ALA A 879 24.17 0.43 -11.70
CA ALA A 879 24.54 1.81 -11.38
C ALA A 879 24.96 1.95 -9.92
N GLU A 880 24.41 1.12 -9.04
CA GLU A 880 24.79 1.23 -7.63
C GLU A 880 26.18 0.70 -7.38
N ASN A 881 26.65 -0.25 -8.21
CA ASN A 881 27.97 -0.82 -8.05
C ASN A 881 29.05 -0.05 -8.83
N GLY A 882 28.66 0.77 -9.81
CA GLY A 882 29.64 1.54 -10.56
C GLY A 882 29.53 1.75 -12.07
N PHE A 883 28.64 1.05 -12.77
CA PHE A 883 28.48 1.20 -14.22
C PHE A 883 27.22 1.98 -14.61
N LEU A 884 27.38 3.27 -14.90
CA LEU A 884 26.26 4.12 -15.27
C LEU A 884 25.73 3.77 -16.66
N PRO A 885 24.46 4.09 -16.96
CA PRO A 885 23.88 3.76 -18.27
C PRO A 885 24.59 4.33 -19.50
N MET A 886 25.50 5.31 -19.38
CA MET A 886 26.16 5.81 -20.58
C MET A 886 27.36 4.97 -20.99
N ASP A 887 28.04 4.35 -20.04
CA ASP A 887 29.21 3.53 -20.32
C ASP A 887 28.90 2.06 -20.61
N LEU A 888 27.63 1.63 -20.53
CA LEU A 888 27.34 0.23 -20.80
C LEU A 888 27.20 -0.07 -22.29
N ILE A 889 26.81 0.91 -23.10
CA ILE A 889 26.65 0.73 -24.54
C ILE A 889 28.02 0.59 -25.20
N GLY A 890 28.30 -0.59 -25.77
CA GLY A 890 29.57 -0.81 -26.43
C GLY A 890 30.57 -1.60 -25.62
N LYS A 891 30.18 -2.06 -24.45
CA LYS A 891 31.03 -2.82 -23.54
C LYS A 891 31.00 -4.35 -23.67
N ARG A 892 29.93 -4.95 -24.19
CA ARG A 892 29.87 -6.41 -24.29
C ARG A 892 31.14 -7.12 -24.76
N VAL A 893 31.77 -6.62 -25.83
CA VAL A 893 32.97 -7.27 -26.36
C VAL A 893 34.07 -7.36 -25.30
N ARG A 894 34.23 -6.32 -24.49
CA ARG A 894 35.27 -6.42 -23.47
C ARG A 894 34.71 -6.94 -22.17
N TRP A 895 33.39 -6.89 -21.97
CA TRP A 895 32.79 -7.40 -20.75
C TRP A 895 32.90 -8.92 -20.70
N ASP A 896 32.84 -9.59 -21.86
CA ASP A 896 32.91 -11.05 -21.91
C ASP A 896 34.30 -11.61 -22.17
N ASP A 897 35.30 -10.77 -22.38
CA ASP A 897 36.64 -11.30 -22.63
C ASP A 897 37.16 -11.91 -21.34
N ARG A 898 37.69 -13.12 -21.43
CA ARG A 898 38.21 -13.78 -20.24
C ARG A 898 39.62 -13.33 -19.91
N TRP A 899 40.26 -12.52 -20.76
CA TRP A 899 41.62 -12.07 -20.49
C TRP A 899 41.78 -10.57 -20.23
N ILE A 900 40.73 -9.84 -19.84
CA ILE A 900 40.84 -8.39 -19.58
C ILE A 900 40.53 -8.19 -18.10
N SER A 901 41.57 -8.13 -17.27
CA SER A 901 41.39 -7.94 -15.84
C SER A 901 41.40 -6.47 -15.40
N ASP A 902 40.99 -5.54 -16.27
CA ASP A 902 40.98 -4.12 -15.89
C ASP A 902 39.93 -3.40 -16.74
N VAL A 903 38.68 -3.43 -16.28
CA VAL A 903 37.58 -2.78 -16.99
C VAL A 903 37.16 -1.56 -16.19
N GLU A 904 37.41 -0.38 -16.75
CA GLU A 904 37.06 0.88 -16.11
C GLU A 904 35.56 1.13 -16.12
N ASP A 905 35.03 1.58 -14.98
CA ASP A 905 33.62 1.88 -14.87
C ASP A 905 33.43 3.39 -14.95
N SER A 906 32.20 3.86 -14.77
CA SER A 906 31.92 5.28 -14.83
C SER A 906 32.67 6.12 -13.81
N PHE A 907 33.19 5.52 -12.74
CA PHE A 907 33.92 6.29 -11.74
C PHE A 907 35.42 6.13 -11.81
N GLY A 908 35.94 5.25 -12.65
CA GLY A 908 37.36 5.04 -12.77
C GLY A 908 37.92 3.81 -12.08
N GLN A 909 37.09 3.00 -11.45
CA GLN A 909 37.56 1.80 -10.77
C GLN A 909 37.87 0.70 -11.79
N GLN A 910 38.79 -0.19 -11.42
CA GLN A 910 39.21 -1.30 -12.28
C GLN A 910 38.60 -2.60 -11.75
N TRP A 911 37.78 -3.25 -12.58
CA TRP A 911 37.09 -4.49 -12.24
C TRP A 911 37.63 -5.72 -12.97
N THR A 912 37.97 -6.76 -12.21
CA THR A 912 38.47 -7.99 -12.84
C THR A 912 37.29 -8.69 -13.54
N TYR A 913 37.59 -9.76 -14.27
CA TYR A 913 36.54 -10.49 -15.00
C TYR A 913 35.50 -11.15 -14.09
N GLU A 914 35.94 -11.96 -13.12
CA GLU A 914 34.98 -12.62 -12.24
C GLU A 914 34.17 -11.64 -11.40
N GLN A 915 34.75 -10.49 -11.08
CA GLN A 915 34.02 -9.51 -10.27
C GLN A 915 32.86 -8.93 -11.05
N ARG A 916 33.06 -8.60 -12.33
CA ARG A 916 31.96 -8.06 -13.11
C ARG A 916 30.93 -9.15 -13.42
N LYS A 917 31.38 -10.41 -13.51
CA LYS A 917 30.43 -11.46 -13.79
C LYS A 917 29.50 -11.69 -12.60
N ILE A 918 30.02 -11.54 -11.38
CA ILE A 918 29.15 -11.74 -10.21
C ILE A 918 28.02 -10.73 -10.23
N VAL A 919 28.31 -9.48 -10.65
CA VAL A 919 27.27 -8.47 -10.71
C VAL A 919 26.26 -8.81 -11.79
N GLU A 920 26.73 -9.32 -12.93
CA GLU A 920 25.77 -9.67 -13.99
C GLU A 920 24.82 -10.76 -13.50
N PHE A 921 25.34 -11.70 -12.73
CA PHE A 921 24.49 -12.77 -12.24
C PHE A 921 23.49 -12.22 -11.22
N THR A 922 23.93 -11.28 -10.38
CA THR A 922 22.99 -10.72 -9.42
C THR A 922 21.90 -9.95 -10.17
N CYS A 923 22.22 -9.49 -11.39
CA CYS A 923 21.23 -8.76 -12.17
C CYS A 923 20.25 -9.75 -12.76
N HIS A 924 20.68 -10.99 -12.92
CA HIS A 924 19.76 -11.98 -13.47
C HIS A 924 18.78 -12.36 -12.39
N THR A 925 19.29 -12.51 -11.16
CA THR A 925 18.43 -12.86 -10.04
C THR A 925 17.36 -11.79 -9.83
N SER A 926 17.78 -10.52 -9.83
CA SER A 926 16.76 -9.49 -9.63
C SER A 926 15.82 -9.39 -10.82
N PHE A 927 16.28 -9.72 -12.03
CA PHE A 927 15.38 -9.65 -13.18
C PHE A 927 14.28 -10.70 -13.01
N PHE A 928 14.66 -11.90 -12.55
CA PHE A 928 13.70 -12.97 -12.33
C PHE A 928 12.71 -12.59 -11.24
N ILE A 929 13.19 -11.90 -10.20
CA ILE A 929 12.30 -11.50 -9.14
C ILE A 929 11.34 -10.43 -9.64
N SER A 930 11.82 -9.57 -10.56
CA SER A 930 10.95 -8.54 -11.11
C SER A 930 9.85 -9.21 -11.91
N ILE A 931 10.19 -10.30 -12.60
CA ILE A 931 9.21 -11.02 -13.38
C ILE A 931 8.11 -11.51 -12.46
N VAL A 932 8.49 -12.08 -11.31
CA VAL A 932 7.48 -12.58 -10.37
C VAL A 932 6.59 -11.43 -9.87
N VAL A 933 7.20 -10.29 -9.58
CA VAL A 933 6.44 -9.15 -9.08
C VAL A 933 5.41 -8.69 -10.11
N VAL A 934 5.79 -8.62 -11.39
CA VAL A 934 4.80 -8.20 -12.37
C VAL A 934 3.81 -9.32 -12.66
N GLN A 935 4.20 -10.57 -12.40
CA GLN A 935 3.28 -11.66 -12.64
C GLN A 935 2.16 -11.62 -11.63
N TRP A 936 2.38 -10.97 -10.48
CA TRP A 936 1.31 -10.88 -9.50
C TRP A 936 0.11 -10.18 -10.12
N ALA A 937 0.34 -8.97 -10.64
CA ALA A 937 -0.72 -8.20 -11.27
C ALA A 937 -1.17 -8.86 -12.55
N ASP A 938 -0.34 -9.69 -13.18
CA ASP A 938 -0.82 -10.32 -14.40
C ASP A 938 -1.78 -11.45 -14.06
N LEU A 939 -1.52 -12.17 -12.96
CA LEU A 939 -2.41 -13.25 -12.58
C LEU A 939 -3.72 -12.69 -12.06
N ILE A 940 -3.68 -11.46 -11.56
CA ILE A 940 -4.92 -10.87 -11.05
C ILE A 940 -5.72 -10.29 -12.21
N ILE A 941 -5.05 -9.72 -13.22
CA ILE A 941 -5.83 -9.18 -14.33
C ILE A 941 -6.26 -10.29 -15.27
N CYS A 942 -5.64 -11.48 -15.15
CA CYS A 942 -6.00 -12.61 -15.98
C CYS A 942 -7.08 -13.43 -15.32
N LYS A 943 -7.30 -13.22 -14.02
CA LYS A 943 -8.33 -13.96 -13.29
C LYS A 943 -9.69 -13.73 -13.96
N THR A 944 -10.01 -12.50 -14.31
CA THR A 944 -11.26 -12.14 -14.95
C THR A 944 -10.99 -11.55 -16.32
N ARG A 945 -11.86 -11.87 -17.27
CA ARG A 945 -11.80 -11.43 -18.66
C ARG A 945 -12.55 -10.13 -18.92
N ARG A 946 -13.72 -9.98 -18.31
CA ARG A 946 -14.55 -8.79 -18.47
C ARG A 946 -14.88 -8.14 -17.12
N ASN A 947 -15.51 -8.88 -16.21
CA ASN A 947 -15.89 -8.41 -14.87
C ASN A 947 -14.73 -7.81 -14.09
N SER A 948 -15.04 -7.10 -13.01
CA SER A 948 -14.05 -6.46 -12.16
C SER A 948 -13.67 -7.37 -11.00
N ILE A 949 -12.54 -7.06 -10.37
CA ILE A 949 -12.09 -7.86 -9.24
C ILE A 949 -12.98 -7.62 -8.03
N PHE A 950 -13.49 -6.40 -7.86
CA PHE A 950 -14.35 -6.09 -6.73
C PHE A 950 -15.74 -6.68 -6.88
N GLN A 951 -16.01 -7.38 -7.98
CA GLN A 951 -17.31 -7.99 -8.23
C GLN A 951 -17.15 -9.50 -8.04
N GLN A 952 -16.40 -10.17 -8.93
CA GLN A 952 -16.16 -11.61 -8.85
C GLN A 952 -15.71 -11.93 -7.44
N GLY A 953 -14.50 -11.51 -7.08
CA GLY A 953 -13.95 -11.73 -5.76
C GLY A 953 -12.80 -12.74 -5.77
N MET A 954 -11.95 -12.61 -4.76
CA MET A 954 -10.80 -13.50 -4.58
C MET A 954 -11.17 -14.68 -3.69
N LYS A 955 -12.14 -15.45 -4.16
CA LYS A 955 -12.62 -16.61 -3.44
C LYS A 955 -11.86 -17.88 -3.83
N ASN A 956 -10.99 -17.78 -4.85
CA ASN A 956 -10.20 -18.89 -5.35
C ASN A 956 -8.99 -19.03 -4.43
N LYS A 957 -9.03 -20.03 -3.55
CA LYS A 957 -7.93 -20.25 -2.61
C LYS A 957 -6.66 -20.72 -3.31
N ILE A 958 -6.78 -21.46 -4.42
CA ILE A 958 -5.61 -21.94 -5.13
C ILE A 958 -4.78 -20.79 -5.67
N LEU A 959 -5.44 -19.76 -6.24
CA LEU A 959 -4.70 -18.62 -6.78
C LEU A 959 -3.90 -17.91 -5.67
N ILE A 960 -4.51 -17.77 -4.49
CA ILE A 960 -3.83 -17.12 -3.38
C ILE A 960 -2.60 -17.92 -3.00
N PHE A 961 -2.76 -19.26 -2.98
CA PHE A 961 -1.66 -20.13 -2.65
C PHE A 961 -0.57 -20.04 -3.70
N GLY A 962 -0.99 -19.81 -4.96
CA GLY A 962 -0.02 -19.69 -6.03
C GLY A 962 0.86 -18.47 -5.84
N LEU A 963 0.24 -17.34 -5.49
CA LEU A 963 1.03 -16.13 -5.27
C LEU A 963 2.03 -16.33 -4.12
N PHE A 964 1.54 -16.85 -2.99
CA PHE A 964 2.42 -17.05 -1.84
C PHE A 964 3.59 -17.98 -2.17
N GLU A 965 3.31 -19.11 -2.83
CA GLU A 965 4.37 -20.05 -3.17
C GLU A 965 5.33 -19.45 -4.20
N GLU A 966 4.78 -18.71 -5.16
CA GLU A 966 5.59 -18.08 -6.20
C GLU A 966 6.62 -17.14 -5.57
N THR A 967 6.25 -16.48 -4.47
CA THR A 967 7.21 -15.57 -3.83
C THR A 967 8.22 -16.35 -2.97
N ALA A 968 7.73 -17.35 -2.24
CA ALA A 968 8.63 -18.13 -1.39
C ALA A 968 9.71 -18.83 -2.21
N LEU A 969 9.37 -19.30 -3.41
CA LEU A 969 10.37 -19.99 -4.23
C LEU A 969 11.48 -19.04 -4.68
N ALA A 970 11.11 -17.81 -5.08
CA ALA A 970 12.14 -16.86 -5.51
C ALA A 970 13.07 -16.50 -4.37
N ALA A 971 12.51 -16.31 -3.17
CA ALA A 971 13.38 -15.97 -2.05
C ALA A 971 14.28 -17.13 -1.71
N PHE A 972 13.74 -18.35 -1.82
CA PHE A 972 14.54 -19.52 -1.52
C PHE A 972 15.68 -19.69 -2.50
N LEU A 973 15.41 -19.53 -3.80
CA LEU A 973 16.46 -19.67 -4.79
C LEU A 973 17.51 -18.57 -4.66
N SER A 974 17.17 -17.46 -4.03
CA SER A 974 18.15 -16.39 -3.90
C SER A 974 18.88 -16.31 -2.56
N TYR A 975 18.46 -17.04 -1.52
CA TYR A 975 19.20 -16.91 -0.26
C TYR A 975 19.68 -18.21 0.37
N CYS A 976 19.68 -19.33 -0.35
CA CYS A 976 20.14 -20.59 0.23
C CYS A 976 21.64 -20.78 -0.03
N PRO A 977 22.42 -21.16 0.97
CA PRO A 977 23.87 -21.36 0.75
C PRO A 977 24.13 -22.41 -0.30
N GLY A 978 24.87 -22.04 -1.32
CA GLY A 978 25.19 -22.95 -2.38
C GLY A 978 24.46 -22.74 -3.67
N THR A 979 23.83 -21.59 -3.86
CA THR A 979 23.13 -21.39 -5.11
C THR A 979 24.07 -20.78 -6.14
N ASP A 980 25.03 -19.98 -5.68
CA ASP A 980 26.00 -19.36 -6.57
C ASP A 980 26.98 -20.36 -7.15
N VAL A 981 26.95 -21.61 -6.69
CA VAL A 981 27.84 -22.63 -7.20
C VAL A 981 27.07 -23.61 -8.07
N ALA A 982 25.78 -23.80 -7.79
CA ALA A 982 24.89 -24.69 -8.52
C ALA A 982 24.07 -23.98 -9.58
N LEU A 983 23.25 -22.99 -9.19
CA LEU A 983 22.40 -22.27 -10.14
C LEU A 983 22.90 -20.88 -10.53
N ARG A 984 23.89 -20.32 -9.83
CA ARG A 984 24.46 -18.98 -10.13
C ARG A 984 23.54 -17.81 -9.82
N MET A 985 22.88 -17.83 -8.66
CA MET A 985 21.96 -16.77 -8.23
C MET A 985 22.49 -16.23 -6.90
N TYR A 986 22.87 -14.95 -6.88
CA TYR A 986 23.41 -14.31 -5.68
C TYR A 986 22.34 -13.57 -4.87
N PRO A 987 22.60 -13.37 -3.57
CA PRO A 987 21.63 -12.68 -2.72
C PRO A 987 21.42 -11.23 -3.14
N LEU A 988 20.22 -10.74 -2.88
CA LEU A 988 19.87 -9.36 -3.22
C LEU A 988 19.78 -8.47 -1.99
N LYS A 989 20.05 -7.24 -2.19
CA LYS A 989 19.97 -6.32 -1.07
C LYS A 989 18.49 -5.92 -0.95
N PRO A 990 17.99 -5.72 0.27
CA PRO A 990 16.56 -5.39 0.43
C PRO A 990 16.02 -4.19 -0.33
N SER A 991 16.84 -3.23 -0.76
CA SER A 991 16.24 -2.11 -1.47
C SER A 991 15.91 -2.41 -2.93
N TRP A 992 16.50 -3.46 -3.52
CA TRP A 992 16.24 -3.81 -4.92
C TRP A 992 14.92 -4.52 -5.15
N TRP A 993 14.38 -5.24 -4.16
CA TRP A 993 13.12 -5.94 -4.35
C TRP A 993 11.95 -5.01 -4.66
N PHE A 994 12.09 -3.71 -4.41
CA PHE A 994 11.03 -2.73 -4.66
C PHE A 994 11.15 -1.99 -5.99
N CYS A 995 11.97 -2.46 -6.92
CA CYS A 995 12.09 -1.75 -8.18
C CYS A 995 11.00 -2.09 -9.19
N ALA A 996 10.28 -3.20 -9.01
CA ALA A 996 9.22 -3.61 -9.92
C ALA A 996 7.81 -3.29 -9.44
N PHE A 997 7.66 -2.87 -8.18
CA PHE A 997 6.33 -2.56 -7.64
C PHE A 997 5.51 -1.54 -8.44
N PRO A 998 6.06 -0.38 -8.85
CA PRO A 998 5.23 0.58 -9.61
C PRO A 998 4.71 0.02 -10.92
N TYR A 999 5.53 -0.76 -11.63
CA TYR A 999 5.10 -1.32 -12.90
C TYR A 999 3.91 -2.25 -12.68
N SER A 1000 3.94 -3.02 -11.59
CA SER A 1000 2.85 -3.94 -11.29
C SER A 1000 1.57 -3.15 -11.03
N LEU A 1001 1.64 -2.16 -10.14
CA LEU A 1001 0.45 -1.36 -9.86
C LEU A 1001 -0.12 -0.78 -11.15
N ILE A 1002 0.76 -0.27 -12.01
CA ILE A 1002 0.31 0.31 -13.27
C ILE A 1002 -0.39 -0.73 -14.14
N ILE A 1003 0.14 -1.96 -14.17
CA ILE A 1003 -0.49 -3.00 -14.97
C ILE A 1003 -1.91 -3.25 -14.48
N PHE A 1004 -2.06 -3.25 -13.16
CA PHE A 1004 -3.36 -3.48 -12.55
C PHE A 1004 -4.34 -2.36 -12.88
N LEU A 1005 -3.89 -1.10 -12.80
CA LEU A 1005 -4.80 0.01 -13.10
C LEU A 1005 -5.17 0.05 -14.58
N TYR A 1006 -4.21 -0.23 -15.46
CA TYR A 1006 -4.50 -0.20 -16.89
C TYR A 1006 -5.54 -1.26 -17.24
N ASP A 1007 -5.31 -2.50 -16.80
CA ASP A 1007 -6.29 -3.54 -17.12
C ASP A 1007 -7.63 -3.27 -16.47
N GLU A 1008 -7.65 -2.61 -15.30
CA GLU A 1008 -8.95 -2.36 -14.68
C GLU A 1008 -9.76 -1.38 -15.53
N MET A 1009 -9.13 -0.30 -16.02
CA MET A 1009 -9.91 0.63 -16.85
C MET A 1009 -10.27 -0.02 -18.18
N ARG A 1010 -9.44 -0.98 -18.62
CA ARG A 1010 -9.71 -1.66 -19.87
C ARG A 1010 -11.00 -2.47 -19.73
N ARG A 1011 -11.11 -3.23 -18.64
CA ARG A 1011 -12.29 -4.03 -18.40
C ARG A 1011 -13.52 -3.17 -18.11
N PHE A 1012 -13.31 -1.88 -17.82
CA PHE A 1012 -14.42 -0.98 -17.51
C PHE A 1012 -15.09 -0.42 -18.77
N ILE A 1013 -14.31 -0.04 -19.78
CA ILE A 1013 -14.97 0.50 -20.96
C ILE A 1013 -15.73 -0.58 -21.71
N ILE A 1014 -15.29 -1.84 -21.62
CA ILE A 1014 -15.97 -2.94 -22.29
C ILE A 1014 -17.36 -3.13 -21.72
N ARG A 1015 -17.49 -2.98 -20.41
CA ARG A 1015 -18.78 -3.13 -19.75
C ARG A 1015 -19.72 -1.99 -20.12
N ARG A 1016 -19.28 -0.75 -19.88
CA ARG A 1016 -20.14 0.38 -20.19
C ARG A 1016 -20.42 0.53 -21.69
N SER A 1017 -19.43 0.26 -22.55
CA SER A 1017 -19.58 0.38 -24.00
C SER A 1017 -19.56 -0.98 -24.70
N PRO A 1018 -20.69 -1.66 -24.85
CA PRO A 1018 -20.72 -2.97 -25.52
C PRO A 1018 -20.67 -2.84 -27.04
N GLY A 1019 -19.69 -3.51 -27.65
CA GLY A 1019 -19.49 -3.50 -29.08
C GLY A 1019 -18.52 -2.45 -29.58
N GLY A 1020 -17.97 -1.64 -28.68
CA GLY A 1020 -17.03 -0.60 -29.03
C GLY A 1020 -15.63 -1.08 -29.36
N TRP A 1021 -14.78 -0.09 -29.64
CA TRP A 1021 -13.38 -0.32 -29.98
C TRP A 1021 -12.64 -1.21 -29.00
N VAL A 1022 -12.74 -0.93 -27.71
CA VAL A 1022 -12.04 -1.74 -26.72
C VAL A 1022 -12.47 -3.19 -26.77
N GLU A 1023 -13.71 -3.45 -27.21
CA GLU A 1023 -14.17 -4.84 -27.27
C GLU A 1023 -13.67 -5.56 -28.52
N GLN A 1024 -13.84 -4.96 -29.70
CA GLN A 1024 -13.36 -5.65 -30.89
C GLN A 1024 -11.85 -5.53 -31.07
N GLU A 1025 -11.15 -4.93 -30.12
CA GLU A 1025 -9.71 -4.80 -30.21
C GLU A 1025 -8.98 -5.52 -29.09
N THR A 1026 -9.50 -5.51 -27.85
CA THR A 1026 -8.84 -6.18 -26.74
C THR A 1026 -9.62 -7.29 -26.03
N TYR A 1027 -10.84 -7.63 -26.46
CA TYR A 1027 -11.64 -8.69 -25.81
C TYR A 1027 -11.37 -10.10 -26.34
N TYR A 1028 -10.29 -10.70 -25.82
CA TYR A 1028 -9.83 -12.07 -26.16
C TYR A 1028 -10.71 -12.90 -27.10
N GLY B 12 -9.81 -17.38 -50.31
CA GLY B 12 -8.98 -17.39 -49.13
C GLY B 12 -7.65 -16.69 -49.30
N TRP B 13 -6.69 -17.40 -49.89
CA TRP B 13 -5.35 -16.88 -50.14
C TRP B 13 -5.36 -15.45 -50.69
N LYS B 14 -6.10 -15.24 -51.77
CA LYS B 14 -6.19 -13.93 -52.43
C LYS B 14 -7.11 -12.93 -51.71
N LYS B 15 -8.32 -13.36 -51.33
CA LYS B 15 -9.26 -12.43 -50.68
C LYS B 15 -8.78 -11.89 -49.34
N PHE B 16 -8.22 -12.72 -48.46
CA PHE B 16 -7.78 -12.14 -47.19
C PHE B 16 -6.65 -11.15 -47.38
N LEU B 17 -6.06 -11.09 -48.58
CA LEU B 17 -4.99 -10.17 -48.91
C LEU B 17 -5.50 -8.86 -49.47
N TRP B 18 -6.51 -8.93 -50.33
CA TRP B 18 -7.07 -7.73 -50.93
C TRP B 18 -8.37 -7.98 -51.66
N ASP B 19 -9.46 -7.43 -51.15
CA ASP B 19 -10.78 -7.56 -51.74
C ASP B 19 -11.10 -6.17 -52.26
N SER B 20 -11.91 -6.06 -53.30
CA SER B 20 -12.19 -4.73 -53.81
C SER B 20 -13.62 -4.24 -53.58
N GLU B 21 -14.40 -4.90 -52.75
CA GLU B 21 -15.75 -4.39 -52.53
C GLU B 21 -15.75 -3.56 -51.25
N LYS B 22 -15.17 -4.10 -50.18
CA LYS B 22 -15.06 -3.42 -48.91
C LYS B 22 -13.79 -2.59 -48.81
N LYS B 23 -12.95 -2.62 -49.86
CA LYS B 23 -11.68 -1.88 -49.92
C LYS B 23 -10.81 -2.15 -48.69
N GLU B 24 -10.63 -3.44 -48.40
CA GLU B 24 -9.85 -3.94 -47.28
C GLU B 24 -8.51 -4.54 -47.66
N PHE B 25 -7.51 -4.32 -46.81
CA PHE B 25 -6.16 -4.85 -47.00
C PHE B 25 -5.83 -5.65 -45.75
N LEU B 26 -5.54 -6.94 -45.93
CA LEU B 26 -5.20 -7.86 -44.85
C LEU B 26 -6.35 -8.11 -43.87
N GLY B 27 -7.43 -7.34 -43.98
CA GLY B 27 -8.55 -7.55 -43.08
C GLY B 27 -9.29 -6.27 -42.72
N ARG B 28 -8.56 -5.18 -42.51
CA ARG B 28 -9.19 -3.93 -42.16
C ARG B 28 -9.10 -2.94 -43.32
N THR B 29 -9.71 -1.77 -43.12
CA THR B 29 -9.75 -0.68 -44.07
C THR B 29 -8.66 0.32 -43.71
N GLY B 30 -8.62 1.46 -44.39
CA GLY B 30 -7.62 2.44 -44.08
C GLY B 30 -7.81 3.08 -42.71
N SER B 31 -9.06 3.38 -42.35
CA SER B 31 -9.31 4.00 -41.05
C SER B 31 -9.02 3.08 -39.88
N SER B 32 -8.99 1.76 -40.08
CA SER B 32 -8.69 0.90 -38.95
C SER B 32 -7.19 0.91 -38.72
N TRP B 33 -6.42 0.66 -39.79
CA TRP B 33 -4.97 0.70 -39.66
C TRP B 33 -4.56 2.02 -39.03
N PHE B 34 -5.30 3.10 -39.32
CA PHE B 34 -4.94 4.39 -38.74
C PHE B 34 -5.28 4.45 -37.26
N LYS B 35 -6.46 3.93 -36.87
CA LYS B 35 -6.82 3.98 -35.46
C LYS B 35 -5.83 3.16 -34.62
N ILE B 36 -5.47 1.97 -35.11
CA ILE B 36 -4.54 1.12 -34.38
C ILE B 36 -3.14 1.72 -34.35
N PHE B 37 -2.65 2.23 -35.48
CA PHE B 37 -1.31 2.82 -35.49
C PHE B 37 -1.24 4.01 -34.54
N LEU B 38 -2.26 4.86 -34.55
CA LEU B 38 -2.26 6.02 -33.67
C LEU B 38 -2.30 5.58 -32.21
N PHE B 39 -3.10 4.54 -31.89
CA PHE B 39 -3.16 4.08 -30.51
C PHE B 39 -1.80 3.57 -30.06
N TYR B 40 -1.17 2.72 -30.87
CA TYR B 40 0.13 2.19 -30.48
C TYR B 40 1.17 3.29 -30.38
N LEU B 41 1.09 4.33 -31.21
CA LEU B 41 2.07 5.39 -31.12
C LEU B 41 1.92 6.13 -29.80
N ILE B 42 0.68 6.44 -29.41
CA ILE B 42 0.47 7.15 -28.16
C ILE B 42 0.86 6.27 -26.98
N PHE B 43 0.47 4.99 -27.01
CA PHE B 43 0.78 4.06 -25.93
C PHE B 43 2.29 3.92 -25.74
N TYR B 44 3.01 3.58 -26.81
CA TYR B 44 4.44 3.41 -26.70
C TYR B 44 5.12 4.73 -26.33
N GLY B 45 4.55 5.87 -26.75
CA GLY B 45 5.16 7.14 -26.39
C GLY B 45 5.08 7.35 -24.89
N CYS B 46 3.91 7.02 -24.30
CA CYS B 46 3.76 7.17 -22.86
C CYS B 46 4.71 6.22 -22.15
N LEU B 47 4.85 5.01 -22.67
CA LEU B 47 5.74 4.02 -22.07
C LEU B 47 7.18 4.55 -22.04
N ALA B 48 7.61 5.13 -23.16
CA ALA B 48 8.96 5.67 -23.24
C ALA B 48 9.15 6.82 -22.27
N GLY B 49 8.18 7.73 -22.19
CA GLY B 49 8.32 8.85 -21.27
C GLY B 49 8.38 8.41 -19.82
N ILE B 50 7.63 7.36 -19.47
CA ILE B 50 7.64 6.89 -18.10
C ILE B 50 8.99 6.25 -17.78
N PHE B 51 9.49 5.41 -18.68
CA PHE B 51 10.79 4.78 -18.44
C PHE B 51 11.89 5.84 -18.30
N ILE B 52 11.83 6.89 -19.13
CA ILE B 52 12.83 7.94 -19.07
C ILE B 52 12.75 8.70 -17.75
N GLY B 53 11.54 8.98 -17.25
CA GLY B 53 11.43 9.68 -15.98
C GLY B 53 12.00 8.85 -14.85
N THR B 54 11.69 7.54 -14.85
CA THR B 54 12.21 6.68 -13.79
C THR B 54 13.71 6.51 -13.90
N ILE B 55 14.31 6.84 -15.05
CA ILE B 55 15.76 6.70 -15.15
C ILE B 55 16.42 8.00 -14.73
N GLN B 56 15.70 9.12 -14.89
CA GLN B 56 16.27 10.41 -14.49
C GLN B 56 16.35 10.48 -12.97
N VAL B 57 15.30 9.99 -12.29
CA VAL B 57 15.37 10.04 -10.82
C VAL B 57 16.56 9.19 -10.36
N LEU B 58 16.94 8.19 -11.16
CA LEU B 58 18.07 7.34 -10.81
C LEU B 58 19.36 8.12 -10.98
N LEU B 59 19.40 8.99 -11.99
CA LEU B 59 20.62 9.75 -12.16
C LEU B 59 20.77 10.72 -11.01
N LEU B 60 19.64 11.11 -10.40
CA LEU B 60 19.72 12.04 -9.27
C LEU B 60 20.13 11.33 -7.96
N THR B 61 19.70 10.09 -7.73
CA THR B 61 20.06 9.35 -6.50
C THR B 61 21.57 9.23 -6.20
N LEU B 62 22.35 8.77 -7.17
CA LEU B 62 23.79 8.54 -7.02
C LEU B 62 24.65 9.81 -7.05
N SER B 63 25.87 9.64 -6.50
CA SER B 63 26.91 10.66 -6.37
C SER B 63 27.92 10.56 -7.50
N ASP B 64 28.48 11.70 -7.91
CA ASP B 64 29.46 11.71 -8.99
C ASP B 64 30.89 11.41 -8.55
N PHE B 65 31.25 11.62 -7.30
CA PHE B 65 32.62 11.34 -6.88
C PHE B 65 32.79 10.01 -6.15
N GLU B 66 31.73 9.20 -5.99
CA GLU B 66 31.96 7.96 -5.28
C GLU B 66 30.93 6.85 -5.48
N PRO B 67 31.33 5.67 -5.93
CA PRO B 67 30.36 4.58 -6.11
C PRO B 67 29.75 4.21 -4.77
N LYS B 68 28.41 4.11 -4.75
CA LYS B 68 27.70 3.79 -3.51
C LYS B 68 28.13 2.46 -2.90
N TYR B 69 28.40 1.45 -3.71
CA TYR B 69 28.82 0.14 -3.20
C TYR B 69 30.22 -0.22 -3.69
N GLN B 70 31.12 -0.52 -2.75
CA GLN B 70 32.48 -0.89 -3.07
C GLN B 70 32.86 -2.22 -2.43
N ASP B 71 31.93 -3.16 -2.33
CA ASP B 71 32.25 -4.44 -1.73
C ASP B 71 32.63 -5.49 -2.75
N ARG B 72 32.24 -5.31 -4.02
CA ARG B 72 32.59 -6.29 -5.02
C ARG B 72 34.01 -6.12 -5.55
N VAL B 73 34.74 -5.08 -5.15
CA VAL B 73 36.09 -4.96 -5.66
C VAL B 73 37.03 -4.78 -4.49
N ALA B 74 37.31 -5.88 -3.82
CA ALA B 74 38.19 -5.93 -2.67
C ALA B 74 38.35 -7.40 -2.27
N PRO B 75 39.59 -7.87 -2.07
CA PRO B 75 40.72 -6.95 -2.25
C PRO B 75 40.98 -6.67 -3.76
N PRO B 76 42.08 -6.02 -4.11
CA PRO B 76 42.33 -5.73 -5.52
C PRO B 76 43.00 -6.87 -6.28
N GLY B 77 42.80 -6.83 -7.60
CA GLY B 77 43.36 -7.83 -8.48
C GLY B 77 44.81 -7.49 -8.82
N LEU B 78 45.32 -8.20 -9.82
CA LEU B 78 46.69 -8.01 -10.28
C LEU B 78 46.72 -8.32 -11.77
N SER B 79 46.71 -7.28 -12.61
CA SER B 79 46.72 -7.54 -14.04
C SER B 79 48.12 -7.36 -14.62
N HIS B 80 48.26 -7.77 -15.87
CA HIS B 80 49.56 -7.67 -16.51
C HIS B 80 49.47 -7.43 -18.01
N ALA B 81 50.59 -6.94 -18.51
CA ALA B 81 50.90 -6.61 -19.86
C ALA B 81 52.21 -7.39 -20.02
N PRO B 82 52.39 -8.17 -21.09
CA PRO B 82 51.35 -8.26 -22.12
C PRO B 82 50.04 -8.99 -21.87
N TYR B 83 49.26 -8.86 -22.94
CA TYR B 83 47.92 -9.41 -23.13
C TYR B 83 48.09 -10.81 -23.65
N ALA B 84 48.09 -11.79 -22.74
CA ALA B 84 48.25 -13.18 -23.14
C ALA B 84 46.90 -13.85 -23.02
N ILE B 85 46.55 -14.63 -24.02
CA ILE B 85 45.29 -15.37 -24.08
C ILE B 85 45.52 -16.75 -23.51
N LYS B 86 44.81 -17.07 -22.41
CA LYS B 86 44.86 -18.34 -21.69
C LYS B 86 46.02 -18.29 -20.70
N THR B 87 46.62 -17.10 -20.55
CA THR B 87 47.76 -16.87 -19.66
C THR B 87 48.97 -17.67 -20.12
N GLU B 88 49.33 -17.47 -21.39
CA GLU B 88 50.46 -18.16 -21.99
C GLU B 88 51.20 -17.18 -22.88
N ILE B 89 52.52 -17.15 -22.74
CA ILE B 89 53.39 -16.27 -23.52
C ILE B 89 54.37 -17.21 -24.22
N SER B 90 54.05 -17.57 -25.47
CA SER B 90 54.87 -18.47 -26.28
C SER B 90 55.31 -17.76 -27.55
N PHE B 91 56.63 -17.72 -27.78
CA PHE B 91 57.15 -17.06 -28.98
C PHE B 91 58.53 -17.61 -29.33
N SER B 92 58.82 -17.60 -30.63
CA SER B 92 60.09 -18.07 -31.18
C SER B 92 61.10 -16.92 -31.23
N ILE B 93 62.35 -17.23 -30.86
CA ILE B 93 63.39 -16.20 -30.88
C ILE B 93 63.89 -15.90 -32.28
N SER B 94 63.48 -16.67 -33.28
CA SER B 94 63.93 -16.43 -34.66
C SER B 94 62.88 -15.66 -35.47
N ASN B 95 61.68 -16.20 -35.58
CA ASN B 95 60.61 -15.56 -36.33
C ASN B 95 60.17 -14.27 -35.65
N PRO B 96 60.37 -13.10 -36.27
CA PRO B 96 59.96 -11.84 -35.64
C PRO B 96 58.45 -11.67 -35.53
N LYS B 97 57.69 -12.26 -36.45
CA LYS B 97 56.24 -12.14 -36.46
C LYS B 97 55.57 -13.05 -35.44
N SER B 98 56.28 -13.43 -34.39
CA SER B 98 55.76 -14.30 -33.34
C SER B 98 55.45 -13.54 -32.06
N TYR B 99 56.25 -12.54 -31.71
CA TYR B 99 56.02 -11.75 -30.50
C TYR B 99 55.51 -10.35 -30.80
N GLU B 100 54.91 -10.14 -31.98
CA GLU B 100 54.40 -8.82 -32.32
C GLU B 100 53.15 -8.48 -31.52
N SER B 101 52.24 -9.44 -31.36
CA SER B 101 51.01 -9.19 -30.61
C SER B 101 51.32 -8.81 -29.16
N PHE B 102 52.45 -9.28 -28.64
CA PHE B 102 52.84 -8.97 -27.27
C PHE B 102 53.40 -7.56 -27.17
N VAL B 103 54.42 -7.27 -27.98
CA VAL B 103 55.04 -5.95 -27.99
C VAL B 103 54.01 -4.86 -28.23
N LYS B 104 53.08 -5.06 -29.16
CA LYS B 104 52.08 -4.03 -29.41
C LYS B 104 51.32 -3.69 -28.12
N SER B 105 51.10 -4.68 -27.26
CA SER B 105 50.37 -4.43 -26.01
C SER B 105 51.29 -3.72 -25.03
N MET B 106 52.43 -4.34 -24.72
CA MET B 106 53.41 -3.75 -23.80
C MET B 106 53.56 -2.27 -24.12
N HIS B 107 53.78 -1.98 -25.41
CA HIS B 107 53.92 -0.61 -25.88
C HIS B 107 52.67 0.20 -25.59
N LYS B 108 51.48 -0.36 -25.83
CA LYS B 108 50.27 0.39 -25.55
C LYS B 108 50.20 0.80 -24.09
N LEU B 109 50.65 -0.06 -23.18
CA LEU B 109 50.62 0.25 -21.76
C LEU B 109 51.65 1.32 -21.40
N MET B 110 52.91 1.12 -21.80
CA MET B 110 53.96 2.09 -21.47
C MET B 110 53.79 3.43 -22.19
N ASP B 111 53.08 3.47 -23.32
CA ASP B 111 52.87 4.69 -24.07
C ASP B 111 52.10 5.76 -23.29
N LEU B 112 51.57 5.41 -22.11
CA LEU B 112 50.82 6.37 -21.31
C LEU B 112 51.68 7.04 -20.25
N TYR B 113 52.91 6.58 -20.06
CA TYR B 113 53.83 7.14 -19.09
C TYR B 113 54.88 8.04 -19.74
N ASN B 114 54.66 8.43 -20.99
CA ASN B 114 55.61 9.28 -21.71
C ASN B 114 55.81 10.57 -20.93
N GLU B 115 57.06 11.04 -20.86
CA GLU B 115 57.35 12.27 -20.14
C GLU B 115 56.61 13.46 -20.73
N SER B 116 56.44 13.50 -22.05
CA SER B 116 55.74 14.61 -22.68
C SER B 116 54.36 14.81 -22.07
N SER B 117 53.70 13.71 -21.69
CA SER B 117 52.38 13.81 -21.09
C SER B 117 52.47 14.43 -19.69
N GLN B 118 53.47 14.04 -18.92
CA GLN B 118 53.70 14.54 -17.57
C GLN B 118 54.56 15.79 -17.64
N ALA B 119 53.93 16.96 -17.66
CA ALA B 119 54.69 18.20 -17.74
C ALA B 119 53.96 19.32 -17.04
N GLY B 120 54.74 20.27 -16.52
CA GLY B 120 54.20 21.41 -15.81
C GLY B 120 53.98 21.10 -14.35
N ASN B 121 53.40 22.07 -13.64
CA ASN B 121 53.15 21.86 -12.22
C ASN B 121 51.93 20.97 -12.04
N SER B 122 50.91 21.15 -12.92
CA SER B 122 49.74 20.34 -12.80
C SER B 122 49.62 19.31 -13.94
N PRO B 123 48.98 18.17 -13.67
CA PRO B 123 48.49 18.02 -12.30
C PRO B 123 49.44 17.04 -11.64
N PHE B 124 50.62 16.92 -12.26
CA PHE B 124 51.70 16.03 -11.83
C PHE B 124 52.76 16.74 -11.02
N GLU B 125 52.77 16.51 -9.71
CA GLU B 125 53.77 17.11 -8.83
C GLU B 125 54.90 16.12 -8.59
N ASP B 126 56.11 16.65 -8.39
CA ASP B 126 57.28 15.80 -8.15
C ASP B 126 57.21 15.18 -6.76
N CYS B 127 57.33 13.86 -6.68
CA CYS B 127 57.29 13.15 -5.41
C CYS B 127 58.61 12.46 -5.13
N SER B 128 58.79 12.06 -3.87
CA SER B 128 59.98 11.39 -3.37
C SER B 128 60.49 10.31 -4.31
N ASP B 129 61.78 10.42 -4.68
CA ASP B 129 62.40 9.43 -5.57
C ASP B 129 62.54 8.07 -4.91
N THR B 130 62.37 8.00 -3.59
CA THR B 130 62.45 6.82 -2.76
C THR B 130 61.07 6.57 -2.16
N PRO B 131 60.65 5.31 -2.00
CA PRO B 131 59.32 5.03 -1.43
C PRO B 131 59.01 5.88 -0.21
N ALA B 132 57.76 6.31 -0.07
CA ALA B 132 57.35 7.13 1.06
C ALA B 132 55.98 6.66 1.54
N ASP B 133 55.36 7.46 2.42
CA ASP B 133 54.06 7.14 2.97
C ASP B 133 52.92 7.71 2.13
N TYR B 134 51.71 7.49 2.61
CA TYR B 134 50.50 7.96 1.96
C TYR B 134 50.50 9.48 1.84
N ILE B 135 49.59 9.99 1.02
CA ILE B 135 49.42 11.41 0.79
C ILE B 135 47.93 11.65 0.62
N LYS B 136 47.35 12.46 1.49
CA LYS B 136 45.93 12.77 1.46
C LYS B 136 45.74 14.18 0.94
N ARG B 137 45.09 14.30 -0.21
CA ARG B 137 44.81 15.58 -0.84
C ARG B 137 43.42 16.09 -0.47
N GLY B 138 43.00 15.81 0.74
CA GLY B 138 41.72 16.22 1.26
C GLY B 138 40.68 15.12 1.14
N ASP B 139 39.42 15.54 1.18
CA ASP B 139 38.31 14.61 1.08
C ASP B 139 37.95 14.39 -0.39
N LEU B 140 36.83 13.71 -0.62
CA LEU B 140 36.35 13.43 -1.97
C LEU B 140 35.29 14.47 -2.33
N ASP B 141 35.74 15.70 -2.47
CA ASP B 141 34.85 16.80 -2.81
C ASP B 141 35.41 17.59 -3.99
N ASP B 142 34.64 18.58 -4.40
CA ASP B 142 34.98 19.46 -5.51
C ASP B 142 35.49 20.80 -5.01
N SER B 143 35.62 20.93 -3.69
CA SER B 143 36.11 22.18 -3.09
C SER B 143 37.46 22.60 -3.66
N GLN B 144 38.49 21.79 -3.46
CA GLN B 144 39.80 22.19 -4.00
C GLN B 144 40.04 21.72 -5.44
N GLY B 145 39.06 21.88 -6.32
CA GLY B 145 39.22 21.50 -7.71
C GLY B 145 39.73 20.10 -7.99
N GLN B 146 40.57 20.02 -9.03
CA GLN B 146 41.19 18.77 -9.46
C GLN B 146 42.41 18.49 -8.59
N LYS B 147 42.49 17.29 -8.02
CA LYS B 147 43.63 16.98 -7.17
C LYS B 147 44.90 16.82 -8.03
N LYS B 148 46.01 16.53 -7.37
CA LYS B 148 47.30 16.35 -8.04
C LYS B 148 47.82 14.96 -7.78
N ALA B 149 48.35 14.33 -8.83
CA ALA B 149 48.89 12.98 -8.77
C ALA B 149 50.41 12.99 -8.95
N CYS B 150 51.08 12.02 -8.32
CA CYS B 150 52.52 11.91 -8.41
C CYS B 150 52.96 11.43 -9.79
N ARG B 151 54.13 11.89 -10.21
CA ARG B 151 54.69 11.51 -11.51
C ARG B 151 55.40 10.17 -11.42
N PHE B 152 55.27 9.37 -12.48
CA PHE B 152 55.91 8.06 -12.57
C PHE B 152 56.68 8.05 -13.87
N SER B 153 58.01 8.05 -13.79
CA SER B 153 58.84 8.06 -14.97
C SER B 153 59.04 6.68 -15.58
N ARG B 154 59.21 6.66 -16.89
CA ARG B 154 59.43 5.42 -17.64
C ARG B 154 60.76 4.79 -17.24
N MET B 155 61.84 5.56 -17.38
CA MET B 155 63.21 5.16 -17.06
C MET B 155 63.35 4.37 -15.76
N TRP B 156 62.45 4.58 -14.79
CA TRP B 156 62.54 3.84 -13.54
C TRP B 156 62.69 2.36 -13.86
N LEU B 157 61.85 1.86 -14.78
CA LEU B 157 61.95 0.47 -15.19
C LEU B 157 63.21 0.45 -16.04
N LYS B 158 64.29 -0.13 -15.52
CA LYS B 158 65.55 -0.14 -16.26
C LYS B 158 65.70 -0.94 -17.55
N ASN B 159 65.62 -2.26 -17.54
CA ASN B 159 65.79 -2.94 -18.82
C ASN B 159 64.49 -3.15 -19.60
N CYS B 160 63.32 -2.83 -19.05
CA CYS B 160 62.07 -3.02 -19.81
C CYS B 160 61.37 -1.66 -19.85
N SER B 161 61.72 -0.86 -20.83
CA SER B 161 61.13 0.45 -20.99
C SER B 161 60.83 0.81 -22.44
N GLY B 162 61.25 0.01 -23.41
CA GLY B 162 61.00 0.30 -24.79
C GLY B 162 61.72 1.53 -25.29
N LEU B 163 62.59 2.11 -24.47
CA LEU B 163 63.35 3.30 -24.83
C LEU B 163 64.70 2.92 -25.40
N ASP B 164 65.26 1.80 -24.94
CA ASP B 164 66.55 1.30 -25.39
C ASP B 164 66.37 0.15 -26.36
N ASP B 165 65.68 -0.92 -25.93
CA ASP B 165 65.40 -2.11 -26.72
C ASP B 165 63.87 -2.15 -26.85
N THR B 166 63.36 -1.45 -27.86
CA THR B 166 61.93 -1.37 -28.15
C THR B 166 61.18 -2.67 -27.91
N THR B 167 61.74 -3.79 -28.38
CA THR B 167 61.12 -5.09 -28.22
C THR B 167 60.86 -5.44 -26.75
N TYR B 168 61.67 -4.91 -25.83
CA TYR B 168 61.64 -5.10 -24.36
C TYR B 168 62.26 -6.41 -23.92
N GLY B 169 62.97 -7.14 -24.78
CA GLY B 169 63.54 -8.38 -24.29
C GLY B 169 63.27 -9.62 -25.11
N TYR B 170 62.04 -9.70 -25.63
CA TYR B 170 61.58 -10.82 -26.45
C TYR B 170 62.50 -11.15 -27.61
N ALA B 171 63.43 -10.25 -27.94
CA ALA B 171 64.35 -10.47 -29.05
C ALA B 171 65.44 -11.50 -28.76
N GLU B 172 65.90 -11.67 -27.52
CA GLU B 172 66.94 -12.65 -27.31
C GLU B 172 66.65 -13.63 -26.17
N GLY B 173 65.39 -14.02 -25.99
CA GLY B 173 65.10 -14.97 -24.93
C GLY B 173 65.16 -14.45 -23.51
N LYS B 174 64.72 -13.22 -23.27
CA LYS B 174 64.73 -12.62 -21.93
C LYS B 174 63.53 -11.71 -21.93
N PRO B 175 62.38 -12.19 -21.50
CA PRO B 175 61.18 -11.36 -21.49
C PRO B 175 60.93 -10.63 -20.19
N CYS B 176 60.11 -9.59 -20.30
CA CYS B 176 59.74 -8.76 -19.17
C CYS B 176 58.22 -8.87 -19.02
N VAL B 177 57.74 -8.55 -17.83
CA VAL B 177 56.33 -8.60 -17.51
C VAL B 177 56.04 -7.43 -16.58
N VAL B 178 55.31 -6.45 -17.07
CA VAL B 178 54.97 -5.28 -16.28
C VAL B 178 53.69 -5.59 -15.51
N ALA B 179 53.81 -5.75 -14.20
CA ALA B 179 52.67 -6.05 -13.34
C ALA B 179 52.05 -4.74 -12.87
N LYS B 180 50.75 -4.79 -12.58
CA LYS B 180 50.02 -3.62 -12.13
C LYS B 180 48.89 -3.98 -11.18
N LEU B 181 48.72 -3.14 -10.16
CA LEU B 181 47.69 -3.30 -9.14
C LEU B 181 46.44 -2.55 -9.57
N ASN B 182 45.29 -3.24 -9.49
CA ASN B 182 44.02 -2.64 -9.88
C ASN B 182 43.64 -1.42 -9.05
N ARG B 183 43.38 -0.32 -9.75
CA ARG B 183 43.01 0.97 -9.17
C ARG B 183 41.66 0.92 -8.44
N ILE B 184 41.66 1.25 -7.15
CA ILE B 184 40.45 1.27 -6.33
C ILE B 184 40.38 2.62 -5.62
N ILE B 185 39.18 3.22 -5.62
CA ILE B 185 38.98 4.51 -4.98
C ILE B 185 39.05 4.38 -3.47
N GLY B 186 39.82 5.27 -2.84
CA GLY B 186 39.98 5.28 -1.40
C GLY B 186 40.60 4.04 -0.80
N PHE B 187 41.38 3.28 -1.58
CA PHE B 187 42.02 2.07 -1.08
C PHE B 187 43.45 2.35 -0.62
N TYR B 188 43.73 2.07 0.65
CA TYR B 188 45.04 2.28 1.21
C TYR B 188 45.76 0.94 1.29
N PRO B 189 46.88 0.74 0.61
CA PRO B 189 47.56 -0.55 0.71
C PRO B 189 48.26 -0.67 2.05
N LYS B 190 48.15 -1.84 2.67
CA LYS B 190 48.76 -2.09 3.98
C LYS B 190 49.72 -3.27 3.95
N PRO B 191 51.02 -3.06 4.01
CA PRO B 191 51.96 -4.18 3.98
C PRO B 191 52.08 -4.87 5.34
N LEU B 192 52.58 -6.09 5.28
CA LEU B 192 52.78 -6.91 6.47
C LEU B 192 53.87 -6.32 7.37
N LYS B 193 53.71 -6.48 8.67
CA LYS B 193 54.68 -5.95 9.61
C LYS B 193 55.84 -6.92 9.85
N ASN B 194 56.93 -6.40 10.43
CA ASN B 194 58.18 -7.07 10.76
C ASN B 194 58.09 -8.16 11.83
N THR B 195 56.92 -8.48 12.38
CA THR B 195 56.81 -9.51 13.42
C THR B 195 57.38 -10.86 12.93
N THR B 196 57.67 -11.74 13.90
CA THR B 196 58.23 -13.08 13.63
C THR B 196 57.46 -13.87 12.59
N ASP B 197 56.20 -13.54 12.33
CA ASP B 197 55.42 -14.26 11.34
C ASP B 197 55.38 -13.38 10.11
N LEU B 198 55.98 -13.88 9.05
CA LEU B 198 56.10 -13.25 7.76
C LEU B 198 56.67 -14.31 6.85
N PRO B 199 56.38 -14.29 5.54
CA PRO B 199 56.94 -15.32 4.68
C PRO B 199 58.45 -15.25 4.69
N GLU B 200 59.07 -16.27 4.12
CA GLU B 200 60.53 -16.33 4.06
C GLU B 200 61.07 -15.16 3.25
N GLU B 201 60.70 -15.12 1.98
CA GLU B 201 61.09 -14.10 1.00
C GLU B 201 61.09 -12.64 1.49
N LEU B 202 59.97 -12.20 2.05
CA LEU B 202 59.76 -10.83 2.53
C LEU B 202 60.71 -10.31 3.61
N GLN B 203 61.38 -11.16 4.38
CA GLN B 203 62.27 -10.67 5.44
C GLN B 203 63.26 -9.59 4.96
N ALA B 204 64.09 -9.89 3.99
CA ALA B 204 65.06 -8.91 3.51
C ALA B 204 64.40 -7.71 2.83
N ASN B 205 65.04 -6.53 3.00
CA ASN B 205 64.58 -5.26 2.43
C ASN B 205 63.17 -4.85 2.85
N TYR B 206 62.86 -5.02 4.14
CA TYR B 206 61.53 -4.64 4.63
C TYR B 206 61.27 -3.14 4.56
N ASN B 207 60.92 -2.65 3.37
CA ASN B 207 60.62 -1.24 3.17
C ASN B 207 59.13 -1.12 3.44
N GLN B 208 58.78 -0.77 4.68
CA GLN B 208 57.38 -0.63 5.07
C GLN B 208 56.58 0.06 3.97
N TYR B 209 57.04 1.22 3.53
CA TYR B 209 56.37 1.97 2.48
C TYR B 209 56.27 1.28 1.13
N VAL B 210 56.70 0.03 1.01
CA VAL B 210 56.65 -0.69 -0.25
C VAL B 210 55.80 -1.95 -0.13
N LEU B 211 54.89 -2.15 -1.09
CA LEU B 211 54.03 -3.33 -1.10
C LEU B 211 54.81 -4.36 -1.91
N PRO B 212 55.24 -5.46 -1.32
CA PRO B 212 56.03 -6.45 -2.07
C PRO B 212 55.27 -7.37 -3.03
N LEU B 213 55.94 -7.65 -4.14
CA LEU B 213 55.46 -8.52 -5.22
C LEU B 213 56.57 -9.54 -5.42
N ARG B 214 56.23 -10.82 -5.38
CA ARG B 214 57.25 -11.84 -5.57
C ARG B 214 56.69 -13.01 -6.37
N CYS B 215 57.40 -13.38 -7.43
CA CYS B 215 57.02 -14.48 -8.31
C CYS B 215 57.77 -15.74 -7.94
N ALA B 216 57.18 -16.88 -8.29
CA ALA B 216 57.76 -18.18 -8.00
C ALA B 216 57.22 -19.19 -9.00
N ALA B 217 57.47 -20.47 -8.74
CA ALA B 217 57.02 -21.55 -9.59
C ALA B 217 55.83 -22.26 -8.97
N LYS B 218 54.84 -22.57 -9.80
CA LYS B 218 53.64 -23.26 -9.31
C LYS B 218 53.98 -24.63 -8.72
N ARG B 219 54.77 -25.42 -9.43
CA ARG B 219 55.15 -26.74 -8.97
C ARG B 219 56.57 -26.73 -8.39
N GLU B 220 56.83 -27.71 -7.53
CA GLU B 220 58.14 -27.82 -6.90
C GLU B 220 59.23 -28.17 -7.90
N GLU B 221 58.89 -28.94 -8.93
CA GLU B 221 59.86 -29.32 -9.95
C GLU B 221 60.37 -28.12 -10.74
N ASP B 222 59.45 -27.34 -11.31
CA ASP B 222 59.77 -26.16 -12.12
C ASP B 222 60.75 -25.19 -11.48
N ARG B 223 60.92 -25.21 -10.15
CA ARG B 223 61.86 -24.31 -9.49
C ARG B 223 63.19 -24.25 -10.22
N GLU B 224 63.84 -25.41 -10.34
CA GLU B 224 65.13 -25.53 -11.00
C GLU B 224 65.14 -24.99 -12.43
N LYS B 225 64.07 -25.22 -13.19
CA LYS B 225 64.02 -24.75 -14.57
C LYS B 225 63.78 -23.26 -14.72
N ILE B 226 63.50 -22.54 -13.65
CA ILE B 226 63.27 -21.10 -13.69
C ILE B 226 64.57 -20.45 -13.23
N GLY B 227 65.06 -19.47 -13.98
CA GLY B 227 66.30 -18.85 -13.60
C GLY B 227 66.35 -17.70 -12.63
N SER B 228 66.71 -16.50 -13.09
CA SER B 228 66.80 -15.35 -12.21
C SER B 228 65.74 -14.28 -12.48
N ILE B 229 64.79 -14.21 -11.56
CA ILE B 229 63.69 -13.26 -11.56
C ILE B 229 64.25 -11.91 -11.10
N GLU B 230 64.41 -10.97 -12.02
CA GLU B 230 64.96 -9.64 -11.71
C GLU B 230 63.86 -8.57 -11.75
N TYR B 231 63.44 -8.13 -10.56
CA TYR B 231 62.40 -7.12 -10.43
C TYR B 231 62.94 -5.69 -10.51
N PHE B 232 62.26 -4.84 -11.28
CA PHE B 232 62.61 -3.44 -11.47
C PHE B 232 61.44 -2.61 -10.94
N GLY B 233 61.74 -1.55 -10.19
CA GLY B 233 60.68 -0.73 -9.66
C GLY B 233 61.18 0.57 -9.08
N LEU B 234 60.27 1.26 -8.40
CA LEU B 234 60.57 2.55 -7.77
C LEU B 234 61.55 2.35 -6.63
N GLY B 235 62.73 2.95 -6.74
CA GLY B 235 63.73 2.82 -5.70
C GLY B 235 64.55 1.55 -5.78
N GLY B 236 64.27 0.69 -6.76
CA GLY B 236 64.97 -0.55 -6.94
C GLY B 236 64.34 -1.71 -6.20
N TYR B 237 63.28 -1.47 -5.45
CA TYR B 237 62.59 -2.50 -4.70
C TYR B 237 61.58 -3.23 -5.58
N ALA B 238 61.19 -4.40 -5.12
CA ALA B 238 60.23 -5.23 -5.83
C ALA B 238 58.83 -5.01 -5.26
N GLY B 239 58.32 -3.80 -5.45
CA GLY B 239 57.00 -3.51 -4.93
C GLY B 239 56.45 -2.20 -5.46
N PHE B 240 55.37 -1.78 -4.83
CA PHE B 240 54.67 -0.54 -5.18
C PHE B 240 54.78 0.46 -4.05
N PRO B 241 55.24 1.68 -4.34
CA PRO B 241 55.36 2.71 -3.29
C PRO B 241 53.99 3.17 -2.80
N LEU B 242 53.84 3.22 -1.49
CA LEU B 242 52.58 3.65 -0.88
C LEU B 242 52.21 5.10 -1.18
N GLN B 243 53.15 5.92 -1.64
CA GLN B 243 52.87 7.33 -1.93
C GLN B 243 51.89 7.56 -3.08
N TYR B 244 51.67 6.58 -3.95
CA TYR B 244 50.74 6.75 -5.07
C TYR B 244 49.31 6.44 -4.67
N TYR B 245 49.02 6.37 -3.39
CA TYR B 245 47.70 6.08 -2.87
C TYR B 245 47.31 7.11 -1.81
N PRO B 246 46.01 7.32 -1.59
CA PRO B 246 45.03 6.56 -2.36
C PRO B 246 44.64 7.20 -3.69
N TYR B 247 43.78 6.51 -4.43
CA TYR B 247 43.28 6.95 -5.71
C TYR B 247 41.97 7.67 -5.46
N TYR B 248 41.81 8.85 -6.03
CA TYR B 248 40.61 9.65 -5.85
C TYR B 248 39.58 9.50 -6.96
N GLY B 249 39.76 8.57 -7.88
CA GLY B 249 38.73 8.48 -8.91
C GLY B 249 38.99 9.37 -10.10
N LYS B 250 38.46 8.95 -11.24
CA LYS B 250 38.62 9.69 -12.49
C LYS B 250 38.16 11.13 -12.40
N ARG B 251 36.93 11.36 -11.94
CA ARG B 251 36.39 12.71 -11.85
C ARG B 251 37.25 13.66 -11.03
N LEU B 252 37.80 13.20 -9.91
CA LEU B 252 38.62 14.08 -9.09
C LEU B 252 40.11 13.99 -9.34
N GLN B 253 40.58 13.07 -10.19
CA GLN B 253 42.01 12.96 -10.43
C GLN B 253 42.36 12.60 -11.87
N LYS B 254 41.75 13.22 -12.86
CA LYS B 254 42.13 12.86 -14.22
C LYS B 254 43.64 13.03 -14.37
N LYS B 255 44.21 12.31 -15.34
CA LYS B 255 45.66 12.36 -15.57
C LYS B 255 46.41 11.79 -14.35
N TYR B 256 45.97 10.62 -13.90
CA TYR B 256 46.58 9.94 -12.76
C TYR B 256 47.27 8.68 -13.24
N LEU B 257 48.49 8.45 -12.75
CA LEU B 257 49.27 7.29 -13.12
C LEU B 257 49.52 6.39 -11.92
N GLN B 258 49.25 5.10 -12.09
CA GLN B 258 49.40 4.05 -11.09
C GLN B 258 50.80 3.45 -11.20
N PRO B 259 51.44 3.10 -10.09
CA PRO B 259 52.78 2.51 -10.17
C PRO B 259 52.78 1.24 -10.99
N LEU B 260 53.96 0.82 -11.42
CA LEU B 260 54.14 -0.37 -12.22
C LEU B 260 55.40 -1.08 -11.76
N LEU B 261 55.45 -2.40 -11.98
CA LEU B 261 56.64 -3.14 -11.58
C LEU B 261 57.07 -4.06 -12.72
N ALA B 262 58.31 -3.94 -13.16
CA ALA B 262 58.79 -4.77 -14.25
C ALA B 262 59.45 -6.03 -13.70
N ILE B 263 59.29 -7.14 -14.42
CA ILE B 263 59.87 -8.41 -13.99
C ILE B 263 60.56 -9.08 -15.17
N GLN B 264 61.88 -9.27 -15.08
CA GLN B 264 62.62 -9.92 -16.16
C GLN B 264 62.91 -11.35 -15.73
N PHE B 265 62.51 -12.30 -16.56
CA PHE B 265 62.72 -13.71 -16.28
C PHE B 265 64.00 -14.21 -16.94
N THR B 266 65.14 -13.65 -16.53
CA THR B 266 66.39 -14.09 -17.12
C THR B 266 66.65 -15.57 -16.86
N ASN B 267 67.55 -16.13 -17.66
CA ASN B 267 67.95 -17.54 -17.60
C ASN B 267 66.76 -18.49 -17.59
N LEU B 268 66.00 -18.45 -18.69
CA LEU B 268 64.82 -19.29 -18.85
C LEU B 268 65.15 -20.49 -19.73
N THR B 269 64.87 -21.70 -19.22
CA THR B 269 65.13 -22.91 -19.98
C THR B 269 64.41 -22.85 -21.32
N GLN B 270 65.07 -23.32 -22.36
CA GLN B 270 64.51 -23.31 -23.70
C GLN B 270 63.69 -24.56 -24.01
N ASN B 271 62.67 -24.35 -24.85
CA ASN B 271 61.74 -25.38 -25.32
C ASN B 271 61.05 -26.17 -24.21
N MET B 272 60.36 -25.45 -23.32
CA MET B 272 59.64 -26.10 -22.22
C MET B 272 58.69 -25.13 -21.52
N GLU B 273 57.43 -25.55 -21.35
CA GLU B 273 56.40 -24.75 -20.69
C GLU B 273 56.64 -24.56 -19.20
N LEU B 274 56.85 -23.31 -18.78
CA LEU B 274 57.08 -22.98 -17.38
C LEU B 274 55.92 -22.18 -16.81
N ARG B 275 55.37 -22.66 -15.68
CA ARG B 275 54.25 -22.05 -14.98
C ARG B 275 54.80 -21.17 -13.86
N ILE B 276 54.67 -19.85 -14.01
CA ILE B 276 55.16 -18.87 -13.04
C ILE B 276 53.99 -18.14 -12.38
N GLU B 277 53.90 -18.22 -11.06
CA GLU B 277 52.84 -17.57 -10.30
C GLU B 277 53.42 -16.40 -9.52
N CYS B 278 52.91 -15.19 -9.76
CA CYS B 278 53.35 -13.99 -9.08
C CYS B 278 52.33 -13.65 -8.00
N LYS B 279 52.80 -13.16 -6.85
CA LYS B 279 51.88 -12.84 -5.78
C LYS B 279 52.31 -11.64 -4.94
N VAL B 280 51.33 -10.76 -4.64
CA VAL B 280 51.50 -9.55 -3.83
C VAL B 280 51.13 -9.92 -2.40
N TYR B 281 51.72 -9.24 -1.42
CA TYR B 281 51.44 -9.52 -0.02
C TYR B 281 50.98 -8.26 0.70
N GLY B 282 50.11 -8.42 1.68
CA GLY B 282 49.61 -7.28 2.42
C GLY B 282 48.36 -7.62 3.22
N GLU B 283 48.08 -6.76 4.20
CA GLU B 283 46.92 -6.95 5.08
C GLU B 283 45.60 -6.95 4.32
N ASN B 284 45.24 -5.82 3.69
CA ASN B 284 43.96 -5.85 2.97
C ASN B 284 44.09 -6.47 1.59
N ILE B 285 44.80 -7.60 1.53
CA ILE B 285 45.01 -8.36 0.30
C ILE B 285 44.60 -9.78 0.62
N ASP B 286 43.70 -10.34 -0.18
CA ASP B 286 43.25 -11.70 0.04
C ASP B 286 43.05 -12.36 -1.31
N TYR B 287 43.44 -13.63 -1.40
CA TYR B 287 43.31 -14.38 -2.64
C TYR B 287 42.01 -15.17 -2.66
N SER B 288 41.67 -15.67 -3.83
CA SER B 288 40.45 -16.44 -4.02
C SER B 288 40.74 -17.66 -4.88
N GLU B 289 40.25 -18.82 -4.45
CA GLU B 289 40.46 -20.05 -5.20
C GLU B 289 39.67 -20.08 -6.50
N LYS B 290 38.71 -19.17 -6.67
CA LYS B 290 37.89 -19.10 -7.87
C LYS B 290 38.40 -18.07 -8.87
N ASP B 291 38.80 -16.90 -8.38
CA ASP B 291 39.33 -15.83 -9.21
C ASP B 291 40.84 -15.95 -9.13
N ARG B 292 41.46 -16.35 -10.23
CA ARG B 292 42.91 -16.52 -10.28
C ARG B 292 43.65 -15.24 -10.60
N PHE B 293 43.01 -14.09 -10.42
CA PHE B 293 43.63 -12.80 -10.68
C PHE B 293 43.49 -11.87 -9.48
N ARG B 294 42.93 -12.35 -8.38
CA ARG B 294 42.74 -11.58 -7.16
C ARG B 294 44.02 -11.64 -6.33
N GLY B 295 44.81 -10.58 -6.40
CA GLY B 295 46.06 -10.51 -5.65
C GLY B 295 47.24 -11.19 -6.31
N ARG B 296 47.02 -12.29 -7.02
CA ARG B 296 48.08 -13.01 -7.69
C ARG B 296 47.74 -13.16 -9.16
N PHE B 297 48.65 -13.78 -9.90
CA PHE B 297 48.41 -14.00 -11.32
C PHE B 297 49.32 -15.13 -11.77
N GLU B 298 48.91 -15.82 -12.83
CA GLU B 298 49.66 -16.93 -13.38
C GLU B 298 50.03 -16.65 -14.83
N VAL B 299 51.22 -17.06 -15.22
CA VAL B 299 51.71 -16.86 -16.57
C VAL B 299 52.42 -18.13 -17.02
N LYS B 300 52.21 -18.49 -18.27
CA LYS B 300 52.84 -19.67 -18.84
C LYS B 300 53.81 -19.09 -19.86
N ILE B 301 55.10 -19.38 -19.68
CA ILE B 301 56.10 -18.86 -20.59
C ILE B 301 56.81 -20.05 -21.23
N GLU B 302 57.07 -19.93 -22.52
CA GLU B 302 57.74 -20.97 -23.28
C GLU B 302 58.47 -20.26 -24.41
N VAL B 303 59.77 -20.05 -24.23
CA VAL B 303 60.59 -19.37 -25.23
C VAL B 303 61.17 -20.51 -26.07
N LYS B 304 60.40 -20.94 -27.07
CA LYS B 304 60.80 -22.01 -27.96
C LYS B 304 61.62 -21.45 -29.12
N SER B 305 62.87 -21.91 -29.23
CA SER B 305 63.74 -21.45 -30.29
C SER B 305 64.62 -22.58 -30.81
N GLU C 24 38.02 8.06 10.98
CA GLU C 24 38.24 7.22 9.79
C GLU C 24 39.68 7.37 9.31
N GLY C 25 39.86 7.35 8.00
CA GLY C 25 41.16 7.49 7.41
C GLY C 25 41.79 6.18 6.96
N PRO C 26 43.00 5.91 7.43
CA PRO C 26 43.68 4.66 7.04
C PRO C 26 42.95 3.38 7.38
N ASP C 27 42.36 3.26 8.58
CA ASP C 27 41.66 2.06 8.99
C ASP C 27 40.20 2.01 8.54
N ASN C 28 39.87 2.58 7.38
CA ASN C 28 38.51 2.58 6.87
C ASN C 28 38.20 1.24 6.18
N ASP C 29 38.38 0.15 6.94
CA ASP C 29 38.13 -1.18 6.41
C ASP C 29 36.64 -1.49 6.27
N GLU C 30 35.80 -0.90 7.14
CA GLU C 30 34.36 -1.16 7.09
C GLU C 30 33.75 -0.74 5.75
N ARG C 31 34.32 0.26 5.10
CA ARG C 31 33.81 0.75 3.82
C ARG C 31 33.86 -0.30 2.71
N PHE C 32 34.39 -1.49 3.00
CA PHE C 32 34.47 -2.54 2.00
C PHE C 32 33.91 -3.87 2.52
N THR C 33 33.06 -3.83 3.54
CA THR C 33 32.47 -5.03 4.11
C THR C 33 30.95 -4.94 4.11
N TYR C 34 30.32 -6.10 3.92
CA TYR C 34 28.86 -6.21 3.91
C TYR C 34 28.51 -7.52 4.60
N ASP C 35 27.53 -7.46 5.50
CA ASP C 35 27.11 -8.64 6.25
C ASP C 35 26.08 -9.47 5.48
N TYR C 36 26.59 -10.19 4.47
CA TYR C 36 25.70 -11.02 3.66
C TYR C 36 25.12 -12.16 4.49
N TYR C 37 25.85 -12.61 5.52
CA TYR C 37 25.36 -13.69 6.37
C TYR C 37 24.03 -13.34 7.00
N ARG C 38 23.97 -12.22 7.73
CA ARG C 38 22.73 -11.81 8.38
C ARG C 38 21.63 -11.61 7.36
N LEU C 39 21.97 -11.11 6.17
CA LEU C 39 20.96 -10.90 5.14
C LEU C 39 20.35 -12.21 4.69
N ARG C 40 21.20 -13.23 4.50
CA ARG C 40 20.69 -14.53 4.08
C ARG C 40 19.83 -15.13 5.18
N VAL C 41 20.25 -15.00 6.43
CA VAL C 41 19.46 -15.55 7.54
C VAL C 41 18.06 -14.97 7.53
N VAL C 42 17.96 -13.63 7.49
CA VAL C 42 16.65 -12.98 7.48
C VAL C 42 15.85 -13.37 6.25
N GLY C 43 16.46 -13.32 5.06
CA GLY C 43 15.72 -13.67 3.86
C GLY C 43 15.17 -15.08 3.91
N LEU C 44 15.83 -15.97 4.64
CA LEU C 44 15.32 -17.33 4.73
C LEU C 44 14.18 -17.38 5.72
N ILE C 45 14.32 -16.68 6.85
CA ILE C 45 13.24 -16.67 7.83
C ILE C 45 11.96 -16.21 7.15
N VAL C 46 12.07 -15.11 6.38
CA VAL C 46 10.93 -14.56 5.68
C VAL C 46 10.36 -15.54 4.67
N ALA C 47 11.23 -16.17 3.86
CA ALA C 47 10.72 -17.13 2.88
C ALA C 47 9.93 -18.22 3.57
N ALA C 48 10.47 -18.73 4.67
CA ALA C 48 9.80 -19.77 5.45
C ALA C 48 8.43 -19.33 5.90
N VAL C 49 8.35 -18.13 6.47
CA VAL C 49 7.07 -17.61 6.95
C VAL C 49 6.06 -17.55 5.81
N LEU C 50 6.46 -16.95 4.68
CA LEU C 50 5.54 -16.85 3.55
C LEU C 50 5.05 -18.22 3.11
N CYS C 51 5.95 -19.22 3.12
CA CYS C 51 5.58 -20.58 2.74
C CYS C 51 4.53 -21.14 3.68
N VAL C 52 4.73 -20.94 4.99
CA VAL C 52 3.78 -21.45 5.97
C VAL C 52 2.42 -20.81 5.74
N ILE C 53 2.36 -19.47 5.78
CA ILE C 53 1.11 -18.73 5.56
C ILE C 53 0.39 -19.31 4.34
N GLY C 54 1.15 -19.56 3.27
CA GLY C 54 0.55 -20.14 2.09
C GLY C 54 -0.18 -21.42 2.40
N ILE C 55 0.53 -22.35 3.06
CA ILE C 55 -0.09 -23.63 3.43
C ILE C 55 -1.35 -23.41 4.26
N ILE C 56 -1.27 -22.51 5.24
CA ILE C 56 -2.43 -22.21 6.10
C ILE C 56 -3.64 -21.86 5.24
N ILE C 57 -3.47 -20.89 4.35
CA ILE C 57 -4.56 -20.47 3.48
C ILE C 57 -5.09 -21.64 2.65
N LEU C 58 -4.18 -22.44 2.10
CA LEU C 58 -4.57 -23.57 1.27
C LEU C 58 -5.42 -24.60 2.01
N LEU C 59 -5.00 -25.02 3.20
CA LEU C 59 -5.76 -26.03 3.95
C LEU C 59 -6.88 -25.48 4.83
N ALA C 60 -7.00 -24.15 4.98
CA ALA C 60 -8.04 -23.54 5.80
C ALA C 60 -9.41 -23.69 5.15
N GLY C 61 -10.18 -24.67 5.58
CA GLY C 61 -11.51 -24.92 5.04
C GLY C 61 -11.78 -26.41 5.03
N LYS C 62 -10.70 -27.17 4.87
CA LYS C 62 -10.75 -28.62 4.86
C LYS C 62 -10.57 -29.17 6.26
N CYS C 63 -11.00 -28.39 7.25
CA CYS C 63 -10.91 -28.68 8.67
C CYS C 63 -11.70 -27.63 9.43
N ASP D 36 13.02 62.42 37.45
CA ASP D 36 14.02 61.39 37.20
C ASP D 36 14.79 61.74 35.93
N LEU D 37 15.63 62.79 36.02
CA LEU D 37 16.42 63.21 34.87
C LEU D 37 17.41 62.12 34.51
N ASP D 38 17.23 61.54 33.32
CA ASP D 38 18.13 60.47 32.90
C ASP D 38 19.50 60.98 32.48
N GLU D 39 19.57 62.13 31.79
CA GLU D 39 20.88 62.63 31.37
C GLU D 39 21.77 62.93 32.58
N LEU D 40 21.18 63.30 33.73
CA LEU D 40 22.03 63.57 34.89
C LEU D 40 22.36 62.28 35.62
N LYS D 41 21.74 61.18 35.20
CA LYS D 41 21.96 59.87 35.78
C LYS D 41 22.82 59.04 34.85
N LYS D 42 22.90 59.44 33.58
CA LYS D 42 23.70 58.75 32.59
C LYS D 42 25.14 59.20 32.72
N GLU D 43 25.35 60.40 33.25
CA GLU D 43 26.67 60.98 33.46
C GLU D 43 27.45 60.14 34.45
N VAL D 44 28.77 60.24 34.37
CA VAL D 44 29.62 59.48 35.28
C VAL D 44 29.68 60.22 36.62
N SER D 45 29.74 59.42 37.69
CA SER D 45 29.78 59.94 39.05
C SER D 45 30.86 60.99 39.29
N MET D 46 30.49 61.99 40.09
CA MET D 46 31.31 63.12 40.51
C MET D 46 31.35 63.05 42.03
N ASP D 47 32.21 63.83 42.67
CA ASP D 47 32.26 63.76 44.13
C ASP D 47 33.03 64.93 44.72
N ASP D 48 33.13 64.91 46.05
CA ASP D 48 33.82 65.91 46.85
C ASP D 48 34.97 65.28 47.64
N HIS D 49 35.49 64.15 47.14
CA HIS D 49 36.58 63.43 47.78
C HIS D 49 37.81 64.31 47.99
N LYS D 50 38.29 64.98 46.94
CA LYS D 50 39.47 65.84 47.04
C LYS D 50 39.18 67.05 47.91
N LEU D 51 39.19 66.82 49.21
CA LEU D 51 38.93 67.87 50.19
C LEU D 51 39.78 67.54 51.41
N SER D 52 39.39 68.08 52.56
CA SER D 52 40.11 67.86 53.81
C SER D 52 39.12 67.40 54.86
N LEU D 53 39.63 67.10 56.05
CA LEU D 53 38.70 66.66 57.09
C LEU D 53 37.98 67.87 57.66
N ASP D 54 38.64 69.03 57.59
CA ASP D 54 38.03 70.26 58.08
C ASP D 54 37.00 70.75 57.08
N GLU D 55 37.33 70.70 55.79
CA GLU D 55 36.39 71.13 54.76
C GLU D 55 35.16 70.22 54.74
N LEU D 56 35.38 68.92 54.97
CA LEU D 56 34.27 67.98 54.99
C LEU D 56 33.36 68.25 56.17
N HIS D 57 33.95 68.37 57.37
CA HIS D 57 33.16 68.64 58.55
C HIS D 57 32.48 70.00 58.46
N ASN D 58 33.09 70.93 57.71
CA ASN D 58 32.54 72.26 57.54
C ASN D 58 31.43 72.29 56.49
N LYS D 59 31.39 71.29 55.61
CA LYS D 59 30.35 71.30 54.61
C LYS D 59 29.11 70.56 55.08
N TYR D 60 29.26 69.39 55.72
CA TYR D 60 28.04 68.75 56.17
C TYR D 60 27.70 69.07 57.61
N GLY D 61 28.69 69.50 58.41
CA GLY D 61 28.48 69.85 59.81
C GLY D 61 28.72 68.65 60.69
N THR D 62 29.89 68.51 61.33
CA THR D 62 30.06 67.33 62.17
C THR D 62 31.36 67.33 62.95
N ASP D 63 31.25 66.89 64.21
CA ASP D 63 32.38 66.78 65.13
C ASP D 63 33.16 65.53 64.78
N LEU D 64 34.46 65.68 64.49
CA LEU D 64 35.26 64.51 64.14
C LEU D 64 35.47 63.59 65.34
N THR D 65 35.41 64.13 66.56
CA THR D 65 35.61 63.33 67.76
C THR D 65 34.37 63.13 68.61
N ARG D 66 33.27 63.84 68.33
CA ARG D 66 32.06 63.68 69.12
C ARG D 66 30.85 63.36 68.26
N GLY D 67 30.95 63.49 66.95
CA GLY D 67 29.83 63.19 66.08
C GLY D 67 28.73 64.22 66.23
N LEU D 68 27.54 63.81 65.82
CA LEU D 68 26.37 64.66 65.89
C LEU D 68 25.64 64.48 67.22
N THR D 69 24.64 65.32 67.43
CA THR D 69 23.82 65.29 68.63
C THR D 69 22.57 64.52 68.24
N ASN D 70 21.93 63.88 69.22
CA ASN D 70 20.72 63.11 68.90
C ASN D 70 19.61 64.00 68.34
N ALA D 71 19.42 65.19 68.93
CA ALA D 71 18.37 66.07 68.42
C ALA D 71 18.67 66.48 66.98
N ARG D 72 19.94 66.79 66.69
CA ARG D 72 20.32 67.19 65.35
C ARG D 72 20.19 66.01 64.39
N ALA D 73 20.52 64.82 64.88
CA ALA D 73 20.42 63.62 64.05
C ALA D 73 18.97 63.40 63.64
N LYS D 74 18.04 63.52 64.59
CA LYS D 74 16.64 63.32 64.24
C LYS D 74 16.14 64.44 63.35
N GLU D 75 16.69 65.66 63.52
CA GLU D 75 16.26 66.77 62.69
C GLU D 75 16.61 66.50 61.23
N ILE D 76 17.74 65.82 61.01
CA ILE D 76 18.12 65.53 59.63
C ILE D 76 17.40 64.29 59.14
N LEU D 77 17.21 63.30 60.02
CA LEU D 77 16.52 62.07 59.67
C LEU D 77 15.13 62.41 59.12
N ALA D 78 14.47 63.36 59.76
CA ALA D 78 13.14 63.77 59.33
C ALA D 78 13.25 64.77 58.17
N ARG D 79 14.39 65.44 58.04
CA ARG D 79 14.57 66.42 56.97
C ARG D 79 14.76 65.80 55.59
N ASP D 80 15.45 64.66 55.46
CA ASP D 80 15.61 64.13 54.09
C ASP D 80 15.24 62.69 53.80
N GLY D 81 14.99 61.84 54.79
CA GLY D 81 14.63 60.47 54.47
C GLY D 81 15.60 59.41 54.93
N PRO D 82 15.06 58.24 55.27
CA PRO D 82 15.91 57.13 55.74
C PRO D 82 16.90 56.65 54.69
N ASN D 83 17.99 56.06 55.19
CA ASN D 83 19.08 55.51 54.37
C ASN D 83 18.70 54.15 53.78
N SER D 84 17.60 54.11 53.04
CA SER D 84 17.13 52.86 52.43
C SER D 84 16.65 53.10 51.00
N LEU D 85 17.08 52.23 50.09
CA LEU D 85 16.68 52.33 48.69
C LEU D 85 15.17 52.18 48.53
N THR D 86 14.64 52.91 47.56
CA THR D 86 13.21 52.88 47.28
C THR D 86 12.77 51.50 46.78
N PRO D 87 11.58 51.05 47.15
CA PRO D 87 11.11 49.74 46.68
C PRO D 87 10.76 49.85 45.21
N PRO D 88 10.77 48.74 44.48
CA PRO D 88 10.45 48.79 43.05
C PRO D 88 9.00 49.17 42.82
N PRO D 89 8.65 49.57 41.60
CA PRO D 89 7.24 49.92 41.31
C PRO D 89 6.50 48.60 41.21
N THR D 90 5.52 48.40 42.10
CA THR D 90 4.78 47.15 42.10
C THR D 90 3.64 47.15 41.08
N THR D 91 2.96 46.00 40.96
CA THR D 91 1.86 45.82 40.02
C THR D 91 0.92 44.70 40.45
N PRO D 92 -0.40 44.86 40.31
CA PRO D 92 -1.35 43.81 40.70
C PRO D 92 -1.41 42.69 39.67
N GLU D 93 -2.02 41.57 40.07
CA GLU D 93 -2.12 40.42 39.17
C GLU D 93 -3.19 40.56 38.07
N TRP D 94 -4.26 41.34 38.30
CA TRP D 94 -5.24 41.44 37.22
C TRP D 94 -4.65 42.29 36.11
N ILE D 95 -3.72 43.17 36.46
CA ILE D 95 -3.07 44.00 35.47
C ILE D 95 -2.23 43.12 34.56
N LYS D 96 -1.35 42.30 35.17
CA LYS D 96 -0.53 41.42 34.35
C LYS D 96 -1.39 40.42 33.60
N PHE D 97 -2.72 40.40 33.83
CA PHE D 97 -3.50 39.44 33.05
C PHE D 97 -4.15 40.18 31.89
N CYS D 98 -4.33 41.50 32.05
CA CYS D 98 -4.92 42.27 30.96
C CYS D 98 -3.86 42.43 29.89
N ARG D 99 -2.60 42.58 30.31
CA ARG D 99 -1.52 42.72 29.33
C ARG D 99 -1.50 41.53 28.40
N GLN D 100 -1.56 40.32 28.96
CA GLN D 100 -1.53 39.10 28.17
C GLN D 100 -2.79 38.95 27.33
N LEU D 101 -3.94 39.48 27.78
CA LEU D 101 -5.15 39.34 26.96
C LEU D 101 -5.07 40.18 25.68
N PHE D 102 -4.54 41.41 25.75
CA PHE D 102 -4.39 42.25 24.55
C PHE D 102 -2.97 42.11 23.99
N GLY D 103 -2.57 40.90 23.56
CA GLY D 103 -1.23 40.70 23.05
C GLY D 103 -1.11 39.65 21.96
N GLY D 104 0.13 39.41 21.53
CA GLY D 104 0.44 38.46 20.47
C GLY D 104 -0.53 38.77 19.35
N PHE D 105 -1.27 37.79 18.84
CA PHE D 105 -2.22 38.17 17.81
C PHE D 105 -3.62 38.10 18.36
N SER D 106 -3.76 38.26 19.68
CA SER D 106 -5.08 38.21 20.28
C SER D 106 -5.93 39.36 19.72
N ILE D 107 -5.33 40.23 18.91
CA ILE D 107 -6.11 41.33 18.35
C ILE D 107 -6.87 40.84 17.13
N LEU D 108 -6.18 40.08 16.27
CA LEU D 108 -6.81 39.50 15.10
C LEU D 108 -8.06 38.77 15.54
N LEU D 109 -7.92 37.94 16.59
CA LEU D 109 -9.01 37.14 17.14
C LEU D 109 -10.01 37.95 17.95
N TRP D 110 -9.62 39.07 18.57
CA TRP D 110 -10.61 39.84 19.31
C TRP D 110 -11.61 40.39 18.34
N ILE D 111 -11.11 40.96 17.23
CA ILE D 111 -12.04 41.49 16.25
C ILE D 111 -12.85 40.34 15.66
N GLY D 112 -12.20 39.20 15.35
CA GLY D 112 -12.97 38.09 14.81
C GLY D 112 -14.17 37.78 15.70
N ALA D 113 -13.93 37.76 17.01
CA ALA D 113 -14.99 37.49 17.98
C ALA D 113 -16.06 38.58 17.97
N ILE D 114 -15.63 39.85 18.00
CA ILE D 114 -16.56 40.97 17.99
C ILE D 114 -17.42 40.95 16.74
N LEU D 115 -16.79 40.72 15.59
CA LEU D 115 -17.49 40.67 14.31
C LEU D 115 -18.51 39.53 14.33
N CYS D 116 -18.11 38.38 14.88
CA CYS D 116 -19.00 37.24 14.97
C CYS D 116 -20.24 37.57 15.81
N PHE D 117 -20.04 38.20 16.98
CA PHE D 117 -21.24 38.51 17.77
C PHE D 117 -22.04 39.64 17.17
N LEU D 118 -21.42 40.50 16.36
CA LEU D 118 -22.19 41.58 15.75
C LEU D 118 -23.13 40.96 14.74
N ALA D 119 -22.60 40.02 13.95
CA ALA D 119 -23.43 39.35 12.97
C ALA D 119 -24.51 38.52 13.65
N TYR D 120 -24.26 38.03 14.87
CA TYR D 120 -25.35 37.26 15.46
C TYR D 120 -26.42 38.21 15.96
N GLY D 121 -26.03 39.39 16.42
CA GLY D 121 -26.98 40.37 16.90
C GLY D 121 -27.92 40.78 15.77
N ILE D 122 -27.34 41.31 14.69
CA ILE D 122 -28.12 41.74 13.54
C ILE D 122 -28.98 40.61 13.00
N GLN D 123 -28.40 39.42 12.85
CA GLN D 123 -29.16 38.28 12.33
C GLN D 123 -30.27 37.87 13.28
N ALA D 124 -30.10 38.08 14.58
CA ALA D 124 -31.12 37.72 15.56
C ALA D 124 -32.28 38.69 15.59
N ALA D 125 -32.00 39.99 15.56
CA ALA D 125 -33.09 40.96 15.60
C ALA D 125 -33.74 41.13 14.25
N THR D 126 -33.15 40.59 13.20
CA THR D 126 -33.80 40.75 11.91
C THR D 126 -34.79 39.62 11.64
N GLU D 127 -34.42 38.40 11.97
CA GLU D 127 -35.29 37.26 11.75
C GLU D 127 -35.24 36.36 12.97
N ASP D 128 -36.34 35.67 13.19
CA ASP D 128 -36.44 34.77 14.32
C ASP D 128 -35.85 33.41 14.00
N GLU D 129 -35.44 33.19 12.75
CA GLU D 129 -34.86 31.92 12.31
C GLU D 129 -33.52 32.11 11.61
N PRO D 130 -32.50 32.65 12.30
CA PRO D 130 -31.19 32.83 11.66
C PRO D 130 -30.22 31.70 11.95
N ALA D 131 -29.24 31.48 11.08
CA ALA D 131 -28.27 30.41 11.36
C ALA D 131 -27.39 30.89 12.49
N ASN D 132 -26.82 29.94 13.24
CA ASN D 132 -25.97 30.28 14.37
C ASN D 132 -24.48 30.05 14.13
N ASP D 133 -24.04 29.96 12.88
CA ASP D 133 -22.61 29.77 12.62
C ASP D 133 -21.77 30.84 13.29
N ASN D 134 -22.41 31.87 13.81
CA ASN D 134 -21.74 32.99 14.43
C ASN D 134 -21.74 32.92 15.94
N LEU D 135 -22.81 32.45 16.60
CA LEU D 135 -22.69 32.42 18.05
C LEU D 135 -21.66 31.36 18.45
N TYR D 136 -21.49 30.33 17.61
CA TYR D 136 -20.49 29.32 17.95
C TYR D 136 -19.13 29.87 17.56
N LEU D 137 -19.00 30.27 16.27
CA LEU D 137 -17.73 30.83 15.84
C LEU D 137 -17.16 31.87 16.80
N GLY D 138 -18.03 32.67 17.43
CA GLY D 138 -17.55 33.68 18.33
C GLY D 138 -17.21 33.16 19.70
N VAL D 139 -18.04 32.29 20.30
CA VAL D 139 -17.62 31.84 21.62
C VAL D 139 -16.34 31.02 21.50
N VAL D 140 -16.16 30.30 20.38
CA VAL D 140 -14.96 29.49 20.20
C VAL D 140 -13.74 30.39 20.08
N LEU D 141 -13.73 31.29 19.08
CA LEU D 141 -12.62 32.23 18.90
C LEU D 141 -12.22 32.87 20.25
N SER D 142 -13.23 33.36 20.98
CA SER D 142 -12.95 34.00 22.26
C SER D 142 -12.27 33.04 23.21
N THR D 143 -12.70 31.78 23.24
CA THR D 143 -12.05 30.82 24.12
C THR D 143 -10.61 30.62 23.72
N VAL D 144 -10.30 30.63 22.42
CA VAL D 144 -8.90 30.42 22.06
C VAL D 144 -8.06 31.58 22.57
N VAL D 145 -8.67 32.72 22.85
CA VAL D 145 -7.86 33.83 23.36
C VAL D 145 -7.75 33.77 24.87
N ILE D 146 -8.86 33.51 25.55
CA ILE D 146 -8.83 33.43 27.01
C ILE D 146 -7.94 32.28 27.47
N VAL D 147 -8.05 31.11 26.83
CA VAL D 147 -7.22 29.97 27.21
C VAL D 147 -5.74 30.25 26.95
N THR D 148 -5.41 30.86 25.79
CA THR D 148 -3.99 31.14 25.56
C THR D 148 -3.45 32.07 26.63
N GLY D 149 -4.24 33.08 27.01
CA GLY D 149 -3.77 34.01 28.03
C GLY D 149 -3.55 33.33 29.37
N CYS D 150 -4.43 32.40 29.73
CA CYS D 150 -4.27 31.71 31.01
C CYS D 150 -2.98 30.89 31.04
N PHE D 151 -2.67 30.19 29.95
CA PHE D 151 -1.46 29.37 29.93
C PHE D 151 -0.21 30.24 30.03
N SER D 152 -0.08 31.24 29.14
CA SER D 152 1.09 32.12 29.18
C SER D 152 1.24 32.76 30.56
N TYR D 153 0.12 33.14 31.17
CA TYR D 153 0.14 33.75 32.49
C TYR D 153 0.73 32.81 33.52
N TYR D 154 0.09 31.65 33.69
CA TYR D 154 0.53 30.64 34.64
C TYR D 154 2.06 30.50 34.57
N GLN D 155 2.59 30.52 33.34
CA GLN D 155 4.04 30.41 33.18
C GLN D 155 4.77 31.59 33.85
N GLU D 156 4.37 32.81 33.50
CA GLU D 156 5.03 33.98 34.07
C GLU D 156 4.86 34.08 35.59
N ALA D 157 3.94 33.34 36.19
CA ALA D 157 3.78 33.41 37.63
C ALA D 157 4.65 32.37 38.30
N LYS D 158 4.76 31.22 37.61
CA LYS D 158 5.58 30.13 38.11
C LYS D 158 7.00 30.64 38.31
N SER D 159 7.52 31.34 37.30
CA SER D 159 8.89 31.87 37.42
C SER D 159 9.04 32.92 38.54
N SER D 160 8.01 33.73 38.78
CA SER D 160 8.12 34.76 39.82
C SER D 160 8.18 34.18 41.23
N ARG D 161 7.49 33.08 41.50
CA ARG D 161 7.56 32.55 42.86
C ARG D 161 8.97 32.06 43.18
N ILE D 162 9.59 31.28 42.28
CA ILE D 162 10.93 30.81 42.54
C ILE D 162 11.87 32.00 42.57
N MET D 163 11.46 33.14 41.99
CA MET D 163 12.34 34.30 42.04
C MET D 163 12.25 34.96 43.41
N ASP D 164 11.06 34.88 44.03
CA ASP D 164 10.87 35.46 45.35
C ASP D 164 11.55 34.64 46.44
N SER D 165 11.50 33.30 46.34
CA SER D 165 12.12 32.47 47.38
C SER D 165 13.63 32.68 47.48
N PHE D 166 14.16 33.63 46.73
CA PHE D 166 15.58 33.95 46.76
C PHE D 166 15.84 35.31 47.37
N LYS D 167 14.88 36.23 47.23
CA LYS D 167 15.05 37.57 47.80
C LYS D 167 14.93 37.42 49.30
N ASN D 168 16.06 37.28 49.98
CA ASN D 168 16.08 37.15 51.43
C ASN D 168 16.61 38.46 51.97
N MET D 169 16.21 38.79 53.21
CA MET D 169 16.68 40.06 53.77
C MET D 169 16.67 39.93 55.29
N VAL D 170 17.86 39.77 55.85
CA VAL D 170 18.05 39.64 57.29
C VAL D 170 18.36 41.07 57.72
N PRO D 171 17.62 41.63 58.68
CA PRO D 171 17.88 43.01 59.09
C PRO D 171 19.33 43.20 59.53
N GLN D 172 19.82 44.43 59.33
CA GLN D 172 21.18 44.83 59.65
C GLN D 172 21.15 46.13 60.45
N GLN D 173 22.21 46.35 61.24
CA GLN D 173 22.33 47.56 62.06
C GLN D 173 23.76 48.08 62.07
N ALA D 174 23.92 49.39 61.94
CA ALA D 174 25.21 50.05 61.93
C ALA D 174 25.60 50.63 63.29
N LEU D 175 26.89 50.93 63.44
CA LEU D 175 27.47 51.49 64.66
C LEU D 175 27.79 52.97 64.41
N VAL D 176 27.01 53.85 65.04
CA VAL D 176 27.13 55.29 64.93
C VAL D 176 27.54 55.88 66.27
N ILE D 177 28.32 56.97 66.22
CA ILE D 177 28.79 57.66 67.41
C ILE D 177 28.12 59.02 67.50
N ARG D 178 27.27 59.20 68.50
CA ARG D 178 26.56 60.45 68.73
C ARG D 178 26.80 60.93 70.15
N ASP D 179 27.05 62.23 70.29
CA ASP D 179 27.30 62.86 71.57
C ASP D 179 28.51 62.24 72.25
N GLY D 180 29.37 61.60 71.46
CA GLY D 180 30.55 60.94 71.98
C GLY D 180 30.36 59.51 72.42
N GLU D 181 29.19 58.92 72.17
CA GLU D 181 28.92 57.54 72.58
C GLU D 181 28.61 56.66 71.37
N LYS D 182 28.97 55.39 71.52
CA LYS D 182 28.77 54.35 70.50
C LYS D 182 27.42 53.68 70.66
N SER D 183 26.64 53.63 69.58
CA SER D 183 25.33 53.00 69.60
C SER D 183 25.09 52.28 68.28
N THR D 184 24.37 51.16 68.34
CA THR D 184 24.06 50.36 67.17
C THR D 184 22.58 50.58 66.84
N ILE D 185 22.33 51.25 65.72
CA ILE D 185 20.98 51.56 65.28
C ILE D 185 20.72 50.97 63.91
N ASN D 186 19.44 50.69 63.64
CA ASN D 186 19.01 50.13 62.37
C ASN D 186 19.64 50.89 61.21
N ALA D 187 19.88 50.18 60.10
CA ALA D 187 20.49 50.83 58.95
C ALA D 187 19.62 51.94 58.39
N GLU D 188 18.31 51.88 58.61
CA GLU D 188 17.36 52.87 58.14
C GLU D 188 17.37 54.18 58.94
N PHE D 189 18.15 54.27 60.01
CA PHE D 189 18.19 55.49 60.82
C PHE D 189 19.49 56.29 60.69
N VAL D 190 20.38 55.92 59.78
CA VAL D 190 21.63 56.65 59.62
C VAL D 190 21.38 57.87 58.74
N VAL D 191 21.99 59.00 59.11
CA VAL D 191 21.81 60.22 58.35
C VAL D 191 23.15 60.75 57.87
N ALA D 192 23.12 61.85 57.13
CA ALA D 192 24.33 62.47 56.62
C ALA D 192 24.95 63.33 57.71
N GLY D 193 26.23 63.10 58.01
CA GLY D 193 26.93 63.87 59.02
C GLY D 193 27.37 63.11 60.26
N ASP D 194 26.62 62.10 60.70
CA ASP D 194 27.08 61.44 61.91
C ASP D 194 28.33 60.61 61.66
N LEU D 195 28.96 60.21 62.75
CA LEU D 195 30.18 59.41 62.71
C LEU D 195 29.78 57.95 62.68
N VAL D 196 30.44 57.17 61.83
CA VAL D 196 30.13 55.76 61.71
C VAL D 196 31.41 54.96 61.77
N GLU D 197 31.41 53.91 62.59
CA GLU D 197 32.55 53.03 62.75
C GLU D 197 32.21 51.68 62.14
N VAL D 198 33.20 51.06 61.50
CA VAL D 198 33.01 49.77 60.86
C VAL D 198 34.09 48.84 61.40
N LYS D 199 33.83 47.55 61.27
CA LYS D 199 34.69 46.49 61.74
C LYS D 199 34.66 45.33 60.75
N GLY D 200 35.82 44.71 60.54
CA GLY D 200 35.93 43.60 59.62
C GLY D 200 34.86 42.55 59.78
N GLY D 201 33.96 42.48 58.79
CA GLY D 201 32.86 41.53 58.82
C GLY D 201 31.53 42.23 58.65
N ASP D 202 31.52 43.54 58.88
CA ASP D 202 30.29 44.32 58.76
C ASP D 202 30.20 44.96 57.38
N ARG D 203 29.03 45.51 57.10
CA ARG D 203 28.74 46.17 55.83
C ARG D 203 28.72 47.68 55.96
N ILE D 204 29.31 48.37 54.98
CA ILE D 204 29.36 49.82 54.97
C ILE D 204 27.91 50.29 54.80
N PRO D 205 27.34 51.00 55.77
CA PRO D 205 25.94 51.45 55.66
C PRO D 205 25.59 52.45 54.57
N ALA D 206 26.33 53.54 54.47
CA ALA D 206 26.09 54.58 53.46
C ALA D 206 27.42 54.99 52.88
N ASP D 207 27.42 55.99 52.00
CA ASP D 207 28.68 56.43 51.41
C ASP D 207 29.40 57.28 52.45
N LEU D 208 30.47 56.72 52.99
CA LEU D 208 31.32 57.32 54.02
C LEU D 208 32.58 57.95 53.44
N ARG D 209 33.17 58.81 54.26
CA ARG D 209 34.41 59.54 53.97
C ARG D 209 35.29 59.15 55.15
N ILE D 210 36.20 58.20 54.91
CA ILE D 210 37.10 57.71 55.94
C ILE D 210 37.90 58.83 56.57
N ILE D 211 37.91 58.84 57.91
CA ILE D 211 38.65 59.83 58.67
C ILE D 211 39.82 59.22 59.44
N SER D 212 39.73 57.94 59.80
CA SER D 212 40.78 57.24 60.53
C SER D 212 40.60 55.74 60.29
N ALA D 213 41.65 55.07 59.83
CA ALA D 213 41.59 53.65 59.56
C ALA D 213 42.71 52.91 60.27
N HIS D 214 42.52 51.59 60.45
CA HIS D 214 43.52 50.74 61.10
C HIS D 214 43.62 49.45 60.28
N GLY D 215 44.41 49.50 59.19
CA GLY D 215 44.58 48.35 58.32
C GLY D 215 43.25 47.81 57.83
N CYS D 216 42.38 48.72 57.39
CA CYS D 216 41.05 48.37 56.90
C CYS D 216 41.02 48.10 55.40
N LYS D 217 40.42 46.96 55.02
CA LYS D 217 40.27 46.53 53.64
C LYS D 217 38.79 46.33 53.34
N VAL D 218 38.38 46.63 52.11
CA VAL D 218 36.99 46.48 51.70
C VAL D 218 36.90 45.72 50.38
N ASP D 219 35.75 45.07 50.16
CA ASP D 219 35.47 44.28 48.95
C ASP D 219 34.62 45.11 48.00
N ASN D 220 35.27 45.71 47.00
CA ASN D 220 34.62 46.55 45.99
C ASN D 220 34.32 45.76 44.72
N SER D 221 33.94 44.50 44.84
CA SER D 221 33.65 43.66 43.68
C SER D 221 32.29 43.94 43.04
N SER D 222 31.23 44.06 43.84
CA SER D 222 29.91 44.30 43.26
C SER D 222 29.78 45.68 42.61
N LEU D 223 30.20 46.74 43.30
CA LEU D 223 30.08 48.07 42.71
C LEU D 223 31.14 48.38 41.66
N THR D 224 32.41 48.40 42.05
CA THR D 224 33.46 48.72 41.09
C THR D 224 34.06 47.54 40.34
N GLY D 225 33.92 46.31 40.82
CA GLY D 225 34.50 45.19 40.09
C GLY D 225 35.95 44.86 40.37
N GLU D 226 36.45 45.17 41.56
CA GLU D 226 37.85 44.90 41.92
C GLU D 226 37.90 43.59 42.70
N SER D 227 38.50 42.57 42.07
CA SER D 227 38.62 41.24 42.66
C SER D 227 39.37 41.19 43.99
N GLU D 228 40.33 42.07 44.22
CA GLU D 228 41.02 41.96 45.51
C GLU D 228 40.59 43.06 46.47
N PRO D 229 40.83 42.88 47.77
CA PRO D 229 40.43 43.89 48.75
C PRO D 229 41.30 45.14 48.76
N GLN D 230 40.72 46.26 48.34
CA GLN D 230 41.41 47.53 48.30
C GLN D 230 41.42 48.15 49.69
N THR D 231 42.60 48.54 50.16
CA THR D 231 42.71 49.14 51.49
C THR D 231 42.16 50.56 51.50
N ARG D 232 41.35 50.87 52.53
CA ARG D 232 40.75 52.19 52.68
C ARG D 232 41.62 53.00 53.63
N SER D 233 42.24 54.07 53.11
CA SER D 233 43.09 54.93 53.90
C SER D 233 42.48 56.32 53.98
N PRO D 234 42.69 57.05 55.08
CA PRO D 234 42.11 58.40 55.19
C PRO D 234 42.68 59.37 54.18
N GLU D 235 43.87 59.12 53.64
CA GLU D 235 44.46 60.01 52.66
C GLU D 235 43.84 59.77 51.27
N PHE D 236 43.98 60.78 50.41
CA PHE D 236 43.45 60.71 49.06
C PHE D 236 44.52 60.22 48.08
N SER D 237 44.09 59.51 47.03
CA SER D 237 45.10 59.02 46.10
C SER D 237 44.80 59.22 44.61
N SER D 238 43.55 59.04 44.17
CA SER D 238 43.25 59.21 42.76
C SER D 238 42.09 60.17 42.52
N GLU D 239 42.16 60.84 41.37
CA GLU D 239 41.15 61.81 40.96
C GLU D 239 39.79 61.17 40.77
N ASN D 240 39.74 59.87 40.50
CA ASN D 240 38.50 59.14 40.29
C ASN D 240 37.98 58.69 41.65
N PRO D 241 36.77 59.06 42.05
CA PRO D 241 36.27 58.62 43.37
C PRO D 241 36.22 57.11 43.55
N LEU D 242 36.01 56.34 42.49
CA LEU D 242 35.96 54.89 42.65
C LEU D 242 37.34 54.30 42.94
N GLU D 243 38.41 55.00 42.61
CA GLU D 243 39.76 54.52 42.84
C GLU D 243 40.39 54.99 44.14
N THR D 244 39.94 56.12 44.69
CA THR D 244 40.54 56.61 45.93
C THR D 244 40.17 55.70 47.10
N ARG D 245 40.96 55.79 48.16
CA ARG D 245 40.79 54.99 49.37
C ARG D 245 40.12 55.72 50.53
N ASN D 246 39.79 57.01 50.39
CA ASN D 246 39.16 57.74 51.49
C ASN D 246 37.63 57.70 51.42
N ILE D 247 37.06 56.79 50.64
CA ILE D 247 35.61 56.70 50.51
C ILE D 247 35.14 55.25 50.59
N ALA D 248 34.21 54.98 51.49
CA ALA D 248 33.63 53.66 51.67
C ALA D 248 32.34 53.69 50.85
N PHE D 249 31.91 52.56 50.32
CA PHE D 249 30.71 52.59 49.52
C PHE D 249 29.57 51.71 50.04
N PHE D 250 28.38 52.03 49.53
CA PHE D 250 27.15 51.32 49.86
C PHE D 250 27.20 49.90 49.32
N SER D 251 26.74 48.95 50.15
CA SER D 251 26.68 47.52 49.88
C SER D 251 28.04 46.84 49.89
N THR D 252 29.10 47.55 50.26
CA THR D 252 30.41 46.93 50.30
C THR D 252 30.63 46.35 51.69
N ASN D 253 31.64 45.51 51.84
CA ASN D 253 31.91 44.91 53.13
C ASN D 253 33.37 45.08 53.52
N CYS D 254 33.60 45.28 54.82
CA CYS D 254 34.94 45.47 55.35
C CYS D 254 35.48 44.08 55.67
N VAL D 255 36.45 43.64 54.87
CA VAL D 255 37.04 42.31 55.06
C VAL D 255 37.84 42.24 56.37
N GLU D 256 38.91 43.03 56.47
CA GLU D 256 39.74 43.02 57.67
C GLU D 256 40.12 44.43 58.08
N GLY D 257 40.04 44.68 59.38
CA GLY D 257 40.37 45.98 59.95
C GLY D 257 39.14 46.72 60.43
N THR D 258 39.39 47.89 61.01
CA THR D 258 38.36 48.76 61.54
C THR D 258 38.59 50.17 61.02
N ALA D 259 37.50 50.93 60.88
CA ALA D 259 37.66 52.29 60.38
C ALA D 259 36.52 53.18 60.86
N ARG D 260 36.72 54.48 60.69
CA ARG D 260 35.79 55.53 61.06
C ARG D 260 35.51 56.38 59.82
N GLY D 261 34.39 57.08 59.83
CA GLY D 261 34.06 57.91 58.68
C GLY D 261 32.80 58.71 58.85
N VAL D 262 32.73 59.81 58.10
CA VAL D 262 31.60 60.72 58.11
C VAL D 262 30.73 60.36 56.91
N VAL D 263 29.43 60.18 57.16
CA VAL D 263 28.50 59.82 56.09
C VAL D 263 28.36 61.00 55.13
N VAL D 264 28.82 60.82 53.91
CA VAL D 264 28.73 61.87 52.90
C VAL D 264 27.45 61.72 52.09
N TYR D 265 27.15 60.51 51.62
CA TYR D 265 25.94 60.28 50.84
C TYR D 265 25.06 59.27 51.57
N THR D 266 23.75 59.51 51.52
CA THR D 266 22.76 58.67 52.16
C THR D 266 21.55 58.47 51.26
N GLY D 267 20.84 57.36 51.51
CA GLY D 267 19.64 56.96 50.79
C GLY D 267 19.85 56.70 49.31
N ASP D 268 18.78 56.89 48.55
CA ASP D 268 18.83 56.69 47.09
C ASP D 268 19.89 57.53 46.41
N ARG D 269 20.29 58.65 47.02
CA ARG D 269 21.30 59.51 46.44
C ARG D 269 22.69 58.87 46.40
N THR D 270 22.82 57.63 46.88
CA THR D 270 24.11 56.95 46.88
C THR D 270 24.47 56.51 45.46
N VAL D 271 25.70 55.98 45.33
CA VAL D 271 26.19 55.53 44.03
C VAL D 271 25.30 54.41 43.48
N MET D 272 25.21 53.30 44.22
CA MET D 272 24.39 52.21 43.76
C MET D 272 22.91 52.58 43.74
N GLY D 273 22.54 53.71 44.35
CA GLY D 273 21.16 54.14 44.37
C GLY D 273 20.90 54.77 43.02
N ARG D 274 21.84 55.61 42.56
CA ARG D 274 21.64 56.23 41.26
C ARG D 274 21.70 55.17 40.18
N ILE D 275 22.52 54.13 40.38
CA ILE D 275 22.63 53.06 39.39
C ILE D 275 21.32 52.26 39.33
N ALA D 276 20.76 51.89 40.49
CA ALA D 276 19.52 51.13 40.48
C ALA D 276 18.41 51.98 39.90
N THR D 277 18.50 53.30 40.11
CA THR D 277 17.49 54.20 39.58
C THR D 277 17.61 54.23 38.06
N LEU D 278 18.83 54.10 37.54
CA LEU D 278 19.02 54.09 36.10
C LEU D 278 18.43 52.82 35.52
N ALA D 279 18.64 51.70 36.21
CA ALA D 279 18.11 50.43 35.74
C ALA D 279 16.59 50.50 35.65
N SER D 280 15.94 51.04 36.68
CA SER D 280 14.50 51.14 36.67
C SER D 280 13.99 52.11 35.59
N GLY D 281 14.75 53.16 35.29
CA GLY D 281 14.30 54.11 34.28
C GLY D 281 14.82 53.95 32.88
N LEU D 282 14.85 52.71 32.41
CA LEU D 282 15.30 52.36 31.07
C LEU D 282 14.16 51.58 30.41
N GLU D 283 14.33 51.22 29.14
CA GLU D 283 13.27 50.48 28.45
C GLU D 283 13.64 48.99 28.42
N VAL D 284 12.76 48.18 27.83
CA VAL D 284 13.00 46.76 27.75
C VAL D 284 13.64 46.44 26.42
N GLY D 285 12.96 46.81 25.36
CA GLY D 285 13.44 46.56 24.03
C GLY D 285 12.30 45.88 23.33
N ARG D 286 12.59 45.26 22.21
CA ARG D 286 11.54 44.56 21.49
C ARG D 286 12.27 43.33 20.99
N THR D 287 11.88 42.20 21.55
CA THR D 287 12.40 40.87 21.31
C THR D 287 12.39 40.56 19.81
N PRO D 288 13.32 39.75 19.33
CA PRO D 288 13.33 39.44 17.89
C PRO D 288 12.14 38.62 17.47
N ILE D 289 11.80 37.61 18.27
CA ILE D 289 10.67 36.73 17.99
C ILE D 289 9.39 37.54 17.83
N ALA D 290 9.24 38.62 18.60
CA ALA D 290 8.04 39.43 18.48
C ALA D 290 8.01 40.18 17.15
N ILE D 291 9.19 40.39 16.55
CA ILE D 291 9.22 41.10 15.29
C ILE D 291 8.90 40.12 14.18
N GLU D 292 9.31 38.87 14.33
CA GLU D 292 8.99 37.92 13.28
C GLU D 292 7.49 37.66 13.26
N ILE D 293 6.87 37.55 14.44
CA ILE D 293 5.43 37.32 14.48
C ILE D 293 4.69 38.54 13.89
N GLU D 294 5.20 39.75 14.17
CA GLU D 294 4.53 40.93 13.63
C GLU D 294 4.60 40.91 12.10
N HIS D 295 5.74 40.49 11.54
CA HIS D 295 5.86 40.43 10.08
C HIS D 295 4.93 39.37 9.51
N PHE D 296 4.63 38.36 10.33
CA PHE D 296 3.74 37.29 9.89
C PHE D 296 2.33 37.85 9.73
N ILE D 297 1.88 38.62 10.73
CA ILE D 297 0.55 39.21 10.63
C ILE D 297 0.49 40.16 9.45
N HIS D 298 1.62 40.82 9.16
CA HIS D 298 1.65 41.76 8.04
C HIS D 298 1.33 41.05 6.73
N ILE D 299 2.01 39.94 6.45
CA ILE D 299 1.75 39.22 5.21
C ILE D 299 0.35 38.61 5.18
N ILE D 300 -0.09 38.01 6.29
CA ILE D 300 -1.42 37.41 6.34
C ILE D 300 -2.50 38.44 5.99
N THR D 301 -2.33 39.68 6.47
CA THR D 301 -3.37 40.64 6.12
C THR D 301 -3.22 41.10 4.68
N GLY D 302 -1.99 41.16 4.18
CA GLY D 302 -1.75 41.52 2.79
C GLY D 302 -2.64 40.68 1.87
N VAL D 303 -2.49 39.36 2.04
CA VAL D 303 -3.25 38.43 1.21
C VAL D 303 -4.75 38.49 1.49
N ALA D 304 -5.15 38.98 2.68
CA ALA D 304 -6.58 39.03 2.93
C ALA D 304 -7.22 40.15 2.11
N VAL D 305 -6.63 41.34 2.12
CA VAL D 305 -7.27 42.39 1.33
C VAL D 305 -7.10 42.12 -0.16
N PHE D 306 -6.11 41.31 -0.56
CA PHE D 306 -5.97 41.06 -1.99
C PHE D 306 -7.10 40.14 -2.47
N LEU D 307 -7.35 39.05 -1.73
CA LEU D 307 -8.42 38.16 -2.16
C LEU D 307 -9.76 38.85 -2.09
N GLY D 308 -9.90 39.82 -1.20
CA GLY D 308 -11.20 40.46 -1.17
C GLY D 308 -11.47 41.49 -2.25
N VAL D 309 -10.53 42.40 -2.50
CA VAL D 309 -10.80 43.38 -3.54
C VAL D 309 -10.91 42.67 -4.90
N SER D 310 -10.21 41.54 -5.04
CA SER D 310 -10.30 40.84 -6.31
C SER D 310 -11.63 40.14 -6.44
N PHE D 311 -12.06 39.41 -5.39
CA PHE D 311 -13.35 38.78 -5.61
C PHE D 311 -14.49 39.76 -5.57
N PHE D 312 -14.17 41.04 -5.38
CA PHE D 312 -15.17 42.10 -5.34
C PHE D 312 -15.37 42.55 -6.78
N ILE D 313 -14.28 42.76 -7.50
CA ILE D 313 -14.44 43.16 -8.89
C ILE D 313 -15.02 41.98 -9.67
N LEU D 314 -14.60 40.75 -9.33
CA LEU D 314 -15.13 39.58 -10.03
C LEU D 314 -16.63 39.41 -9.78
N SER D 315 -17.09 39.64 -8.54
CA SER D 315 -18.51 39.49 -8.30
C SER D 315 -19.29 40.58 -9.02
N LEU D 316 -18.71 41.79 -9.13
CA LEU D 316 -19.45 42.82 -9.85
C LEU D 316 -19.50 42.47 -11.32
N ILE D 317 -18.50 41.76 -11.82
CA ILE D 317 -18.51 41.37 -13.22
C ILE D 317 -19.57 40.30 -13.43
N LEU D 318 -19.99 39.63 -12.37
CA LEU D 318 -21.02 38.60 -12.54
C LEU D 318 -22.46 39.07 -12.36
N GLY D 319 -22.73 40.36 -12.10
CA GLY D 319 -24.12 40.79 -11.94
C GLY D 319 -24.69 41.02 -10.55
N TYR D 320 -23.89 40.92 -9.49
CA TYR D 320 -24.42 41.13 -8.15
C TYR D 320 -24.46 42.61 -7.81
N SER D 321 -25.21 42.94 -6.75
CA SER D 321 -25.33 44.33 -6.32
C SER D 321 -24.20 44.70 -5.36
N TRP D 322 -24.12 46.00 -5.03
CA TRP D 322 -23.06 46.46 -4.14
C TRP D 322 -23.22 46.07 -2.67
N LEU D 323 -24.41 45.71 -2.22
CA LEU D 323 -24.54 45.36 -0.80
C LEU D 323 -24.10 43.93 -0.58
N GLU D 324 -24.59 43.03 -1.42
CA GLU D 324 -24.21 41.63 -1.28
C GLU D 324 -22.73 41.47 -1.58
N ALA D 325 -22.22 42.14 -2.63
CA ALA D 325 -20.80 42.04 -2.95
C ALA D 325 -19.94 42.57 -1.80
N VAL D 326 -20.41 43.62 -1.12
CA VAL D 326 -19.61 44.13 -0.01
C VAL D 326 -19.55 43.05 1.09
N ILE D 327 -20.67 42.37 1.35
CA ILE D 327 -20.63 41.35 2.39
C ILE D 327 -19.71 40.19 1.99
N PHE D 328 -19.49 39.99 0.68
CA PHE D 328 -18.61 38.90 0.29
C PHE D 328 -17.17 39.26 0.61
N LEU D 329 -16.84 40.56 0.49
CA LEU D 329 -15.48 40.92 0.83
C LEU D 329 -15.25 40.71 2.32
N ILE D 330 -16.30 40.87 3.14
CA ILE D 330 -16.08 40.65 4.57
C ILE D 330 -15.81 39.16 4.88
N GLY D 331 -16.62 38.26 4.32
CA GLY D 331 -16.39 36.85 4.61
C GLY D 331 -15.05 36.27 4.20
N ILE D 332 -14.46 36.79 3.11
CA ILE D 332 -13.18 36.20 2.71
C ILE D 332 -12.04 36.63 3.61
N ILE D 333 -12.08 37.87 4.10
CA ILE D 333 -11.05 38.35 4.99
C ILE D 333 -11.09 37.60 6.30
N VAL D 334 -12.31 37.34 6.81
CA VAL D 334 -12.37 36.62 8.09
C VAL D 334 -11.82 35.19 7.97
N ALA D 335 -12.02 34.54 6.82
CA ALA D 335 -11.51 33.17 6.70
C ALA D 335 -9.97 33.05 6.79
N ASN D 336 -9.24 34.09 6.42
CA ASN D 336 -7.77 34.07 6.46
C ASN D 336 -7.22 34.36 7.86
N VAL D 337 -7.71 33.65 8.87
CA VAL D 337 -7.28 33.83 10.25
C VAL D 337 -6.89 32.50 10.91
N PRO D 338 -5.60 32.26 11.14
CA PRO D 338 -5.18 31.00 11.77
C PRO D 338 -5.42 31.05 13.28
N GLU D 339 -6.45 30.32 13.75
CA GLU D 339 -6.68 30.38 15.20
C GLU D 339 -5.86 29.37 15.97
N GLY D 340 -5.45 28.28 15.33
CA GLY D 340 -4.66 27.34 16.10
C GLY D 340 -3.23 27.71 16.02
N LEU D 341 -2.94 28.68 15.17
CA LEU D 341 -1.56 29.12 15.04
C LEU D 341 -1.15 29.80 16.34
N LEU D 342 -2.11 30.44 17.01
CA LEU D 342 -1.82 31.10 18.28
C LEU D 342 -1.57 30.07 19.36
N ALA D 343 -2.51 29.12 19.52
CA ALA D 343 -2.34 28.09 20.53
C ALA D 343 -1.16 27.19 20.20
N THR D 344 -0.96 26.88 18.91
CA THR D 344 0.16 26.03 18.52
C THR D 344 1.48 26.72 18.78
N VAL D 345 1.58 28.01 18.44
CA VAL D 345 2.83 28.73 18.67
C VAL D 345 3.10 28.84 20.16
N THR D 346 2.06 29.09 20.96
CA THR D 346 2.24 29.20 22.40
C THR D 346 2.74 27.89 22.98
N VAL D 347 2.12 26.77 22.60
CA VAL D 347 2.56 25.47 23.12
C VAL D 347 3.97 25.17 22.63
N CYS D 348 4.29 25.58 21.40
CA CYS D 348 5.61 25.35 20.84
C CYS D 348 6.66 26.02 21.71
N LEU D 349 6.47 27.31 21.99
CA LEU D 349 7.41 28.05 22.83
C LEU D 349 7.47 27.46 24.24
N THR D 350 6.32 27.06 24.77
CA THR D 350 6.29 26.49 26.12
C THR D 350 7.05 25.18 26.25
N LEU D 351 7.07 24.35 25.20
CA LEU D 351 7.79 23.08 25.30
C LEU D 351 9.30 23.25 25.49
N THR D 352 9.95 24.14 24.74
CA THR D 352 11.40 24.33 24.87
C THR D 352 11.82 24.91 26.24
N ALA D 353 10.96 25.70 26.86
CA ALA D 353 11.33 26.28 28.15
C ALA D 353 11.44 25.21 29.22
N LYS D 354 10.72 24.10 29.10
CA LYS D 354 10.82 23.06 30.12
C LYS D 354 12.16 22.35 30.00
N ARG D 355 12.62 22.12 28.76
CA ARG D 355 13.91 21.48 28.58
C ARG D 355 14.96 22.34 29.25
N MET D 356 14.77 23.66 29.16
CA MET D 356 15.74 24.54 29.79
C MET D 356 15.65 24.45 31.31
N ALA D 357 14.43 24.40 31.86
CA ALA D 357 14.27 24.32 33.31
C ALA D 357 14.75 22.99 33.87
N ARG D 358 14.93 21.97 33.03
CA ARG D 358 15.41 20.70 33.55
C ARG D 358 16.89 20.75 33.85
N LYS D 359 17.62 21.64 33.16
CA LYS D 359 19.04 21.82 33.33
C LYS D 359 19.38 23.04 34.17
N ASN D 360 18.38 23.64 34.85
CA ASN D 360 18.51 24.81 35.73
C ASN D 360 18.67 26.18 35.06
N CYS D 361 17.98 26.42 33.95
CA CYS D 361 18.04 27.68 33.22
C CYS D 361 16.61 28.23 33.22
N LEU D 362 16.32 29.22 34.08
CA LEU D 362 14.96 29.76 34.13
C LEU D 362 14.76 31.10 33.43
N VAL D 363 13.70 31.19 32.64
CA VAL D 363 13.33 32.39 31.88
C VAL D 363 12.09 33.00 32.53
N LYS D 364 12.10 34.32 32.70
CA LYS D 364 10.95 34.99 33.31
C LYS D 364 9.84 35.20 32.30
N ASN D 365 10.18 35.64 31.09
CA ASN D 365 9.18 35.86 30.06
C ASN D 365 9.07 34.55 29.29
N LEU D 366 8.34 34.53 28.18
CA LEU D 366 8.20 33.30 27.43
C LEU D 366 8.95 33.31 26.10
N GLU D 367 9.09 34.48 25.48
CA GLU D 367 9.80 34.58 24.21
C GLU D 367 11.30 34.71 24.38
N ALA D 368 11.80 34.97 25.58
CA ALA D 368 13.23 35.10 25.80
C ALA D 368 13.97 33.79 25.58
N VAL D 369 13.25 32.73 25.21
CA VAL D 369 13.84 31.43 24.97
C VAL D 369 14.47 31.35 23.59
N GLU D 370 14.02 32.18 22.65
CA GLU D 370 14.54 32.19 21.29
C GLU D 370 15.67 33.19 21.07
N THR D 371 15.73 34.28 21.83
CA THR D 371 16.77 35.29 21.67
C THR D 371 18.19 34.72 21.75
N LEU D 372 18.43 33.70 22.57
CA LEU D 372 19.79 33.17 22.66
C LEU D 372 20.28 32.61 21.33
N GLY D 373 19.42 31.89 20.62
CA GLY D 373 19.83 31.33 19.34
C GLY D 373 20.14 32.36 18.28
N SER D 374 19.46 33.50 18.34
CA SER D 374 19.67 34.56 17.35
C SER D 374 20.81 35.51 17.73
N THR D 375 21.40 35.35 18.91
CA THR D 375 22.49 36.22 19.33
C THR D 375 23.72 36.03 18.45
N SER D 376 24.44 37.13 18.21
CA SER D 376 25.64 37.10 17.39
C SER D 376 26.80 37.88 18.02
N THR D 377 26.61 38.40 19.23
CA THR D 377 27.65 39.17 19.93
C THR D 377 27.33 39.10 21.40
N ILE D 378 28.14 38.37 22.18
CA ILE D 378 27.92 38.23 23.61
C ILE D 378 28.90 39.11 24.37
N CYS D 379 28.36 40.04 25.16
CA CYS D 379 29.15 40.96 25.96
C CYS D 379 29.14 40.35 27.37
N SER D 380 30.30 39.90 27.83
CA SER D 380 30.37 39.30 29.15
C SER D 380 31.10 40.11 30.21
N PHD D 381 30.88 39.73 31.46
CA PHD D 381 31.48 40.38 32.58
C PHD D 381 32.59 39.42 33.10
O PHD D 381 32.47 38.17 32.92
CB PHD D 381 30.49 40.71 33.70
CG PHD D 381 31.07 41.20 34.99
OD1 PHD D 381 31.51 42.43 35.07
OD2 PHD D 381 31.14 40.49 36.00
P PHD D 381 32.53 42.81 36.13
OP1 PHD D 381 33.85 42.17 35.80
OP2 PHD D 381 32.69 44.31 36.11
OP3 PHD D 381 32.06 42.39 37.50
N LYS D 382 33.64 39.95 33.72
CA LYS D 382 34.72 39.12 34.23
C LYS D 382 34.53 38.64 35.65
N THR D 383 34.53 39.57 36.60
CA THR D 383 34.37 39.23 38.02
C THR D 383 32.96 38.71 38.32
N GLY D 384 32.88 37.47 38.79
CA GLY D 384 31.62 36.86 39.13
C GLY D 384 30.93 36.14 37.99
N THR D 385 31.27 36.44 36.74
CA THR D 385 30.66 35.78 35.59
C THR D 385 31.69 34.93 34.89
N LEU D 386 32.74 35.55 34.35
CA LEU D 386 33.77 34.79 33.68
C LEU D 386 34.65 34.05 34.68
N THR D 387 34.77 34.58 35.90
CA THR D 387 35.59 34.02 36.98
C THR D 387 34.73 33.56 38.17
N GLN D 388 35.42 33.15 39.24
CA GLN D 388 34.82 32.66 40.48
C GLN D 388 34.89 33.64 41.65
N ASN D 389 35.57 34.78 41.49
CA ASN D 389 35.71 35.81 42.53
C ASN D 389 36.31 35.24 43.85
N ARG D 390 37.09 34.16 43.76
CA ARG D 390 37.73 33.52 44.91
C ARG D 390 39.17 33.19 44.53
N MET D 391 40.13 33.48 45.42
CA MET D 391 41.55 33.22 45.18
C MET D 391 41.95 31.74 45.32
N THR D 392 42.75 31.24 44.38
CA THR D 392 43.21 29.85 44.40
C THR D 392 44.67 29.67 43.98
N VAL D 393 45.38 28.76 44.66
CA VAL D 393 46.78 28.42 44.41
C VAL D 393 46.88 27.83 43.01
N ALA D 394 47.52 28.56 42.08
CA ALA D 394 47.66 28.09 40.70
C ALA D 394 48.94 27.32 40.36
N HIS D 395 50.12 27.93 40.52
CA HIS D 395 51.40 27.29 40.19
C HIS D 395 52.34 27.28 41.38
N MET D 396 53.21 26.26 41.43
CA MET D 396 54.18 26.10 42.51
C MET D 396 55.58 25.80 41.97
N TRP D 397 56.59 26.36 42.62
CA TRP D 397 57.99 26.16 42.23
C TRP D 397 58.71 25.31 43.28
N PHE D 398 59.40 24.27 42.82
CA PHE D 398 60.16 23.36 43.68
C PHE D 398 60.93 22.39 42.79
N ASP D 399 62.16 22.08 43.21
CA ASP D 399 63.07 21.18 42.48
C ASP D 399 63.26 21.69 41.06
N ASN D 400 63.61 22.98 40.95
CA ASN D 400 63.84 23.64 39.67
C ASN D 400 62.81 23.17 38.64
N GLN D 401 61.54 23.23 39.03
CA GLN D 401 60.49 22.79 38.14
C GLN D 401 59.14 23.38 38.49
N ILE D 402 58.46 23.92 37.48
CA ILE D 402 57.14 24.52 37.67
C ILE D 402 56.10 23.39 37.70
N HIS D 403 55.24 23.42 38.71
CA HIS D 403 54.19 22.44 38.90
C HIS D 403 52.85 23.16 38.84
N GLU D 404 51.86 22.54 38.23
CA GLU D 404 50.54 23.16 38.12
C GLU D 404 49.56 22.41 39.01
N ALA D 405 48.68 23.16 39.67
CA ALA D 405 47.68 22.60 40.56
C ALA D 405 46.30 22.78 39.96
N ASP D 406 45.37 21.93 40.40
CA ASP D 406 44.02 21.99 39.90
C ASP D 406 43.29 23.16 40.52
N THR D 407 42.82 24.07 39.68
CA THR D 407 42.09 25.26 40.11
C THR D 407 40.66 25.26 39.58
N THR D 408 39.97 24.14 39.70
CA THR D 408 38.59 24.01 39.22
C THR D 408 37.65 23.60 40.34
N GLU D 409 36.50 24.26 40.38
CA GLU D 409 35.42 24.07 41.35
C GLU D 409 35.18 22.63 41.82
N ASN D 410 34.87 21.73 40.90
CA ASN D 410 34.61 20.34 41.27
C ASN D 410 35.85 19.46 41.35
N GLN D 411 37.05 20.02 41.20
CA GLN D 411 38.29 19.26 41.28
C GLN D 411 38.30 18.09 40.29
N SER D 412 38.28 18.45 39.01
CA SER D 412 38.29 17.48 37.93
C SER D 412 39.50 17.78 37.05
N GLY D 413 40.68 17.31 37.47
CA GLY D 413 41.87 17.56 36.68
C GLY D 413 43.08 16.68 36.93
N ALA D 414 44.26 17.29 36.95
CA ALA D 414 45.52 16.59 37.14
C ALA D 414 46.20 16.93 38.46
N ALA D 415 46.65 15.89 39.18
CA ALA D 415 47.35 16.08 40.44
C ALA D 415 48.75 16.62 40.11
N PHE D 416 49.51 17.02 41.12
CA PHE D 416 50.85 17.54 40.81
C PHE D 416 52.02 16.67 41.28
N ASP D 417 51.89 15.35 41.33
CA ASP D 417 53.03 14.51 41.75
C ASP D 417 53.45 14.71 43.21
N LYS D 418 52.63 14.26 44.15
CA LYS D 418 52.91 14.38 45.58
C LYS D 418 53.82 13.28 46.13
N THR D 419 54.97 13.04 45.48
CA THR D 419 55.87 11.99 45.95
C THR D 419 57.26 12.45 46.39
N SER D 420 57.58 13.73 46.31
CA SER D 420 58.90 14.17 46.73
C SER D 420 58.86 14.71 48.15
N ALA D 421 60.02 14.73 48.80
CA ALA D 421 60.09 15.24 50.17
C ALA D 421 59.95 16.75 50.16
N THR D 422 60.42 17.38 49.08
CA THR D 422 60.33 18.83 48.94
C THR D 422 58.89 19.29 49.15
N TRP D 423 57.94 18.62 48.48
CA TRP D 423 56.53 18.99 48.62
C TRP D 423 56.08 18.89 50.07
N SER D 424 56.53 17.85 50.78
CA SER D 424 56.13 17.69 52.17
C SER D 424 56.63 18.88 53.00
N ALA D 425 57.90 19.25 52.81
CA ALA D 425 58.44 20.39 53.54
C ALA D 425 57.66 21.65 53.20
N LEU D 426 57.24 21.77 51.95
CA LEU D 426 56.46 22.94 51.52
C LEU D 426 55.12 22.96 52.24
N SER D 427 54.49 21.79 52.36
CA SER D 427 53.21 21.70 53.04
C SER D 427 53.38 22.11 54.49
N ARG D 428 54.51 21.74 55.10
CA ARG D 428 54.71 22.11 56.50
C ARG D 428 54.93 23.61 56.63
N ILE D 429 55.66 24.21 55.69
CA ILE D 429 55.91 25.64 55.75
C ILE D 429 54.60 26.41 55.63
N ALA D 430 53.86 26.18 54.54
CA ALA D 430 52.59 26.88 54.34
C ALA D 430 51.55 26.56 55.41
N ALA D 431 51.36 25.28 55.75
CA ALA D 431 50.37 24.91 56.74
C ALA D 431 50.69 25.42 58.14
N LEU D 432 51.96 25.65 58.46
CA LEU D 432 52.29 26.14 59.79
C LEU D 432 52.32 27.67 59.83
N CYS D 433 53.16 28.28 58.98
CA CYS D 433 53.27 29.73 58.93
C CYS D 433 52.06 30.30 58.20
N ASN D 434 50.90 30.21 58.88
CA ASN D 434 49.61 30.67 58.40
C ASN D 434 48.70 30.71 59.62
N ARG D 435 48.00 31.82 59.83
CA ARG D 435 47.11 32.02 60.96
C ARG D 435 45.61 31.85 60.68
N ALA D 436 45.17 31.63 59.44
CA ALA D 436 43.74 31.49 59.20
C ALA D 436 43.26 30.06 59.47
N VAL D 437 41.97 29.95 59.81
CA VAL D 437 41.35 28.66 60.10
C VAL D 437 39.90 28.65 59.64
N PHE D 438 39.45 27.49 59.15
CA PHE D 438 38.08 27.35 58.67
C PHE D 438 37.11 27.80 59.75
N GLN D 439 35.98 28.36 59.32
CA GLN D 439 34.97 28.83 60.26
C GLN D 439 34.27 27.65 60.89
N ALA D 440 34.06 27.72 62.20
CA ALA D 440 33.38 26.65 62.93
C ALA D 440 32.14 26.18 62.18
N GLY D 441 31.83 24.90 62.26
CA GLY D 441 30.66 24.36 61.57
C GLY D 441 30.61 24.32 60.06
N GLN D 442 31.69 23.89 59.40
CA GLN D 442 31.73 23.79 57.94
C GLN D 442 31.99 22.35 57.54
N ASP D 443 31.93 21.44 58.51
CA ASP D 443 32.13 20.00 58.38
C ASP D 443 31.33 19.37 57.25
N ASN D 444 30.38 20.12 56.69
CA ASN D 444 29.51 19.64 55.62
C ASN D 444 29.87 20.13 54.22
N VAL D 445 30.13 21.42 54.03
CA VAL D 445 30.47 21.94 52.71
C VAL D 445 31.75 21.32 52.16
N PRO D 446 32.09 21.54 50.88
CA PRO D 446 33.31 20.97 50.32
C PRO D 446 34.52 21.79 50.76
N ILE D 447 35.70 21.26 50.46
CA ILE D 447 36.95 21.92 50.83
C ILE D 447 37.14 23.29 50.17
N LEU D 448 36.58 23.52 48.99
CA LEU D 448 36.81 24.83 48.40
C LEU D 448 35.74 25.87 48.72
N LYS D 449 34.47 25.48 48.83
CA LYS D 449 33.42 26.43 49.12
C LYS D 449 33.23 26.77 50.61
N ARG D 450 34.09 26.32 51.52
CA ARG D 450 33.83 26.69 52.91
C ARG D 450 34.40 28.06 53.27
N SER D 451 33.85 28.63 54.34
CA SER D 451 34.23 29.94 54.86
C SER D 451 35.53 29.86 55.66
N VAL D 452 36.47 30.77 55.35
CA VAL D 452 37.76 30.83 56.04
C VAL D 452 37.99 32.25 56.53
N ALA D 453 38.27 32.40 57.82
CA ALA D 453 38.52 33.69 58.45
C ALA D 453 39.98 34.09 58.29
N GLY D 454 40.24 35.10 57.46
CA GLY D 454 41.60 35.55 57.25
C GLY D 454 41.76 36.21 55.89
N ASP D 455 43.02 36.49 55.55
CA ASP D 455 43.34 37.11 54.28
C ASP D 455 43.06 36.11 53.16
N ALA D 456 43.03 36.61 51.92
CA ALA D 456 42.76 35.69 50.82
C ALA D 456 43.96 34.83 50.47
N SER D 457 45.17 35.25 50.85
CA SER D 457 46.35 34.45 50.54
C SER D 457 46.48 33.29 51.51
N GLU D 458 46.34 33.57 52.81
CA GLU D 458 46.43 32.47 53.77
C GLU D 458 45.29 31.50 53.56
N SER D 459 44.14 32.02 53.10
CA SER D 459 42.99 31.15 52.86
C SER D 459 43.26 30.24 51.67
N ALA D 460 43.82 30.78 50.59
CA ALA D 460 44.11 29.95 49.43
C ALA D 460 45.14 28.88 49.79
N LEU D 461 46.16 29.25 50.57
CA LEU D 461 47.18 28.30 50.97
C LEU D 461 46.59 27.22 51.87
N LEU D 462 45.76 27.63 52.82
CA LEU D 462 45.13 26.68 53.73
C LEU D 462 44.29 25.69 52.97
N LYS D 463 43.54 26.17 51.97
CA LYS D 463 42.70 25.27 51.18
C LYS D 463 43.53 24.29 50.36
N CYS D 464 44.64 24.74 49.78
CA CYS D 464 45.44 23.81 48.99
C CYS D 464 46.06 22.73 49.87
N ILE D 465 46.53 23.12 51.06
CA ILE D 465 47.14 22.14 51.96
C ILE D 465 46.07 21.19 52.49
N GLU D 466 44.90 21.72 52.83
CA GLU D 466 43.83 20.88 53.34
C GLU D 466 43.29 19.99 52.23
N LEU D 467 43.57 20.36 50.97
CA LEU D 467 43.09 19.59 49.83
C LEU D 467 43.94 18.37 49.55
N CYS D 468 45.26 18.52 49.40
CA CYS D 468 46.04 17.32 49.13
C CYS D 468 47.02 16.93 50.24
N CYS D 469 46.74 17.33 51.47
CA CYS D 469 47.61 16.99 52.60
C CYS D 469 46.79 16.65 53.83
N GLY D 470 45.48 16.48 53.68
CA GLY D 470 44.61 16.18 54.80
C GLY D 470 44.46 17.34 55.77
N SER D 471 43.71 17.06 56.83
CA SER D 471 43.39 17.99 57.90
C SER D 471 44.54 18.84 58.44
N VAL D 472 44.46 20.16 58.21
CA VAL D 472 45.49 21.07 58.70
C VAL D 472 45.39 21.22 60.21
N GLN D 473 44.20 21.07 60.79
CA GLN D 473 44.04 21.20 62.24
C GLN D 473 44.90 20.20 63.01
N GLY D 474 45.19 19.05 62.42
CA GLY D 474 46.00 18.08 63.13
C GLY D 474 47.42 18.34 62.73
N MET D 475 47.62 18.82 61.50
CA MET D 475 48.96 19.12 61.06
C MET D 475 49.53 20.25 61.93
N ARG D 476 48.65 21.13 62.39
CA ARG D 476 48.99 22.27 63.23
C ARG D 476 49.12 21.84 64.68
N ASP D 477 48.29 20.91 65.14
CA ASP D 477 48.48 20.53 66.53
C ASP D 477 49.63 19.55 66.67
N ARG D 478 50.08 18.97 65.56
CA ARG D 478 51.19 18.02 65.55
C ARG D 478 52.52 18.73 65.79
N ASN D 479 52.57 20.06 65.59
CA ASN D 479 53.75 20.91 65.76
C ASN D 479 53.33 22.19 66.49
N PRO D 480 53.67 22.32 67.77
CA PRO D 480 53.30 23.51 68.56
C PRO D 480 54.11 24.76 68.25
N LYS D 481 53.41 25.84 67.89
CA LYS D 481 54.03 27.13 67.57
C LYS D 481 54.56 27.80 68.84
N ILE D 482 55.87 28.05 68.89
CA ILE D 482 56.47 28.69 70.06
C ILE D 482 56.38 30.20 69.98
N VAL D 483 57.00 30.81 68.96
CA VAL D 483 56.97 32.27 68.84
C VAL D 483 56.82 32.72 67.38
N GLU D 484 55.96 33.71 67.16
CA GLU D 484 55.69 34.26 65.84
C GLU D 484 55.88 35.77 65.78
N ILE D 485 56.53 36.25 64.71
CA ILE D 485 56.72 37.69 64.55
C ILE D 485 55.82 38.10 63.39
N PRO D 486 54.69 38.76 63.65
CA PRO D 486 53.78 39.16 62.57
C PRO D 486 54.40 39.91 61.41
N PHE D 487 53.71 39.85 60.27
CA PHE D 487 54.16 40.52 59.06
C PHE D 487 54.43 41.98 59.35
N ASN D 488 55.59 42.47 58.93
CA ASN D 488 55.98 43.85 59.17
C ASN D 488 56.11 44.60 57.85
N SER D 489 55.81 45.90 57.91
CA SER D 489 55.91 46.72 56.71
C SER D 489 57.36 46.92 56.29
N THR D 490 58.29 46.74 57.22
CA THR D 490 59.72 46.88 56.98
C THR D 490 60.37 45.53 56.70
N ASN D 491 60.02 44.51 57.49
CA ASN D 491 60.59 43.18 57.31
C ASN D 491 60.08 42.54 56.03
N LYS D 492 58.83 42.83 55.64
CA LYS D 492 58.23 42.29 54.43
C LYS D 492 58.24 40.76 54.44
N TYR D 493 57.99 40.18 55.62
CA TYR D 493 57.96 38.74 55.78
C TYR D 493 57.15 38.36 57.02
N GLN D 494 56.80 37.06 57.08
CA GLN D 494 56.03 36.49 58.17
C GLN D 494 56.75 35.23 58.62
N LEU D 495 57.24 35.19 59.87
CA LEU D 495 57.95 34.03 60.36
C LEU D 495 57.43 33.56 61.72
N SER D 496 57.81 32.32 62.05
CA SER D 496 57.41 31.70 63.30
C SER D 496 58.18 30.40 63.52
N ILE D 497 58.40 30.09 64.81
CA ILE D 497 59.09 28.89 65.24
C ILE D 497 58.13 28.00 66.00
N HIS D 498 58.27 26.70 65.75
CA HIS D 498 57.47 25.64 66.31
C HIS D 498 58.36 24.46 66.64
N GLU D 499 57.82 23.56 67.45
CA GLU D 499 58.55 22.37 67.84
C GLU D 499 58.53 21.40 66.66
N ASN D 500 59.45 20.45 66.66
CA ASN D 500 59.53 19.47 65.59
C ASN D 500 58.90 18.17 66.07
N GLU D 501 57.88 17.69 65.36
CA GLU D 501 57.21 16.46 65.75
C GLU D 501 58.04 15.21 65.54
N LYS D 502 59.28 15.31 65.09
CA LYS D 502 60.08 14.10 64.90
C LYS D 502 60.33 13.52 66.28
N SER D 503 59.91 12.28 66.52
CA SER D 503 60.16 11.73 67.85
C SER D 503 61.62 11.43 68.07
N SER D 504 62.45 11.53 67.02
CA SER D 504 63.87 11.27 67.12
C SER D 504 64.68 12.56 67.09
N GLU D 505 64.04 13.68 66.79
CA GLU D 505 64.68 15.00 66.74
C GLU D 505 63.83 15.95 67.55
N SER D 506 64.39 16.45 68.64
CA SER D 506 63.71 17.40 69.53
C SER D 506 64.08 18.84 69.25
N ARG D 507 64.76 19.09 68.12
CA ARG D 507 65.17 20.44 67.74
C ARG D 507 63.98 21.36 67.49
N TYR D 508 64.28 22.58 67.06
CA TYR D 508 63.26 23.59 66.78
C TYR D 508 63.23 23.92 65.30
N LEU D 509 62.03 24.08 64.77
CA LEU D 509 61.81 24.39 63.36
C LEU D 509 61.44 25.85 63.23
N LEU D 510 61.99 26.51 62.21
CA LEU D 510 61.73 27.92 61.94
C LEU D 510 61.25 28.01 60.51
N VAL D 511 60.15 28.72 60.29
CA VAL D 511 59.62 28.86 58.95
C VAL D 511 59.30 30.33 58.70
N MET D 512 59.41 30.73 57.44
CA MET D 512 59.13 32.11 57.09
C MET D 512 58.71 32.17 55.63
N LYS D 513 57.79 33.09 55.35
CA LYS D 513 57.27 33.31 54.01
C LYS D 513 57.33 34.80 53.72
N GLY D 514 57.32 35.14 52.44
CA GLY D 514 57.38 36.54 52.08
C GLY D 514 57.64 36.72 50.60
N ALA D 515 57.85 37.97 50.22
CA ALA D 515 58.12 38.28 48.81
C ALA D 515 59.33 37.48 48.35
N PRO D 516 59.29 36.90 47.14
CA PRO D 516 60.45 36.12 46.67
C PRO D 516 61.77 36.86 46.62
N GLU D 517 61.76 38.17 46.38
CA GLU D 517 63.03 38.90 46.34
C GLU D 517 63.66 38.98 47.74
N ARG D 518 62.85 39.40 48.72
CA ARG D 518 63.34 39.51 50.08
C ARG D 518 63.82 38.17 50.61
N ILE D 519 63.03 37.12 50.38
CA ILE D 519 63.43 35.79 50.85
C ILE D 519 64.64 35.28 50.09
N LEU D 520 64.78 35.64 48.81
CA LEU D 520 65.95 35.18 48.07
C LEU D 520 67.19 35.79 48.67
N ASP D 521 67.09 37.03 49.14
CA ASP D 521 68.26 37.66 49.75
C ASP D 521 68.57 37.09 51.13
N ARG D 522 67.78 36.12 51.63
CA ARG D 522 68.00 35.53 52.93
C ARG D 522 68.30 34.03 52.90
N CYS D 523 68.75 33.50 51.77
CA CYS D 523 69.03 32.08 51.74
C CYS D 523 70.43 31.84 51.18
N SER D 524 70.88 30.60 51.34
CA SER D 524 72.19 30.19 50.87
C SER D 524 72.19 28.71 50.53
N THR D 525 71.06 28.04 50.68
CA THR D 525 70.91 26.62 50.40
C THR D 525 69.59 26.45 49.67
N ILE D 526 69.42 25.28 49.09
CA ILE D 526 68.20 24.94 48.34
C ILE D 526 67.93 23.46 48.56
N LEU D 527 66.69 23.17 48.93
CA LEU D 527 66.24 21.80 49.17
C LEU D 527 65.90 21.19 47.82
N LEU D 528 66.85 20.49 47.24
CA LEU D 528 66.66 19.86 45.94
C LEU D 528 66.38 18.38 46.11
N ASN D 529 65.20 17.96 45.67
CA ASN D 529 64.72 16.58 45.73
C ASN D 529 64.85 15.98 47.13
N GLY D 530 65.04 16.83 48.13
CA GLY D 530 65.18 16.39 49.50
C GLY D 530 66.50 16.81 50.09
N ALA D 531 67.60 16.45 49.43
CA ALA D 531 68.90 16.84 49.95
C ALA D 531 69.07 18.36 49.85
N GLU D 532 70.17 18.88 50.38
CA GLU D 532 70.40 20.30 50.31
C GLU D 532 71.57 20.57 49.37
N GLU D 533 71.61 21.79 48.83
CA GLU D 533 72.67 22.18 47.91
C GLU D 533 72.92 23.66 48.06
N PRO D 534 74.04 24.17 47.56
CA PRO D 534 74.32 25.61 47.68
C PRO D 534 73.42 26.40 46.74
N LEU D 535 73.48 27.73 46.89
CA LEU D 535 72.68 28.65 46.09
C LEU D 535 73.48 29.28 44.96
N LYS D 536 74.29 28.52 44.22
CA LYS D 536 75.05 29.10 43.12
C LYS D 536 74.14 29.83 42.14
N GLU D 537 74.75 30.74 41.38
CA GLU D 537 74.01 31.55 40.40
C GLU D 537 73.21 30.75 39.38
N ASP D 538 73.50 29.47 39.17
CA ASP D 538 72.72 28.72 38.21
C ASP D 538 71.28 28.61 38.68
N MET D 539 71.09 28.20 39.94
CA MET D 539 69.73 28.10 40.43
C MET D 539 69.18 29.48 40.76
N LYS D 540 70.05 30.47 40.97
CA LYS D 540 69.54 31.82 41.26
C LYS D 540 68.92 32.38 40.00
N GLU D 541 69.47 32.01 38.83
CA GLU D 541 68.92 32.49 37.58
C GLU D 541 67.70 31.66 37.24
N ALA D 542 67.68 30.39 37.66
CA ALA D 542 66.50 29.59 37.37
C ALA D 542 65.35 30.10 38.22
N PHE D 543 65.68 30.70 39.37
CA PHE D 543 64.68 31.27 40.26
C PHE D 543 64.20 32.58 39.71
N GLN D 544 65.06 33.31 38.99
CA GLN D 544 64.61 34.57 38.42
C GLN D 544 63.69 34.31 37.25
N ASN D 545 64.03 33.33 36.42
CA ASN D 545 63.16 33.03 35.29
C ASN D 545 61.84 32.46 35.79
N ALA D 546 61.87 31.71 36.91
CA ALA D 546 60.62 31.18 37.43
C ALA D 546 59.76 32.32 37.98
N TYR D 547 60.41 33.32 38.59
CA TYR D 547 59.68 34.46 39.13
C TYR D 547 59.00 35.21 38.00
N LEU D 548 59.71 35.43 36.90
CA LEU D 548 59.08 36.15 35.80
C LEU D 548 58.06 35.29 35.07
N GLU D 549 58.16 33.96 35.18
CA GLU D 549 57.19 33.10 34.52
C GLU D 549 55.87 33.18 35.26
N LEU D 550 55.92 33.03 36.59
CA LEU D 550 54.70 33.09 37.37
C LEU D 550 54.15 34.52 37.39
N GLY D 551 55.03 35.53 37.31
CA GLY D 551 54.57 36.91 37.32
C GLY D 551 53.88 37.28 36.02
N GLY D 552 54.46 36.88 34.88
CA GLY D 552 53.87 37.19 33.59
C GLY D 552 52.51 36.55 33.41
N LEU D 553 52.23 35.50 34.18
CA LEU D 553 50.96 34.79 34.11
C LEU D 553 49.85 35.53 34.85
N GLY D 554 50.12 36.76 35.30
CA GLY D 554 49.15 37.54 36.02
C GLY D 554 48.91 37.08 37.43
N GLU D 555 49.75 36.18 37.92
CA GLU D 555 49.66 35.62 39.26
C GLU D 555 50.58 36.33 40.25
N ARG D 556 50.26 36.16 41.53
CA ARG D 556 51.01 36.75 42.64
C ARG D 556 51.82 35.60 43.25
N VAL D 557 53.13 35.77 43.32
CA VAL D 557 54.00 34.74 43.87
C VAL D 557 54.56 35.09 45.24
N LEU D 558 54.75 34.05 46.04
CA LEU D 558 55.28 34.13 47.39
C LEU D 558 56.39 33.09 47.52
N GLY D 559 57.34 33.36 48.42
CA GLY D 559 58.47 32.46 48.66
C GLY D 559 58.38 31.90 50.07
N PHE D 560 58.70 30.60 50.18
CA PHE D 560 58.67 29.89 51.45
C PHE D 560 60.02 29.25 51.75
N CYS D 561 60.51 29.45 52.98
CA CYS D 561 61.79 28.88 53.37
C CYS D 561 61.70 28.48 54.84
N HIS D 562 62.63 27.63 55.25
CA HIS D 562 62.66 27.15 56.62
C HIS D 562 64.09 26.80 57.00
N PHE D 563 64.28 26.56 58.29
CA PHE D 563 65.60 26.21 58.79
C PHE D 563 65.48 25.49 60.13
N ALA D 564 66.39 24.54 60.34
CA ALA D 564 66.43 23.76 61.57
C ALA D 564 67.36 24.49 62.54
N LEU D 565 66.80 25.01 63.62
CA LEU D 565 67.61 25.72 64.59
C LEU D 565 68.44 24.72 65.37
N PRO D 566 69.75 24.94 65.53
CA PRO D 566 70.59 24.00 66.28
C PRO D 566 70.18 23.97 67.75
N GLU D 567 69.79 22.78 68.23
CA GLU D 567 69.37 22.66 69.61
C GLU D 567 70.53 22.82 70.58
N ASP D 568 71.75 22.98 70.09
CA ASP D 568 72.91 23.15 70.97
C ASP D 568 73.10 24.60 71.34
N LYS D 569 72.72 25.52 70.45
CA LYS D 569 72.83 26.94 70.69
C LYS D 569 71.52 27.53 71.19
N TYR D 570 70.42 26.79 70.99
CA TYR D 570 69.06 27.17 71.41
C TYR D 570 68.43 25.87 71.89
N ASN D 571 68.61 25.56 73.17
CA ASN D 571 68.06 24.34 73.76
C ASN D 571 66.53 24.38 73.77
N GLU D 572 65.95 23.23 74.16
CA GLU D 572 64.50 23.10 74.24
C GLU D 572 63.88 23.96 75.33
N GLY D 573 64.68 24.46 76.26
CA GLY D 573 64.17 25.28 77.33
C GLY D 573 64.31 26.78 77.10
N TYR D 574 65.21 27.16 76.22
CA TYR D 574 65.42 28.58 75.93
C TYR D 574 64.21 29.22 75.26
N PRO D 575 63.73 30.37 75.77
CA PRO D 575 62.57 31.02 75.14
C PRO D 575 63.03 32.15 74.23
N PHE D 576 62.66 32.10 72.96
CA PHE D 576 63.06 33.13 71.99
C PHE D 576 62.03 34.26 71.95
N ASP D 577 62.08 35.14 72.94
CA ASP D 577 61.14 36.26 72.97
C ASP D 577 61.37 37.14 71.74
N ALA D 578 60.27 37.59 71.13
CA ALA D 578 60.34 38.43 69.93
C ALA D 578 60.80 39.84 70.25
N ASP D 579 62.10 39.99 70.47
CA ASP D 579 62.66 41.31 70.77
C ASP D 579 63.95 41.61 70.02
N GLU D 580 64.94 40.71 70.13
CA GLU D 580 66.24 40.83 69.50
C GLU D 580 66.52 39.73 68.46
N PRO D 581 67.72 39.70 67.81
CA PRO D 581 67.95 38.65 66.81
C PRO D 581 68.21 37.28 67.40
N ASN D 582 67.14 36.55 67.67
CA ASN D 582 67.22 35.22 68.23
C ASN D 582 67.25 34.15 67.15
N PHE D 583 66.92 34.52 65.91
CA PHE D 583 66.91 33.58 64.82
C PHE D 583 67.78 34.09 63.69
N PRO D 584 68.51 33.23 63.00
CA PRO D 584 69.35 33.69 61.91
C PRO D 584 68.50 34.13 60.73
N THR D 585 68.45 35.43 60.47
CA THR D 585 67.66 35.94 59.35
C THR D 585 68.16 35.37 58.03
N THR D 586 69.47 35.33 57.85
CA THR D 586 70.06 34.80 56.63
C THR D 586 70.39 33.32 56.84
N ASP D 587 71.08 32.73 55.87
CA ASP D 587 71.49 31.32 55.90
C ASP D 587 70.31 30.35 56.00
N LEU D 588 69.12 30.75 55.57
CA LEU D 588 67.95 29.89 55.63
C LEU D 588 67.95 28.92 54.45
N CYS D 589 66.97 28.01 54.41
CA CYS D 589 66.86 27.04 53.33
C CYS D 589 65.59 27.31 52.55
N PHE D 590 65.74 27.84 51.34
CA PHE D 590 64.61 28.15 50.48
C PHE D 590 64.07 26.86 49.92
N VAL D 591 62.76 26.62 50.02
CA VAL D 591 62.18 25.40 49.49
C VAL D 591 61.50 25.63 48.16
N GLY D 592 60.74 26.72 48.02
CA GLY D 592 60.08 26.97 46.75
C GLY D 592 59.01 28.05 46.73
N LEU D 593 58.73 28.57 45.55
CA LEU D 593 57.74 29.62 45.36
C LEU D 593 56.33 29.03 45.28
N MET D 594 55.35 29.87 45.58
CA MET D 594 53.94 29.47 45.54
C MET D 594 53.12 30.62 44.99
N ALA D 595 52.60 30.47 43.78
CA ALA D 595 51.79 31.51 43.14
C ALA D 595 50.31 31.26 43.42
N MET D 596 49.47 32.24 43.04
CA MET D 596 48.03 32.13 43.26
C MET D 596 47.31 33.21 42.44
N ILE D 597 46.09 32.89 42.02
CA ILE D 597 45.27 33.81 41.24
C ILE D 597 43.85 33.27 41.17
N ASP D 598 42.89 34.13 40.81
CA ASP D 598 41.49 33.73 40.70
C ASP D 598 41.34 32.99 39.37
N PRO D 599 41.08 31.69 39.39
CA PRO D 599 40.94 30.95 38.14
C PRO D 599 39.57 31.07 37.53
N PRO D 600 39.42 30.72 36.26
CA PRO D 600 38.13 30.80 35.60
C PRO D 600 37.31 29.54 35.88
N ARG D 601 36.01 29.65 35.62
CA ARG D 601 35.13 28.51 35.86
C ARG D 601 35.46 27.38 34.88
N ALA D 602 35.20 26.16 35.31
CA ALA D 602 35.47 24.94 34.55
C ALA D 602 35.18 24.97 33.05
N ALA D 603 33.92 25.12 32.66
CA ALA D 603 33.55 25.15 31.24
C ALA D 603 33.68 26.53 30.59
N VAL D 604 34.52 27.41 31.10
CA VAL D 604 34.65 28.74 30.48
C VAL D 604 35.44 28.66 29.17
N PRO D 605 36.65 28.09 29.13
CA PRO D 605 37.37 28.04 27.84
C PRO D 605 36.63 27.28 26.77
N ASP D 606 36.11 26.09 27.10
CA ASP D 606 35.39 25.30 26.12
C ASP D 606 34.17 26.03 25.60
N ALA D 607 33.41 26.69 26.49
CA ALA D 607 32.22 27.42 26.05
C ALA D 607 32.60 28.59 25.15
N VAL D 608 33.66 29.33 25.50
CA VAL D 608 34.06 30.45 24.66
C VAL D 608 34.47 29.94 23.29
N GLY D 609 35.17 28.80 23.25
CA GLY D 609 35.58 28.24 21.98
C GLY D 609 34.38 27.80 21.16
N LYS D 610 33.37 27.25 21.83
CA LYS D 610 32.17 26.81 21.13
C LYS D 610 31.44 28.00 20.53
N CYS D 611 31.39 29.12 21.27
CA CYS D 611 30.72 30.31 20.77
C CYS D 611 31.48 30.87 19.58
N ARG D 612 32.81 30.91 19.66
CA ARG D 612 33.59 31.43 18.55
C ARG D 612 33.44 30.53 17.33
N SER D 613 33.28 29.22 17.55
CA SER D 613 33.13 28.29 16.44
C SER D 613 31.84 28.58 15.68
N ALA D 614 30.79 28.98 16.40
CA ALA D 614 29.50 29.30 15.82
C ALA D 614 29.46 30.69 15.21
N GLY D 615 30.61 31.35 15.09
CA GLY D 615 30.66 32.69 14.52
C GLY D 615 30.20 33.81 15.42
N ILE D 616 30.23 33.61 16.74
CA ILE D 616 29.81 34.63 17.70
C ILE D 616 31.04 35.40 18.17
N LYS D 617 31.00 36.71 17.99
CA LYS D 617 32.12 37.56 18.41
C LYS D 617 32.09 37.72 19.92
N VAL D 618 33.18 37.33 20.59
CA VAL D 618 33.28 37.43 22.03
C VAL D 618 34.11 38.67 22.33
N ILE D 619 33.51 39.62 23.07
CA ILE D 619 34.17 40.87 23.43
C ILE D 619 34.14 40.99 24.95
N MET D 620 35.32 41.13 25.55
CA MET D 620 35.37 41.24 27.01
C MET D 620 35.11 42.68 27.43
N VAL D 621 34.25 42.87 28.42
CA VAL D 621 33.91 44.19 28.94
C VAL D 621 33.97 44.07 30.46
N THR D 622 35.00 44.66 31.08
CA THR D 622 35.10 44.57 32.53
C THR D 622 35.75 45.81 33.11
N GLY D 623 35.42 46.09 34.36
CA GLY D 623 35.95 47.23 35.08
C GLY D 623 37.17 46.88 35.90
N ASP D 624 37.92 45.88 35.47
CA ASP D 624 39.11 45.43 36.18
C ASP D 624 40.39 45.97 35.53
N HIS D 625 41.50 45.76 36.23
CA HIS D 625 42.81 46.21 35.77
C HIS D 625 43.15 45.55 34.44
N PRO D 626 43.60 46.31 33.43
CA PRO D 626 43.93 45.70 32.12
C PRO D 626 45.01 44.63 32.15
N ILE D 627 45.99 44.73 33.05
CA ILE D 627 47.05 43.72 33.10
C ILE D 627 46.47 42.35 33.41
N THR D 628 45.37 42.30 34.16
CA THR D 628 44.75 41.03 34.50
C THR D 628 43.68 40.65 33.48
N ALA D 629 42.99 41.66 32.93
CA ALA D 629 41.96 41.40 31.94
C ALA D 629 42.56 40.77 30.69
N LYS D 630 43.72 41.28 30.24
CA LYS D 630 44.35 40.71 29.06
C LYS D 630 44.76 39.26 29.29
N ALA D 631 45.27 38.97 30.48
CA ALA D 631 45.70 37.60 30.77
C ALA D 631 44.50 36.66 30.81
N ILE D 632 43.40 37.08 31.43
CA ILE D 632 42.23 36.21 31.47
C ILE D 632 41.66 36.05 30.08
N ALA D 633 41.75 37.10 29.25
CA ALA D 633 41.23 37.03 27.90
C ALA D 633 42.00 35.97 27.11
N LYS D 634 43.33 36.01 27.20
CA LYS D 634 44.14 35.03 26.50
C LYS D 634 43.92 33.64 27.06
N GLY D 635 43.62 33.54 28.36
CA GLY D 635 43.39 32.25 28.98
C GLY D 635 42.05 31.62 28.68
N VAL D 636 41.05 32.42 28.33
CA VAL D 636 39.72 31.88 28.02
C VAL D 636 39.44 31.79 26.53
N GLY D 637 40.27 32.40 25.68
CA GLY D 637 40.07 32.36 24.25
C GLY D 637 39.63 33.65 23.59
N ILE D 638 39.41 34.73 24.34
CA ILE D 638 39.00 35.98 23.70
C ILE D 638 40.12 36.50 22.82
N ILE D 639 41.35 36.45 23.32
CA ILE D 639 42.51 36.91 22.57
C ILE D 639 43.25 35.64 22.19
N SER D 640 42.95 35.10 21.01
CA SER D 640 43.58 33.88 20.54
C SER D 640 45.09 33.98 20.64
N GLU D 641 45.72 32.87 21.04
CA GLU D 641 47.17 32.85 21.18
C GLU D 641 47.78 33.09 19.80
N GLY D 642 48.64 34.11 19.71
CA GLY D 642 49.30 34.48 18.48
C GLY D 642 48.95 35.89 18.02
N ASN D 643 47.71 36.32 18.27
CA ASN D 643 47.29 37.65 17.88
C ASN D 643 48.09 38.66 18.71
N GLU D 644 48.18 39.90 18.23
CA GLU D 644 48.96 40.88 18.97
C GLU D 644 48.39 42.29 18.95
N THR D 645 48.67 43.01 20.03
CA THR D 645 48.28 44.40 20.27
C THR D 645 49.39 45.33 19.79
N ILE D 646 49.05 46.61 19.61
CA ILE D 646 50.05 47.58 19.15
C ILE D 646 51.22 47.71 20.14
N GLU D 647 50.94 47.62 21.44
CA GLU D 647 52.05 47.74 22.38
C GLU D 647 52.96 46.53 22.31
N ASP D 648 52.39 45.36 22.05
CA ASP D 648 53.19 44.15 21.95
C ASP D 648 54.16 44.26 20.77
N ILE D 649 53.69 44.85 19.66
CA ILE D 649 54.56 45.00 18.50
C ILE D 649 55.66 46.00 18.80
N ALA D 650 55.31 47.10 19.48
CA ALA D 650 56.32 48.09 19.80
C ALA D 650 57.36 47.52 20.76
N ALA D 651 56.96 46.56 21.59
CA ALA D 651 57.89 45.96 22.53
C ALA D 651 58.75 44.90 21.84
N ARG D 652 58.18 44.19 20.87
CA ARG D 652 58.93 43.17 20.16
C ARG D 652 59.96 43.79 19.22
N LEU D 653 59.71 45.00 18.75
CA LEU D 653 60.62 45.68 17.84
C LEU D 653 61.55 46.67 18.52
N ASN D 654 61.14 47.25 19.66
CA ASN D 654 61.89 48.23 20.44
C ASN D 654 61.80 49.60 19.79
N ILE D 655 60.60 49.97 19.34
CA ILE D 655 60.35 51.24 18.69
C ILE D 655 59.15 51.89 19.37
N PRO D 656 58.97 53.21 19.22
CA PRO D 656 57.81 53.87 19.84
C PRO D 656 56.51 53.29 19.30
N ILE D 657 55.43 53.54 20.05
CA ILE D 657 54.12 53.03 19.64
C ILE D 657 53.45 53.90 18.58
N GLY D 658 53.80 55.18 18.48
CA GLY D 658 53.19 56.04 17.49
C GLY D 658 53.60 55.75 16.05
N GLN D 659 54.55 54.86 15.83
CA GLN D 659 55.03 54.53 14.49
C GLN D 659 54.28 53.38 13.84
N VAL D 660 53.98 52.32 14.59
CA VAL D 660 53.28 51.17 14.03
C VAL D 660 51.88 51.53 13.53
N ASN D 661 51.42 50.77 12.51
CA ASN D 661 50.11 50.94 11.89
C ASN D 661 49.10 50.09 12.67
N PRO D 662 47.96 50.65 13.08
CA PRO D 662 46.97 49.87 13.83
C PRO D 662 46.22 48.81 13.03
N ARG D 663 46.44 48.70 11.72
CA ARG D 663 45.73 47.68 10.96
C ARG D 663 46.37 46.32 11.08
N ASP D 664 47.65 46.26 11.46
CA ASP D 664 48.37 45.00 11.61
C ASP D 664 48.09 44.34 12.96
N ALA D 665 47.24 44.93 13.80
CA ALA D 665 46.90 44.39 15.11
C ALA D 665 45.45 43.92 15.11
N LYS D 666 45.25 42.62 15.25
CA LYS D 666 43.91 42.03 15.27
C LYS D 666 43.18 42.27 16.59
N ALA D 667 43.86 42.15 17.73
CA ALA D 667 43.27 42.33 19.05
C ALA D 667 43.68 43.64 19.69
N CYS D 668 42.74 44.28 20.39
CA CYS D 668 43.02 45.55 21.06
C CYS D 668 42.43 45.63 22.47
N VAL D 669 43.19 46.27 23.36
CA VAL D 669 42.84 46.49 24.75
C VAL D 669 42.50 47.97 24.89
N VAL D 670 41.23 48.29 25.05
CA VAL D 670 40.78 49.67 25.18
C VAL D 670 40.59 50.00 26.66
N HIS D 671 41.34 50.99 27.14
CA HIS D 671 41.26 51.41 28.53
C HIS D 671 40.06 52.33 28.74
N GLY D 672 39.46 52.25 29.93
CA GLY D 672 38.31 53.08 30.23
C GLY D 672 38.60 54.56 30.20
N SER D 673 39.72 54.97 30.80
CA SER D 673 40.10 56.38 30.82
C SER D 673 40.13 56.93 29.40
N ASP D 674 40.60 56.12 28.46
CA ASP D 674 40.66 56.54 27.06
C ASP D 674 39.29 56.45 26.42
N LEU D 675 38.45 55.52 26.90
CA LEU D 675 37.11 55.36 26.37
C LEU D 675 36.25 56.58 26.66
N LYS D 676 36.54 57.27 27.76
CA LYS D 676 35.76 58.46 28.13
C LYS D 676 35.87 59.56 27.08
N ASP D 677 37.02 59.68 26.41
CA ASP D 677 37.27 60.70 25.39
C ASP D 677 37.14 60.17 23.96
N LEU D 678 36.15 59.35 23.62
CA LEU D 678 36.07 58.86 22.25
C LEU D 678 34.73 59.14 21.58
N SER D 679 34.81 59.56 20.32
CA SER D 679 33.66 59.89 19.48
C SER D 679 32.88 58.62 19.10
N THR D 680 31.72 58.83 18.49
CA THR D 680 30.88 57.71 18.08
C THR D 680 31.54 56.91 16.96
N GLU D 681 32.08 57.60 15.96
CA GLU D 681 32.72 56.92 14.84
C GLU D 681 33.93 56.12 15.31
N VAL D 682 34.69 56.66 16.26
CA VAL D 682 35.86 55.93 16.75
C VAL D 682 35.45 54.58 17.33
N LEU D 683 34.36 54.55 18.12
CA LEU D 683 33.94 53.27 18.68
C LEU D 683 33.48 52.34 17.56
N ASP D 684 32.82 52.90 16.56
CA ASP D 684 32.37 52.07 15.44
C ASP D 684 33.58 51.43 14.78
N ASP D 685 34.65 52.21 14.58
CA ASP D 685 35.86 51.70 13.95
C ASP D 685 36.56 50.69 14.84
N ILE D 686 36.49 50.89 16.17
CA ILE D 686 37.13 49.96 17.09
C ILE D 686 36.50 48.58 16.95
N LEU D 687 35.17 48.55 16.83
CA LEU D 687 34.49 47.27 16.67
C LEU D 687 34.56 46.75 15.24
N HIS D 688 34.73 47.65 14.26
CA HIS D 688 34.81 47.32 12.85
C HIS D 688 36.17 46.82 12.39
N TYR D 689 37.25 47.14 13.09
CA TYR D 689 38.57 46.69 12.67
C TYR D 689 39.24 45.70 13.59
N HIS D 690 38.85 45.62 14.85
CA HIS D 690 39.46 44.69 15.80
C HIS D 690 38.52 43.51 16.04
N THR D 691 39.03 42.29 15.84
CA THR D 691 38.25 41.09 16.03
C THR D 691 38.24 40.58 17.46
N GLU D 692 39.31 40.83 18.23
CA GLU D 692 39.42 40.40 19.62
C GLU D 692 39.58 41.66 20.46
N ILE D 693 38.45 42.20 20.92
CA ILE D 693 38.44 43.42 21.73
C ILE D 693 38.23 43.14 23.21
N VAL D 694 38.94 43.91 24.04
CA VAL D 694 38.86 43.79 25.48
C VAL D 694 38.81 45.20 26.06
N PHE D 695 37.67 45.55 26.66
CA PHE D 695 37.44 46.87 27.27
C PHE D 695 37.75 46.71 28.75
N ALA D 696 38.79 47.39 29.22
CA ALA D 696 39.19 47.32 30.61
C ALA D 696 39.01 48.66 31.32
N ARG D 697 38.83 48.59 32.64
CA ARG D 697 38.65 49.75 33.52
C ARG D 697 37.45 50.60 33.09
N THR D 698 36.37 49.95 32.67
CA THR D 698 35.17 50.65 32.25
C THR D 698 34.13 50.69 33.35
N SER D 699 33.56 51.88 33.58
CA SER D 699 32.54 52.09 34.59
C SER D 699 31.20 51.50 34.13
N PRO D 700 30.25 51.28 35.04
CA PRO D 700 28.95 50.70 34.59
C PRO D 700 28.28 51.51 33.48
N GLN D 701 28.36 52.83 33.61
CA GLN D 701 27.78 53.70 32.62
C GLN D 701 28.44 53.46 31.27
N GLN D 702 29.76 53.21 31.27
CA GLN D 702 30.47 52.96 30.02
C GLN D 702 30.08 51.60 29.43
N LYS D 703 29.77 50.62 30.30
CA LYS D 703 29.37 49.30 29.82
C LYS D 703 28.13 49.43 28.95
N LEU D 704 27.25 50.36 29.33
CA LEU D 704 26.04 50.53 28.52
C LEU D 704 26.37 51.12 27.15
N ILE D 705 27.30 52.07 27.11
CA ILE D 705 27.70 52.70 25.86
C ILE D 705 28.28 51.67 24.90
N ILE D 706 29.02 50.69 25.45
CA ILE D 706 29.60 49.67 24.58
C ILE D 706 28.50 48.80 23.98
N VAL D 707 27.52 48.41 24.79
CA VAL D 707 26.44 47.58 24.23
C VAL D 707 25.73 48.34 23.11
N GLU D 708 25.47 49.63 23.34
CA GLU D 708 24.80 50.43 22.32
C GLU D 708 25.67 50.54 21.07
N GLY D 709 26.99 50.64 21.24
CA GLY D 709 27.86 50.75 20.09
C GLY D 709 27.78 49.49 19.25
N CYS D 710 27.42 48.37 19.88
CA CYS D 710 27.29 47.15 19.11
C CYS D 710 25.95 47.13 18.38
N GLN D 711 24.90 47.65 19.00
CA GLN D 711 23.57 47.66 18.39
C GLN D 711 23.35 48.73 17.31
N ARG D 712 24.05 49.86 17.35
CA ARG D 712 23.85 50.89 16.33
C ARG D 712 24.07 50.35 14.92
N GLN D 713 24.85 49.27 14.79
CA GLN D 713 25.14 48.69 13.48
C GLN D 713 24.21 47.57 13.03
N GLY D 714 23.22 47.11 13.82
CA GLY D 714 22.39 46.06 13.29
C GLY D 714 22.38 44.62 13.88
N ALA D 715 22.84 44.36 15.11
CA ALA D 715 22.81 42.97 15.55
C ALA D 715 22.32 42.80 16.98
N ILE D 716 21.97 41.51 17.29
CA ILE D 716 21.46 41.09 18.59
C ILE D 716 22.59 41.00 19.61
N VAL D 717 22.28 41.33 20.87
CA VAL D 717 23.26 41.31 21.94
C VAL D 717 22.73 40.62 23.20
N ALA D 718 23.63 39.86 23.83
CA ALA D 718 23.35 39.12 25.06
C ALA D 718 24.42 39.51 26.06
N VAL D 719 24.02 40.08 27.19
CA VAL D 719 24.95 40.50 28.23
C VAL D 719 24.85 39.52 29.38
N THR D 720 25.99 38.97 29.81
CA THR D 720 26.05 38.01 30.91
C THR D 720 26.78 38.62 32.10
N GLY D 721 26.07 38.85 33.20
CA GLY D 721 26.70 39.42 34.39
C GLY D 721 26.21 38.95 35.75
N ASP D 722 26.73 39.60 36.81
CA ASP D 722 26.33 39.24 38.16
C ASP D 722 26.10 40.35 39.19
N GLY D 723 26.95 41.39 39.20
CA GLY D 723 26.83 42.47 40.16
C GLY D 723 25.91 43.61 39.79
N VAL D 724 26.00 44.67 40.62
CA VAL D 724 25.18 45.86 40.40
C VAL D 724 25.72 46.67 39.23
N ASN D 725 27.02 46.60 38.97
CA ASN D 725 27.57 47.36 37.86
C ASN D 725 27.06 46.82 36.53
N ASP D 726 26.51 45.62 36.54
CA ASP D 726 25.96 44.97 35.37
C ASP D 726 24.48 45.24 35.18
N SER D 727 23.81 45.88 36.15
CA SER D 727 22.37 46.14 36.00
C SER D 727 22.01 46.94 34.76
N PRO D 728 22.62 48.09 34.44
CA PRO D 728 22.21 48.82 33.23
C PRO D 728 22.59 48.15 31.92
N ALA D 729 23.50 47.18 31.93
CA ALA D 729 23.89 46.50 30.70
C ALA D 729 22.96 45.36 30.35
N LEU D 730 22.47 44.66 31.39
CA LEU D 730 21.56 43.55 31.17
C LEU D 730 20.19 44.03 30.72
N LYS D 731 19.79 45.22 31.16
CA LYS D 731 18.49 45.77 30.80
C LYS D 731 18.44 46.18 29.33
N LYS D 732 19.43 46.93 28.86
CA LYS D 732 19.44 47.37 27.48
C LYS D 732 19.82 46.29 26.49
N ALA D 733 20.47 45.21 26.94
CA ALA D 733 20.84 44.16 26.02
C ALA D 733 19.60 43.40 25.56
N ASP D 734 19.70 42.79 24.36
CA ASP D 734 18.57 42.03 23.86
C ASP D 734 18.20 40.92 24.83
N ILE D 735 19.18 40.42 25.56
CA ILE D 735 18.88 39.37 26.54
C ILE D 735 19.93 39.40 27.63
N GLY D 736 19.47 39.56 28.87
CA GLY D 736 20.35 39.62 30.01
C GLY D 736 20.38 38.25 30.66
N VAL D 737 21.57 37.86 31.10
CA VAL D 737 21.79 36.59 31.75
C VAL D 737 22.44 36.92 33.07
N ALA D 738 21.72 36.67 34.15
CA ALA D 738 22.26 36.96 35.46
C ALA D 738 22.61 35.67 36.18
N MET D 739 23.64 35.78 37.01
CA MET D 739 24.05 34.61 37.75
C MET D 739 23.05 34.44 38.87
N GLY D 740 22.82 33.19 39.27
CA GLY D 740 21.85 32.98 40.33
C GLY D 740 22.37 33.00 41.74
N ILE D 741 23.49 32.34 42.00
CA ILE D 741 24.04 32.30 43.34
C ILE D 741 24.94 33.50 43.62
N SER D 742 25.84 33.82 42.70
CA SER D 742 26.75 34.95 42.86
C SER D 742 26.22 36.27 42.32
N GLY D 743 24.96 36.34 41.91
CA GLY D 743 24.44 37.58 41.38
C GLY D 743 23.78 38.47 42.41
N SER D 744 23.66 39.75 42.06
CA SER D 744 23.04 40.76 42.92
C SER D 744 21.53 40.76 42.68
N ASP D 745 20.79 41.22 43.69
CA ASP D 745 19.34 41.27 43.57
C ASP D 745 18.87 42.25 42.50
N VAL D 746 19.54 43.39 42.35
CA VAL D 746 19.12 44.36 41.35
C VAL D 746 19.32 43.81 39.94
N SER D 747 20.51 43.26 39.66
CA SER D 747 20.75 42.71 38.34
C SER D 747 19.92 41.47 38.10
N LYS D 748 19.53 40.79 39.18
CA LYS D 748 18.71 39.59 39.04
C LYS D 748 17.28 39.96 38.68
N GLN D 749 16.80 41.09 39.23
CA GLN D 749 15.44 41.52 38.93
C GLN D 749 15.36 42.24 37.59
N ALA D 750 16.47 42.76 37.09
CA ALA D 750 16.48 43.46 35.81
C ALA D 750 16.89 42.58 34.66
N ALA D 751 17.26 41.32 34.90
CA ALA D 751 17.67 40.42 33.84
C ALA D 751 16.48 39.67 33.25
N ASP D 752 16.76 38.76 32.33
CA ASP D 752 15.75 37.96 31.67
C ASP D 752 15.95 36.46 31.81
N MET D 753 17.18 36.01 32.05
CA MET D 753 17.45 34.59 32.21
C MET D 753 18.32 34.43 33.44
N ILE D 754 18.03 33.44 34.26
CA ILE D 754 18.79 33.21 35.48
C ILE D 754 19.43 31.83 35.45
N LEU D 755 20.68 31.77 35.92
CA LEU D 755 21.47 30.55 35.99
C LEU D 755 21.54 30.17 37.47
N LEU D 756 20.55 29.39 37.92
CA LEU D 756 20.47 28.96 39.30
C LEU D 756 21.62 28.07 39.77
N ASP D 757 22.37 27.44 38.86
CA ASP D 757 23.48 26.59 39.25
C ASP D 757 24.83 27.22 38.99
N ASP D 758 24.85 28.43 38.42
CA ASP D 758 26.07 29.16 38.11
C ASP D 758 26.95 28.40 37.13
N ASN D 759 26.34 27.56 36.30
CA ASN D 759 27.08 26.78 35.31
C ASN D 759 27.08 27.64 34.07
N PHE D 760 28.20 27.69 33.35
CA PHE D 760 28.26 28.52 32.16
C PHE D 760 27.95 27.77 30.87
N ALA D 761 27.98 26.43 30.88
CA ALA D 761 27.68 25.69 29.66
C ALA D 761 26.23 25.88 29.23
N SER D 762 25.38 26.33 30.15
CA SER D 762 23.98 26.56 29.84
C SER D 762 23.84 27.59 28.72
N ILE D 763 24.84 28.46 28.57
CA ILE D 763 24.78 29.46 27.52
C ILE D 763 24.87 28.77 26.15
N VAL D 764 25.73 27.75 26.06
CA VAL D 764 25.87 27.00 24.83
C VAL D 764 24.57 26.26 24.55
N THR D 765 24.01 25.64 25.59
CA THR D 765 22.75 24.93 25.40
C THR D 765 21.68 25.88 24.89
N GLY D 766 21.63 27.09 25.45
CA GLY D 766 20.64 28.06 25.03
C GLY D 766 20.79 28.49 23.58
N VAL D 767 22.02 28.76 23.15
CA VAL D 767 22.18 29.19 21.76
C VAL D 767 21.81 28.05 20.82
N GLU D 768 21.91 26.80 21.27
CA GLU D 768 21.53 25.69 20.39
C GLU D 768 20.01 25.56 20.31
N GLU D 769 19.35 25.57 21.47
CA GLU D 769 17.89 25.46 21.52
C GLU D 769 17.21 26.60 20.78
N GLY D 770 17.78 27.80 20.85
CA GLY D 770 17.17 28.95 20.17
C GLY D 770 17.04 28.76 18.67
N ARG D 771 17.94 28.00 18.07
CA ARG D 771 17.92 27.74 16.64
C ARG D 771 16.96 26.59 16.35
N LEU D 772 17.18 25.47 17.06
CA LEU D 772 16.34 24.30 16.89
C LEU D 772 14.85 24.65 16.92
N ILE D 773 14.41 25.42 17.93
CA ILE D 773 13.00 25.79 18.03
C ILE D 773 12.56 26.80 16.97
N PHE D 774 13.49 27.28 16.15
CA PHE D 774 13.14 28.25 15.11
C PHE D 774 12.77 27.51 13.82
N ASP D 775 13.62 26.57 13.42
CA ASP D 775 13.31 25.83 12.19
C ASP D 775 12.00 25.04 12.34
N ASN D 776 11.66 24.67 13.57
CA ASN D 776 10.44 23.93 13.80
C ASN D 776 9.24 24.84 13.71
N LEU D 777 9.37 26.11 14.13
CA LEU D 777 8.23 27.00 14.01
C LEU D 777 7.94 27.17 12.54
N LYS D 778 8.99 27.20 11.72
CA LYS D 778 8.77 27.32 10.28
C LYS D 778 7.93 26.15 9.78
N LYS D 779 8.32 24.94 10.18
CA LYS D 779 7.56 23.75 9.75
C LYS D 779 6.10 23.81 10.19
N SER D 780 5.85 24.10 11.47
CA SER D 780 4.49 24.15 11.98
C SER D 780 3.66 25.24 11.32
N ILE D 781 4.28 26.35 10.94
CA ILE D 781 3.52 27.41 10.30
C ILE D 781 3.14 26.98 8.90
N ALA D 782 4.06 26.36 8.16
CA ALA D 782 3.70 25.93 6.82
C ALA D 782 2.61 24.87 6.89
N TYR D 783 2.61 24.07 7.96
CA TYR D 783 1.59 23.03 8.11
C TYR D 783 0.22 23.66 8.36
N THR D 784 0.12 24.52 9.37
CA THR D 784 -1.16 25.16 9.67
C THR D 784 -1.61 26.12 8.57
N LEU D 785 -0.73 26.49 7.64
CA LEU D 785 -1.12 27.39 6.57
C LEU D 785 -1.54 26.62 5.33
N THR D 786 -1.07 25.37 5.19
CA THR D 786 -1.44 24.58 4.03
C THR D 786 -2.94 24.28 4.04
N SER D 787 -3.49 23.94 5.20
CA SER D 787 -4.91 23.63 5.32
C SER D 787 -5.84 24.79 4.98
N ASN D 788 -5.32 26.01 4.84
CA ASN D 788 -6.16 27.17 4.52
C ASN D 788 -6.94 27.05 3.22
N ILE D 789 -6.25 27.01 2.07
CA ILE D 789 -6.86 26.90 0.74
C ILE D 789 -8.07 25.96 0.66
N PRO D 790 -7.96 24.69 1.05
CA PRO D 790 -9.13 23.81 0.97
C PRO D 790 -10.26 24.22 1.89
N GLU D 791 -10.09 25.31 2.64
CA GLU D 791 -11.09 25.83 3.55
C GLU D 791 -11.82 27.05 3.00
N ILE D 792 -11.26 27.76 2.02
CA ILE D 792 -11.90 28.93 1.44
C ILE D 792 -12.41 28.68 0.03
N THR D 793 -11.68 27.89 -0.77
CA THR D 793 -12.14 27.65 -2.15
C THR D 793 -13.59 27.21 -2.28
N PRO D 794 -14.15 26.34 -1.42
CA PRO D 794 -15.55 25.93 -1.60
C PRO D 794 -16.52 27.12 -1.68
N PHE D 795 -16.35 28.10 -0.79
CA PHE D 795 -17.23 29.26 -0.80
C PHE D 795 -17.03 30.12 -2.04
N LEU D 796 -15.80 30.19 -2.55
CA LEU D 796 -15.54 31.00 -3.73
C LEU D 796 -16.25 30.39 -4.93
N VAL D 797 -16.18 29.05 -5.05
CA VAL D 797 -16.85 28.41 -6.17
C VAL D 797 -18.35 28.43 -5.92
N PHE D 798 -18.75 28.59 -4.67
CA PHE D 798 -20.17 28.66 -4.34
C PHE D 798 -20.77 29.95 -4.89
N ILE D 799 -20.16 31.09 -4.54
CA ILE D 799 -20.68 32.37 -5.02
C ILE D 799 -20.47 32.55 -6.53
N ILE D 800 -19.31 32.17 -7.07
CA ILE D 800 -19.09 32.35 -8.50
C ILE D 800 -19.77 31.31 -9.36
N GLY D 801 -19.62 30.03 -9.03
CA GLY D 801 -20.22 28.95 -9.82
C GLY D 801 -21.61 28.48 -9.48
N ASN D 802 -22.18 28.88 -8.34
CA ASN D 802 -23.54 28.50 -7.91
C ASN D 802 -23.73 26.99 -7.74
N VAL D 803 -23.05 26.42 -6.75
CA VAL D 803 -23.16 25.00 -6.45
C VAL D 803 -23.44 24.86 -4.97
N PRO D 804 -23.93 23.71 -4.51
CA PRO D 804 -24.20 23.55 -3.06
C PRO D 804 -22.91 23.67 -2.26
N LEU D 805 -23.01 24.31 -1.08
CA LEU D 805 -21.88 24.53 -0.16
C LEU D 805 -21.07 23.30 0.18
N PRO D 806 -19.82 23.23 -0.29
CA PRO D 806 -18.97 22.06 -0.01
C PRO D 806 -18.43 21.92 1.42
N LEU D 807 -17.94 22.98 2.07
CA LEU D 807 -17.39 22.87 3.43
C LEU D 807 -18.07 23.75 4.46
N GLY D 808 -18.84 23.13 5.37
CA GLY D 808 -19.54 23.84 6.43
C GLY D 808 -18.61 24.47 7.46
N THR D 809 -19.19 25.34 8.29
CA THR D 809 -18.45 26.04 9.34
C THR D 809 -18.11 25.17 10.55
N VAL D 810 -19.01 24.27 10.98
CA VAL D 810 -18.68 23.48 12.15
C VAL D 810 -17.67 22.38 11.82
N THR D 811 -17.35 22.23 10.54
CA THR D 811 -16.37 21.22 10.13
C THR D 811 -15.03 21.89 10.06
N ILE D 812 -15.02 23.16 9.60
CA ILE D 812 -13.76 23.88 9.56
C ILE D 812 -13.30 24.00 10.99
N LEU D 813 -14.24 24.31 11.91
CA LEU D 813 -13.85 24.41 13.31
C LEU D 813 -13.27 23.08 13.78
N CYS D 814 -13.88 21.95 13.35
CA CYS D 814 -13.33 20.66 13.78
C CYS D 814 -11.91 20.41 13.27
N ILE D 815 -11.56 20.94 12.09
CA ILE D 815 -10.19 20.71 11.57
C ILE D 815 -9.21 21.72 12.15
N ASP D 816 -9.67 22.97 12.25
CA ASP D 816 -8.91 24.11 12.76
C ASP D 816 -8.44 23.93 14.19
N LEU D 817 -9.23 23.27 15.03
CA LEU D 817 -8.88 23.06 16.42
C LEU D 817 -8.83 21.60 16.83
N GLY D 818 -9.00 20.69 15.89
CA GLY D 818 -8.96 19.28 16.22
C GLY D 818 -7.77 18.55 15.65
N THR D 819 -7.90 18.24 14.36
CA THR D 819 -6.87 17.51 13.63
C THR D 819 -5.53 18.24 13.59
N ASP D 820 -5.53 19.48 13.11
CA ASP D 820 -4.30 20.26 13.00
C ASP D 820 -3.44 20.38 14.25
N MET D 821 -4.02 20.76 15.39
CA MET D 821 -3.25 20.95 16.62
C MET D 821 -2.24 19.90 17.10
N VAL D 822 -2.65 18.72 17.54
CA VAL D 822 -1.66 17.71 18.00
C VAL D 822 -0.50 17.56 17.02
N PRO D 823 -0.72 17.42 15.72
CA PRO D 823 0.42 17.30 14.80
C PRO D 823 1.29 18.54 14.79
N ALA D 824 0.67 19.72 14.76
CA ALA D 824 1.43 20.96 14.75
C ALA D 824 2.26 21.08 16.02
N ILE D 825 1.73 20.58 17.14
CA ILE D 825 2.47 20.64 18.40
C ILE D 825 3.63 19.67 18.34
N SER D 826 3.41 18.50 17.70
CA SER D 826 4.46 17.49 17.59
C SER D 826 5.62 17.96 16.71
N LEU D 827 5.35 18.78 15.70
CA LEU D 827 6.44 19.24 14.84
C LEU D 827 7.56 19.94 15.60
N ALA D 828 7.38 20.24 16.88
CA ALA D 828 8.42 20.91 17.66
C ALA D 828 9.51 19.94 18.11
N TYR D 829 9.17 18.70 18.38
CA TYR D 829 10.07 17.64 18.82
C TYR D 829 11.01 17.15 17.73
N GLU D 830 11.12 17.84 16.61
CA GLU D 830 12.01 17.41 15.53
C GLU D 830 13.46 17.76 15.82
N GLN D 831 14.34 16.78 15.62
CA GLN D 831 15.76 16.93 15.82
C GLN D 831 16.39 17.66 14.66
N ALA D 832 17.67 17.97 14.81
CA ALA D 832 18.40 18.67 13.76
C ALA D 832 18.61 17.79 12.55
N GLU D 833 18.88 18.44 11.42
CA GLU D 833 19.13 17.78 10.14
C GLU D 833 20.61 17.78 9.83
N SER D 834 21.25 18.93 10.05
CA SER D 834 22.67 19.17 9.85
C SER D 834 23.17 19.73 11.17
N ASP D 835 24.45 20.02 11.28
CA ASP D 835 24.94 20.56 12.54
C ASP D 835 24.44 22.00 12.67
N ILE D 836 23.69 22.27 13.74
CA ILE D 836 23.18 23.63 13.92
C ILE D 836 24.25 24.51 14.54
N MET D 837 25.13 23.94 15.35
CA MET D 837 26.19 24.69 16.00
C MET D 837 27.34 24.98 15.05
N LYS D 838 27.09 24.90 13.75
CA LYS D 838 28.08 25.15 12.72
C LYS D 838 27.73 26.29 11.77
N ARG D 839 26.47 26.69 11.68
CA ARG D 839 26.09 27.78 10.77
C ARG D 839 26.20 29.14 11.45
N GLN D 840 26.36 30.17 10.61
CA GLN D 840 26.48 31.54 11.06
C GLN D 840 25.15 32.07 11.57
N PRO D 841 25.18 33.12 12.41
CA PRO D 841 23.92 33.68 12.91
C PRO D 841 23.04 34.22 11.80
N ARG D 842 21.73 34.04 11.95
CA ARG D 842 20.78 34.51 10.95
C ARG D 842 20.80 36.02 10.81
N ASN D 843 20.70 36.50 9.57
CA ASN D 843 20.68 37.93 9.34
C ASN D 843 19.27 38.43 9.63
N PRO D 844 19.10 39.46 10.44
CA PRO D 844 17.73 39.94 10.72
C PRO D 844 17.10 40.68 9.57
N LYS D 845 17.87 41.43 8.79
CA LYS D 845 17.31 42.18 7.68
C LYS D 845 16.99 41.32 6.46
N THR D 846 17.42 40.05 6.40
CA THR D 846 17.08 39.27 5.20
C THR D 846 16.39 37.94 5.47
N ASP D 847 16.92 37.10 6.36
CA ASP D 847 16.27 35.82 6.62
C ASP D 847 15.21 36.02 7.69
N LYS D 848 13.97 35.99 7.25
CA LYS D 848 12.82 36.16 8.12
C LYS D 848 12.34 34.79 8.57
N LEU D 849 11.17 34.77 9.16
CA LEU D 849 10.54 33.55 9.65
C LEU D 849 9.52 33.05 8.64
N VAL D 850 8.81 33.98 8.00
CA VAL D 850 7.79 33.68 7.01
C VAL D 850 8.10 34.52 5.76
N ASN D 851 8.67 33.89 4.73
CA ASN D 851 9.01 34.56 3.49
C ASN D 851 8.00 34.17 2.41
N GLU D 852 8.25 34.62 1.18
CA GLU D 852 7.34 34.29 0.09
C GLU D 852 7.53 32.86 -0.39
N ARG D 853 8.67 32.25 -0.04
CA ARG D 853 8.93 30.88 -0.45
C ARG D 853 8.00 29.91 0.27
N LEU D 854 7.53 30.29 1.46
CA LEU D 854 6.63 29.44 2.21
C LEU D 854 5.23 29.57 1.63
N ILE D 855 4.79 30.83 1.43
CA ILE D 855 3.48 31.10 0.86
C ILE D 855 3.33 30.40 -0.47
N SER D 856 4.40 30.34 -1.26
CA SER D 856 4.32 29.68 -2.55
C SER D 856 4.08 28.19 -2.40
N MET D 857 4.45 27.59 -1.28
CA MET D 857 4.26 26.17 -1.03
C MET D 857 2.91 25.86 -0.41
N ALA D 858 2.64 26.43 0.76
CA ALA D 858 1.37 26.17 1.43
C ALA D 858 0.18 26.68 0.62
N TYR D 859 0.14 27.98 0.35
CA TYR D 859 -0.96 28.57 -0.41
C TYR D 859 -0.95 28.20 -1.88
N GLY D 860 0.22 28.04 -2.46
CA GLY D 860 0.32 27.70 -3.87
C GLY D 860 0.36 26.29 -4.41
N GLN D 861 1.14 25.40 -3.81
CA GLN D 861 1.24 24.04 -4.33
C GLN D 861 0.58 22.93 -3.51
N ILE D 862 0.85 22.82 -2.21
CA ILE D 862 0.25 21.74 -1.43
C ILE D 862 -1.23 22.00 -1.16
N GLY D 863 -1.57 23.21 -0.69
CA GLY D 863 -2.96 23.51 -0.41
C GLY D 863 -3.86 23.34 -1.62
N MET D 864 -3.33 23.60 -2.81
CA MET D 864 -4.12 23.47 -4.02
C MET D 864 -4.50 22.01 -4.25
N ILE D 865 -3.54 21.10 -4.09
CA ILE D 865 -3.81 19.68 -4.27
C ILE D 865 -4.82 19.21 -3.24
N GLN D 866 -4.68 19.68 -1.99
CA GLN D 866 -5.63 19.26 -0.97
C GLN D 866 -7.04 19.72 -1.32
N ALA D 867 -7.17 20.93 -1.88
CA ALA D 867 -8.48 21.42 -2.24
C ALA D 867 -9.08 20.59 -3.36
N LEU D 868 -8.25 20.19 -4.33
CA LEU D 868 -8.79 19.38 -5.42
C LEU D 868 -9.28 18.03 -4.90
N GLY D 869 -8.55 17.43 -3.96
CA GLY D 869 -8.99 16.14 -3.42
C GLY D 869 -10.33 16.27 -2.73
N GLY D 870 -10.52 17.37 -1.99
CA GLY D 870 -11.78 17.56 -1.31
C GLY D 870 -12.93 17.68 -2.29
N PHE D 871 -12.73 18.48 -3.35
CA PHE D 871 -13.82 18.62 -4.32
C PHE D 871 -14.11 17.31 -5.03
N PHE D 872 -13.17 16.36 -4.95
CA PHE D 872 -13.40 15.09 -5.60
C PHE D 872 -14.34 14.24 -4.75
N SER D 873 -14.04 14.14 -3.46
CA SER D 873 -14.94 13.35 -2.61
C SER D 873 -16.35 13.94 -2.65
N TYR D 874 -16.44 15.27 -2.75
CA TYR D 874 -17.73 15.95 -2.81
C TYR D 874 -18.54 15.45 -4.01
N PHE D 875 -18.03 15.70 -5.22
CA PHE D 875 -18.75 15.26 -6.40
C PHE D 875 -19.09 13.78 -6.37
N VAL D 876 -18.26 12.95 -5.74
CA VAL D 876 -18.57 11.52 -5.69
C VAL D 876 -19.83 11.28 -4.87
N ILE D 877 -19.91 11.90 -3.69
CA ILE D 877 -21.08 11.71 -2.85
C ILE D 877 -22.35 12.16 -3.57
N LEU D 878 -22.30 13.32 -4.23
CA LEU D 878 -23.52 13.78 -4.92
C LEU D 878 -23.84 12.99 -6.17
N ALA D 879 -22.86 12.37 -6.82
CA ALA D 879 -23.17 11.61 -8.03
C ALA D 879 -23.70 10.22 -7.71
N GLU D 880 -23.29 9.64 -6.58
CA GLU D 880 -23.78 8.32 -6.23
C GLU D 880 -25.23 8.36 -5.76
N ASN D 881 -25.68 9.49 -5.21
CA ASN D 881 -27.05 9.63 -4.75
C ASN D 881 -27.99 10.14 -5.83
N GLY D 882 -27.47 10.75 -6.90
CA GLY D 882 -28.33 11.24 -7.96
C GLY D 882 -28.07 12.57 -8.67
N PHE D 883 -27.17 13.42 -8.18
CA PHE D 883 -26.88 14.72 -8.80
C PHE D 883 -25.54 14.72 -9.55
N LEU D 884 -25.59 14.55 -10.86
CA LEU D 884 -24.38 14.54 -11.69
C LEU D 884 -23.75 15.94 -11.79
N PRO D 885 -22.45 16.02 -12.08
CA PRO D 885 -21.78 17.34 -12.17
C PRO D 885 -22.34 18.32 -13.19
N MET D 886 -23.19 17.92 -14.13
CA MET D 886 -23.71 18.91 -15.08
C MET D 886 -24.92 19.67 -14.54
N ASP D 887 -25.72 19.03 -13.69
CA ASP D 887 -26.91 19.65 -13.14
C ASP D 887 -26.67 20.41 -11.83
N LEU D 888 -25.44 20.41 -11.29
CA LEU D 888 -25.22 21.14 -10.05
C LEU D 888 -24.97 22.63 -10.27
N ILE D 889 -24.45 23.02 -11.42
CA ILE D 889 -24.17 24.42 -11.73
C ILE D 889 -25.48 25.17 -11.96
N GLY D 890 -25.79 26.13 -11.08
CA GLY D 890 -27.02 26.89 -11.22
C GLY D 890 -28.12 26.48 -10.29
N LYS D 891 -27.87 25.52 -9.40
CA LYS D 891 -28.84 24.98 -8.47
C LYS D 891 -28.90 25.64 -7.09
N ARG D 892 -27.83 26.27 -6.60
CA ARG D 892 -27.85 26.87 -5.26
C ARG D 892 -29.12 27.65 -4.87
N VAL D 893 -29.63 28.50 -5.77
CA VAL D 893 -30.82 29.29 -5.46
C VAL D 893 -32.00 28.40 -5.11
N ARG D 894 -32.17 27.30 -5.82
CA ARG D 894 -33.29 26.45 -5.47
C ARG D 894 -32.89 25.36 -4.48
N TRP D 895 -31.59 25.08 -4.35
CA TRP D 895 -31.14 24.09 -3.39
C TRP D 895 -31.34 24.57 -1.96
N ASP D 896 -31.23 25.88 -1.73
CA ASP D 896 -31.39 26.45 -0.40
C ASP D 896 -32.78 26.97 -0.08
N ASP D 897 -33.70 26.95 -1.04
CA ASP D 897 -35.04 27.44 -0.74
C ASP D 897 -35.72 26.48 0.23
N ARG D 898 -36.31 27.01 1.28
CA ARG D 898 -36.98 26.17 2.24
C ARG D 898 -38.38 25.78 1.82
N TRP D 899 -38.88 26.33 0.70
CA TRP D 899 -40.24 26.00 0.26
C TRP D 899 -40.32 25.25 -1.07
N ILE D 900 -39.26 24.57 -1.53
CA ILE D 900 -39.30 23.83 -2.79
C ILE D 900 -39.11 22.35 -2.45
N SER D 901 -40.22 21.62 -2.31
CA SER D 901 -40.16 20.19 -1.98
C SER D 901 -40.10 19.29 -3.21
N ASP D 902 -39.56 19.75 -4.34
CA ASP D 902 -39.49 18.89 -5.54
C ASP D 902 -38.33 19.37 -6.41
N VAL D 903 -37.13 18.88 -6.12
CA VAL D 903 -35.93 19.25 -6.86
C VAL D 903 -35.50 18.04 -7.69
N GLU D 904 -35.62 18.17 -9.00
CA GLU D 904 -35.25 17.11 -9.93
C GLU D 904 -33.74 16.93 -10.03
N ASP D 905 -33.29 15.69 -10.01
CA ASP D 905 -31.87 15.40 -10.12
C ASP D 905 -31.59 14.94 -11.55
N SER D 906 -30.35 14.52 -11.80
CA SER D 906 -29.97 14.07 -13.13
C SER D 906 -30.75 12.87 -13.64
N PHE D 907 -31.40 12.10 -12.76
CA PHE D 907 -32.16 10.94 -13.20
C PHE D 907 -33.67 11.15 -13.22
N GLY D 908 -34.16 12.28 -12.71
CA GLY D 908 -35.58 12.57 -12.70
C GLY D 908 -36.28 12.38 -11.36
N GLN D 909 -35.56 12.02 -10.31
CA GLN D 909 -36.16 11.84 -9.00
C GLN D 909 -36.45 13.18 -8.35
N GLN D 910 -37.46 13.21 -7.47
CA GLN D 910 -37.86 14.42 -6.77
C GLN D 910 -37.39 14.34 -5.32
N TRP D 911 -36.55 15.30 -4.92
CA TRP D 911 -35.97 15.38 -3.59
C TRP D 911 -36.52 16.51 -2.73
N THR D 912 -37.00 16.19 -1.52
CA THR D 912 -37.51 17.24 -0.64
C THR D 912 -36.33 18.06 -0.12
N TYR D 913 -36.63 19.14 0.60
CA TYR D 913 -35.58 20.02 1.13
C TYR D 913 -34.66 19.33 2.15
N GLU D 914 -35.24 18.73 3.20
CA GLU D 914 -34.41 18.09 4.21
C GLU D 914 -33.61 16.91 3.66
N GLN D 915 -34.14 16.23 2.64
CA GLN D 915 -33.42 15.10 2.07
C GLN D 915 -32.15 15.56 1.36
N ARG D 916 -32.23 16.65 0.60
CA ARG D 916 -31.02 17.12 -0.08
C ARG D 916 -30.05 17.72 0.92
N LYS D 917 -30.57 18.28 2.02
CA LYS D 917 -29.66 18.86 3.02
C LYS D 917 -28.86 17.77 3.72
N ILE D 918 -29.47 16.60 3.94
CA ILE D 918 -28.74 15.52 4.61
C ILE D 918 -27.53 15.13 3.76
N VAL D 919 -27.71 15.09 2.43
CA VAL D 919 -26.60 14.73 1.56
C VAL D 919 -25.52 15.81 1.60
N GLU D 920 -25.92 17.08 1.64
CA GLU D 920 -24.90 18.13 1.69
C GLU D 920 -24.07 18.00 2.96
N PHE D 921 -24.71 17.64 4.07
CA PHE D 921 -23.98 17.50 5.31
C PHE D 921 -23.04 16.30 5.24
N THR D 922 -23.49 15.20 4.60
CA THR D 922 -22.61 14.05 4.49
C THR D 922 -21.42 14.43 3.61
N CYS D 923 -21.59 15.42 2.73
CA CYS D 923 -20.49 15.83 1.88
C CYS D 923 -19.52 16.68 2.68
N HIS D 924 -20.02 17.28 3.76
CA HIS D 924 -19.12 18.09 4.57
C HIS D 924 -18.27 17.16 5.39
N THR D 925 -18.89 16.09 5.90
CA THR D 925 -18.16 15.11 6.70
C THR D 925 -17.05 14.48 5.87
N SER D 926 -17.37 14.06 4.64
CA SER D 926 -16.31 13.45 3.84
C SER D 926 -15.27 14.48 3.42
N PHE D 927 -15.64 15.75 3.27
CA PHE D 927 -14.65 16.75 2.91
C PHE D 927 -13.62 16.89 4.04
N PHE D 928 -14.13 16.90 5.27
CA PHE D 928 -13.27 17.01 6.44
C PHE D 928 -12.35 15.79 6.55
N ILE D 929 -12.88 14.61 6.21
CA ILE D 929 -12.05 13.42 6.30
C ILE D 929 -10.99 13.46 5.21
N SER D 930 -11.32 14.06 4.05
CA SER D 930 -10.35 14.15 2.97
C SER D 930 -9.22 15.06 3.42
N ILE D 931 -9.58 16.11 4.17
CA ILE D 931 -8.58 17.04 4.67
C ILE D 931 -7.59 16.27 5.55
N VAL D 932 -8.11 15.43 6.44
CA VAL D 932 -7.22 14.67 7.31
C VAL D 932 -6.31 13.75 6.50
N VAL D 933 -6.87 13.09 5.47
CA VAL D 933 -6.08 12.20 4.64
C VAL D 933 -4.94 12.94 3.96
N VAL D 934 -5.20 14.13 3.43
CA VAL D 934 -4.10 14.84 2.78
C VAL D 934 -3.16 15.44 3.82
N GLN D 935 -3.66 15.65 5.05
CA GLN D 935 -2.79 16.21 6.06
C GLN D 935 -1.76 15.17 6.47
N TRP D 936 -2.04 13.89 6.24
CA TRP D 936 -1.06 12.88 6.59
C TRP D 936 0.24 13.15 5.83
N ALA D 937 0.12 13.22 4.49
CA ALA D 937 1.28 13.49 3.66
C ALA D 937 1.81 14.88 3.88
N ASP D 938 0.98 15.81 4.37
CA ASP D 938 1.53 17.14 4.57
C ASP D 938 2.37 17.16 5.83
N LEU D 939 1.97 16.41 6.87
CA LEU D 939 2.75 16.37 8.10
C LEU D 939 4.05 15.61 7.86
N ILE D 940 4.05 14.71 6.88
CA ILE D 940 5.27 13.95 6.61
C ILE D 940 6.20 14.78 5.75
N ILE D 941 5.67 15.57 4.81
CA ILE D 941 6.57 16.37 3.99
C ILE D 941 7.00 17.61 4.75
N CYS D 942 6.31 17.95 5.84
CA CYS D 942 6.66 19.10 6.65
C CYS D 942 7.63 18.71 7.75
N LYS D 943 7.74 17.41 8.02
CA LYS D 943 8.66 16.93 9.05
C LYS D 943 10.09 17.39 8.74
N THR D 944 10.51 17.26 7.48
CA THR D 944 11.84 17.67 7.04
C THR D 944 11.72 18.76 5.99
N ARG D 945 12.65 19.71 6.05
CA ARG D 945 12.75 20.86 5.15
C ARG D 945 13.60 20.58 3.92
N ARG D 946 14.72 19.90 4.10
CA ARG D 946 15.64 19.58 3.00
C ARG D 946 15.88 18.07 2.89
N ASN D 947 16.38 17.44 3.95
CA ASN D 947 16.67 16.00 4.01
C ASN D 947 15.48 15.14 3.60
N SER D 948 15.75 13.86 3.35
CA SER D 948 14.73 12.90 2.95
C SER D 948 14.20 12.15 4.17
N ILE D 949 13.03 11.52 3.98
CA ILE D 949 12.44 10.77 5.08
C ILE D 949 13.23 9.51 5.35
N PHE D 950 13.79 8.89 4.31
CA PHE D 950 14.57 7.67 4.49
C PHE D 950 15.92 7.94 5.13
N GLN D 951 16.25 9.20 5.42
CA GLN D 951 17.53 9.56 6.03
C GLN D 951 17.25 9.92 7.48
N GLN D 952 16.54 11.03 7.74
CA GLN D 952 16.20 11.47 9.08
C GLN D 952 15.61 10.28 9.84
N GLY D 953 14.40 9.89 9.45
CA GLY D 953 13.72 8.77 10.06
C GLY D 953 12.52 9.20 10.89
N MET D 954 11.59 8.25 11.06
CA MET D 954 10.37 8.47 11.84
C MET D 954 10.58 8.03 13.28
N LYS D 955 11.55 8.68 13.92
CA LYS D 955 11.87 8.38 15.31
C LYS D 955 11.08 9.24 16.28
N ASN D 956 10.32 10.20 15.75
CA ASN D 956 9.49 11.11 16.56
C ASN D 956 8.20 10.37 16.90
N LYS D 957 8.10 9.89 18.13
CA LYS D 957 6.90 9.15 18.56
C LYS D 957 5.67 10.05 18.64
N ILE D 958 5.85 11.33 18.96
CA ILE D 958 4.71 12.24 19.06
C ILE D 958 4.02 12.40 17.72
N LEU D 959 4.78 12.53 16.63
CA LEU D 959 4.18 12.68 15.31
C LEU D 959 3.33 11.45 14.95
N ILE D 960 3.84 10.26 15.28
CA ILE D 960 3.10 9.02 14.99
C ILE D 960 1.79 9.03 15.77
N PHE D 961 1.87 9.47 17.03
CA PHE D 961 0.68 9.52 17.86
C PHE D 961 -0.29 10.55 17.31
N GLY D 962 0.24 11.62 16.71
CA GLY D 962 -0.61 12.64 16.14
C GLY D 962 -1.42 12.08 14.99
N LEU D 963 -0.77 11.32 14.11
CA LEU D 963 -1.50 10.75 12.98
C LEU D 963 -2.60 9.80 13.47
N PHE D 964 -2.24 8.89 14.38
CA PHE D 964 -3.23 7.94 14.89
C PHE D 964 -4.43 8.65 15.54
N GLU D 965 -4.16 9.64 16.39
CA GLU D 965 -5.26 10.36 17.06
C GLU D 965 -6.08 11.16 16.05
N GLU D 966 -5.40 11.78 15.08
CA GLU D 966 -6.08 12.57 14.06
C GLU D 966 -7.09 11.72 13.31
N THR D 967 -6.78 10.43 13.10
CA THR D 967 -7.72 9.57 12.39
C THR D 967 -8.85 9.11 13.31
N ALA D 968 -8.50 8.75 14.55
CA ALA D 968 -9.52 8.28 15.49
C ALA D 968 -10.57 9.36 15.76
N LEU D 969 -10.15 10.62 15.82
CA LEU D 969 -11.12 11.69 16.10
C LEU D 969 -12.11 11.84 14.94
N ALA D 970 -11.64 11.76 13.69
CA ALA D 970 -12.56 11.89 12.56
C ALA D 970 -13.56 10.75 12.54
N ALA D 971 -13.10 9.54 12.82
CA ALA D 971 -14.04 8.42 12.80
C ALA D 971 -15.04 8.57 13.93
N PHE D 972 -14.58 9.06 15.08
CA PHE D 972 -15.47 9.24 16.20
C PHE D 972 -16.54 10.29 15.92
N LEU D 973 -16.13 11.43 15.35
CA LEU D 973 -17.10 12.46 15.05
C LEU D 973 -18.09 12.02 13.96
N SER D 974 -17.73 11.01 13.18
CA SER D 974 -18.66 10.59 12.12
C SER D 974 -19.49 9.35 12.45
N TYR D 975 -19.21 8.60 13.53
CA TYR D 975 -20.05 7.42 13.77
C TYR D 975 -20.66 7.32 15.16
N CYS D 976 -20.67 8.40 15.96
CA CYS D 976 -21.27 8.31 17.29
C CYS D 976 -22.74 8.72 17.24
N PRO D 977 -23.63 7.96 17.88
CA PRO D 977 -25.07 8.31 17.85
C PRO D 977 -25.31 9.69 18.46
N GLY D 978 -25.92 10.56 17.68
CA GLY D 978 -26.21 11.89 18.14
C GLY D 978 -25.35 12.97 17.57
N THR D 979 -24.63 12.71 16.49
CA THR D 979 -23.81 13.77 15.93
C THR D 979 -24.62 14.58 14.93
N ASP D 980 -25.56 13.92 14.25
CA ASP D 980 -26.40 14.60 13.27
C ASP D 980 -27.39 15.54 13.93
N VAL D 981 -27.49 15.55 15.25
CA VAL D 981 -28.39 16.44 15.95
C VAL D 981 -27.62 17.55 16.63
N ALA D 982 -26.37 17.27 17.03
CA ALA D 982 -25.48 18.21 17.69
C ALA D 982 -24.51 18.91 16.74
N LEU D 983 -23.67 18.15 16.02
CA LEU D 983 -22.70 18.73 15.09
C LEU D 983 -23.08 18.64 13.61
N ARG D 984 -24.09 17.85 13.24
CA ARG D 984 -24.54 17.70 11.85
C ARG D 984 -23.57 16.93 10.93
N MET D 985 -23.02 15.82 11.42
CA MET D 985 -22.09 15.00 10.66
C MET D 985 -22.69 13.60 10.56
N TYR D 986 -22.99 13.15 9.33
CA TYR D 986 -23.58 11.84 9.09
C TYR D 986 -22.55 10.77 8.79
N PRO D 987 -22.91 9.50 9.02
CA PRO D 987 -21.97 8.40 8.75
C PRO D 987 -21.63 8.27 7.27
N LEU D 988 -20.43 7.79 7.00
CA LEU D 988 -19.96 7.60 5.64
C LEU D 988 -19.93 6.14 5.24
N LYS D 989 -20.10 5.90 3.98
CA LYS D 989 -20.06 4.53 3.51
C LYS D 989 -18.58 4.19 3.33
N PRO D 990 -18.17 2.95 3.59
CA PRO D 990 -16.75 2.60 3.47
C PRO D 990 -16.06 2.86 2.14
N SER D 991 -16.78 2.98 1.03
CA SER D 991 -16.05 3.21 -0.21
C SER D 991 -15.60 4.66 -0.39
N TRP D 992 -16.21 5.62 0.32
CA TRP D 992 -15.86 7.02 0.20
C TRP D 992 -14.56 7.42 0.91
N TRP D 993 -14.17 6.71 1.96
CA TRP D 993 -12.93 7.06 2.67
C TRP D 993 -11.68 6.95 1.79
N PHE D 994 -11.76 6.27 0.65
CA PHE D 994 -10.62 6.09 -0.25
C PHE D 994 -10.58 7.09 -1.41
N CYS D 995 -11.34 8.17 -1.36
CA CYS D 995 -11.30 9.12 -2.48
C CYS D 995 -10.15 10.11 -2.40
N ALA D 996 -9.54 10.28 -1.24
CA ALA D 996 -8.42 11.21 -1.07
C ALA D 996 -7.04 10.57 -1.07
N PHE D 997 -6.97 9.24 -1.02
CA PHE D 997 -5.67 8.54 -1.00
C PHE D 997 -4.73 8.89 -2.16
N PRO D 998 -5.17 8.89 -3.43
CA PRO D 998 -4.21 9.21 -4.50
C PRO D 998 -3.62 10.61 -4.39
N TYR D 999 -4.42 11.59 -3.99
CA TYR D 999 -3.90 12.94 -3.85
C TYR D 999 -2.81 13.00 -2.81
N SER D 1000 -2.99 12.25 -1.72
CA SER D 1000 -1.99 12.23 -0.65
C SER D 1000 -0.69 11.63 -1.19
N LEU D 1001 -0.78 10.45 -1.81
CA LEU D 1001 0.43 9.84 -2.35
C LEU D 1001 1.16 10.80 -3.29
N ILE D 1002 0.39 11.50 -4.14
CA ILE D 1002 0.99 12.44 -5.08
C ILE D 1002 1.70 13.57 -4.34
N ILE D 1003 1.10 14.07 -3.25
CA ILE D 1003 1.72 15.15 -2.49
C ILE D 1003 3.08 14.67 -1.96
N PHE D 1004 3.11 13.43 -1.49
CA PHE D 1004 4.33 12.86 -0.95
C PHE D 1004 5.41 12.72 -2.02
N LEU D 1005 5.04 12.24 -3.21
CA LEU D 1005 6.03 12.08 -4.27
C LEU D 1005 6.53 13.43 -4.78
N TYR D 1006 5.64 14.40 -4.91
CA TYR D 1006 6.05 15.71 -5.40
C TYR D 1006 7.04 16.35 -4.43
N ASP D 1007 6.71 16.38 -3.14
CA ASP D 1007 7.63 16.99 -2.19
C ASP D 1007 8.94 16.20 -2.10
N GLU D 1008 8.90 14.88 -2.31
CA GLU D 1008 10.15 14.13 -2.22
C GLU D 1008 11.08 14.54 -3.35
N MET D 1009 10.57 14.65 -4.59
CA MET D 1009 11.47 15.05 -5.66
C MET D 1009 11.91 16.51 -5.49
N ARG D 1010 11.06 17.31 -4.81
CA ARG D 1010 11.41 18.70 -4.58
C ARG D 1010 12.61 18.76 -3.66
N ARG D 1011 12.59 18.01 -2.57
CA ARG D 1011 13.70 17.99 -1.63
C ARG D 1011 14.94 17.34 -2.23
N PHE D 1012 14.79 16.63 -3.35
CA PHE D 1012 15.91 15.97 -3.98
C PHE D 1012 16.73 16.91 -4.88
N ILE D 1013 16.07 17.77 -5.64
CA ILE D 1013 16.87 18.64 -6.50
C ILE D 1013 17.63 19.68 -5.66
N ILE D 1014 17.10 20.05 -4.51
CA ILE D 1014 17.75 21.03 -3.64
C ILE D 1014 19.08 20.48 -3.14
N ARG D 1015 19.10 19.19 -2.83
CA ARG D 1015 20.31 18.55 -2.34
C ARG D 1015 21.35 18.43 -3.45
N ARG D 1016 20.97 17.80 -4.56
CA ARG D 1016 21.93 17.65 -5.66
C ARG D 1016 22.35 18.98 -6.28
N SER D 1017 21.43 19.93 -6.42
CA SER D 1017 21.71 21.24 -7.00
C SER D 1017 21.66 22.38 -5.99
N PRO D 1018 22.76 22.68 -5.29
CA PRO D 1018 22.75 23.77 -4.30
C PRO D 1018 22.85 25.14 -4.95
N GLY D 1019 21.90 26.01 -4.62
CA GLY D 1019 21.82 27.37 -5.14
C GLY D 1019 20.96 27.52 -6.38
N GLY D 1020 20.39 26.43 -6.88
CA GLY D 1020 19.56 26.45 -8.05
C GLY D 1020 18.16 27.01 -7.85
N TRP D 1021 17.40 26.97 -8.95
CA TRP D 1021 16.03 27.46 -8.98
C TRP D 1021 15.14 26.90 -7.87
N VAL D 1022 15.16 25.58 -7.68
CA VAL D 1022 14.31 24.98 -6.65
C VAL D 1022 14.67 25.52 -5.27
N GLU D 1023 15.91 25.95 -5.07
CA GLU D 1023 16.29 26.45 -3.75
C GLU D 1023 15.85 27.90 -3.55
N GLN D 1024 16.16 28.79 -4.50
CA GLN D 1024 15.75 30.16 -4.31
C GLN D 1024 14.27 30.39 -4.61
N GLU D 1025 13.54 29.33 -4.92
CA GLU D 1025 12.11 29.46 -5.21
C GLU D 1025 11.24 28.70 -4.21
N THR D 1026 11.65 27.51 -3.75
CA THR D 1026 10.85 26.74 -2.80
C THR D 1026 11.49 26.43 -1.44
N TYR D 1027 12.72 26.87 -1.16
CA TYR D 1027 13.39 26.59 0.12
C TYR D 1027 13.09 27.59 1.24
N TYR D 1028 11.92 27.39 1.88
CA TYR D 1028 11.41 28.21 3.00
C TYR D 1028 12.31 29.32 3.54
N GLY E 12 13.17 52.64 -0.33
CA GLY E 12 12.24 51.59 0.01
C GLY E 12 10.98 51.59 -0.83
N TRP E 13 10.03 52.45 -0.45
CA TRP E 13 8.76 52.58 -1.16
C TRP E 13 8.91 52.60 -2.68
N LYS E 14 9.76 53.49 -3.17
CA LYS E 14 9.99 53.63 -4.61
C LYS E 14 10.90 52.56 -5.21
N LYS E 15 12.05 52.28 -4.59
CA LYS E 15 12.97 51.29 -5.14
C LYS E 15 12.41 49.87 -5.23
N PHE E 16 11.73 49.38 -4.19
CA PHE E 16 11.22 48.01 -4.34
C PHE E 16 10.18 47.91 -5.44
N LEU E 17 9.70 49.05 -5.95
CA LEU E 17 8.71 49.11 -7.03
C LEU E 17 9.36 49.14 -8.40
N TRP E 18 10.44 49.90 -8.54
CA TRP E 18 11.12 50.01 -9.82
C TRP E 18 12.47 50.72 -9.72
N ASP E 19 13.54 49.97 -9.95
CA ASP E 19 14.90 50.50 -9.91
C ASP E 19 15.34 50.47 -11.36
N SER E 20 16.26 51.36 -11.75
CA SER E 20 16.67 51.35 -13.15
C SER E 20 18.09 50.88 -13.39
N GLU E 21 18.76 50.29 -12.42
CA GLU E 21 20.11 49.82 -12.70
C GLU E 21 20.05 48.34 -13.03
N LYS E 22 19.35 47.56 -12.22
CA LYS E 22 19.17 46.14 -12.42
C LYS E 22 17.94 45.84 -13.28
N LYS E 23 17.21 46.88 -13.69
CA LYS E 23 15.99 46.75 -14.51
C LYS E 23 15.00 45.74 -13.91
N GLU E 24 14.72 45.94 -12.64
CA GLU E 24 13.81 45.11 -11.85
C GLU E 24 12.47 45.76 -11.55
N PHE E 25 11.42 44.94 -11.55
CA PHE E 25 10.06 45.39 -11.25
C PHE E 25 9.57 44.53 -10.10
N LEU E 26 9.21 45.16 -8.98
CA LEU E 26 8.73 44.48 -7.78
C LEU E 26 9.77 43.59 -7.11
N GLY E 27 10.90 43.36 -7.76
CA GLY E 27 11.92 42.52 -7.16
C GLY E 27 12.70 41.70 -8.16
N ARG E 28 12.03 41.16 -9.17
CA ARG E 28 12.71 40.36 -10.17
C ARG E 28 12.79 41.10 -11.49
N THR E 29 13.45 40.47 -12.46
CA THR E 29 13.64 40.98 -13.81
C THR E 29 12.59 40.36 -14.71
N GLY E 30 12.69 40.60 -16.01
CA GLY E 30 11.72 40.02 -16.93
C GLY E 30 11.83 38.51 -17.03
N SER E 31 13.06 37.99 -17.07
CA SER E 31 13.24 36.55 -17.18
C SER E 31 12.79 35.78 -15.95
N SER E 32 12.69 36.44 -14.80
CA SER E 32 12.23 35.71 -13.61
C SER E 32 10.73 35.57 -13.69
N TRP E 33 10.04 36.70 -13.89
CA TRP E 33 8.60 36.65 -14.01
C TRP E 33 8.21 35.64 -15.07
N PHE E 34 9.05 35.48 -16.12
CA PHE E 34 8.71 34.51 -17.15
C PHE E 34 8.93 33.09 -16.66
N LYS E 35 10.03 32.83 -15.95
CA LYS E 35 10.27 31.47 -15.47
C LYS E 35 9.16 31.03 -14.51
N ILE E 36 8.77 31.93 -13.60
CA ILE E 36 7.73 31.60 -12.63
C ILE E 36 6.36 31.45 -13.31
N PHE E 37 6.01 32.36 -14.23
CA PHE E 37 4.72 32.24 -14.90
C PHE E 37 4.64 30.94 -15.69
N LEU E 38 5.72 30.59 -16.40
CA LEU E 38 5.72 29.36 -17.18
C LEU E 38 5.59 28.14 -16.26
N PHE E 39 6.29 28.16 -15.13
CA PHE E 39 6.20 27.04 -14.21
C PHE E 39 4.78 26.88 -13.69
N TYR E 40 4.18 27.97 -13.22
CA TYR E 40 2.81 27.85 -12.72
C TYR E 40 1.84 27.44 -13.81
N LEU E 41 2.05 27.86 -15.06
CA LEU E 41 1.14 27.46 -16.11
C LEU E 41 1.22 25.96 -16.34
N ILE E 42 2.43 25.42 -16.38
CA ILE E 42 2.58 23.98 -16.60
C ILE E 42 2.04 23.20 -15.40
N PHE E 43 2.34 23.66 -14.18
CA PHE E 43 1.88 22.99 -12.97
C PHE E 43 0.36 22.95 -12.90
N TYR E 44 -0.28 24.12 -13.02
CA TYR E 44 -1.75 24.16 -12.97
C TYR E 44 -2.35 23.40 -14.13
N GLY E 45 -1.68 23.35 -15.28
CA GLY E 45 -2.23 22.61 -16.41
C GLY E 45 -2.27 21.14 -16.08
N CYS E 46 -1.19 20.63 -15.47
CA CYS E 46 -1.15 19.22 -15.10
C CYS E 46 -2.22 18.94 -14.05
N LEU E 47 -2.40 19.87 -13.10
CA LEU E 47 -3.40 19.70 -12.06
C LEU E 47 -4.78 19.57 -12.68
N ALA E 48 -5.09 20.44 -13.64
CA ALA E 48 -6.39 20.41 -14.30
C ALA E 48 -6.59 19.11 -15.05
N GLY E 49 -5.57 18.66 -15.78
CA GLY E 49 -5.72 17.43 -16.53
C GLY E 49 -5.94 16.22 -15.63
N ILE E 50 -5.29 16.21 -14.47
CA ILE E 50 -5.45 15.09 -13.54
C ILE E 50 -6.86 15.10 -12.96
N PHE E 51 -7.34 16.27 -12.54
CA PHE E 51 -8.69 16.34 -11.98
C PHE E 51 -9.72 15.91 -13.02
N ILE E 52 -9.52 16.31 -14.28
CA ILE E 52 -10.45 15.95 -15.34
C ILE E 52 -10.44 14.44 -15.58
N GLY E 53 -9.26 13.81 -15.57
CA GLY E 53 -9.22 12.38 -15.78
C GLY E 53 -9.94 11.63 -14.66
N THR E 54 -9.72 12.07 -13.42
CA THR E 54 -10.38 11.41 -12.30
C THR E 54 -11.88 11.67 -12.31
N ILE E 55 -12.35 12.66 -13.07
CA ILE E 55 -13.79 12.90 -13.09
C ILE E 55 -14.39 12.08 -14.24
N GLN E 56 -13.60 11.81 -15.28
CA GLN E 56 -14.12 11.01 -16.38
C GLN E 56 -14.32 9.57 -15.94
N VAL E 57 -13.38 9.05 -15.15
CA VAL E 57 -13.58 7.66 -14.69
C VAL E 57 -14.85 7.59 -13.85
N LEU E 58 -15.22 8.72 -13.23
CA LEU E 58 -16.43 8.75 -12.42
C LEU E 58 -17.64 8.72 -13.32
N LEU E 59 -17.54 9.36 -14.49
CA LEU E 59 -18.69 9.33 -15.36
C LEU E 59 -18.88 7.92 -15.89
N LEU E 60 -17.79 7.15 -15.95
CA LEU E 60 -17.90 5.77 -16.42
C LEU E 60 -18.46 4.82 -15.35
N THR E 61 -18.15 5.02 -14.07
CA THR E 61 -18.65 4.14 -13.00
C THR E 61 -20.18 4.00 -12.92
N LEU E 62 -20.91 5.11 -12.89
CA LEU E 62 -22.37 5.14 -12.77
C LEU E 62 -23.15 4.77 -14.03
N SER E 63 -24.41 4.38 -13.81
CA SER E 63 -25.39 3.97 -14.80
C SER E 63 -26.31 5.13 -15.18
N ASP E 64 -26.76 5.15 -16.44
CA ASP E 64 -27.63 6.22 -16.91
C ASP E 64 -29.11 6.00 -16.61
N PHE E 65 -29.56 4.76 -16.41
CA PHE E 65 -30.98 4.56 -16.12
C PHE E 65 -31.30 4.36 -14.65
N GLU E 66 -30.31 4.42 -13.75
CA GLU E 66 -30.69 4.20 -12.35
C GLU E 66 -29.72 4.71 -11.30
N PRO E 67 -30.15 5.57 -10.38
CA PRO E 67 -29.24 6.07 -9.34
C PRO E 67 -28.77 4.90 -8.48
N LYS E 68 -27.45 4.84 -8.26
CA LYS E 68 -26.88 3.75 -7.48
C LYS E 68 -27.45 3.67 -6.05
N TYR E 69 -27.71 4.80 -5.41
CA TYR E 69 -28.25 4.80 -4.06
C TYR E 69 -29.62 5.47 -4.00
N GLN E 70 -30.61 4.75 -3.50
CA GLN E 70 -31.98 5.25 -3.37
C GLN E 70 -32.49 5.15 -1.95
N ASP E 71 -31.62 5.33 -0.95
CA ASP E 71 -32.08 5.23 0.43
C ASP E 71 -32.45 6.58 1.02
N ARG E 72 -31.93 7.67 0.44
CA ARG E 72 -32.25 8.98 0.98
C ARG E 72 -33.60 9.50 0.52
N VAL E 73 -34.30 8.80 -0.39
CA VAL E 73 -35.59 9.33 -0.79
C VAL E 73 -36.61 8.22 -0.64
N ALA E 74 -37.02 7.99 0.60
CA ALA E 74 -38.00 6.99 0.95
C ALA E 74 -38.30 7.15 2.44
N PRO E 75 -39.58 7.19 2.85
CA PRO E 75 -40.62 7.12 1.82
C PRO E 75 -40.73 8.44 1.01
N PRO E 76 -41.75 8.61 0.17
CA PRO E 76 -41.85 9.84 -0.60
C PRO E 76 -42.53 10.98 0.14
N GLY E 77 -42.21 12.19 -0.32
CA GLY E 77 -42.75 13.40 0.25
C GLY E 77 -44.14 13.69 -0.31
N LEU E 78 -44.60 14.91 -0.04
CA LEU E 78 -45.91 15.35 -0.49
C LEU E 78 -45.84 16.85 -0.73
N SER E 79 -45.68 17.27 -1.97
CA SER E 79 -45.58 18.70 -2.23
C SER E 79 -46.92 19.26 -2.73
N HIS E 80 -46.97 20.59 -2.79
CA HIS E 80 -48.19 21.24 -3.21
C HIS E 80 -47.97 22.54 -3.94
N ALA E 81 -49.00 22.90 -4.67
CA ALA E 81 -49.17 24.08 -5.47
C ALA E 81 -50.50 24.57 -4.93
N PRO E 82 -50.63 25.85 -4.58
CA PRO E 82 -49.52 26.79 -4.75
C PRO E 82 -48.29 26.73 -3.86
N TYR E 83 -47.40 27.64 -4.27
CA TYR E 83 -46.10 27.92 -3.71
C TYR E 83 -46.30 28.91 -2.59
N ALA E 84 -46.45 28.41 -1.36
CA ALA E 84 -46.66 29.28 -0.23
C ALA E 84 -45.37 29.30 0.57
N ILE E 85 -44.99 30.50 0.99
CA ILE E 85 -43.78 30.73 1.77
C ILE E 85 -44.14 30.70 3.25
N LYS E 86 -43.55 29.74 3.98
CA LYS E 86 -43.76 29.52 5.42
C LYS E 86 -45.00 28.65 5.60
N THR E 87 -45.53 28.12 4.49
CA THR E 87 -46.72 27.27 4.47
C THR E 87 -47.93 28.06 4.94
N GLU E 88 -48.16 29.19 4.30
CA GLU E 88 -49.28 30.07 4.62
C GLU E 88 -49.88 30.61 3.34
N ILE E 89 -51.20 30.54 3.24
CA ILE E 89 -51.94 31.01 2.07
C ILE E 89 -52.91 32.06 2.61
N SER E 90 -52.50 33.33 2.56
CA SER E 90 -53.30 34.46 3.04
C SER E 90 -53.59 35.42 1.90
N PHE E 91 -54.88 35.70 1.66
CA PHE E 91 -55.24 36.62 0.59
C PHE E 91 -56.63 37.23 0.85
N SER E 92 -56.79 38.46 0.37
CA SER E 92 -58.04 39.21 0.51
C SER E 92 -58.97 38.93 -0.67
N ILE E 93 -60.27 38.76 -0.38
CA ILE E 93 -61.23 38.47 -1.44
C ILE E 93 -61.58 39.72 -2.25
N SER E 94 -61.14 40.90 -1.83
CA SER E 94 -61.43 42.12 -2.56
C SER E 94 -60.28 42.54 -3.47
N ASN E 95 -59.11 42.77 -2.90
CA ASN E 95 -57.93 43.17 -3.64
C ASN E 95 -57.47 42.07 -4.59
N PRO E 96 -57.55 42.26 -5.91
CA PRO E 96 -57.12 41.20 -6.83
C PRO E 96 -55.62 40.96 -6.82
N LYS E 97 -54.81 41.97 -6.52
CA LYS E 97 -53.36 41.85 -6.49
C LYS E 97 -52.84 41.16 -5.23
N SER E 98 -53.68 40.36 -4.58
CA SER E 98 -53.31 39.65 -3.37
C SER E 98 -53.06 38.18 -3.60
N TYR E 99 -53.82 37.54 -4.49
CA TYR E 99 -53.65 36.12 -4.78
C TYR E 99 -53.02 35.89 -6.16
N GLU E 100 -52.30 36.87 -6.70
CA GLU E 100 -51.69 36.70 -8.01
C GLU E 100 -50.49 35.76 -7.94
N SER E 101 -49.67 35.90 -6.90
CA SER E 101 -48.49 35.03 -6.76
C SER E 101 -48.90 33.57 -6.66
N PHE E 102 -50.10 33.30 -6.14
CA PHE E 102 -50.60 31.94 -5.99
C PHE E 102 -51.07 31.38 -7.33
N VAL E 103 -51.99 32.11 -7.97
CA VAL E 103 -52.52 31.69 -9.27
C VAL E 103 -51.40 31.47 -10.27
N LYS E 104 -50.41 32.36 -10.32
CA LYS E 104 -49.34 32.16 -11.27
C LYS E 104 -48.66 30.80 -11.09
N SER E 105 -48.58 30.32 -9.84
CA SER E 105 -47.96 29.03 -9.58
C SER E 105 -48.91 27.92 -10.00
N MET E 106 -50.12 27.91 -9.41
CA MET E 106 -51.13 26.91 -9.74
C MET E 106 -51.15 26.70 -11.24
N HIS E 107 -51.24 27.82 -11.98
CA HIS E 107 -51.25 27.78 -13.43
C HIS E 107 -49.98 27.15 -13.97
N LYS E 108 -48.82 27.51 -13.42
CA LYS E 108 -47.58 26.91 -13.91
C LYS E 108 -47.61 25.39 -13.80
N LEU E 109 -48.20 24.88 -12.72
CA LEU E 109 -48.28 23.44 -12.52
C LEU E 109 -49.27 22.79 -13.48
N MET E 110 -50.49 23.31 -13.55
CA MET E 110 -51.49 22.73 -14.44
C MET E 110 -51.17 22.92 -15.92
N ASP E 111 -50.37 23.92 -16.28
CA ASP E 111 -50.02 24.17 -17.67
C ASP E 111 -49.26 23.03 -18.32
N LEU E 112 -48.85 22.02 -17.55
CA LEU E 112 -48.12 20.88 -18.09
C LEU E 112 -49.02 19.71 -18.44
N TYR E 113 -50.30 19.78 -18.05
CA TYR E 113 -51.26 18.72 -18.33
C TYR E 113 -52.19 19.08 -19.49
N ASN E 114 -51.83 20.11 -20.27
CA ASN E 114 -52.65 20.53 -21.39
C ASN E 114 -52.84 19.36 -22.36
N GLU E 115 -54.05 19.22 -22.88
CA GLU E 115 -54.34 18.12 -23.80
C GLU E 115 -53.47 18.21 -25.06
N SER E 116 -53.18 19.43 -25.54
CA SER E 116 -52.36 19.58 -26.73
C SER E 116 -51.03 18.86 -26.58
N SER E 117 -50.48 18.84 -25.36
CA SER E 117 -49.21 18.17 -25.13
C SER E 117 -49.38 16.66 -25.24
N GLN E 118 -50.48 16.13 -24.69
CA GLN E 118 -50.78 14.70 -24.71
C GLN E 118 -51.55 14.40 -25.98
N ALA E 119 -50.85 13.96 -27.03
CA ALA E 119 -51.52 13.65 -28.29
C ALA E 119 -50.78 12.55 -29.03
N GLY E 120 -51.54 11.78 -29.81
CA GLY E 120 -50.99 10.69 -30.58
C GLY E 120 -50.93 9.42 -29.77
N ASN E 121 -50.36 8.38 -30.39
CA ASN E 121 -50.24 7.12 -29.67
C ASN E 121 -49.09 7.18 -28.67
N SER E 122 -48.00 7.89 -29.04
CA SER E 122 -46.89 7.99 -28.14
C SER E 122 -46.74 9.40 -27.56
N PRO E 123 -46.19 9.51 -26.35
CA PRO E 123 -45.85 8.25 -25.68
C PRO E 123 -46.92 8.04 -24.62
N PHE E 124 -48.04 8.73 -24.84
CA PHE E 124 -49.21 8.71 -23.96
C PHE E 124 -50.29 7.75 -24.44
N GLU E 125 -50.44 6.61 -23.76
CA GLU E 125 -51.46 5.64 -24.12
C GLU E 125 -52.67 5.83 -23.21
N ASP E 126 -53.85 5.54 -23.75
CA ASP E 126 -55.09 5.67 -22.99
C ASP E 126 -55.17 4.58 -21.92
N CYS E 127 -55.40 4.99 -20.67
CA CYS E 127 -55.51 4.05 -19.57
C CYS E 127 -56.90 4.10 -18.94
N SER E 128 -57.21 3.07 -18.16
CA SER E 128 -58.49 2.91 -17.47
C SER E 128 -58.99 4.20 -16.83
N ASP E 129 -60.22 4.59 -17.16
CA ASP E 129 -60.81 5.79 -16.62
C ASP E 129 -61.11 5.66 -15.12
N THR E 130 -61.05 4.44 -14.59
CA THR E 130 -61.29 4.08 -13.21
C THR E 130 -59.99 3.53 -12.65
N PRO E 131 -59.67 3.79 -11.37
CA PRO E 131 -58.42 3.27 -10.80
C PRO E 131 -58.15 1.81 -11.14
N ALA E 132 -56.89 1.47 -11.38
CA ALA E 132 -56.53 0.10 -11.73
C ALA E 132 -55.25 -0.27 -11.00
N ASP E 133 -54.67 -1.41 -11.39
CA ASP E 133 -53.44 -1.90 -10.78
C ASP E 133 -52.20 -1.38 -11.49
N TYR E 134 -51.03 -1.82 -11.02
CA TYR E 134 -49.75 -1.44 -11.57
C TYR E 134 -49.65 -1.87 -13.03
N ILE E 135 -48.63 -1.33 -13.69
CA ILE E 135 -48.36 -1.62 -15.10
C ILE E 135 -46.84 -1.64 -15.24
N LYS E 136 -46.30 -2.77 -15.65
CA LYS E 136 -44.86 -2.94 -15.82
C LYS E 136 -44.53 -2.95 -17.30
N ARG E 137 -43.77 -1.96 -17.74
CA ARG E 137 -43.36 -1.83 -19.14
C ARG E 137 -41.98 -2.45 -19.36
N GLY E 138 -41.68 -3.51 -18.64
CA GLY E 138 -40.42 -4.21 -18.72
C GLY E 138 -39.46 -3.77 -17.65
N ASP E 139 -38.18 -4.03 -17.90
CA ASP E 139 -37.13 -3.68 -16.98
C ASP E 139 -36.65 -2.25 -17.24
N LEU E 140 -35.56 -1.87 -16.58
CA LEU E 140 -34.99 -0.54 -16.73
C LEU E 140 -33.83 -0.62 -17.73
N ASP E 141 -34.18 -0.90 -18.98
CA ASP E 141 -33.21 -1.02 -20.05
C ASP E 141 -33.60 -0.15 -21.23
N ASP E 142 -32.73 -0.17 -22.24
CA ASP E 142 -32.92 0.58 -23.47
C ASP E 142 -33.39 -0.32 -24.60
N SER E 143 -33.63 -1.60 -24.28
CA SER E 143 -34.08 -2.56 -25.28
C SER E 143 -35.34 -2.10 -25.99
N GLN E 144 -36.45 -1.94 -25.26
CA GLN E 144 -37.67 -1.50 -25.94
C GLN E 144 -37.82 0.02 -26.02
N GLY E 145 -36.75 0.74 -26.38
CA GLY E 145 -36.81 2.19 -26.52
C GLY E 145 -37.39 2.96 -25.36
N GLN E 146 -38.14 4.02 -25.70
CA GLN E 146 -38.79 4.89 -24.74
C GLN E 146 -40.10 4.25 -24.30
N LYS E 147 -40.31 4.14 -22.99
CA LYS E 147 -41.54 3.53 -22.51
C LYS E 147 -42.72 4.46 -22.76
N LYS E 148 -43.92 4.01 -22.37
CA LYS E 148 -45.14 4.77 -22.55
C LYS E 148 -45.78 5.06 -21.20
N ALA E 149 -46.24 6.29 -21.03
CA ALA E 149 -46.89 6.72 -19.80
C ALA E 149 -48.38 6.99 -20.00
N CYS E 150 -49.15 6.77 -18.95
CA CYS E 150 -50.60 6.98 -19.00
C CYS E 150 -50.94 8.47 -19.07
N ARG E 151 -52.04 8.78 -19.76
CA ARG E 151 -52.50 10.16 -19.89
C ARG E 151 -53.30 10.59 -18.68
N PHE E 152 -53.14 11.85 -18.28
CA PHE E 152 -53.84 12.42 -17.14
C PHE E 152 -54.49 13.70 -17.66
N SER E 153 -55.81 13.70 -17.74
CA SER E 153 -56.54 14.85 -18.24
C SER E 153 -56.79 15.92 -17.17
N ARG E 154 -56.84 17.16 -17.62
CA ARG E 154 -57.07 18.30 -16.74
C ARG E 154 -58.46 18.22 -16.13
N MET E 155 -59.47 18.16 -16.99
CA MET E 155 -60.88 18.08 -16.64
C MET E 155 -61.19 17.15 -15.46
N TRP E 156 -60.37 16.11 -15.25
CA TRP E 156 -60.62 15.21 -14.14
C TRP E 156 -60.83 16.04 -12.87
N LEU E 157 -59.95 17.02 -12.65
CA LEU E 157 -60.11 17.89 -11.50
C LEU E 157 -61.29 18.78 -11.88
N LYS E 158 -62.44 18.55 -11.27
CA LYS E 158 -63.63 19.32 -11.62
C LYS E 158 -63.71 20.82 -11.34
N ASN E 159 -63.72 21.27 -10.09
CA ASN E 159 -63.82 22.71 -9.91
C ASN E 159 -62.47 23.44 -9.87
N CYS E 160 -61.34 22.74 -9.86
CA CYS E 160 -60.04 23.44 -9.84
C CYS E 160 -59.25 22.97 -11.05
N SER E 161 -59.47 23.63 -12.17
CA SER E 161 -58.77 23.28 -13.41
C SER E 161 -58.32 24.49 -14.21
N GLY E 162 -58.71 25.69 -13.83
CA GLY E 162 -58.32 26.88 -14.55
C GLY E 162 -58.91 26.95 -15.94
N LEU E 163 -59.81 26.03 -16.27
CA LEU E 163 -60.46 26.01 -17.57
C LEU E 163 -61.78 26.75 -17.55
N ASP E 164 -62.45 26.75 -16.39
CA ASP E 164 -63.72 27.42 -16.18
C ASP E 164 -63.53 28.72 -15.43
N ASP E 165 -62.95 28.65 -14.24
CA ASP E 165 -62.68 29.78 -13.36
C ASP E 165 -61.16 29.83 -13.23
N THR E 166 -60.51 30.49 -14.19
CA THR E 166 -59.06 30.65 -14.23
C THR E 166 -58.42 30.83 -12.86
N THR E 167 -59.00 31.70 -12.03
CA THR E 167 -58.48 31.97 -10.69
C THR E 167 -58.38 30.70 -9.83
N TYR E 168 -59.22 29.71 -10.10
CA TYR E 168 -59.34 28.40 -9.42
C TYR E 168 -60.08 28.48 -8.09
N GLY E 169 -60.76 29.58 -7.76
CA GLY E 169 -61.46 29.59 -6.50
C GLY E 169 -61.19 30.77 -5.59
N TYR E 170 -59.93 31.23 -5.58
CA TYR E 170 -59.46 32.35 -4.77
C TYR E 170 -60.31 33.61 -4.95
N ALA E 171 -61.14 33.65 -5.99
CA ALA E 171 -61.97 34.81 -6.25
C ALA E 171 -63.14 34.98 -5.28
N GLU E 172 -63.72 33.91 -4.75
CA GLU E 172 -64.84 34.11 -3.85
C GLU E 172 -64.71 33.38 -2.52
N GLY E 173 -63.51 33.27 -1.98
CA GLY E 173 -63.36 32.59 -0.70
C GLY E 173 -63.52 31.07 -0.69
N LYS E 174 -63.03 30.39 -1.73
CA LYS E 174 -63.11 28.95 -1.82
C LYS E 174 -61.87 28.55 -2.57
N PRO E 175 -60.79 28.24 -1.86
CA PRO E 175 -59.55 27.88 -2.54
C PRO E 175 -59.37 26.38 -2.74
N CYS E 176 -58.48 26.08 -3.69
CA CYS E 176 -58.14 24.71 -4.03
C CYS E 176 -56.67 24.52 -3.74
N VAL E 177 -56.27 23.26 -3.60
CA VAL E 177 -54.90 22.90 -3.30
C VAL E 177 -54.62 21.60 -4.05
N VAL E 178 -53.78 21.67 -5.07
CA VAL E 178 -53.43 20.51 -5.87
C VAL E 178 -52.25 19.82 -5.19
N ALA E 179 -52.50 18.65 -4.60
CA ALA E 179 -51.48 17.88 -3.93
C ALA E 179 -50.80 16.95 -4.93
N LYS E 180 -49.54 16.63 -4.66
CA LYS E 180 -48.78 15.75 -5.54
C LYS E 180 -47.77 14.92 -4.77
N LEU E 181 -47.63 13.66 -5.18
CA LEU E 181 -46.71 12.69 -4.60
C LEU E 181 -45.38 12.76 -5.32
N ASN E 182 -44.28 12.85 -4.56
CA ASN E 182 -42.94 12.93 -5.12
C ASN E 182 -42.57 11.71 -5.96
N ARG E 183 -42.18 11.96 -7.20
CA ARG E 183 -41.77 10.94 -8.17
C ARG E 183 -40.50 10.20 -7.76
N ILE E 184 -40.59 8.88 -7.62
CA ILE E 184 -39.47 8.04 -7.25
C ILE E 184 -39.36 6.90 -8.26
N ILE E 185 -38.14 6.61 -8.71
CA ILE E 185 -37.91 5.56 -9.67
C ILE E 185 -38.12 4.19 -9.04
N GLY E 186 -38.88 3.34 -9.73
CA GLY E 186 -39.17 2.00 -9.25
C GLY E 186 -39.93 1.90 -7.95
N PHE E 187 -40.67 2.94 -7.58
CA PHE E 187 -41.43 2.94 -6.34
C PHE E 187 -42.87 2.50 -6.57
N TYR E 188 -43.28 1.44 -5.90
CA TYR E 188 -44.63 0.91 -6.01
C TYR E 188 -45.44 1.35 -4.80
N PRO E 189 -46.51 2.12 -4.95
CA PRO E 189 -47.27 2.53 -3.77
C PRO E 189 -48.09 1.35 -3.26
N LYS E 190 -48.11 1.17 -1.95
CA LYS E 190 -48.86 0.07 -1.32
C LYS E 190 -49.87 0.57 -0.31
N PRO E 191 -51.16 0.51 -0.61
CA PRO E 191 -52.16 0.98 0.34
C PRO E 191 -52.45 -0.02 1.44
N LEU E 192 -53.03 0.48 2.52
CA LEU E 192 -53.37 -0.32 3.68
C LEU E 192 -54.50 -1.30 3.33
N LYS E 193 -54.46 -2.49 3.93
CA LYS E 193 -55.49 -3.49 3.68
C LYS E 193 -56.72 -3.30 4.57
N ASN E 194 -57.81 -3.96 4.17
CA ASN E 194 -59.13 -3.96 4.81
C ASN E 194 -59.21 -4.59 6.20
N THR E 195 -58.11 -5.06 6.80
CA THR E 195 -58.16 -5.67 8.13
C THR E 195 -58.77 -4.71 9.17
N THR E 196 -59.21 -5.29 10.30
CA THR E 196 -59.82 -4.55 11.40
C THR E 196 -59.01 -3.34 11.86
N ASP E 197 -57.72 -3.29 11.57
CA ASP E 197 -56.90 -2.16 11.98
C ASP E 197 -56.70 -1.32 10.74
N LEU E 198 -57.23 -0.11 10.78
CA LEU E 198 -57.19 0.88 9.74
C LEU E 198 -57.75 2.14 10.37
N PRO E 199 -57.34 3.33 9.94
CA PRO E 199 -57.89 4.54 10.54
C PRO E 199 -59.40 4.59 10.34
N GLU E 200 -60.03 5.52 11.06
CA GLU E 200 -61.47 5.68 10.95
C GLU E 200 -61.86 6.06 9.52
N GLU E 201 -61.38 7.22 9.09
CA GLU E 201 -61.61 7.79 7.77
C GLU E 201 -61.57 6.83 6.57
N LEU E 202 -60.48 6.09 6.44
CA LEU E 202 -60.23 5.14 5.35
C LEU E 202 -61.23 4.01 5.14
N GLN E 203 -62.01 3.62 6.15
CA GLN E 203 -62.96 2.51 5.97
C GLN E 203 -63.83 2.64 4.71
N ALA E 204 -64.59 3.71 4.58
CA ALA E 204 -65.45 3.87 3.40
C ALA E 204 -64.66 4.04 2.11
N ASN E 205 -65.22 3.52 1.02
CA ASN E 205 -64.64 3.59 -0.33
C ASN E 205 -63.25 2.96 -0.44
N TYR E 206 -63.06 1.80 0.18
CA TYR E 206 -61.77 1.13 0.13
C TYR E 206 -61.41 0.65 -1.28
N ASN E 207 -60.92 1.57 -2.11
CA ASN E 207 -60.51 1.24 -3.48
C ASN E 207 -59.05 0.86 -3.36
N GLN E 208 -58.78 -0.44 -3.22
CA GLN E 208 -57.41 -0.94 -3.09
C GLN E 208 -56.48 -0.20 -4.04
N TYR E 209 -56.83 -0.17 -5.32
CA TYR E 209 -56.02 0.51 -6.33
C TYR E 209 -55.85 2.02 -6.13
N VAL E 210 -56.35 2.59 -5.04
CA VAL E 210 -56.23 4.03 -4.80
C VAL E 210 -55.48 4.28 -3.51
N LEU E 211 -54.51 5.20 -3.56
CA LEU E 211 -53.72 5.57 -2.39
C LEU E 211 -54.49 6.74 -1.78
N PRO E 212 -55.05 6.60 -0.57
CA PRO E 212 -55.82 7.69 0.02
C PRO E 212 -55.04 8.86 0.61
N LEU E 213 -55.63 10.04 0.44
CA LEU E 213 -55.11 11.32 0.92
C LEU E 213 -56.26 11.93 1.70
N ARG E 214 -56.01 12.32 2.95
CA ARG E 214 -57.07 12.92 3.75
C ARG E 214 -56.52 14.04 4.61
N CYS E 215 -57.16 15.20 4.53
CA CYS E 215 -56.77 16.38 5.28
C CYS E 215 -57.63 16.53 6.53
N ALA E 216 -57.09 17.22 7.52
CA ALA E 216 -57.78 17.44 8.78
C ALA E 216 -57.22 18.70 9.44
N ALA E 217 -57.57 18.91 10.69
CA ALA E 217 -57.12 20.07 11.46
C ALA E 217 -56.04 19.65 12.45
N LYS E 218 -54.99 20.48 12.54
CA LYS E 218 -53.90 20.19 13.45
C LYS E 218 -54.37 20.13 14.91
N ARG E 219 -55.15 21.12 15.33
CA ARG E 219 -55.66 21.18 16.70
C ARG E 219 -57.11 20.71 16.75
N GLU E 220 -57.51 20.27 17.94
CA GLU E 220 -58.87 19.80 18.14
C GLU E 220 -59.89 20.92 18.01
N GLU E 221 -59.51 22.13 18.42
CA GLU E 221 -60.41 23.28 18.34
C GLU E 221 -60.76 23.63 16.89
N ASP E 222 -59.74 23.83 16.06
CA ASP E 222 -59.92 24.20 14.65
C ASP E 222 -60.90 23.32 13.87
N ARG E 223 -61.18 22.10 14.34
CA ARG E 223 -62.11 21.21 13.64
C ARG E 223 -63.37 21.96 13.20
N GLU E 224 -64.08 22.51 14.19
CA GLU E 224 -65.31 23.26 13.96
C GLU E 224 -65.16 24.40 12.95
N LYS E 225 -64.04 25.13 13.02
CA LYS E 225 -63.84 26.25 12.11
C LYS E 225 -63.49 25.86 10.68
N ILE E 226 -63.26 24.59 10.40
CA ILE E 226 -62.94 24.11 9.06
C ILE E 226 -64.23 23.53 8.49
N GLY E 227 -64.59 23.92 7.28
CA GLY E 227 -65.82 23.43 6.71
C GLY E 227 -65.88 22.11 5.96
N SER E 228 -66.12 22.15 4.65
CA SER E 228 -66.21 20.92 3.87
C SER E 228 -65.07 20.75 2.88
N ILE E 229 -64.19 19.80 3.22
CA ILE E 229 -63.03 19.40 2.42
C ILE E 229 -63.55 18.53 1.27
N GLU E 230 -63.57 19.08 0.06
CA GLU E 230 -64.05 18.36 -1.11
C GLU E 230 -62.89 17.95 -2.03
N TYR E 231 -62.54 16.67 -2.01
CA TYR E 231 -61.46 16.12 -2.82
C TYR E 231 -61.90 15.73 -4.22
N PHE E 232 -61.10 16.11 -5.22
CA PHE E 232 -61.33 15.82 -6.63
C PHE E 232 -60.17 14.97 -7.11
N GLY E 233 -60.46 13.92 -7.88
CA GLY E 233 -59.41 13.07 -8.37
C GLY E 233 -59.87 12.10 -9.43
N LEU E 234 -58.97 11.16 -9.76
CA LEU E 234 -59.25 10.15 -10.78
C LEU E 234 -60.34 9.20 -10.27
N GLY E 235 -61.47 9.17 -10.98
CA GLY E 235 -62.56 8.31 -10.60
C GLY E 235 -63.44 8.88 -9.52
N GLY E 236 -63.14 10.08 -9.03
CA GLY E 236 -63.91 10.72 -7.98
C GLY E 236 -63.42 10.41 -6.59
N TYR E 237 -62.42 9.54 -6.46
CA TYR E 237 -61.85 9.16 -5.18
C TYR E 237 -60.82 10.18 -4.71
N ALA E 238 -60.55 10.14 -3.41
CA ALA E 238 -59.58 11.04 -2.79
C ALA E 238 -58.23 10.33 -2.68
N GLY E 239 -57.63 10.07 -3.83
CA GLY E 239 -56.35 9.39 -3.81
C GLY E 239 -55.66 9.40 -5.16
N PHE E 240 -54.61 8.60 -5.24
CA PHE E 240 -53.82 8.45 -6.44
C PHE E 240 -53.96 7.04 -7.01
N PRO E 241 -54.31 6.92 -8.29
CA PRO E 241 -54.46 5.59 -8.90
C PRO E 241 -53.12 4.89 -9.05
N LEU E 242 -53.07 3.64 -8.63
CA LEU E 242 -51.85 2.84 -8.70
C LEU E 242 -51.36 2.59 -10.12
N GLN E 243 -52.20 2.80 -11.14
CA GLN E 243 -51.80 2.55 -12.53
C GLN E 243 -50.71 3.49 -13.05
N TYR E 244 -50.48 4.64 -12.41
CA TYR E 244 -49.45 5.56 -12.87
C TYR E 244 -48.08 5.21 -12.31
N TYR E 245 -47.92 4.02 -11.79
CA TYR E 245 -46.66 3.55 -11.21
C TYR E 245 -46.31 2.18 -11.78
N PRO E 246 -45.02 1.82 -11.77
CA PRO E 246 -44.02 2.76 -11.24
C PRO E 246 -43.48 3.75 -12.26
N TYR E 247 -42.60 4.62 -11.78
CA TYR E 247 -41.96 5.65 -12.60
C TYR E 247 -40.64 5.07 -13.07
N TYR E 248 -40.36 5.19 -14.35
CA TYR E 248 -39.13 4.67 -14.93
C TYR E 248 -38.00 5.70 -15.07
N GLY E 249 -38.17 6.89 -14.54
CA GLY E 249 -37.06 7.82 -14.70
C GLY E 249 -37.16 8.64 -15.98
N LYS E 250 -36.56 9.82 -15.93
CA LYS E 250 -36.56 10.75 -17.06
C LYS E 250 -36.01 10.12 -18.35
N ARG E 251 -34.82 9.55 -18.27
CA ARG E 251 -34.20 8.95 -19.46
C ARG E 251 -35.06 7.90 -20.14
N LEU E 252 -35.74 7.06 -19.38
CA LEU E 252 -36.57 6.02 -19.99
C LEU E 252 -38.04 6.39 -20.12
N GLN E 253 -38.48 7.52 -19.60
CA GLN E 253 -39.90 7.88 -19.72
C GLN E 253 -40.14 9.37 -19.91
N LYS E 254 -39.41 10.04 -20.79
CA LYS E 254 -39.69 11.46 -20.94
C LYS E 254 -41.16 11.63 -21.29
N LYS E 255 -41.70 12.83 -21.00
CA LYS E 255 -43.11 13.12 -21.26
C LYS E 255 -44.00 12.22 -20.38
N TYR E 256 -43.68 12.18 -19.08
CA TYR E 256 -44.42 11.39 -18.11
C TYR E 256 -45.16 12.33 -17.17
N LEU E 257 -46.42 12.01 -16.89
CA LEU E 257 -47.24 12.81 -16.00
C LEU E 257 -47.65 12.02 -14.78
N GLN E 258 -47.46 12.62 -13.61
CA GLN E 258 -47.76 12.06 -12.30
C GLN E 258 -49.18 12.46 -11.90
N PRO E 259 -49.93 11.57 -11.25
CA PRO E 259 -51.30 11.93 -10.85
C PRO E 259 -51.30 13.15 -9.93
N LEU E 260 -52.48 13.76 -9.81
CA LEU E 260 -52.66 14.95 -8.98
C LEU E 260 -53.99 14.84 -8.27
N LEU E 261 -54.12 15.51 -7.13
CA LEU E 261 -55.38 15.46 -6.39
C LEU E 261 -55.76 16.87 -5.98
N ALA E 262 -56.96 17.31 -6.35
CA ALA E 262 -57.38 18.66 -5.99
C ALA E 262 -58.17 18.62 -4.68
N ILE E 263 -58.02 19.68 -3.87
CA ILE E 263 -58.72 19.75 -2.59
C ILE E 263 -59.34 21.13 -2.44
N GLN E 264 -60.66 21.20 -2.35
CA GLN E 264 -61.36 22.47 -2.18
C GLN E 264 -61.78 22.59 -0.73
N PHE E 265 -61.36 23.68 -0.08
CA PHE E 265 -61.68 23.92 1.31
C PHE E 265 -62.94 24.79 1.44
N THR E 266 -64.06 24.27 0.96
CA THR E 266 -65.28 25.05 1.04
C THR E 266 -65.66 25.34 2.50
N ASN E 267 -66.52 26.36 2.66
CA ASN E 267 -67.02 26.80 3.96
C ASN E 267 -65.89 27.06 4.96
N LEU E 268 -65.04 28.02 4.61
CA LEU E 268 -63.92 28.40 5.45
C LEU E 268 -64.24 29.66 6.24
N THR E 269 -64.08 29.59 7.57
CA THR E 269 -64.36 30.74 8.43
C THR E 269 -63.51 31.93 7.97
N GLN E 270 -64.11 33.10 8.00
CA GLN E 270 -63.43 34.32 7.58
C GLN E 270 -62.66 35.00 8.71
N ASN E 271 -61.56 35.65 8.32
CA ASN E 271 -60.66 36.39 9.20
C ASN E 271 -60.13 35.59 10.38
N MET E 272 -59.47 34.45 10.08
CA MET E 272 -58.90 33.61 11.13
C MET E 272 -57.95 32.56 10.56
N GLU E 273 -56.75 32.47 11.12
CA GLU E 273 -55.72 31.52 10.70
C GLU E 273 -56.09 30.07 11.01
N LEU E 274 -56.25 29.25 9.97
CA LEU E 274 -56.58 27.84 10.12
C LEU E 274 -55.43 26.96 9.67
N ARG E 275 -55.02 26.05 10.56
CA ARG E 275 -53.92 25.10 10.32
C ARG E 275 -54.51 23.78 9.83
N ILE E 276 -54.28 23.46 8.57
CA ILE E 276 -54.79 22.23 7.94
C ILE E 276 -53.64 21.30 7.59
N GLU E 277 -53.67 20.08 8.13
CA GLU E 277 -52.64 19.08 7.87
C GLU E 277 -53.21 17.97 6.99
N CYS E 278 -52.60 17.75 5.83
CA CYS E 278 -53.03 16.72 4.89
C CYS E 278 -52.08 15.53 5.04
N LYS E 279 -52.62 14.31 4.94
CA LYS E 279 -51.78 13.13 5.09
C LYS E 279 -52.20 11.96 4.22
N VAL E 280 -51.20 11.32 3.59
CA VAL E 280 -51.37 10.15 2.72
C VAL E 280 -51.15 8.91 3.60
N TYR E 281 -51.77 7.79 3.24
CA TYR E 281 -51.64 6.56 4.01
C TYR E 281 -51.17 5.43 3.11
N GLY E 282 -50.39 4.52 3.69
CA GLY E 282 -49.88 3.39 2.93
C GLY E 282 -48.75 2.69 3.64
N GLU E 283 -48.49 1.46 3.19
CA GLU E 283 -47.44 0.64 3.76
C GLU E 283 -46.06 1.26 3.62
N ASN E 284 -45.57 1.44 2.40
CA ASN E 284 -44.24 2.03 2.29
C ASN E 284 -44.28 3.54 2.38
N ILE E 285 -45.04 4.05 3.35
CA ILE E 285 -45.20 5.47 3.62
C ILE E 285 -44.91 5.65 5.09
N ASP E 286 -43.98 6.54 5.42
CA ASP E 286 -43.64 6.78 6.82
C ASP E 286 -43.37 8.27 6.99
N TYR E 287 -43.83 8.81 8.09
CA TYR E 287 -43.65 10.21 8.39
C TYR E 287 -42.40 10.43 9.24
N SER E 288 -41.99 11.70 9.34
CA SER E 288 -40.81 12.07 10.10
C SER E 288 -41.10 13.31 10.93
N GLU E 289 -40.72 13.28 12.20
CA GLU E 289 -40.94 14.43 13.07
C GLU E 289 -40.05 15.61 12.73
N LYS E 290 -39.02 15.39 11.91
CA LYS E 290 -38.10 16.44 11.50
C LYS E 290 -38.45 17.03 10.15
N ASP E 291 -38.81 16.19 9.19
CA ASP E 291 -39.19 16.64 7.85
C ASP E 291 -40.71 16.70 7.86
N ARG E 292 -41.26 17.90 7.79
CA ARG E 292 -42.70 18.09 7.81
C ARG E 292 -43.33 17.98 6.43
N PHE E 293 -42.63 17.38 5.47
CA PHE E 293 -43.14 17.21 4.12
C PHE E 293 -43.05 15.76 3.68
N ARG E 294 -42.63 14.87 4.56
CA ARG E 294 -42.49 13.44 4.28
C ARG E 294 -43.84 12.76 4.50
N GLY E 295 -44.56 12.50 3.41
CA GLY E 295 -45.85 11.86 3.50
C GLY E 295 -47.01 12.78 3.79
N ARG E 296 -46.80 13.81 4.59
CA ARG E 296 -47.85 14.75 4.95
C ARG E 296 -47.39 16.16 4.62
N PHE E 297 -48.27 17.13 4.85
CA PHE E 297 -47.92 18.52 4.60
C PHE E 297 -48.86 19.39 5.42
N GLU E 298 -48.40 20.60 5.72
CA GLU E 298 -49.17 21.55 6.51
C GLU E 298 -49.38 22.82 5.72
N VAL E 299 -50.57 23.39 5.86
CA VAL E 299 -50.92 24.62 5.17
C VAL E 299 -51.67 25.52 6.13
N LYS E 300 -51.37 26.81 6.05
CA LYS E 300 -52.03 27.80 6.90
C LYS E 300 -52.87 28.60 5.94
N ILE E 301 -54.17 28.62 6.14
CA ILE E 301 -55.06 29.35 5.26
C ILE E 301 -55.79 30.39 6.08
N GLU E 302 -55.92 31.58 5.49
CA GLU E 302 -56.59 32.70 6.14
C GLU E 302 -57.17 33.55 5.02
N VAL E 303 -58.47 33.38 4.77
CA VAL E 303 -59.15 34.14 3.73
C VAL E 303 -59.72 35.36 4.45
N LYS E 304 -58.89 36.39 4.57
CA LYS E 304 -59.28 37.62 5.24
C LYS E 304 -59.97 38.56 4.24
N SER E 305 -61.22 38.89 4.52
CA SER E 305 -61.97 39.78 3.64
C SER E 305 -62.86 40.72 4.43
N GLU F 24 -38.13 -10.66 -7.42
CA GLU F 24 -38.30 -9.26 -7.07
C GLU F 24 -39.67 -8.76 -7.50
N GLY F 25 -39.74 -7.51 -7.96
CA GLY F 25 -40.99 -6.94 -8.40
C GLY F 25 -41.64 -6.02 -7.40
N PRO F 26 -42.91 -6.29 -7.08
CA PRO F 26 -43.64 -5.44 -6.12
C PRO F 26 -43.02 -5.36 -4.73
N ASP F 27 -42.55 -6.48 -4.17
CA ASP F 27 -41.97 -6.50 -2.83
C ASP F 27 -40.48 -6.14 -2.80
N ASN F 28 -40.02 -5.28 -3.71
CA ASN F 28 -38.61 -4.87 -3.76
C ASN F 28 -38.33 -3.79 -2.71
N ASP F 29 -38.65 -4.11 -1.45
CA ASP F 29 -38.43 -3.16 -0.37
C ASP F 29 -36.97 -3.02 0.01
N GLU F 30 -36.17 -4.08 -0.16
CA GLU F 30 -34.76 -4.03 0.19
C GLU F 30 -34.00 -2.97 -0.60
N ARG F 31 -34.44 -2.67 -1.82
CA ARG F 31 -33.79 -1.67 -2.67
C ARG F 31 -33.81 -0.26 -2.07
N PHE F 32 -34.43 -0.09 -0.90
CA PHE F 32 -34.50 1.22 -0.27
C PHE F 32 -34.08 1.16 1.19
N THR F 33 -33.31 0.14 1.59
CA THR F 33 -32.86 0.00 2.95
C THR F 33 -31.34 -0.13 3.02
N TYR F 34 -30.77 0.41 4.09
CA TYR F 34 -29.33 0.38 4.32
C TYR F 34 -29.13 0.15 5.81
N ASP F 35 -28.22 -0.76 6.16
CA ASP F 35 -27.94 -1.08 7.56
C ASP F 35 -26.92 -0.12 8.15
N TYR F 36 -27.37 1.11 8.43
CA TYR F 36 -26.48 2.10 9.02
C TYR F 36 -26.05 1.68 10.42
N TYR F 37 -26.89 0.92 11.13
CA TYR F 37 -26.55 0.48 12.47
C TYR F 37 -25.25 -0.31 12.49
N ARG F 38 -25.19 -1.39 11.70
CA ARG F 38 -23.99 -2.22 11.65
C ARG F 38 -22.78 -1.40 11.21
N LEU F 39 -22.99 -0.45 10.31
CA LEU F 39 -21.89 0.38 9.85
C LEU F 39 -21.33 1.22 10.98
N ARG F 40 -22.22 1.81 11.79
CA ARG F 40 -21.76 2.63 12.89
C ARG F 40 -21.03 1.77 13.92
N VAL F 41 -21.56 0.56 14.19
CA VAL F 41 -20.91 -0.33 15.16
C VAL F 41 -19.47 -0.61 14.73
N VAL F 42 -19.30 -1.03 13.48
CA VAL F 42 -17.94 -1.33 12.99
C VAL F 42 -17.06 -0.09 13.00
N GLY F 43 -17.57 1.04 12.49
CA GLY F 43 -16.74 2.23 12.47
C GLY F 43 -16.29 2.64 13.86
N LEU F 44 -17.07 2.30 14.88
CA LEU F 44 -16.66 2.68 16.23
C LEU F 44 -15.62 1.70 16.72
N ILE F 45 -15.81 0.41 16.45
CA ILE F 45 -14.82 -0.58 16.86
C ILE F 45 -13.45 -0.19 16.32
N VAL F 46 -13.44 0.16 15.02
CA VAL F 46 -12.20 0.55 14.35
C VAL F 46 -11.61 1.82 14.99
N ALA F 47 -12.44 2.84 15.22
CA ALA F 47 -11.92 4.06 15.82
C ALA F 47 -11.25 3.75 17.15
N ALA F 48 -11.92 2.92 17.96
CA ALA F 48 -11.40 2.53 19.27
C ALA F 48 -10.04 1.86 19.13
N VAL F 49 -9.93 0.90 18.21
CA VAL F 49 -8.66 0.20 18.01
C VAL F 49 -7.56 1.18 17.65
N LEU F 50 -7.82 2.05 16.67
CA LEU F 50 -6.80 3.03 16.27
C LEU F 50 -6.37 3.88 17.45
N CYS F 51 -7.32 4.27 18.30
CA CYS F 51 -7.01 5.09 19.47
C CYS F 51 -6.08 4.33 20.42
N VAL F 52 -6.39 3.05 20.66
CA VAL F 52 -5.56 2.26 21.56
C VAL F 52 -4.14 2.17 21.01
N ILE F 53 -4.00 1.66 19.78
CA ILE F 53 -2.70 1.54 19.12
C ILE F 53 -1.91 2.83 19.31
N GLY F 54 -2.59 3.97 19.11
CA GLY F 54 -1.92 5.24 19.28
C GLY F 54 -1.31 5.34 20.67
N ILE F 55 -2.13 5.10 21.70
CA ILE F 55 -1.63 5.16 23.08
C ILE F 55 -0.44 4.23 23.27
N ILE F 56 -0.54 3.01 22.76
CA ILE F 56 0.54 2.03 22.88
C ILE F 56 1.84 2.63 22.37
N ILE F 57 1.82 3.14 21.14
CA ILE F 57 3.01 3.74 20.55
C ILE F 57 3.52 4.89 21.41
N LEU F 58 2.62 5.75 21.88
CA LEU F 58 3.02 6.89 22.69
C LEU F 58 3.73 6.51 23.99
N LEU F 59 3.18 5.57 24.75
CA LEU F 59 3.80 5.17 26.01
C LEU F 59 4.88 4.09 25.90
N ALA F 60 5.06 3.49 24.73
CA ALA F 60 6.07 2.43 24.54
C ALA F 60 7.48 3.01 24.57
N GLY F 61 8.14 2.91 25.72
CA GLY F 61 9.50 3.42 25.88
C GLY F 61 9.66 3.92 27.28
N LYS F 62 8.56 4.41 27.85
CA LYS F 62 8.52 4.93 29.21
C LYS F 62 8.17 3.82 30.18
N CYS F 63 8.56 2.60 29.82
CA CYS F 63 8.33 1.38 30.59
C CYS F 63 9.12 0.25 29.93
C1 NAG G . 55.54 8.08 -26.60
C2 NAG G . 54.64 8.51 -27.78
C3 NAG G . 54.83 7.58 -28.96
C4 NAG G . 56.28 7.53 -29.38
C5 NAG G . 57.08 7.02 -28.17
C6 NAG G . 58.57 7.01 -28.43
C7 NAG G . 52.69 9.63 -26.79
C8 NAG G . 51.22 9.50 -26.48
N2 NAG G . 53.26 8.57 -27.40
O3 NAG G . 54.02 8.01 -30.02
O4 NAG G . 56.33 6.60 -30.47
O5 NAG G . 56.87 7.83 -27.01
O6 NAG G . 59.08 8.32 -28.43
O7 NAG G . 53.30 10.65 -26.51
C1 NAG G . 57.18 6.92 -31.60
C2 NAG G . 57.56 5.57 -32.22
C3 NAG G . 58.45 5.75 -33.43
C4 NAG G . 57.79 6.69 -34.45
C5 NAG G . 57.34 7.98 -33.74
C6 NAG G . 56.51 8.86 -34.65
C7 NAG G . 57.74 3.51 -30.92
C8 NAG G . 58.54 2.78 -29.86
N2 NAG G . 58.19 4.73 -31.23
O3 NAG G . 58.69 4.49 -34.00
O4 NAG G . 58.72 6.96 -35.49
O5 NAG G . 56.56 7.72 -32.59
O6 NAG G . 55.57 8.09 -35.36
O7 NAG G . 56.75 3.00 -31.43
C1 BMA G . 58.42 6.24 -36.71
C2 BMA G . 58.77 7.14 -37.89
C3 BMA G . 58.48 6.37 -39.21
C4 BMA G . 59.26 5.04 -39.17
C5 BMA G . 58.81 4.26 -37.96
C6 BMA G . 59.34 2.84 -37.87
O2 BMA G . 60.14 7.42 -37.86
O3 BMA G . 58.74 7.13 -40.37
O4 BMA G . 59.03 4.32 -40.36
O5 BMA G . 59.15 5.03 -36.81
O6 BMA G . 59.22 2.37 -36.55
C1 MAN G . 58.08 8.42 -40.31
C2 MAN G . 57.35 8.67 -41.64
C3 MAN G . 58.32 8.91 -42.80
C4 MAN G . 59.36 9.94 -42.44
C5 MAN G . 60.03 9.55 -41.12
C6 MAN G . 61.03 10.58 -40.66
O2 MAN G . 56.52 9.78 -41.44
O3 MAN G . 57.55 9.30 -43.92
O4 MAN G . 60.28 10.01 -43.51
O5 MAN G . 59.04 9.43 -40.12
O6 MAN G . 61.74 10.07 -39.55
C1 MAN G . 59.88 1.08 -36.43
C2 MAN G . 58.98 0.00 -37.02
C3 MAN G . 57.70 -0.11 -36.18
C4 MAN G . 58.07 -0.38 -34.72
C5 MAN G . 59.00 0.73 -34.25
C6 MAN G . 59.48 0.50 -32.83
O2 MAN G . 59.71 -1.19 -36.99
O3 MAN G . 56.93 -1.15 -36.74
O4 MAN G . 56.85 -0.42 -34.00
O5 MAN G . 60.14 0.80 -35.08
O6 MAN G . 60.18 1.64 -32.39
C1 FUC G . 60.42 8.34 -28.96
C2 FUC G . 60.62 9.66 -29.71
C3 FUC G . 60.49 10.81 -28.71
C4 FUC G . 61.46 10.60 -27.55
C5 FUC G . 61.21 9.23 -26.95
C6 FUC G . 62.15 8.90 -25.81
O2 FUC G . 59.73 9.76 -30.79
O3 FUC G . 60.80 12.02 -29.36
O4 FUC G . 62.78 10.70 -28.02
O5 FUC G . 61.37 8.24 -27.96
C1 NAG H . 70.45 -3.90 -18.83
C2 NAG H . 71.13 -5.17 -19.38
C3 NAG H . 72.52 -4.87 -19.97
C4 NAG H . 72.51 -3.65 -20.88
C5 NAG H . 71.84 -2.46 -20.16
C6 NAG H . 71.64 -1.23 -21.02
C7 NAG H . 70.44 -7.24 -18.24
C8 NAG H . 70.76 -8.17 -17.10
N2 NAG H . 71.25 -6.18 -18.37
O3 NAG H . 72.96 -6.00 -20.67
O4 NAG H . 73.84 -3.48 -21.43
O5 NAG H . 70.54 -2.86 -19.77
O6 NAG H . 70.95 -0.24 -20.30
O7 NAG H . 69.51 -7.46 -19.01
C1 NAG H . 74.74 -2.41 -21.07
C2 NAG H . 76.08 -2.98 -20.61
C3 NAG H . 77.04 -1.85 -20.31
C4 NAG H . 77.29 -1.04 -21.58
C5 NAG H . 75.93 -0.53 -22.10
C6 NAG H . 76.06 0.07 -23.47
C7 NAG H . 76.11 -3.73 -18.16
C8 NAG H . 75.83 -4.95 -17.33
N2 NAG H . 75.91 -3.91 -19.49
O3 NAG H . 78.25 -2.38 -19.83
O4 NAG H . 78.12 0.06 -21.24
O5 NAG H . 74.93 -1.57 -22.17
O6 NAG H . 75.59 -0.83 -24.46
O7 NAG H . 76.45 -2.69 -17.60
C1 BMA H . 79.43 0.06 -21.90
C2 BMA H . 80.48 -0.10 -20.80
C3 BMA H . 81.88 -0.01 -21.47
C4 BMA H . 81.99 -1.02 -22.64
C5 BMA H . 80.81 -0.86 -23.61
C6 BMA H . 80.83 -1.86 -24.77
O2 BMA H . 80.28 -1.35 -20.19
O3 BMA H . 82.99 -0.03 -20.57
O4 BMA H . 83.21 -0.80 -23.32
O5 BMA H . 79.59 -0.97 -22.88
O6 BMA H . 81.22 -1.17 -25.95
C1 MAN H . 83.27 -1.25 -19.84
C2 MAN H . 83.38 -0.86 -18.36
C3 MAN H . 84.71 -0.14 -18.08
C4 MAN H . 85.93 -0.86 -18.67
C5 MAN H . 85.67 -1.14 -20.15
C6 MAN H . 86.76 -2.00 -20.74
O2 MAN H . 83.05 -1.91 -17.44
O3 MAN H . 84.84 0.08 -16.69
O4 MAN H . 87.06 -0.05 -18.46
O5 MAN H . 84.44 -1.86 -20.31
O6 MAN H . 86.52 -2.20 -22.11
C1 NAG H . 83.69 -3.22 -17.62
C2 NAG H . 83.76 -3.95 -16.26
C3 NAG H . 84.24 -5.39 -16.43
C4 NAG H . 83.38 -6.09 -17.46
C5 NAG H . 83.42 -5.32 -18.77
C6 NAG H . 82.54 -5.92 -19.84
C7 NAG H . 84.23 -2.76 -14.13
C8 NAG H . 82.77 -2.96 -13.80
N2 NAG H . 84.63 -3.26 -15.33
O3 NAG H . 84.17 -6.05 -15.19
O4 NAG H . 83.87 -7.40 -17.64
O5 NAG H . 82.97 -3.99 -18.56
O6 NAG H . 82.36 -7.30 -19.60
O7 NAG H . 84.98 -2.19 -13.37
C1 MAN H . 82.54 -1.60 -26.37
C2 MAN H . 83.27 -0.36 -26.93
C3 MAN H . 82.64 0.10 -28.25
C4 MAN H . 82.59 -1.06 -29.23
C5 MAN H . 81.85 -2.23 -28.58
C6 MAN H . 81.87 -3.45 -29.49
O2 MAN H . 84.62 -0.71 -27.09
O3 MAN H . 83.42 1.17 -28.73
O4 MAN H . 81.92 -0.58 -30.39
O5 MAN H . 82.47 -2.59 -27.36
O6 MAN H . 82.18 -4.59 -28.72
C1 NAG I . 62.93 -5.80 10.53
C2 NAG I . 63.95 -4.65 10.62
C3 NAG I . 65.35 -5.17 10.34
C4 NAG I . 65.72 -6.29 11.29
C5 NAG I . 64.69 -7.42 11.10
C6 NAG I . 64.81 -8.54 12.12
C7 NAG I . 63.06 -2.42 10.10
C8 NAG I . 62.81 -1.43 8.99
N2 NAG I . 63.62 -3.58 9.72
O3 NAG I . 66.25 -4.11 10.45
O4 NAG I . 67.02 -6.71 10.89
O5 NAG I . 63.36 -6.95 11.25
O6 NAG I . 64.50 -8.04 13.41
O7 NAG I . 62.77 -2.16 11.26
C1 NAG I . 67.88 -7.27 11.92
C2 NAG I . 68.66 -8.40 11.23
C3 NAG I . 69.63 -9.05 12.19
C4 NAG I . 70.53 -8.01 12.84
C5 NAG I . 69.69 -6.86 13.43
C6 NAG I . 70.55 -5.71 13.91
C7 NAG I . 67.81 -9.77 9.38
C8 NAG I . 66.78 -10.79 8.98
N2 NAG I . 67.76 -9.36 10.67
O3 NAG I . 70.39 -10.00 11.49
O4 NAG I . 71.30 -8.64 13.84
O5 NAG I . 68.78 -6.33 12.46
O6 NAG I . 71.39 -5.27 12.88
O7 NAG I . 68.63 -9.35 8.58
C1 BMA I . 72.68 -8.73 13.42
C2 BMA I . 73.54 -8.04 14.49
C3 BMA I . 75.02 -8.14 14.05
C4 BMA I . 75.36 -9.62 13.85
C5 BMA I . 74.43 -10.17 12.78
C6 BMA I . 74.74 -11.59 12.31
O2 BMA I . 73.39 -8.72 15.70
O3 BMA I . 75.89 -7.48 14.95
O4 BMA I . 76.72 -9.76 13.46
O5 BMA I . 73.12 -10.07 13.29
O6 BMA I . 73.59 -12.11 11.68
C1 MAN I . 75.43 -6.12 15.20
C2 MAN I . 76.61 -5.16 15.08
C3 MAN I . 77.59 -5.33 16.24
C4 MAN I . 76.87 -5.31 17.59
C5 MAN I . 75.74 -6.34 17.55
C6 MAN I . 74.92 -6.32 18.83
O2 MAN I . 76.08 -3.86 15.05
O3 MAN I . 78.54 -4.29 16.15
O4 MAN I . 77.83 -5.59 18.58
O5 MAN I . 74.87 -6.03 16.49
O6 MAN I . 74.03 -7.40 18.81
C1 FUC I . 64.83 -9.03 14.40
C2 FUC I . 64.89 -8.41 15.79
C3 FUC I . 63.49 -7.93 16.19
C4 FUC I . 62.49 -9.08 16.07
C5 FUC I . 62.57 -9.65 14.66
C6 FUC I . 61.65 -10.83 14.41
O2 FUC I . 65.84 -7.39 15.84
O3 FUC I . 63.52 -7.49 17.52
O4 FUC I . 62.80 -10.07 17.02
O5 FUC I . 63.91 -10.08 14.42
C1 NAG J . 71.78 -20.09 -15.96
C2 NAG J . 72.77 -19.99 -14.80
C3 NAG J . 74.05 -20.73 -15.16
C4 NAG J . 73.78 -22.13 -15.69
C5 NAG J . 72.63 -22.13 -16.72
C6 NAG J . 72.13 -23.52 -17.09
C7 NAG J . 72.26 -17.91 -13.61
C8 NAG J . 72.68 -16.48 -13.38
N2 NAG J . 73.02 -18.62 -14.45
O3 NAG J . 74.86 -20.78 -14.03
O4 NAG J . 74.99 -22.53 -16.30
O5 NAG J . 71.50 -21.44 -16.24
O6 NAG J . 71.23 -23.46 -18.17
O7 NAG J . 71.26 -18.36 -13.05
C1 NAG J . 75.34 -23.92 -16.15
C2 NAG J . 76.18 -24.27 -17.39
C3 NAG J . 76.62 -25.73 -17.33
C4 NAG J . 77.33 -26.00 -16.01
C5 NAG J . 76.46 -25.55 -14.83
C6 NAG J . 77.17 -25.68 -13.50
C7 NAG J . 75.53 -22.85 -19.27
C8 NAG J . 74.68 -22.75 -20.52
N2 NAG J . 75.44 -24.01 -18.60
O3 NAG J . 77.47 -25.99 -18.41
O4 NAG J . 77.60 -27.38 -15.92
O5 NAG J . 76.09 -24.19 -14.99
O6 NAG J . 76.25 -25.58 -12.44
O7 NAG J . 76.23 -21.92 -18.92
C1 NAG K . -52.23 25.52 -21.95
C2 NAG K . -51.21 26.42 -22.67
C3 NAG K . -51.34 27.86 -22.22
C4 NAG K . -52.76 28.36 -22.45
C5 NAG K . -53.70 27.45 -21.64
C6 NAG K . -55.16 27.78 -21.85
C7 NAG K . -49.29 24.98 -23.20
C8 NAG K . -47.86 24.65 -22.84
N2 NAG K . -49.86 25.96 -22.47
O3 NAG K . -50.42 28.64 -22.92
O4 NAG K . -52.78 29.69 -21.96
O5 NAG K . -53.55 26.07 -21.98
O6 NAG K . -55.58 27.36 -23.12
O7 NAG K . -49.85 24.40 -24.10
C1 NAG K . -53.50 30.70 -22.73
C2 NAG K . -53.91 31.77 -21.71
C3 NAG K . -54.67 32.90 -22.38
C4 NAG K . -53.86 33.48 -23.55
C5 NAG K . -53.40 32.35 -24.48
C6 NAG K . -52.44 32.83 -25.54
C7 NAG K . -54.33 31.29 -19.36
C8 NAG K . -55.26 30.60 -18.39
N2 NAG K . -54.68 31.19 -20.64
O3 NAG K . -54.94 33.89 -21.42
O4 NAG K . -54.68 34.41 -24.25
O5 NAG K . -52.75 31.29 -23.76
O6 NAG K . -51.50 33.71 -24.97
O7 NAG K . -53.34 31.88 -18.97
C1 BMA K . -54.32 35.79 -23.96
C2 BMA K . -54.52 36.61 -25.24
C3 BMA K . -54.15 38.09 -24.95
C4 BMA K . -55.03 38.56 -23.77
C5 BMA K . -54.72 37.67 -22.57
C6 BMA K . -55.35 38.13 -21.26
O2 BMA K . -55.86 36.56 -25.62
O3 BMA K . -54.25 38.93 -26.08
O4 BMA K . -54.72 39.91 -23.47
O5 BMA K . -55.12 36.35 -22.93
O6 BMA K . -55.38 37.04 -20.36
C1 MAN K . -53.53 38.38 -27.21
C2 MAN K . -52.66 39.49 -27.82
C3 MAN K . -53.52 40.55 -28.53
C4 MAN K . -54.51 39.91 -29.48
C5 MAN K . -55.32 38.86 -28.72
C6 MAN K . -56.29 38.12 -29.61
O2 MAN K . -51.78 38.87 -28.73
O3 MAN K . -52.63 41.41 -29.22
O4 MAN K . -55.33 40.94 -29.99
O5 MAN K . -54.44 37.90 -28.16
O6 MAN K . -57.13 37.32 -28.82
C1 MAN K . -56.14 37.41 -19.18
C2 MAN K . -55.25 38.29 -18.28
C3 MAN K . -54.07 37.47 -17.78
C4 MAN K . -54.57 36.22 -17.06
C5 MAN K . -55.47 35.44 -18.01
C6 MAN K . -56.09 34.23 -17.36
O2 MAN K . -56.06 38.74 -17.22
O3 MAN K . -53.31 38.30 -16.92
O4 MAN K . -53.44 35.48 -16.67
O5 MAN K . -56.53 36.27 -18.47
O6 MAN K . -56.75 33.47 -18.33
C1 FUC K . -56.85 27.93 -23.45
C2 FUC K . -56.90 28.18 -24.95
C3 FUC K . -56.80 26.84 -25.68
C4 FUC K . -57.87 25.88 -25.17
C5 FUC K . -57.76 25.79 -23.65
C6 FUC K . -58.83 24.90 -23.04
O2 FUC K . -55.92 29.10 -25.33
O3 FUC K . -56.96 27.04 -27.06
O4 FUC K . -59.14 26.37 -25.54
O5 FUC K . -57.90 27.09 -23.09
C1 NAG L . -68.51 23.35 -9.44
C2 NAG L . -69.22 24.34 -8.50
C3 NAG L . -70.54 24.87 -9.11
C4 NAG L . -70.37 25.30 -10.56
C5 NAG L . -69.69 24.16 -11.36
C6 NAG L . -69.34 24.52 -12.79
C7 NAG L . -68.77 23.96 -6.11
C8 NAG L . -69.25 23.23 -4.88
N2 NAG L . -69.50 23.75 -7.22
O3 NAG L . -70.99 25.95 -8.33
O4 NAG L . -71.62 25.82 -11.03
O5 NAG L . -68.45 23.86 -10.74
O6 NAG L . -68.64 23.47 -13.40
O7 NAG L . -67.79 24.69 -6.09
C1 NAG L . -72.48 25.17 -11.99
C2 NAG L . -73.89 25.02 -11.41
C3 NAG L . -74.81 24.41 -12.46
C4 NAG L . -74.88 25.32 -13.68
C5 NAG L . -73.45 25.55 -14.21
C6 NAG L . -73.42 26.64 -15.26
C7 NAG L . -74.18 22.99 -9.89
C8 NAG L . -74.06 22.63 -8.43
N2 NAG L . -73.88 24.29 -10.16
O3 NAG L . -76.08 24.21 -11.90
O4 NAG L . -75.67 24.68 -14.67
O5 NAG L . -72.53 25.93 -13.18
O6 NAG L . -72.94 27.84 -14.70
O7 NAG L . -74.50 22.13 -10.70
C1 BMA L . -76.91 25.37 -15.02
C2 BMA L . -78.07 24.47 -14.58
C3 BMA L . -79.39 25.14 -15.03
C4 BMA L . -79.46 26.59 -14.49
C5 BMA L . -78.20 27.37 -14.85
C6 BMA L . -78.17 28.81 -14.32
O2 BMA L . -78.00 24.32 -13.19
O3 BMA L . -80.57 24.37 -14.80
O4 BMA L . -80.60 27.22 -15.04
O5 BMA L . -77.05 26.66 -14.40
O6 BMA L . -78.42 29.69 -15.41
C1 MAN L . -80.99 24.14 -13.43
C2 MAN L . -81.22 22.61 -13.29
C3 MAN L . -82.52 22.19 -14.00
C4 MAN L . -83.71 23.06 -13.64
C5 MAN L . -83.34 24.54 -13.85
C6 MAN L . -84.44 25.45 -13.35
O2 MAN L . -81.04 22.11 -11.96
O3 MAN L . -82.74 20.82 -13.73
O4 MAN L . -84.80 22.66 -14.43
O5 MAN L . -82.16 24.86 -13.13
O6 MAN L . -84.08 26.78 -13.63
C1 NAG L . -81.74 22.77 -10.87
C2 NAG L . -81.98 21.75 -9.73
C3 NAG L . -82.53 22.45 -8.48
C4 NAG L . -81.62 23.61 -8.09
C5 NAG L . -81.50 24.56 -9.27
C6 NAG L . -80.57 25.73 -8.99
C7 NAG L . -82.55 19.39 -10.15
C8 NAG L . -81.15 19.05 -9.71
N2 NAG L . -82.87 20.69 -10.13
O3 NAG L . -82.61 21.51 -7.43
O4 NAG L . -82.18 24.27 -6.98
O5 NAG L . -80.99 23.88 -10.40
O6 NAG L . -80.50 25.96 -7.61
O7 NAG L . -83.32 18.51 -10.49
C1 MAN L . -79.72 30.31 -15.29
C2 MAN L . -80.31 30.45 -16.69
C3 MAN L . -79.55 31.48 -17.53
C4 MAN L . -79.48 32.80 -16.78
C5 MAN L . -78.88 32.57 -15.39
C6 MAN L . -78.89 33.84 -14.56
O2 MAN L . -81.66 30.81 -16.55
O3 MAN L . -80.21 31.61 -18.76
O4 MAN L . -78.68 33.68 -17.56
O5 MAN L . -79.63 31.59 -14.69
O6 MAN L . -79.34 33.54 -13.26
C1 NAG M . -63.75 -3.90 3.12
C2 NAG M . -64.69 -4.33 1.97
C3 NAG M . -66.10 -3.79 2.23
C4 NAG M . -66.62 -4.27 3.56
C5 NAG M . -65.65 -3.76 4.65
C6 NAG M . -65.94 -4.31 6.04
C7 NAG M . -63.63 -4.67 -0.21
C8 NAG M . -63.21 -3.99 -1.50
N2 NAG M . -64.22 -3.88 0.69
O3 NAG M . -66.93 -4.22 1.19
O4 NAG M . -67.91 -3.68 3.70
O5 NAG M . -64.31 -4.15 4.39
O6 NAG M . -65.71 -5.71 6.04
O7 NAG M . -63.42 -5.86 -0.03
C1 NAG M . -68.89 -4.39 4.50
C2 NAG M . -69.67 -3.30 5.25
C3 NAG M . -70.77 -3.92 6.11
C4 NAG M . -71.65 -4.82 5.27
C5 NAG M . -70.80 -5.83 4.48
C6 NAG M . -71.62 -6.64 3.48
C7 NAG M . -68.77 -1.15 5.98
C8 NAG M . -67.77 -0.48 6.90
N2 NAG M . -68.79 -2.49 6.04
O3 NAG M . -71.52 -2.88 6.68
O4 NAG M . -72.55 -5.51 6.14
O5 NAG M . -69.77 -5.17 3.74
O6 NAG M . -72.34 -5.77 2.64
O7 NAG M . -69.48 -0.50 5.23
C1 BMA M . -73.89 -5.00 5.94
C2 BMA M . -74.79 -6.18 5.59
C3 BMA M . -76.24 -5.65 5.39
C4 BMA M . -76.65 -4.92 6.69
C5 BMA M . -75.67 -3.79 6.92
C6 BMA M . -76.03 -2.83 8.05
O2 BMA M . -74.80 -7.09 6.66
O3 BMA M . -77.14 -6.66 5.01
O4 BMA M . -77.97 -4.43 6.55
O5 BMA M . -74.39 -4.37 7.12
O6 BMA M . -74.86 -2.13 8.43
C1 MAN M . -76.61 -7.40 3.88
C2 MAN M . -77.72 -7.55 2.83
C3 MAN M . -78.81 -8.52 3.29
C4 MAN M . -78.20 -9.83 3.80
C5 MAN M . -77.14 -9.52 4.86
C6 MAN M . -76.43 -10.75 5.35
O2 MAN M . -77.10 -8.01 1.65
O3 MAN M . -79.66 -8.74 2.20
O4 MAN M . -79.26 -10.60 4.32
O5 MAN M . -76.15 -8.67 4.28
O6 MAN M . -75.62 -10.42 6.44
C1 FUC M . -66.19 -6.28 7.28
C2 FUC M . -66.33 -7.79 7.18
C3 FUC M . -64.94 -8.43 6.99
C4 FUC M . -64.02 -7.96 8.12
C5 FUC M . -64.01 -6.44 8.16
C6 FUC M . -63.15 -5.85 9.26
O2 FUC M . -67.22 -8.14 6.15
O3 FUC M . -65.06 -9.82 7.03
O4 FUC M . -64.48 -8.49 9.34
O5 FUC M . -65.34 -5.98 8.35
C1 NAG N . -71.13 26.40 6.55
C2 NAG N . -72.20 25.33 6.78
C3 NAG N . -73.50 26.01 7.23
C4 NAG N . -73.27 26.97 8.38
C5 NAG N . -72.05 27.88 8.13
C6 NAG N . -71.61 28.67 9.35
C7 NAG N . -71.67 23.46 5.28
C8 NAG N . -72.04 22.78 3.98
N2 NAG N . -72.40 24.54 5.59
O3 NAG N . -74.41 25.01 7.59
O4 NAG N . -74.45 27.76 8.44
O5 NAG N . -70.92 27.11 7.75
O6 NAG N . -70.61 29.60 9.00
O7 NAG N . -70.76 23.04 5.99
C1 NAG N . -74.91 28.12 9.76
C2 NAG N . -75.65 29.45 9.58
C3 NAG N . -76.19 29.93 10.92
C4 NAG N . -77.02 28.84 11.56
C5 NAG N . -76.24 27.52 11.63
C6 NAG N . -77.07 26.38 12.14
C7 NAG N . -74.74 30.69 7.66
C8 NAG N . -73.78 31.76 7.22
N2 NAG N . -74.80 30.45 8.99
O3 NAG N . -76.95 31.09 10.71
O4 NAG N . -77.40 29.25 12.86
O5 NAG N . -75.77 27.17 10.33
O6 NAG N . -76.24 25.29 12.48
O7 NAG N . -75.42 30.06 6.84
C1 CLR O . 16.32 4.59 -5.38
C2 CLR O . 17.70 4.04 -5.05
C3 CLR O . 17.63 2.76 -4.17
C4 CLR O . 16.73 1.73 -4.91
C5 CLR O . 15.36 2.25 -5.34
C6 CLR O . 14.26 1.53 -5.05
C7 CLR O . 12.84 2.01 -5.45
C8 CLR O . 12.91 3.15 -6.54
C9 CLR O . 13.96 4.20 -6.14
C10 CLR O . 15.40 3.59 -6.11
C11 CLR O . 13.86 5.47 -7.01
C12 CLR O . 12.43 6.05 -7.13
C13 CLR O . 11.45 4.95 -7.64
C14 CLR O . 11.55 3.79 -6.59
C15 CLR O . 10.33 2.85 -6.85
C16 CLR O . 9.22 3.85 -7.38
C17 CLR O . 9.92 5.29 -7.46
C18 CLR O . 11.73 4.45 -9.06
C19 CLR O . 15.89 3.37 -7.57
C20 CLR O . 9.29 6.09 -8.59
C21 CLR O . 9.73 7.57 -8.70
C22 CLR O . 7.74 6.08 -8.25
C23 CLR O . 6.87 6.09 -9.51
C24 CLR O . 5.41 6.29 -8.97
C25 CLR O . 4.48 6.49 -10.14
C26 CLR O . 4.64 7.82 -10.90
C27 CLR O . 3.05 6.14 -9.70
O1 CLR O . 18.91 2.22 -3.84
C1 PCW P . -3.70 -21.48 -42.52
C2 PCW P . -2.52 -20.95 -41.69
C3 PCW P . -1.19 -21.07 -42.46
C4 PCW P . -5.72 -23.53 -45.51
C5 PCW P . -5.27 -24.38 -46.71
C6 PCW P . -6.28 -26.38 -45.81
C7 PCW P . -7.54 -24.96 -47.28
C8 PCW P . -5.73 -26.26 -48.14
C11 PCW P . 0.99 -21.79 -42.19
C12 PCW P . 2.11 -20.99 -41.52
C31 PCW P . -2.20 -19.36 -40.08
C32 PCW P . -1.57 -17.98 -39.89
N PCW P . -6.20 -25.49 -46.98
O2 PCW P . -2.76 -19.59 -41.30
O3 PCW P . -0.22 -21.69 -41.59
O11 PCW P . 1.20 -22.46 -43.20
O31 PCW P . -2.21 -20.18 -39.16
O1P PCW P . -5.08 -20.20 -45.88
O2P PCW P . -6.35 -21.21 -43.91
O3P PCW P . -3.91 -20.70 -43.70
O4P PCW P . -4.71 -22.57 -45.21
P PCW P . -5.11 -21.09 -44.71
C1 PCW Q . -13.26 6.12 -30.76
C2 PCW Q . -12.00 5.38 -30.28
C3 PCW Q . -10.75 5.88 -31.01
C4 PCW Q . -16.10 2.87 -33.53
C5 PCW Q . -15.16 2.12 -34.48
C6 PCW Q . -13.96 0.11 -34.92
C7 PCW Q . -15.16 0.34 -32.85
C8 PCW Q . -16.36 0.06 -34.87
C11 PCW Q . -8.44 6.10 -30.47
C12 PCW Q . -7.31 5.73 -29.49
C13 PCW Q . -6.53 6.97 -29.05
C14 PCW Q . -6.43 7.01 -27.51
C15 PCW Q . -5.40 5.99 -27.02
C16 PCW Q . -5.16 6.16 -25.51
C17 PCW Q . -4.06 5.19 -25.03
C18 PCW Q . -3.45 5.66 -23.72
C19 PCW Q . -4.03 4.82 -22.59
C20 PCW Q . -3.11 4.36 -21.44
C21 PCW Q . -1.64 4.79 -21.46
C22 PCW Q . -1.08 4.58 -20.05
C23 PCW Q . -0.20 3.35 -19.99
C24 PCW Q . 0.72 3.42 -18.77
C25 PCW Q . 1.73 2.27 -18.79
C26 PCW Q . 2.88 2.57 -17.82
C27 PCW Q . 3.81 1.36 -17.72
C28 PCW Q . 5.01 1.71 -16.85
C31 PCW Q . -12.52 4.96 -27.98
C32 PCW Q . -12.16 5.31 -26.52
C33 PCW Q . -11.16 4.29 -25.96
C34 PCW Q . -9.97 5.04 -25.37
C35 PCW Q . -8.97 4.05 -24.75
C36 PCW Q . -9.12 4.04 -23.23
C37 PCW Q . -7.98 3.21 -22.63
C38 PCW Q . -7.58 3.71 -21.23
C39 PCW Q . -6.52 2.73 -20.74
C40 PCW Q . -5.56 3.16 -19.61
C41 PCW Q . -5.69 4.54 -19.01
C42 PCW Q . -5.43 4.32 -17.51
C43 PCW Q . -4.02 4.76 -17.10
C44 PCW Q . -3.83 4.46 -15.61
C45 PCW Q . -2.36 4.68 -15.28
C46 PCW Q . -2.16 4.95 -13.79
C47 PCW Q . -0.67 5.28 -13.59
C48 PCW Q . -0.32 5.33 -12.11
N PCW Q . -15.16 0.67 -34.28
O2 PCW Q . -11.76 5.61 -28.89
O3 PCW Q . -9.66 5.64 -30.11
O11 PCW Q . -8.21 6.74 -31.50
O31 PCW Q . -13.43 4.17 -28.24
O1P PCW Q . -16.36 5.72 -31.46
O2P PCW Q . -15.17 3.55 -30.84
O3P PCW Q . -13.87 5.45 -31.86
O4P PCW Q . -15.54 4.15 -33.24
P PCW Q . -15.31 4.70 -31.74
C1 PCW R . -16.72 -9.46 -3.05
C2 PCW R . -15.28 -9.51 -2.53
C3 PCW R . -14.76 -8.12 -2.18
C4 PCW R . -20.87 -12.25 -1.61
C5 PCW R . -21.02 -13.22 -0.44
C6 PCW R . -22.43 -14.72 0.79
C7 PCW R . -23.40 -12.80 -0.29
C8 PCW R . -22.57 -14.65 -1.59
C11 PCW R . -12.48 -7.53 -2.52
C12 PCW R . -11.40 -7.18 -3.54
C13 PCW R . -10.02 -6.93 -2.91
C14 PCW R . -8.99 -6.78 -4.03
C15 PCW R . -7.62 -6.39 -3.47
C16 PCW R . -6.54 -6.52 -4.56
C17 PCW R . -5.28 -7.11 -3.94
C18 PCW R . -4.11 -7.12 -4.94
C19 PCW R . -3.00 -8.00 -4.34
C20 PCW R . -1.71 -8.24 -5.12
C21 PCW R . -1.53 -7.60 -6.51
C22 PCW R . -1.10 -6.13 -6.39
C23 PCW R . 0.16 -5.93 -7.23
C24 PCW R . 0.61 -4.46 -7.20
C25 PCW R . 1.40 -4.15 -5.93
C26 PCW R . 1.76 -2.67 -5.95
C27 PCW R . 2.38 -2.27 -4.61
C28 PCW R . 2.51 -0.74 -4.54
C31 PCW R . -14.40 -11.49 -1.59
C32 PCW R . -14.36 -12.44 -0.39
C33 PCW R . -13.22 -12.13 0.59
C34 PCW R . -11.85 -12.26 -0.09
C35 PCW R . -10.78 -11.56 0.76
C36 PCW R . -9.46 -11.52 -0.02
C37 PCW R . -8.31 -11.06 0.87
C38 PCW R . -6.98 -11.48 0.23
C39 PCW R . -6.53 -10.38 -0.71
C40 PCW R . -5.10 -10.43 -1.29
C41 PCW R . -4.19 -11.59 -0.89
C42 PCW R . -2.78 -11.02 -0.76
C43 PCW R . -1.86 -11.45 -1.92
C44 PCW R . -0.45 -10.93 -1.64
C45 PCW R . 0.59 -11.45 -2.62
C46 PCW R . 1.99 -11.19 -2.07
C47 PCW R . 2.63 -12.48 -1.59
C48 PCW R . 3.93 -12.16 -0.85
N PCW R . -22.35 -13.85 -0.39
O2 PCW R . -15.19 -10.39 -1.39
O3 PCW R . -13.70 -7.77 -3.07
O11 PCW R . -12.24 -7.57 -1.31
O31 PCW R . -13.77 -11.73 -2.61
O1P PCW R . -19.08 -11.16 -3.98
O2P PCW R . -19.97 -9.35 -2.42
O3P PCW R . -17.60 -10.19 -2.17
O4P PCW R . -19.56 -11.66 -1.58
P PCW R . -19.11 -10.53 -2.64
C1 PCW S . -18.24 -1.59 -11.83
C2 PCW S . -17.86 -1.00 -10.46
C3 PCW S . -18.64 -1.70 -9.36
C4 PCW S . -21.26 -3.45 -14.83
C5 PCW S . -21.89 -4.78 -14.40
C6 PCW S . -23.14 -6.73 -14.99
C7 PCW S . -23.56 -4.66 -16.12
C8 PCW S . -21.52 -5.85 -16.53
C11 PCW S . -18.58 -1.41 -7.02
C12 PCW S . -17.72 -1.30 -5.75
C13 PCW S . -16.47 -0.47 -6.06
C14 PCW S . -15.46 -0.60 -4.91
C15 PCW S . -14.15 0.12 -5.26
C16 PCW S . -13.37 0.35 -3.96
C17 PCW S . -12.52 1.63 -4.07
C18 PCW S . -11.04 1.37 -4.36
C19 PCW S . -10.38 0.95 -3.04
C20 PCW S . -9.07 1.65 -2.66
C21 PCW S . -8.54 2.72 -3.61
C22 PCW S . -7.02 2.73 -3.46
C23 PCW S . -6.43 3.91 -4.23
C24 PCW S . -4.92 3.84 -4.13
C25 PCW S . -4.34 4.86 -5.08
C26 PCW S . -2.83 4.74 -5.11
C27 PCW S . -2.34 5.69 -6.17
C28 PCW S . -0.82 5.66 -6.17
C31 PCW S . -15.58 -0.32 -10.54
C32 PCW S . -14.11 -0.66 -10.21
C33 PCW S . -13.16 0.35 -10.89
C34 PCW S . -12.06 0.76 -9.90
C35 PCW S . -10.76 1.07 -10.63
C36 PCW S . -9.80 1.78 -9.66
C37 PCW S . -8.58 0.92 -9.31
C38 PCW S . -7.83 1.58 -8.15
C39 PCW S . -6.38 1.11 -8.17
C40 PCW S . -5.77 0.32 -7.01
C41 PCW S . -6.65 -0.01 -5.80
C42 PCW S . -5.70 -0.43 -4.66
C43 PCW S . -5.66 -1.97 -4.60
C44 PCW S . -4.21 -2.47 -4.49
C45 PCW S . -3.58 -2.07 -3.15
C46 PCW S . -2.09 -1.75 -3.34
C47 PCW S . -1.48 -1.49 -1.96
C48 PCW S . -0.05 -0.96 -2.11
N PCW S . -22.53 -5.50 -15.51
O2 PCW S . -16.47 -1.27 -10.16
O3 PCW S . -17.86 -1.53 -8.17
O11 PCW S . -19.81 -1.40 -6.97
O31 PCW S . -15.86 0.74 -11.07
O1P PCW S . -18.83 -1.53 -14.76
O2P PCW S . -21.04 -0.40 -14.21
O3P PCW S . -19.45 -0.99 -12.35
O4P PCW S . -20.67 -2.80 -13.70
P PCW S . -19.98 -1.35 -13.85
C1 PCW T . 30.09 -26.49 -12.00
C2 PCW T . 28.66 -26.89 -11.61
C3 PCW T . 27.88 -27.38 -12.84
C4 PCW T . 34.00 -24.80 -10.56
C5 PCW T . 34.59 -25.65 -9.42
C6 PCW T . 36.15 -25.24 -7.65
C7 PCW T . 36.83 -26.48 -9.58
C8 PCW T . 36.48 -24.11 -9.73
C11 PCW T . 25.52 -27.43 -13.14
C12 PCW T . 24.22 -26.62 -13.14
C13 PCW T . 22.98 -27.48 -13.33
C14 PCW T . 21.77 -26.57 -13.57
C15 PCW T . 20.51 -27.39 -13.89
C16 PCW T . 19.37 -26.46 -14.33
C17 PCW T . 18.02 -26.86 -13.74
C18 PCW T . 17.17 -25.62 -13.47
C19 PCW T . 15.89 -25.72 -14.34
C20 PCW T . 14.51 -25.75 -13.67
C21 PCW T . 14.41 -25.68 -12.15
C22 PCW T . 12.93 -25.84 -11.77
C23 PCW T . 12.62 -25.21 -10.42
C24 PCW T . 12.01 -26.24 -9.46
C25 PCW T . 10.55 -25.88 -9.14
C26 PCW T . 9.63 -27.05 -9.49
C27 PCW T . 8.18 -26.73 -9.10
C28 PCW T . 7.31 -27.96 -9.29
C31 PCW T . 27.97 -27.68 -9.48
C32 PCW T . 27.98 -28.83 -8.46
C33 PCW T . 26.65 -28.97 -7.70
C34 PCW T . 25.59 -29.68 -8.56
C35 PCW T . 24.24 -28.98 -8.40
C36 PCW T . 23.15 -29.71 -9.20
C37 PCW T . 21.82 -28.98 -9.00
C38 PCW T . 20.71 -29.55 -9.89
C39 PCW T . 19.51 -28.60 -9.76
C40 PCW T . 18.15 -29.02 -10.35
C41 PCW T . 18.05 -30.38 -11.05
C42 PCW T . 16.75 -31.06 -10.59
C43 PCW T . 15.54 -30.23 -11.02
C44 PCW T . 14.32 -31.14 -11.26
C45 PCW T . 13.03 -30.35 -10.97
C46 PCW T . 12.26 -30.08 -12.27
C47 PCW T . 11.06 -29.19 -11.95
C48 PCW T . 10.00 -29.33 -13.04
N PCW T . 36.01 -25.36 -9.11
O2 PCW T . 28.69 -27.92 -10.60
O3 PCW T . 26.63 -26.68 -12.89
O11 PCW T . 25.52 -28.64 -13.35
O31 PCW T . 27.31 -26.68 -9.28
O1P PCW T . 31.66 -22.99 -11.56
O2P PCW T . 32.34 -24.79 -13.23
O3P PCW T . 30.31 -25.10 -11.76
O4P PCW T . 32.64 -25.16 -10.78
P PCW T . 31.76 -24.42 -11.92
C1 PCW U . 27.57 -24.69 0.76
C2 PCW U . 26.86 -26.04 0.87
C3 PCW U . 25.56 -25.92 1.68
C4 PCW U . 31.29 -22.59 -0.67
C5 PCW U . 31.40 -22.70 -2.20
C6 PCW U . 33.23 -22.54 -3.74
C7 PCW U . 31.72 -20.70 -3.51
C8 PCW U . 33.28 -21.18 -1.77
C11 PCW U . 23.32 -26.61 1.36
C12 PCW U . 22.23 -26.97 0.35
C13 PCW U . 20.91 -27.33 1.03
C14 PCW U . 19.78 -27.38 -0.01
C15 PCW U . 18.42 -27.57 0.71
C16 PCW U . 17.32 -27.84 -0.33
C17 PCW U . 16.08 -27.05 0.09
C18 PCW U . 15.33 -27.48 1.35
C19 PCW U . 14.60 -26.24 1.89
C20 PCW U . 13.06 -26.12 1.84
C21 PCW U . 12.25 -27.27 1.22
C22 PCW U . 10.80 -26.76 1.05
C23 PCW U . 9.84 -27.95 1.02
C24 PCW U . 8.40 -27.49 1.26
C25 PCW U . 7.49 -28.72 1.28
C26 PCW U . 6.06 -28.32 1.69
C27 PCW U . 5.09 -29.40 1.22
C28 PCW U . 3.65 -28.95 1.45
C31 PCW U . 27.39 -26.96 -1.31
C32 PCW U . 26.82 -27.56 -2.59
C33 PCW U . 25.45 -26.94 -2.91
C34 PCW U . 24.50 -28.02 -3.44
C35 PCW U . 23.30 -27.39 -4.15
C36 PCW U . 21.97 -27.99 -3.64
C37 PCW U . 20.82 -27.06 -4.04
C38 PCW U . 19.74 -27.84 -4.82
C39 PCW U . 19.54 -27.16 -6.17
C40 PCW U . 18.12 -27.08 -6.78
C41 PCW U . 16.93 -27.69 -6.03
C42 PCW U . 15.96 -26.56 -5.65
C43 PCW U . 14.63 -26.81 -6.36
C44 PCW U . 13.49 -25.96 -5.78
C45 PCW U . 12.53 -26.83 -4.98
C46 PCW U . 11.41 -25.95 -4.39
C47 PCW U . 10.50 -26.80 -3.49
C48 PCW U . 9.36 -25.92 -2.96
N PCW U . 32.41 -21.78 -2.79
O2 PCW U . 26.45 -26.55 -0.41
O3 PCW U . 24.51 -26.27 0.79
O11 PCW U . 23.12 -26.68 2.57
O31 PCW U . 28.61 -26.88 -1.12
O1P PCW U . 31.16 -24.06 2.08
O2P PCW U . 29.31 -22.34 1.78
O3P PCW U . 28.85 -24.79 1.42
O4P PCW U . 30.30 -23.52 -0.20
P PCW U . 29.95 -23.61 1.37
C1 PCW V . -5.33 -14.31 -37.30
C2 PCW V . -4.20 -13.28 -37.18
C3 PCW V . -2.92 -13.93 -36.65
C4 PCW V . -9.27 -15.70 -38.42
C5 PCW V . -9.23 -15.89 -39.94
C6 PCW V . -10.89 -15.82 -41.68
C7 PCW V . -10.03 -17.92 -40.93
C8 PCW V . -11.52 -16.66 -39.54
C11 PCW V . -1.16 -12.39 -36.16
C12 PCW V . -0.56 -11.44 -35.11
C13 PCW V . 0.46 -10.44 -35.68
C14 PCW V . 1.75 -10.46 -34.85
C15 PCW V . 2.92 -9.92 -35.68
C16 PCW V . 4.27 -10.09 -34.94
C17 PCW V . 4.36 -9.16 -33.71
C18 PCW V . 5.17 -9.82 -32.59
C19 PCW V . 5.01 -9.01 -31.30
C20 PCW V . 6.26 -8.56 -30.52
C21 PCW V . 7.63 -8.96 -31.06
C22 PCW V . 8.74 -8.37 -30.15
C23 PCW V . 9.75 -7.50 -30.92
C24 PCW V . 10.84 -7.02 -29.95
C25 PCW V . 11.85 -6.11 -30.66
C26 PCW V . 12.84 -5.53 -29.64
C27 PCW V . 13.81 -4.55 -30.30
C28 PCW V . 15.26 -4.85 -29.93
C31 PCW V . -3.97 -11.32 -38.54
C32 PCW V . -3.62 -10.77 -39.93
C33 PCW V . -2.12 -10.47 -40.06
C34 PCW V . -1.82 -9.01 -39.73
C35 PCW V . -0.31 -8.76 -39.80
C36 PCW V . 0.01 -7.30 -39.43
C37 PCW V . 1.53 -7.08 -39.52
C38 PCW V . 1.97 -5.88 -38.68
C39 PCW V . 3.44 -6.08 -38.30
C40 PCW V . 4.37 -4.87 -38.22
C41 PCW V . 3.80 -3.47 -38.51
C42 PCW V . 4.96 -2.49 -38.35
C43 PCW V . 4.67 -1.11 -38.97
C44 PCW V . 5.46 -0.06 -38.19
C45 PCW V . 5.25 1.32 -38.82
C46 PCW V . 3.96 1.97 -38.35
C47 PCW V . 3.78 3.27 -39.13
C48 PCW V . 4.41 4.41 -38.33
N PCW V . -10.42 -16.57 -40.51
O2 PCW V . -3.94 -12.68 -38.47
O3 PCW V . -2.26 -13.05 -35.73
O11 PCW V . -0.66 -12.52 -37.27
O31 PCW V . -4.26 -10.58 -37.60
O1P PCW V . -8.89 -13.77 -36.00
O2P PCW V . -7.68 -16.00 -35.72
O3P PCW V . -6.42 -13.94 -36.44
O4P PCW V . -8.06 -15.04 -37.99
P PCW V . -7.83 -14.71 -36.42
MG MG W . -31.41 -48.61 -27.86
MG MG X . -15.87 -40.73 -31.43
O01 A1MA6 Y . 21.72 5.63 -41.48
C02 A1MA6 Y . 22.92 5.23 -42.18
C03 A1MA6 Y . 23.43 3.90 -41.62
C04 A1MA6 Y . 24.53 3.34 -42.56
N05 A1MA6 Y . 24.42 1.86 -42.59
C06 A1MA6 Y . 25.29 1.09 -43.28
C07 A1MA6 Y . 25.03 -0.41 -43.19
C08 A1MA6 Y . 25.88 -1.17 -43.87
N09 A1MA6 Y . 25.65 -2.48 -43.80
C10 A1MA6 Y . 26.48 -3.29 -44.49
C11 A1MA6 Y . 26.15 -4.78 -44.40
O12 A1MA6 Y . 25.65 -5.23 -45.66
C13 A1MA6 Y . 27.43 -5.59 -44.04
C14 A1MA6 Y . 27.65 -6.70 -45.04
C15 A1MA6 Y . 28.07 -7.96 -44.32
O16 A1MA6 Y . 26.94 -8.58 -43.72
C17 A1MA6 Y . 28.72 -8.94 -45.30
C18 A1MA6 Y . 30.05 -9.01 -45.23
C19 A1MA6 Y . 30.82 -9.97 -46.18
O20 A1MA6 Y . 30.09 -10.12 -47.41
C21 A1MA6 Y . 32.21 -9.40 -46.48
C22 A1MA6 Y . 32.70 -9.91 -47.85
C23 A1MA6 Y . 34.09 -9.32 -48.14
O24 A1MA6 Y . 35.07 -10.39 -48.25
C25 A1MA6 Y . 34.71 -11.29 -49.34
C26 A1MA6 Y . 35.75 -12.40 -49.45
O27 A1MA6 Y . 36.78 -12.17 -48.47
C28 A1MA6 Y . 35.09 -13.74 -49.18
O29 A1MA6 Y . 36.00 -14.78 -49.49
C30 A1MA6 Y . 33.85 -13.87 -50.04
O31 A1MA6 Y . 34.05 -14.87 -51.03
C32 A1MA6 Y . 32.66 -14.24 -49.16
O33 A1MA6 Y . 32.63 -13.39 -48.00
C34 A1MA6 Y . 31.36 -14.05 -49.96
O35 A1MA6 Y . 31.68 -14.00 -51.35
C36 A1MA6 Y . 30.69 -12.74 -49.55
C37 A1MA6 Y . 29.96 -12.14 -50.74
C38 A1MA6 Y . 29.02 -11.03 -50.26
C39 A1MA6 Y . 27.70 -11.12 -51.02
C40 A1MA6 Y . 26.58 -10.57 -50.15
C41 A1MA6 Y . 25.27 -10.56 -50.93
C42 A1MA6 Y . 24.11 -10.22 -49.98
C43 A1MA6 Y . 23.32 -11.50 -49.66
C44 A1MA6 Y . 23.15 -11.58 -48.17
C45 A1MA6 Y . 22.87 -10.18 -47.59
O46 A1MA6 Y . 24.41 -12.03 -47.74
C47 A1MA6 Y . 24.59 -13.18 -48.56
C48 A1MA6 Y . 23.62 -14.27 -48.15
C49 A1MA6 Y . 22.26 -13.84 -48.44
C50 A1MA6 Y . 21.27 -14.87 -47.91
C51 A1MA6 Y . 22.03 -12.55 -47.78
C52 A1MA6 Y . 26.02 -13.71 -48.48
C53 A1MA6 Y . 26.36 -14.50 -49.75
C54 A1MA6 Y . 27.84 -14.90 -49.74
C55 A1MA6 Y . 27.94 -16.41 -49.49
C56 A1MA6 Y . 29.37 -16.76 -49.05
C57 A1MA6 Y . 29.80 -18.08 -49.70
C58 A1MA6 Y . 30.73 -18.83 -48.74
C59 A1MA6 Y . 32.09 -19.02 -49.40
C60 A1MA6 Y . 33.07 -19.63 -48.39
C61 A1MA6 Y . 34.10 -18.58 -47.98
O62 A1MA6 Y . 33.81 -18.10 -46.63
C63 A1MA6 Y . 34.78 -17.06 -46.26
O64 A1MA6 Y . 34.72 -15.99 -47.20
C65 A1MA6 Y . 34.44 -16.54 -44.86
C66 A1MA6 Y . 33.05 -15.89 -44.88
C67 A1MA6 Y . 32.45 -15.92 -43.47
C68 A1MA6 Y . 33.50 -16.38 -42.46
C69 A1MA6 Y . 33.05 -16.50 -41.22
C70 A1MA6 Y . 34.09 -16.95 -40.20
C71 A1MA6 Y . 33.39 -17.43 -38.92
C72 A1MA6 Y . 33.78 -16.53 -37.75
C73 A1MA6 Y . 32.51 -15.93 -37.14
C74 A1MA6 Y . 32.51 -16.15 -35.63
C75 A1MA6 Y . 31.71 -17.41 -35.30
O76 A1MA6 Y . 32.63 -18.56 -35.06
C77 A1MA6 Y . 33.08 -18.53 -33.75
C78 A1MA6 Y . 34.24 -19.49 -33.55
C79 A1MA6 Y . 35.50 -18.92 -34.20
C80 A1MA6 Y . 36.70 -19.79 -33.84
C81 A1MA6 Y . 37.65 -19.86 -35.05
C82 A1MA6 Y . 38.64 -21.00 -34.84
C83 A1MA6 Y . 39.82 -20.82 -35.78
C84 A1MA6 Y . 40.79 -21.94 -35.58
C85 A1MA6 Y . 40.10 -23.24 -35.85
O86 A1MA6 Y . 41.01 -24.32 -35.62
O87 A1MA6 Y . 41.90 -21.79 -36.48
O88 A1MA6 Y . 40.47 -19.58 -35.49
O89 A1MA6 Y . 37.97 -22.27 -35.13
C90 A1MA6 Y . 38.90 -23.37 -34.92
C91 A1MA6 Y . 38.19 -24.69 -35.20
C92 A1MA6 Y . 36.75 -24.63 -34.65
C93 A1MA6 Y . 35.76 -24.79 -35.81
C94 A1MA6 Y . 34.47 -24.56 -35.50
C95 A1MA6 Y . 34.21 -24.19 -34.04
C96 A1MA6 Y . 32.93 -23.97 -33.72
C97 A1MA6 Y . 32.67 -23.60 -32.26
C98 A1MA6 Y . 31.86 -22.31 -32.20
C99 A1MA6 Y . 30.71 -22.49 -31.19
CA0 A1MA6 Y . 29.69 -21.38 -31.38
CA1 A1MA6 Y . 28.30 -21.99 -31.54
CA2 A1MA6 Y . 27.73 -21.61 -32.92
CA3 A1MA6 Y . 26.59 -22.23 -33.26
CA4 A1MA6 Y . 26.04 -23.21 -32.22
CA5 A1MA6 Y . 24.57 -23.15 -31.82
CA6 A1MA6 Y . 24.25 -21.79 -31.20
CA7 A1MA6 Y . 23.42 -21.98 -29.92
CA8 A1MA6 Y . 23.14 -20.61 -29.27
CA9 A1MA6 Y . 24.40 -19.76 -29.28
CAA A1MA6 Y . 24.06 -18.34 -28.86
CAB A1MA6 Y . 25.35 -17.62 -28.43
CAC A1MA6 Y . 25.04 -16.14 -28.20
OAD A1MA6 Y . 24.68 -15.92 -26.80
CAE A1MA6 Y . 25.77 -16.33 -25.92
CAF A1MA6 Y . 25.39 -16.08 -24.44
CAG A1MA6 Y . 24.33 -16.78 -24.00
CAH A1MA6 Y . 23.68 -17.72 -25.02
CAI A1MA6 Y . 22.22 -17.97 -24.61
CAJ A1MA6 Y . 21.30 -17.07 -25.45
CAK A1MA6 Y . 19.86 -17.66 -25.45
CAL A1MA6 Y . 19.49 -18.02 -26.81
CAM A1MA6 Y . 18.07 -18.50 -26.79
CAN A1MA6 Y . 17.19 -17.44 -26.39
OAO A1MA6 Y . 17.90 -19.52 -25.73
CAP A1MA6 Y . 17.55 -18.68 -24.46
CAQ A1MA6 Y . 16.11 -19.02 -24.06
CAR A1MA6 Y . 15.73 -20.40 -24.61
CAS A1MA6 Y . 14.98 -21.20 -23.54
CAT A1MA6 Y . 14.31 -22.44 -24.24
OAU A1MA6 Y . 14.44 -22.27 -25.66
CAV A1MA6 Y . 12.89 -22.25 -23.89
CAW A1MA6 Y . 12.79 -20.80 -23.96
CAX A1MA6 Y . 11.42 -20.36 -23.41
NAY A1MA6 Y . 11.17 -18.95 -23.71
OAZ A1MA6 Y . 13.79 -20.41 -23.07
CB0 A1MA6 Y . 17.57 -17.25 -24.99
OB1 A1MA6 Y . 18.96 -16.71 -24.91
OB2 A1MA6 Y . 21.89 -19.34 -24.86
OB3 A1MA6 Y . 24.39 -18.95 -25.06
CB4 A1MA6 Y . 27.04 -15.53 -26.24
OB5 A1MA6 Y . 28.12 -15.96 -25.41
CB6 A1MA6 Y . 27.41 -15.75 -27.68
OB7 A1MA6 Y . 28.57 -14.97 -27.99
CB8 A1MA6 Y . 26.27 -15.32 -28.55
OB9 A1MA6 Y . 26.61 -15.54 -29.93
CBA A1MA6 Y . 23.42 -17.59 -30.01
OBB A1MA6 Y . 25.36 -20.33 -28.39
OBC A1MA6 Y . 22.69 -20.80 -27.94
OBD A1MA6 Y . 22.19 -22.62 -30.24
CBE A1MA6 Y . 26.78 -24.27 -31.85
OBF A1MA6 Y . 29.70 -20.51 -30.25
OBG A1MA6 Y . 30.09 -23.76 -31.39
OBH A1MA6 Y . 31.32 -22.03 -33.49
OBI A1MA6 Y . 36.56 -25.69 -33.71
OBJ A1MA6 Y . 37.39 -19.22 -32.73
OBK A1MA6 Y . 35.71 -17.58 -33.73
CBL A1MA6 Y . 30.86 -17.14 -34.02
CBM A1MA6 Y . 30.60 -18.39 -33.37
OBN A1MA6 Y . 30.07 -19.32 -34.32
CBO A1MA6 Y . 31.91 -18.92 -32.80
OBP A1MA6 Y . 32.14 -18.36 -31.50
OBQ A1MA6 Y . 31.92 -15.02 -34.97
OBR A1MA6 Y . 31.36 -16.54 -37.71
OBS A1MA6 Y . 34.95 -15.85 -39.87
CBT A1MA6 Y . 31.26 -16.88 -43.45
OBU A1MA6 Y . 33.17 -14.53 -45.32
CBV A1MA6 Y . 35.50 -19.19 -48.02
OBW A1MA6 Y . 35.56 -20.30 -47.12
CBX A1MA6 Y . 36.50 -18.16 -47.62
OBY A1MA6 Y . 36.47 -17.06 -48.54
CBZ A1MA6 Y . 36.17 -17.66 -46.25
OC0 A1MA6 Y . 37.11 -16.65 -45.87
OC1 A1MA6 Y . 31.95 -19.89 -50.52
OC2 A1MA6 Y . 24.24 -12.70 -49.93
CC3 A1MA6 Y . 25.34 -9.52 -52.04
CC4 A1MA6 Y . 34.66 -10.52 -50.66
OC5 A1MA6 Y . 34.30 -11.41 -51.72
CC6 A1MA6 Y . 33.66 -9.43 -50.54
CC7 A1MA6 Y . 34.04 -8.53 -49.43
OC8 A1MA6 Y . 33.08 -7.48 -49.31
OC9 A1MA6 Y . 33.63 -8.68 -51.77
OCA A1MA6 Y . 33.13 -9.82 -45.46
CCB A1MA6 Y . 30.80 -8.22 -44.15
CCC A1MA6 Y . 28.65 -4.66 -44.04
OCD A1MA6 Y . 27.39 -2.89 -45.20
OCE A1MA6 Y . 26.28 1.52 -43.87
C1 CLR Z . -1.29 -5.44 -36.08
C2 CLR Z . -2.74 -5.80 -36.41
C3 CLR Z . -3.11 -7.24 -36.01
C4 CLR Z . -2.78 -7.42 -34.50
C5 CLR Z . -1.38 -7.00 -34.08
C6 CLR Z . -0.64 -7.82 -33.29
C7 CLR Z . 0.78 -7.44 -32.83
C8 CLR Z . 1.05 -5.91 -33.02
C9 CLR Z . 0.59 -5.46 -34.43
C10 CLR Z . -0.95 -5.60 -34.58
C11 CLR Z . 1.11 -4.05 -34.80
C12 CLR Z . 2.62 -3.86 -34.56
C13 CLR Z . 2.98 -4.20 -33.09
C14 CLR Z . 2.55 -5.70 -32.89
C15 CLR Z . 3.21 -6.16 -31.56
C16 CLR Z . 4.55 -5.31 -31.50
C17 CLR Z . 4.51 -4.34 -32.78
C18 CLR Z . 2.31 -3.28 -32.05
C19 CLR Z . -1.65 -4.48 -33.75
C20 CLR Z . 5.25 -3.04 -32.45
C21 CLR Z . 5.23 -1.95 -33.55
C22 CLR Z . 6.73 -3.47 -32.23
C23 CLR Z . 7.60 -2.31 -31.76
C24 CLR Z . 9.01 -2.96 -31.49
C25 CLR Z . 9.91 -1.89 -30.87
C26 CLR Z . 10.42 -0.81 -31.84
C27 CLR Z . 10.97 -2.59 -30.02
O1 CLR Z . -4.45 -7.61 -36.33
C1 CLR AA . 14.35 16.82 -20.28
C2 CLR AA . 15.80 17.28 -20.35
C3 CLR AA . 16.47 17.41 -18.96
C4 CLR AA . 16.30 16.05 -18.22
C5 CLR AA . 14.88 15.50 -18.20
C6 CLR AA . 14.35 15.05 -17.02
C7 CLR AA . 12.93 14.49 -16.92
C8 CLR AA . 12.34 14.14 -18.32
C9 CLR AA . 12.63 15.29 -19.32
C10 CLR AA . 14.15 15.48 -19.55
C11 CLR AA . 11.83 15.13 -20.63
C12 CLR AA . 10.31 14.86 -20.43
C13 CLR AA . 10.10 13.62 -19.50
C14 CLR AA . 10.85 13.97 -18.16
C15 CLR AA . 10.37 12.93 -17.11
C16 CLR AA . 8.87 12.62 -17.57
C17 CLR AA . 8.65 13.46 -18.93
C18 CLR AA . 10.61 12.29 -20.10
C19 CLR AA . 14.68 14.31 -20.44
C20 CLR AA . 7.65 12.71 -19.82
C21 CLR AA . 7.24 13.43 -21.11
C22 CLR AA . 6.37 12.58 -18.91
C23 CLR AA . 5.55 11.34 -19.24
C24 CLR AA . 4.24 11.51 -18.38
C25 CLR AA . 3.25 10.43 -18.79
C26 CLR AA . 2.61 10.60 -20.18
C27 CLR AA . 2.27 10.19 -17.63
O1 CLR AA . 17.83 17.83 -19.00
C1 CLR BA . 12.91 -7.80 3.30
C2 CLR BA . 14.39 -7.99 3.63
C3 CLR BA . 14.76 -9.48 3.80
C4 CLR BA . 14.33 -10.23 2.51
C5 CLR BA . 12.90 -10.01 2.08
C6 CLR BA . 12.11 -11.07 1.76
C7 CLR BA . 10.64 -10.92 1.33
C8 CLR BA . 10.32 -9.44 0.92
C9 CLR BA . 10.90 -8.46 1.97
C10 CLR BA . 12.45 -8.53 2.02
C11 CLR BA . 10.37 -7.02 1.77
C12 CLR BA . 8.83 -6.92 1.62
C13 CLR BA . 8.33 -7.86 0.49
C14 CLR BA . 8.81 -9.30 0.89
C15 CLR BA . 8.04 -10.29 -0.03
C16 CLR BA . 6.65 -9.55 -0.26
C17 CLR BA . 6.78 -8.13 0.47
C18 CLR BA . 8.83 -7.47 -0.93
C19 CLR BA . 13.05 -7.84 0.76
C20 CLR BA . 5.93 -7.10 -0.28
C21 CLR BA . 6.07 -5.63 0.18
C22 CLR BA . 4.46 -7.56 -0.03
C23 CLR BA . 3.45 -6.75 -0.85
C24 CLR BA . 2.05 -7.29 -0.40
C25 CLR BA . 0.98 -6.67 -1.29
C26 CLR BA . 0.75 -5.16 -1.09
C27 CLR BA . -0.27 -7.55 -1.24
O1 CLR BA . 16.14 -9.70 4.14
C1 PCW CA . 26.42 -19.04 4.55
C2 PCW CA . 25.76 -19.29 5.91
C3 PCW CA . 24.36 -18.69 5.99
C4 PCW CA . 28.37 -15.90 1.35
C5 PCW CA . 29.43 -14.80 1.52
C6 PCW CA . 30.20 -13.03 0.09
C7 PCW CA . 31.52 -15.01 0.36
C8 PCW CA . 29.49 -15.07 -0.92
C11 PCW CA . 22.40 -19.38 7.05
C12 PCW CA . 21.44 -20.49 7.44
C13 PCW CA . 20.21 -19.94 8.19
C14 PCW CA . 19.13 -21.03 8.23
C15 PCW CA . 17.81 -20.50 8.79
C16 PCW CA . 16.80 -21.65 8.86
C17 PCW CA . 15.37 -21.08 8.97
C18 PCW CA . 14.34 -22.21 9.04
C19 PCW CA . 12.96 -21.59 8.76
C20 PCW CA . 11.70 -22.45 8.85
C21 PCW CA . 11.80 -23.93 9.21
C22 PCW CA . 10.68 -24.66 8.47
C23 PCW CA . 9.32 -24.33 9.11
C24 PCW CA . 8.23 -25.27 8.56
C25 PCW CA . 6.87 -24.90 9.16
C26 PCW CA . 5.76 -25.71 8.48
C27 PCW CA . 4.52 -25.72 9.39
C28 PCW CA . 3.47 -26.68 8.81
C31 PCW CA . 26.62 -21.51 6.38
C32 PCW CA . 26.22 -22.93 6.80
C33 PCW CA . 24.90 -23.32 6.11
C34 PCW CA . 24.56 -24.77 6.46
C35 PCW CA . 23.27 -25.23 5.74
C36 PCW CA . 22.02 -24.61 6.38
C37 PCW CA . 20.80 -25.07 5.55
C38 PCW CA . 19.80 -23.93 5.33
C39 PCW CA . 19.08 -24.20 4.00
C40 PCW CA . 17.55 -24.25 3.94
C41 PCW CA . 16.73 -24.03 5.22
C42 PCW CA . 15.78 -22.85 4.96
C43 PCW CA . 14.36 -23.33 4.64
C44 PCW CA . 13.35 -22.25 5.04
C45 PCW CA . 11.95 -22.60 4.55
C46 PCW CA . 11.70 -21.98 3.17
C47 PCW CA . 10.48 -22.63 2.51
C48 PCW CA . 10.43 -22.26 1.04
N PCW CA . 30.14 -14.49 0.26
O2 PCW CA . 25.55 -20.68 6.19
O3 PCW CA . 23.51 -19.78 6.37
O11 PCW CA . 22.16 -18.21 7.33
O31 PCW CA . 27.80 -21.19 6.27
O1P PCW CA . 28.60 -18.52 2.77
O2P PCW CA . 29.28 -16.70 4.42
O3P PCW CA . 26.97 -17.70 4.51
O4P PCW CA . 27.70 -16.19 2.58
P PCW CA . 28.25 -17.34 3.58
C1 PCW DA . 25.43 -14.97 13.99
C2 PCW DA . 24.19 -14.66 14.85
C3 PCW DA . 23.68 -13.25 14.55
C4 PCW DA . 29.15 -16.63 12.21
C5 PCW DA . 29.16 -18.04 11.59
C6 PCW DA . 30.85 -19.45 10.66
C7 PCW DA . 29.33 -18.31 9.21
C8 PCW DA . 31.04 -17.08 10.35
C11 PCW DA . 21.39 -13.04 14.02
C12 PCW DA . 20.30 -13.13 12.95
C13 PCW DA . 19.22 -12.06 13.11
C14 PCW DA . 17.88 -12.75 13.41
C15 PCW DA . 16.85 -11.71 13.90
C16 PCW DA . 15.72 -11.59 12.88
C17 PCW DA . 14.47 -11.02 13.57
C18 PCW DA . 13.22 -11.32 12.75
C19 PCW DA . 13.27 -10.41 11.51
C20 PCW DA . 12.04 -10.41 10.60
C21 PCW DA . 10.86 -11.30 11.00
C22 PCW DA . 9.97 -11.40 9.77
C23 PCW DA . 8.52 -11.62 10.19
C24 PCW DA . 7.67 -11.45 8.94
C25 PCW DA . 6.20 -11.55 9.32
C26 PCW DA . 5.51 -12.29 8.20
C27 PCW DA . 4.01 -12.08 8.28
C28 PCW DA . 3.39 -12.96 7.20
C31 PCW DA . 22.87 -16.50 15.51
C32 PCW DA . 21.64 -17.37 15.24
C33 PCW DA . 20.86 -16.78 14.06
C34 PCW DA . 19.34 -17.06 14.16
C35 PCW DA . 19.01 -18.47 13.66
C36 PCW DA . 17.52 -18.58 13.28
C37 PCW DA . 16.69 -19.18 14.41
C38 PCW DA . 15.29 -18.54 14.47
C39 PCW DA . 15.36 -17.32 15.39
C40 PCW DA . 14.34 -16.18 15.19
C41 PCW DA . 13.30 -16.30 14.07
C42 PCW DA . 11.89 -16.31 14.70
C43 PCW DA . 10.81 -16.08 13.63
C44 PCW DA . 9.44 -15.98 14.31
C45 PCW DA . 8.38 -15.53 13.30
C46 PCW DA . 6.98 -15.63 13.91
C47 PCW DA . 5.98 -14.82 13.07
C48 PCW DA . 4.68 -14.63 13.86
N PCW DA . 30.09 -18.21 10.46
O2 PCW DA . 23.12 -15.56 14.56
O3 PCW DA . 22.63 -13.37 13.57
O11 PCW DA . 21.13 -12.68 15.17
O31 PCW DA . 23.55 -16.64 16.53
O1P PCW DA . 29.00 -15.46 15.36
O2P PCW DA . 28.19 -14.08 13.36
O3P PCW DA . 26.54 -15.37 14.79
O4P PCW DA . 28.20 -16.58 13.28
P PCW DA . 28.06 -15.29 14.23
C1 PCW EA . 16.96 -2.47 6.13
C2 PCW EA . 15.93 -3.60 6.28
C3 PCW EA . 15.93 -4.16 7.71
C4 PCW EA . 21.18 -3.61 6.00
C5 PCW EA . 22.19 -3.68 7.15
C6 PCW EA . 24.46 -4.45 7.34
C7 PCW EA . 22.67 -5.77 8.21
C8 PCW EA . 22.97 -5.60 5.85
C11 PCW EA . 14.80 -5.88 8.89
C12 PCW EA . 13.75 -6.99 8.82
C13 PCW EA . 12.36 -6.39 8.55
C14 PCW EA . 11.52 -7.41 7.77
C15 PCW EA . 10.04 -7.03 7.78
C16 PCW EA . 9.33 -7.67 6.59
C17 PCW EA . 7.81 -7.62 6.78
C18 PCW EA . 7.11 -8.31 5.61
C19 PCW EA . 6.78 -9.74 6.03
C20 PCW EA . 5.47 -10.40 5.58
C21 PCW EA . 4.47 -9.65 4.71
C22 PCW EA . 3.15 -10.43 4.84
C23 PCW EA . 2.30 -10.35 3.58
C24 PCW EA . 1.03 -9.53 3.86
C25 PCW EA . 0.17 -9.48 2.61
C26 PCW EA . -1.15 -8.79 2.93
C27 PCW EA . -2.00 -8.71 1.66
C28 PCW EA . -3.23 -7.85 1.90
C31 PCW EA . 13.83 -3.88 5.18
C32 PCW EA . 12.41 -3.34 4.97
C33 PCW EA . 11.35 -4.44 5.00
C34 PCW EA . 10.15 -4.05 4.12
C35 PCW EA . 9.25 -3.06 4.89
C36 PCW EA . 7.77 -3.48 4.88
C37 PCW EA . 6.98 -2.52 3.97
C38 PCW EA . 5.47 -2.84 3.96
C39 PCW EA . 4.87 -2.29 2.66
C40 PCW EA . 3.34 -2.08 2.54
C41 PCW EA . 2.40 -2.42 3.71
C42 PCW EA . 1.66 -1.20 4.25
C43 PCW EA . 0.49 -1.66 5.15
C44 PCW EA . -0.30 -0.44 5.63
C45 PCW EA . -1.43 -0.84 6.59
C46 PCW EA . -2.83 -0.58 6.05
C47 PCW EA . -3.84 -1.18 7.03
C48 PCW EA . -5.27 -0.90 6.57
N PCW EA . 23.06 -4.87 7.11
O2 PCW EA . 14.62 -3.10 5.98
O3 PCW EA . 14.96 -5.22 7.71
O11 PCW EA . 15.44 -5.65 9.92
O31 PCW EA . 14.20 -4.93 4.66
O1P PCW EA . 18.95 -0.54 5.35
O2P PCW EA . 19.91 -2.26 3.72
O3P PCW EA . 18.03 -2.88 5.28
O4P PCW EA . 20.39 -2.42 6.15
P PCW EA . 19.33 -1.94 5.04
C1 CLR FA . -15.34 4.52 -7.82
C2 CLR FA . -16.79 4.49 -7.32
C3 CLR FA . -16.88 4.12 -5.82
C4 CLR FA . -15.98 5.11 -5.03
C5 CLR FA . -14.55 5.25 -5.54
C6 CLR FA . -13.53 5.17 -4.66
C7 CLR FA . -12.05 5.30 -5.12
C8 CLR FA . -11.94 5.91 -6.55
C9 CLR FA . -12.96 5.23 -7.50
C10 CLR FA . -14.42 5.50 -7.05
C11 CLR FA . -12.70 5.59 -8.98
C12 CLR FA . -11.23 5.42 -9.44
C13 CLR FA . -10.27 6.22 -8.49
C14 CLR FA . -10.55 5.65 -7.05
C15 CLR FA . -9.38 6.16 -6.16
C16 CLR FA . -8.16 6.24 -7.17
C17 CLR FA . -8.76 5.85 -8.61
C18 CLR FA . -10.47 7.74 -8.54
C19 CLR FA . -14.80 6.98 -7.39
C20 CLR FA . -7.97 6.58 -9.69
C21 CLR FA . -8.30 6.19 -11.15
C22 CLR FA . -6.48 6.18 -9.42
C23 CLR FA . -5.49 7.30 -9.79
C24 CLR FA . -4.08 6.63 -9.65
C25 CLR FA . -3.02 7.61 -10.16
C26 CLR FA . -3.03 7.87 -11.67
C27 CLR FA . -1.67 7.24 -9.55
O1 CLR FA . -18.21 4.07 -5.31
C1 PCW GA . 6.15 47.16 5.61
C2 PCW GA . 4.93 46.27 5.29
C3 PCW GA . 3.68 47.10 5.03
C4 PCW GA . 8.29 50.55 6.70
C5 PCW GA . 7.89 51.99 7.03
C6 PCW GA . 8.69 51.79 9.30
C7 PCW GA . 10.16 52.59 7.58
C8 PCW GA . 8.35 53.96 8.34
C11 PCW GA . 1.44 47.25 5.59
C12 PCW GA . 0.32 46.41 4.97
C31 PCW GA . 4.59 44.22 4.34
C32 PCW GA . 4.03 43.61 3.05
N PCW GA . 8.77 52.59 8.06
O2 PCW GA . 5.22 45.42 4.18
O3 PCW GA . 2.60 46.58 5.81
O11 PCW GA . 1.27 48.43 5.86
O31 PCW GA . 4.45 43.66 5.41
O1P PCW GA . 7.89 49.77 3.38
O2P PCW GA . 8.92 48.21 5.12
O3P PCW GA . 6.51 47.98 4.50
O4P PCW GA . 7.32 49.99 5.81
P PCW GA . 7.77 48.98 4.63
C1 PCW HA . 16.39 25.94 -15.27
C2 PCW HA . 15.05 25.84 -14.53
C3 PCW HA . 13.91 26.41 -15.37
C4 PCW HA . 19.26 29.50 -12.93
C5 PCW HA . 18.36 30.70 -12.65
C6 PCW HA . 17.08 31.90 -11.02
C7 PCW HA . 18.10 29.80 -10.41
C8 PCW HA . 19.44 31.72 -10.73
C11 PCW HA . 11.57 25.98 -15.60
C12 PCW HA . 10.35 25.26 -15.02
C13 PCW HA . 9.61 24.45 -16.10
C14 PCW HA . 9.37 23.01 -15.62
C15 PCW HA . 8.25 22.97 -14.58
C16 PCW HA . 7.88 21.51 -14.24
C17 PCW HA . 6.69 21.47 -13.27
C18 PCW HA . 6.00 20.11 -13.32
C19 PCW HA . 6.42 19.32 -12.08
C20 PCW HA . 5.37 18.46 -11.36
C21 PCW HA . 3.94 18.42 -11.89
C22 PCW HA . 3.25 17.19 -11.27
C23 PCW HA . 2.27 17.63 -10.17
C24 PCW HA . 1.27 16.51 -9.90
C25 PCW HA . 0.20 16.99 -8.92
C26 PCW HA . -1.02 16.06 -8.98
C27 PCW HA . -2.03 16.44 -7.90
C28 PCW HA . -3.28 15.57 -8.03
C31 PCW HA . 15.34 23.79 -13.30
C32 PCW HA . 14.87 22.33 -13.16
C33 PCW HA . 13.77 22.22 -12.10
C34 PCW HA . 12.58 21.47 -12.72
C35 PCW HA . 11.47 21.31 -11.66
C36 PCW HA . 11.47 19.88 -11.13
C37 PCW HA . 10.24 19.67 -10.25
C38 PCW HA . 9.75 18.22 -10.27
C39 PCW HA . 8.59 18.16 -9.28
C40 PCW HA . 7.57 17.03 -9.38
C41 PCW HA . 7.73 15.95 -10.45
C42 PCW HA . 7.32 14.66 -9.75
C43 PCW HA . 5.92 14.20 -10.15
C44 PCW HA . 5.58 12.93 -9.37
C45 PCW HA . 4.10 12.62 -9.61
C46 PCW HA . 3.78 11.15 -9.37
C47 PCW HA . 2.32 10.94 -9.74
C48 PCW HA . 1.84 9.56 -9.30
N PCW HA . 18.25 31.02 -11.20
O2 PCW HA . 14.71 24.47 -14.29
O3 PCW HA . 12.73 25.72 -14.93
O11 PCW HA . 11.48 26.72 -16.56
O31 PCW HA . 16.22 24.25 -12.57
O1P PCW HA . 19.51 26.55 -14.85
O2P PCW HA . 18.14 26.80 -12.71
O3P PCW HA . 17.06 27.18 -14.96
O4P PCW HA . 18.75 28.81 -14.08
P PCW HA . 18.42 27.22 -14.09
C1 PCW IA . 16.39 5.26 9.12
C2 PCW IA . 14.90 4.89 9.23
C3 PCW IA . 14.45 4.11 7.99
C4 PCW IA . 20.19 4.65 12.60
C5 PCW IA . 20.18 3.88 13.93
C6 PCW IA . 21.38 3.17 15.88
C7 PCW IA . 22.56 3.45 13.81
C8 PCW IA . 21.75 5.37 15.01
C11 PCW IA . 12.25 4.35 7.11
C12 PCW IA . 11.28 5.26 6.33
C13 PCW IA . 9.88 4.66 6.20
C14 PCW IA . 8.96 5.72 5.58
C15 PCW IA . 7.57 5.14 5.28
C16 PCW IA . 6.60 6.27 4.93
C17 PCW IA . 5.24 5.97 5.58
C18 PCW IA . 4.16 6.98 5.14
C19 PCW IA . 2.95 6.78 6.07
C20 PCW IA . 1.71 7.69 5.90
C21 PCW IA . 1.70 8.76 4.81
C22 PCW IA . 1.37 8.17 3.44
C23 PCW IA . 0.21 8.97 2.84
C24 PCW IA . -0.15 8.45 1.44
C25 PCW IA . -1.03 7.20 1.53
C26 PCW IA . -1.30 6.71 0.10
C27 PCW IA . -2.00 5.36 0.13
C28 PCW IA . -2.04 4.77 -1.29
C31 PCW IA . 13.81 4.75 11.31
C32 PCW IA . 13.61 3.97 12.61
C33 PCW IA . 12.41 3.01 12.56
C34 PCW IA . 11.10 3.77 12.31
C35 PCW IA . 10.01 2.79 11.85
C36 PCW IA . 8.77 3.60 11.43
C37 PCW IA . 7.57 2.67 11.21
C38 PCW IA . 6.28 3.50 11.25
C39 PCW IA . 5.99 4.02 9.85
C40 PCW IA . 4.62 4.66 9.57
C41 PCW IA . 3.60 4.74 10.72
C42 PCW IA . 2.22 4.52 10.10
C43 PCW IA . 1.38 5.81 10.02
C44 PCW IA . -0.01 5.44 9.49
C45 PCW IA . -0.99 6.61 9.56
C46 PCW IA . -2.41 6.08 9.38
C47 PCW IA . -3.17 6.12 10.69
C48 PCW IA . -4.51 5.40 10.52
N PCW IA . 21.46 3.97 14.65
O2 PCW IA . 14.65 4.14 10.42
O3 PCW IA . 13.49 4.88 7.26
O11 PCW IA . 11.90 3.26 7.54
O31 PCW IA . 13.27 5.83 11.12
O1P PCW IA . 18.70 6.58 10.61
O2P PCW IA . 19.57 4.44 9.52
O3P PCW IA . 17.14 4.65 10.19
O4P PCW IA . 18.93 4.49 11.95
P PCW IA . 18.66 5.11 10.49
C1 PCW JA . 19.17 10.63 -1.11
C2 PCW JA . 18.71 9.17 -1.23
C3 PCW JA . 19.35 8.34 -0.13
C4 PCW JA . 22.32 13.91 -0.13
C5 PCW JA . 22.81 13.93 1.32
C6 PCW JA . 23.99 15.10 3.05
C7 PCW JA . 24.65 15.40 0.76
C8 PCW JA . 22.58 16.32 1.56
C11 PCW JA . 19.11 6.06 0.41
C12 PCW JA . 18.15 4.88 0.67
C13 PCW JA . 16.98 4.95 -0.34
C14 PCW JA . 15.87 3.99 0.09
C15 PCW JA . 14.64 4.14 -0.83
C16 PCW JA . 13.77 2.90 -0.67
C17 PCW JA . 13.01 2.60 -1.98
C18 PCW JA . 11.55 3.04 -1.96
C19 PCW JA . 10.75 2.01 -1.19
C20 PCW JA . 9.47 1.48 -1.82
C21 PCW JA . 9.08 2.03 -3.20
C22 PCW JA . 7.55 1.98 -3.30
C23 PCW JA . 7.12 2.32 -4.72
C24 PCW JA . 5.60 2.34 -4.75
C25 PCW JA . 5.18 2.92 -6.09
C26 PCW JA . 3.67 3.07 -6.12
C27 PCW JA . 3.34 3.76 -7.43
C28 PCW JA . 1.83 3.85 -7.53
C31 PCW JA . 16.49 9.15 -2.10
C32 PCW JA . 14.99 9.05 -1.81
C33 PCW JA . 14.18 9.39 -3.06
C34 PCW JA . 13.02 8.39 -3.21
C35 PCW JA . 11.81 9.04 -3.87
C36 PCW JA . 10.81 7.95 -4.28
C37 PCW JA . 9.51 7.99 -3.47
C38 PCW JA . 8.70 6.71 -3.76
C39 PCW JA . 7.23 6.99 -3.46
C40 PCW JA . 6.48 6.21 -2.37
C41 PCW JA . 7.23 5.14 -1.57
C42 PCW JA . 6.17 4.29 -0.87
C43 PCW JA . 6.00 4.76 0.58
C44 PCW JA . 4.52 4.93 0.95
C45 PCW JA . 3.81 3.57 0.98
C46 PCW JA . 2.37 3.72 0.48
C47 PCW JA . 1.65 2.39 0.66
C48 PCW JA . 0.28 2.42 -0.02
N PCW JA . 23.51 15.19 1.67
O2 PCW JA . 17.29 9.07 -1.01
O3 PCW JA . 18.48 7.21 0.06
O11 PCW JA . 20.32 5.92 0.52
O31 PCW JA . 16.90 9.25 -3.24
O1P PCW JA . 20.03 13.31 -2.12
O2P PCW JA . 22.25 12.27 -2.78
O3P PCW JA . 20.46 10.84 -1.73
O4P PCW JA . 21.68 12.66 -0.40
P PCW JA . 21.10 12.33 -1.87
C1 PCW KA . -30.45 22.42 17.71
C2 PCW KA . -29.09 22.11 18.35
C3 PCW KA . -28.24 23.38 18.45
C4 PCW KA . -34.36 20.70 16.26
C5 PCW KA . -35.09 19.98 17.39
C6 PCW KA . -36.78 18.27 17.47
C7 PCW KA . -37.38 20.56 17.90
C8 PCW KA . -36.85 19.84 15.68
C11 PCW KA . -25.87 23.53 18.60
C12 PCW KA . -24.53 23.18 17.96
C13 PCW KA . -23.33 23.57 18.83
C14 PCW KA . -22.05 23.40 18.00
C15 PCW KA . -20.83 23.91 18.77
C16 PCW KA . -19.59 23.93 17.84
C17 PCW KA . -18.33 23.44 18.56
C18 PCW KA . -17.42 22.71 17.55
C19 PCW KA . -16.09 23.48 17.47
C20 PCW KA . -14.77 22.77 17.86
C21 PCW KA . -14.81 21.32 18.33
C22 PCW KA . -13.38 20.94 18.74
C23 PCW KA . -13.15 19.42 18.64
C24 PCW KA . -12.69 18.85 19.99
C25 PCW KA . -11.24 18.35 19.88
C26 PCW KA . -10.37 19.02 20.96
C27 PCW KA . -8.95 18.46 20.92
C28 PCW KA . -8.14 19.01 22.09
C31 PCW KA . -28.65 20.34 19.89
C32 PCW KA . -28.82 19.79 21.29
C33 PCW KA . -27.58 19.06 21.81
C34 PCW KA . -26.49 20.04 22.28
C35 PCW KA . -25.12 19.57 21.79
C36 PCW KA . -24.01 20.50 22.30
C37 PCW KA . -22.66 19.98 21.82
C38 PCW KA . -21.51 20.94 22.14
C39 PCW KA . -20.26 20.42 21.40
C40 PCW KA . -18.89 21.04 21.72
C41 PCW KA . -18.82 22.16 22.76
C42 PCW KA . -17.62 21.90 23.67
C43 PCW KA . -16.31 21.93 22.86
C44 PCW KA . -15.15 22.39 23.73
C45 PCW KA . -13.84 21.77 23.22
C46 PCW KA . -12.94 22.84 22.58
C47 PCW KA . -11.71 22.15 21.98
C48 PCW KA . -10.57 23.16 21.83
N PCW KA . -36.51 19.67 17.10
O2 PCW KA . -29.28 21.53 19.65
O3 PCW KA . -26.95 23.10 17.89
O11 PCW KA . -25.93 24.15 19.67
O31 PCW KA . -27.94 19.76 19.07
O1P PCW KA . -31.83 20.87 14.43
O2P PCW KA . -32.47 23.10 15.49
O3P PCW KA . -30.60 21.71 16.47
O4P PCW KA . -33.01 20.96 16.65
P PCW KA . -32.00 21.71 15.64
C1 PCW LA . -28.97 9.70 20.63
C2 PCW LA . -28.34 10.03 22.00
C3 PCW LA . -27.12 9.15 22.28
C4 PCW LA . -32.38 10.53 17.84
C5 PCW LA . -32.38 12.01 17.41
C6 PCW LA . -34.05 13.49 16.56
C7 PCW LA . -32.45 12.54 15.06
C8 PCW LA . -34.18 11.18 15.96
C11 PCW LA . -24.91 9.56 23.02
C12 PCW LA . -23.76 10.57 23.10
C13 PCW LA . -22.53 9.97 23.80
C14 PCW LA . -21.33 10.89 23.60
C15 PCW LA . -20.05 10.21 24.14
C16 PCW LA . -18.87 11.20 24.13
C17 PCW LA . -17.63 10.46 23.65
C18 PCW LA . -17.02 9.39 24.56
C19 PCW LA . -16.26 8.40 23.66
C20 PCW LA . -14.73 8.32 23.66
C21 PCW LA . -13.93 9.24 24.59
C22 PCW LA . -12.45 9.14 24.19
C23 PCW LA . -11.57 9.52 25.38
C24 PCW LA . -10.13 9.06 25.17
C25 PCW LA . -9.31 9.41 26.40
C26 PCW LA . -7.90 8.81 26.30
C27 PCW LA . -6.96 9.56 27.24
C28 PCW LA . -5.52 9.09 27.03
C31 PCW LA . -28.74 12.41 22.06
C32 PCW LA . -28.10 13.79 22.24
C33 PCW LA . -26.67 13.78 21.67
C34 PCW LA . -25.75 14.60 22.58
C35 PCW LA . -24.45 14.97 21.86
C36 PCW LA . -23.22 14.62 22.72
C37 PCW LA . -21.97 14.61 21.81
C38 PCW LA . -20.89 15.54 22.38
C39 PCW LA . -20.52 16.56 21.29
C40 PCW LA . -19.06 17.02 21.13
C41 PCW LA . -17.98 16.46 22.07
C42 PCW LA . -16.98 15.64 21.23
C43 PCW LA . -15.60 16.32 21.34
C44 PCW LA . -14.47 15.40 20.85
C45 PCW LA . -13.63 14.91 22.03
C46 PCW LA . -12.53 13.98 21.52
C47 PCW LA . -11.75 13.38 22.70
C48 PCW LA . -10.61 12.51 22.17
N PCW LA . -33.26 12.29 16.25
O2 PCW LA . -27.86 11.38 22.07
O3 PCW LA . -26.02 10.04 22.39
O11 PCW LA . -24.82 8.43 23.51
O31 PCW LA . -29.97 12.29 21.94
O1P PCW LA . -32.61 8.46 20.18
O2P PCW LA . -30.63 8.04 18.63
O3P PCW LA . -30.29 9.19 20.84
O4P PCW LA . -31.50 10.35 18.96
P PCW LA . -31.31 8.89 19.62
C1 PCW MA . 7.77 39.67 0.85
C2 PCW MA . 6.70 39.28 -0.18
C3 PCW MA . 5.34 39.08 0.51
C4 PCW MA . 11.70 40.97 2.14
C5 PCW MA . 11.78 42.47 1.77
C6 PCW MA . 13.58 43.96 1.27
C7 PCW MA . 12.53 44.05 3.42
C8 PCW MA . 13.97 42.21 2.85
C11 PCW MA . 3.65 38.18 -0.93
C12 PCW MA . 3.03 36.90 -1.51
C13 PCW MA . 2.13 37.16 -2.73
C14 PCW MA . 0.77 36.46 -2.54
C15 PCW MA . -0.29 37.12 -3.44
C16 PCW MA . -1.70 36.57 -3.16
C17 PCW MA . -1.83 35.11 -3.61
C18 PCW MA . -2.79 34.34 -2.68
C19 PCW MA . -2.69 32.84 -2.98
C20 PCW MA . -3.97 32.02 -3.24
C21 PCW MA . -5.32 32.75 -3.18
C22 PCW MA . -6.45 31.77 -3.52
C23 PCW MA . -7.34 32.24 -4.68
C24 PCW MA . -8.48 31.24 -4.90
C25 PCW MA . -9.36 31.64 -6.09
C26 PCW MA . -10.40 30.54 -6.37
C27 PCW MA . -11.24 30.88 -7.61
C28 PCW MA . -12.73 30.72 -7.33
C31 PCW MA . 6.72 39.88 -2.48
C32 PCW MA . 6.52 40.99 -3.51
C33 PCW MA . 5.06 41.12 -3.97
C34 PCW MA . 4.83 40.30 -5.24
C35 PCW MA . 3.36 40.38 -5.65
C36 PCW MA . 3.10 39.53 -6.91
C37 PCW MA . 1.62 39.65 -7.29
C38 PCW MA . 1.18 38.45 -8.16
C39 PCW MA . -0.32 38.27 -7.98
C40 PCW MA . -1.18 37.82 -9.17
C41 PCW MA . -0.49 37.58 -10.53
C42 PCW MA . -1.60 37.15 -11.50
C43 PCW MA . -1.17 37.22 -12.96
C44 PCW MA . -1.95 36.18 -13.76
C45 PCW MA . -1.61 36.27 -15.24
C46 PCW MA . -0.32 35.52 -15.57
C47 PCW MA . 0.01 35.78 -17.04
C48 PCW MA . -0.62 34.69 -17.89
N PCW MA . 12.96 43.16 2.33
O2 PCW MA . 6.60 40.28 -1.19
O3 PCW MA . 4.67 37.95 -0.06
O11 PCW MA . 3.23 39.30 -1.23
O31 PCW MA . 6.97 38.72 -2.83
O1P PCW MA . 11.24 38.06 1.12
O2P PCW MA . 9.85 38.65 3.19
O3P PCW MA . 8.80 38.66 0.91
O4P PCW MA . 10.51 40.42 1.55
P PCW MA . 10.16 38.85 1.76
MG MG NA . 30.65 41.27 38.54
MG MG OA . 16.02 42.79 28.53
O01 A1MA6 PA . -17.46 38.24 -21.68
C02 A1MA6 PA . -18.61 39.11 -21.67
C03 A1MA6 PA . -19.26 39.09 -20.28
C04 A1MA6 PA . -20.30 40.22 -20.16
N05 A1MA6 PA . -20.30 40.76 -18.78
C06 A1MA6 PA . -21.14 41.74 -18.38
C07 A1MA6 PA . -21.00 42.15 -16.92
C08 A1MA6 PA . -21.82 43.12 -16.53
N09 A1MA6 PA . -21.69 43.49 -15.25
C10 A1MA6 PA . -22.50 44.47 -14.82
C11 A1MA6 PA . -22.28 44.89 -13.36
O12 A1MA6 PA . -21.69 46.19 -13.32
C13 A1MA6 PA . -23.64 44.90 -12.60
C14 A1MA6 PA . -23.83 46.25 -11.91
C15 A1MA6 PA . -24.40 46.03 -10.53
O16 A1MA6 PA . -23.36 45.62 -9.65
C17 A1MA6 PA . -25.02 47.34 -10.01
C18 A1MA6 PA . -26.36 47.37 -10.04
C19 A1MA6 PA . -27.10 48.64 -9.54
O20 A1MA6 PA . -26.27 49.81 -9.76
C21 A1MA6 PA . -28.42 48.81 -10.31
C22 A1MA6 PA . -28.82 50.30 -10.35
C23 A1MA6 PA . -30.14 50.45 -11.13
O24 A1MA6 PA . -31.17 50.99 -10.25
C25 A1MA6 PA . -30.77 52.29 -9.75
C26 A1MA6 PA . -31.87 52.84 -8.85
O27 A1MA6 PA . -32.96 51.91 -8.82
C28 A1MA6 PA . -31.32 53.02 -7.43
O29 A1MA6 PA . -32.27 53.74 -6.66
C30 A1MA6 PA . -30.02 53.79 -7.50
O31 A1MA6 PA . -30.20 55.08 -6.92
C32 A1MA6 PA . -28.93 53.04 -6.75
O33 A1MA6 PA . -28.96 51.65 -7.13
C34 A1MA6 PA . -27.57 53.64 -7.08
O35 A1MA6 PA . -27.75 54.94 -7.63
C36 A1MA6 PA . -26.85 52.75 -8.10
C37 A1MA6 PA . -25.98 53.61 -9.00
C38 A1MA6 PA . -25.02 52.72 -9.78
C39 A1MA6 PA . -23.65 53.38 -9.84
C40 A1MA6 PA . -22.57 52.30 -9.96
C41 A1MA6 PA . -21.20 52.96 -10.12
C42 A1MA6 PA . -20.11 51.88 -10.00
C43 A1MA6 PA . -19.43 51.98 -8.63
C44 A1MA6 PA . -19.40 50.59 -8.03
C45 A1MA6 PA . -19.08 49.55 -9.10
O46 A1MA6 PA . -20.72 50.44 -7.57
C47 A1MA6 PA . -20.90 51.61 -6.79
C48 A1MA6 PA . -20.05 51.56 -5.54
C49 A1MA6 PA . -18.65 51.59 -5.93
C50 A1MA6 PA . -17.77 51.40 -4.69
C51 A1MA6 PA . -18.39 50.51 -6.88
C52 A1MA6 PA . -22.37 51.81 -6.40
C53 A1MA6 PA . -22.65 53.29 -6.14
C54 A1MA6 PA . -24.13 53.51 -5.88
C55 A1MA6 PA . -24.36 53.82 -4.41
C56 A1MA6 PA . -25.84 53.61 -4.06
C57 A1MA6 PA . -26.29 54.70 -3.07
C58 A1MA6 PA . -27.35 54.12 -2.13
C59 A1MA6 PA . -28.67 54.89 -2.31
C60 A1MA6 PA . -29.76 54.22 -1.49
C61 A1MA6 PA . -30.76 53.53 -2.43
O62 A1MA6 PA . -30.56 52.09 -2.38
C63 A1MA6 PA . -31.48 51.43 -3.30
O64 A1MA6 PA . -31.27 51.94 -4.62
C65 A1MA6 PA . -31.23 49.92 -3.28
C66 A1MA6 PA . -29.81 49.63 -3.77
C67 A1MA6 PA . -29.34 48.29 -3.20
C68 A1MA6 PA . -30.50 47.57 -2.53
C69 A1MA6 PA . -30.17 46.42 -1.94
C70 A1MA6 PA . -31.33 45.68 -1.27
C71 A1MA6 PA . -30.78 44.62 -0.32
C72 A1MA6 PA . -31.20 43.23 -0.78
C73 A1MA6 PA . -29.95 42.37 -1.03
C74 A1MA6 PA . -30.11 41.03 -0.30
C75 A1MA6 PA . -29.43 41.12 1.07
O76 A1MA6 PA . -30.43 41.35 2.14
C77 A1MA6 PA . -30.99 40.14 2.51
C78 A1MA6 PA . -32.23 40.36 3.38
C79 A1MA6 PA . -33.39 40.86 2.50
C80 A1MA6 PA . -34.67 40.89 3.33
C81 A1MA6 PA . -35.51 42.09 2.90
C82 A1MA6 PA . -36.59 42.37 3.95
C83 A1MA6 PA . -37.66 43.25 3.34
C84 A1MA6 PA . -38.71 43.51 4.38
C85 A1MA6 PA . -38.09 44.17 5.56
O86 A1MA6 PA . -39.08 44.40 6.57
O87 A1MA6 PA . -39.72 44.37 3.82
O88 A1MA6 PA . -38.25 42.58 2.22
O89 A1MA6 PA . -35.98 43.04 5.09
C90 A1MA6 PA . -36.99 43.28 6.11
C91 A1MA6 PA . -36.34 43.96 7.32
C92 A1MA6 PA . -34.96 43.34 7.59
C93 A1MA6 PA . -33.88 44.42 7.42
C94 A1MA6 PA . -32.62 43.97 7.43
C95 A1MA6 PA . -32.46 42.46 7.61
C96 A1MA6 PA . -31.20 42.02 7.63
C97 A1MA6 PA . -31.04 40.50 7.81
C98 A1MA6 PA . -30.16 39.94 6.70
C99 A1MA6 PA . -29.12 38.99 7.32
CA0 A1MA6 PA . -28.01 38.73 6.30
CA1 A1MA6 PA . -26.66 39.01 6.94
CA2 A1MA6 PA . -25.95 40.12 6.17
CA3 A1MA6 PA . -24.82 40.59 6.74
CA4 A1MA6 PA . -24.43 39.93 8.07
CA5 A1MA6 PA . -22.99 39.44 8.28
CA6 A1MA6 PA . -22.65 38.37 7.24
CA7 A1MA6 PA . -21.96 37.19 7.93
CA8 A1MA6 PA . -21.64 36.10 6.91
CA9 A1MA6 PA . -22.84 35.89 6.00
CAA A1MA6 PA . -22.45 34.96 4.84
CAB A1MA6 PA . -23.71 34.39 4.20
CAC A1MA6 PA . -23.34 33.64 2.92
OAD A1MA6 PA . -23.09 32.22 3.22
CAE A1MA6 PA . -24.28 31.62 3.82
CAF A1MA6 PA . -24.01 30.12 4.12
CAG A1MA6 PA . -23.05 29.89 5.03
CAH A1MA6 PA . -22.37 31.13 5.61
CAI A1MA6 PA . -20.97 30.76 6.13
CAJ A1MA6 PA . -19.91 31.17 5.08
CAK A1MA6 PA . -18.54 31.28 5.76
CAL A1MA6 PA . -18.06 32.66 5.67
CAM A1MA6 PA . -16.69 32.72 6.25
CAN A1MA6 PA . -15.78 31.92 5.47
OAO A1MA6 PA . -16.67 32.08 7.58
CAP A1MA6 PA . -16.39 30.57 7.27
CAQ A1MA6 PA . -15.01 30.23 7.85
CAR A1MA6 PA . -14.68 31.21 8.99
CAS A1MA6 PA . -14.08 30.44 10.17
CAT A1MA6 PA . -13.42 31.50 11.15
OAU A1MA6 PA . -13.42 32.76 10.49
CAV A1MA6 PA . -12.04 31.01 11.22
CAW A1MA6 PA . -11.83 30.56 9.85
CAX A1MA6 PA . -10.49 29.82 9.76
NAY A1MA6 PA . -10.12 29.59 8.36
OAZ A1MA6 PA . -12.89 29.65 9.71
CB0 A1MA6 PA . -16.27 30.56 5.74
OB1 A1MA6 PA . -17.62 30.40 5.14
OB2 A1MA6 PA . -20.71 31.44 7.36
OB3 A1MA6 PA . -23.15 31.65 6.69
CB4 A1MA6 PA . -25.46 31.72 2.85
OB5 A1MA6 PA . -26.63 31.16 3.44
CB6 A1MA6 PA . -25.72 33.16 2.52
OB7 A1MA6 PA . -26.79 33.25 1.58
CB8 A1MA6 PA . -24.48 33.75 1.93
OB9 A1MA6 PA . -24.71 35.14 1.63
CBA A1MA6 PA . -21.66 35.74 3.80
OBB A1MA6 PA . -23.91 35.30 6.74
OBC A1MA6 PA . -21.33 34.87 7.58
OBD A1MA6 PA . -20.74 37.64 8.54
CBE A1MA6 PA . -25.27 39.99 9.11
OBF A1MA6 PA . -28.06 37.36 5.88
OBG A1MA6 PA . -28.57 39.59 8.49
OBH A1MA6 PA . -29.48 41.01 6.04
OBI A1MA6 PA . -34.91 42.81 8.91
OBJ A1MA6 PA . -35.41 39.69 3.12
OBK A1MA6 PA . -33.55 39.96 1.40
CBL A1MA6 PA . -28.68 39.79 1.33
CBM A1MA6 PA . -28.55 39.60 2.75
OBN A1MA6 PA . -28.01 40.78 3.34
CBO A1MA6 PA . -29.94 39.33 3.32
OBP A1MA6 PA . -30.25 37.93 3.21
OBQ A1MA6 PA . -29.52 39.99 -1.07
OBR A1MA6 PA . -28.80 43.05 -0.54
OBS A1MA6 PA . -32.14 45.05 -2.26
CBT A1MA6 PA . -28.23 48.53 -2.18
OBU A1MA6 PA . -29.79 49.58 -5.19
CBV A1MA6 PA . -32.18 53.87 -1.99
OBW A1MA6 PA . -32.39 53.42 -0.64
CBX A1MA6 PA . -33.15 53.19 -2.91
OBY A1MA6 PA . -32.97 53.68 -4.24
CBZ A1MA6 PA . -32.90 51.71 -2.87
OC0 A1MA6 PA . -33.81 51.06 -3.77
OC1 A1MA6 PA . -28.49 56.24 -1.87
OC2 A1MA6 PA . -20.41 52.71 -7.68
CC3 A1MA6 PA . -21.11 53.63 -11.48
CC4 A1MA6 PA . -30.56 53.25 -10.91
OC5 A1MA6 PA . -30.16 54.54 -10.42
CC6 A1MA6 PA . -29.50 52.70 -11.81
CC7 A1MA6 PA . -29.92 51.37 -12.30
OC8 A1MA6 PA . -28.91 50.83 -13.15
OC9 A1MA6 PA . -29.31 53.59 -12.93
OCA A1MA6 PA . -29.45 48.05 -9.65
CCB A1MA6 PA . -27.16 46.14 -10.48
CCC A1MA6 PA . -24.79 44.65 -13.58
OCD A1MA6 PA . -23.32 45.04 -15.52
OCE A1MA6 PA . -22.05 42.19 -19.09
C1 CLR QA . 4.22 35.68 -7.38
C2 CLR QA . 5.66 36.03 -7.03
C3 CLR QA . 5.90 36.13 -5.51
C4 CLR QA . 5.43 34.80 -4.85
C5 CLR QA . 4.04 34.34 -5.24
C6 CLR QA . 3.17 33.93 -4.26
C7 CLR QA . 1.74 33.46 -4.59
C8 CLR QA . 1.59 33.12 -6.11
C9 CLR QA . 2.21 34.25 -6.97
C10 CLR QA . 3.74 34.35 -6.75
C11 CLR QA . 1.81 34.14 -8.46
C12 CLR QA . 0.30 33.95 -8.69
C13 CLR QA . -0.21 32.71 -7.91
C14 CLR QA . 0.11 33.02 -6.40
C15 CLR QA . -0.70 31.98 -5.57
C16 CLR QA . -1.98 31.71 -6.48
C17 CLR QA . -1.76 32.57 -7.80
C18 CLR QA . 0.43 31.38 -8.35
C19 CLR QA . 4.43 33.13 -7.45
C20 CLR QA . -2.44 31.85 -8.98
C21 CLR QA . -2.25 32.48 -10.38
C22 CLR QA . -3.96 31.87 -8.64
C23 CLR QA . -4.80 31.08 -9.64
C24 CLR QA . -6.26 31.14 -9.07
C25 CLR QA . -7.15 30.25 -9.93
C26 CLR QA . -7.50 30.79 -11.33
C27 CLR QA . -8.32 29.75 -9.08
O1 CLR QA . 7.24 36.48 -5.15
C1 CLR RA . -11.28 14.07 -24.20
C2 CLR RA . -12.70 14.07 -24.78
C3 CLR RA . -13.46 12.77 -24.47
C4 CLR RA . -13.46 12.54 -22.94
C5 CLR RA . -12.07 12.62 -22.28
C6 CLR RA . -11.70 11.64 -21.42
C7 CLR RA . -10.32 11.65 -20.73
C8 CLR RA . -9.64 13.06 -20.83
C9 CLR RA . -9.75 13.60 -22.27
C10 CLR RA . -11.23 13.85 -22.68
C11 CLR RA . -8.85 14.84 -22.50
C12 CLR RA . -7.38 14.65 -22.04
C13 CLR RA . -7.33 14.20 -20.55
C14 CLR RA . -8.17 12.88 -20.48
C15 CLR RA . -7.85 12.23 -19.10
C16 CLR RA . -6.35 12.67 -18.84
C17 CLR RA . -5.96 13.63 -20.06
C18 CLR RA . -7.87 15.25 -19.56
C19 CLR RA . -11.76 15.12 -21.93
C20 CLR RA . -4.94 14.66 -19.58
C21 CLR RA . -4.36 15.62 -20.66
C22 CLR RA . -3.75 13.79 -19.04
C23 CLR RA . -2.98 14.49 -17.91
C24 CLR RA . -1.75 13.55 -17.65
C25 CLR RA . -0.79 14.25 -16.69
C26 CLR RA . -0.03 15.45 -17.27
C27 CLR RA . 0.06 13.18 -15.99
O1 CLR RA . -14.79 12.74 -25.02
C1 CLR SA . -13.52 0.54 7.04
C2 CLR SA . -15.03 0.39 7.21
C3 CLR SA . -15.52 0.76 8.62
C4 CLR SA . -15.03 2.21 8.93
C5 CLR SA . -13.54 2.45 8.70
C6 CLR SA . -12.80 3.07 9.65
C7 CLR SA . -11.30 3.33 9.50
C8 CLR SA . -10.85 3.18 8.01
C9 CLR SA . -11.45 1.89 7.40
C10 CLR SA . -13.00 1.96 7.34
C11 CLR SA . -10.81 1.54 6.03
C12 CLR SA . -9.26 1.55 6.03
C13 CLR SA . -8.72 2.92 6.56
C14 CLR SA . -9.34 3.07 8.00
C15 CLR SA . -8.54 4.23 8.68
C16 CLR SA . -7.11 4.10 8.03
C17 CLR SA . -7.20 2.93 6.95
C18 CLR SA . -9.08 4.12 5.66
C19 CLR SA . -13.43 2.93 6.20
C20 CLR SA . -6.23 3.22 5.80
C21 CLR SA . -6.30 2.28 4.58
C22 CLR SA . -4.81 3.05 6.45
C23 CLR SA . -3.68 3.48 5.51
C24 CLR SA . -2.37 3.18 6.30
C25 CLR SA . -1.18 3.71 5.51
C26 CLR SA . -0.88 2.99 4.19
C27 CLR SA . 0.00 3.90 6.46
O1 CLR SA . -16.93 0.61 8.82
C1 PCW TA . -27.79 4.11 16.75
C2 PCW TA . -27.27 2.89 17.52
C3 PCW TA . -25.85 2.52 17.11
C4 PCW TA . -29.25 6.12 12.54
C5 PCW TA . -30.24 5.64 11.47
C6 PCW TA . -30.77 6.41 9.27
C7 PCW TA . -32.22 6.94 11.09
C8 PCW TA . -30.10 8.02 10.89
C11 PCW TA . -24.03 1.65 18.30
C12 PCW TA . -23.18 1.61 19.57
C13 PCW TA . -21.99 0.64 19.42
C14 PCW TA . -20.99 0.93 20.55
C15 PCW TA . -19.69 0.13 20.35
C16 PCW TA . -18.76 0.41 21.54
C17 PCW TA . -17.33 0.03 21.20
C18 PCW TA . -16.38 0.29 22.37
C19 PCW TA . -14.94 0.25 21.80
C20 PCW TA . -13.75 0.39 22.76
C21 PCW TA . -13.99 0.58 24.26
C22 PCW TA . -12.84 1.46 24.79
C23 PCW TA . -11.53 0.67 24.83
C24 PCW TA . -10.47 1.45 25.62
C25 PCW TA . -9.14 0.67 25.59
C26 PCW TA . -8.03 1.51 26.23
C27 PCW TA . -6.88 0.61 26.66
C28 PCW TA . -5.84 1.42 27.45
C31 PCW TA . -28.30 3.27 19.68
C32 PCW TA . -28.02 3.35 21.18
C33 PCW TA . -26.68 4.06 21.44
C34 PCW TA . -26.47 4.22 22.94
C35 PCW TA . -25.17 4.97 23.24
C36 PCW TA . -23.92 4.09 23.00
C37 PCW TA . -22.67 4.94 23.26
C38 PCW TA . -21.59 4.70 22.20
C39 PCW TA . -20.78 5.99 22.06
C40 PCW TA . -19.24 5.97 22.23
C41 PCW TA . -18.53 4.65 22.53
C42 PCW TA . -17.49 4.41 21.43
C43 PCW TA . -16.09 4.80 21.90
C44 PCW TA . -15.05 3.98 21.12
C45 PCW TA . -13.63 4.49 21.41
C46 PCW TA . -13.22 5.54 20.37
C47 PCW TA . -11.99 6.31 20.88
C48 PCW TA . -11.77 7.56 20.02
N PCW TA . -30.82 6.75 10.69
O2 PCW TA . -27.17 3.09 18.94
O3 PCW TA . -25.10 2.49 18.33
O11 PCW TA . -23.75 0.97 17.32
O31 PCW TA . -29.45 3.33 19.23
O1P PCW TA . -29.76 5.73 15.45
O2P PCW TA . -30.47 3.59 14.26
O3P PCW TA . -28.24 3.71 15.45
O4P PCW TA . -28.69 5.04 13.30
P PCW TA . -29.40 4.53 14.66
C1 PCW UA . -27.37 -6.19 16.28
C2 PCW UA . -26.20 -7.19 16.40
C3 PCW UA . -25.57 -7.43 15.03
C4 PCW UA . -31.01 -3.72 16.88
C5 PCW UA . -31.06 -2.66 17.99
C6 PCW UA . -32.76 -1.19 18.83
C7 PCW UA . -31.04 -0.33 17.41
C8 PCW UA . -32.76 -1.71 16.50
C11 PCW UA . -23.23 -7.14 14.86
C12 PCW UA . -22.06 -6.18 14.67
C13 PCW UA . -20.93 -6.77 13.82
C14 PCW UA . -19.67 -6.88 14.69
C15 PCW UA . -18.63 -7.76 14.00
C16 PCW UA . -17.40 -6.93 13.63
C17 PCW UA . -16.19 -7.84 13.45
C18 PCW UA . -14.89 -7.04 13.55
C19 PCW UA . -14.77 -6.20 12.28
C20 PCW UA . -13.47 -5.43 12.07
C21 PCW UA . -12.39 -5.56 13.15
C22 PCW UA . -11.40 -4.44 12.90
C23 PCW UA . -10.02 -4.84 13.38
C24 PCW UA . -9.05 -3.78 12.88
C25 PCW UA . -7.62 -4.18 13.24
C26 PCW UA . -6.90 -2.92 13.61
C27 PCW UA . -5.39 -3.14 13.57
C28 PCW UA . -4.73 -1.88 14.09
C31 PCW UA . -25.06 -7.24 18.47
C32 PCW UA . -23.87 -6.74 19.30
C33 PCW UA . -22.95 -5.91 18.41
C34 PCW UA . -21.47 -5.99 18.85
C35 PCW UA . -21.20 -5.05 20.03
C36 PCW UA . -19.69 -4.75 20.12
C37 PCW UA . -18.99 -5.65 21.16
C38 PCW UA . -17.57 -6.01 20.71
C39 PCW UA . -17.63 -7.29 19.88
C40 PCW UA . -16.53 -7.56 18.83
C41 PCW UA . -15.41 -6.53 18.65
C42 PCW UA . -14.07 -7.20 19.01
C43 PCW UA . -12.88 -6.36 18.53
C44 PCW UA . -11.57 -7.11 18.79
C45 PCW UA . -10.40 -6.38 18.12
C46 PCW UA . -9.07 -7.00 18.55
C47 PCW UA . -7.95 -6.57 17.60
C48 PCW UA . -6.72 -7.45 17.82
N PCW UA . -31.91 -1.49 17.67
O2 PCW UA . -25.17 -6.65 17.25
O3 PCW UA . -24.45 -6.53 14.90
O11 PCW UA . -23.06 -8.37 14.94
O31 PCW UA . -25.83 -8.10 18.89
O1P PCW UA . -31.07 -7.09 16.89
O2P PCW UA . -30.00 -5.75 15.00
O3P PCW UA . -28.58 -6.73 16.83
O4P PCW UA . -30.16 -4.80 17.30
P PCW UA . -30.04 -6.15 16.41
C1 PCW VA . -17.46 -3.73 2.68
C2 PCW VA . -16.52 -3.54 3.88
C3 PCW VA . -16.67 -4.66 4.89
C4 PCW VA . -21.70 -2.95 3.30
C5 PCW VA . -22.82 -3.93 3.68
C6 PCW VA . -25.13 -3.71 4.26
C7 PCW VA . -23.52 -4.16 5.95
C8 PCW VA . -23.61 -2.00 4.96
C11 PCW VA . -15.78 -5.24 7.01
C12 PCW VA . -14.79 -4.86 8.12
C13 PCW VA . -13.35 -4.90 7.59
C14 PCW VA . -12.52 -3.86 8.35
C15 PCW VA . -11.02 -4.10 8.13
C16 PCW VA . -10.24 -2.80 8.39
C17 PCW VA . -8.74 -3.09 8.54
C18 PCW VA . -7.98 -1.79 8.86
C19 PCW VA . -7.79 -1.71 10.36
C20 PCW VA . -6.50 -1.14 10.94
C21 PCW VA . -5.37 -0.64 10.04
C22 PCW VA . -4.13 -0.58 10.93
C23 PCW VA . -3.16 0.53 10.49
C24 PCW VA . -1.88 -0.10 9.95
C25 PCW VA . -0.90 1.01 9.55
C26 PCW VA . 0.43 0.38 9.13
C27 PCW VA . 1.38 1.48 8.69
C28 PCW VA . 2.65 0.89 8.08
C31 PCW VA . -14.35 -2.53 3.95
C32 PCW VA . -12.89 -2.62 3.50
C33 PCW VA . -11.91 -2.32 4.64
C34 PCW VA . -10.61 -1.71 4.07
C35 PCW VA . -9.72 -2.82 3.50
C36 PCW VA . -8.27 -2.75 4.03
C37 PCW VA . -7.34 -2.30 2.89
C38 PCW VA . -5.86 -2.27 3.32
C39 PCW VA . -5.11 -1.28 2.41
C40 PCW VA . -3.56 -1.33 2.32
C41 PCW VA . -2.76 -2.36 3.13
C42 PCW VA . -2.00 -3.34 2.24
C43 PCW VA . -0.95 -4.08 3.07
C44 PCW VA . -0.13 -5.01 2.18
C45 PCW VA . 0.89 -5.84 2.98
C46 PCW VA . 2.35 -5.50 2.68
C47 PCW VA . 3.23 -6.27 3.67
C48 PCW VA . 4.72 -6.03 3.39
N PCW VA . -23.76 -3.43 4.70
O2 PCW VA . -15.15 -3.50 3.43
O3 PCW VA . -15.78 -4.36 5.97
O11 PCW VA . -16.48 -6.25 7.09
O31 PCW VA . -14.74 -1.67 4.71
O1P PCW VA . -19.25 -3.55 0.42
O2P PCW VA . -20.15 -1.37 1.38
O3P PCW VA . -18.47 -2.71 2.67
O4P PCW VA . -20.86 -3.56 2.32
P PCW VA . -19.67 -2.75 1.59
#